data_1BUQ
#
_entry.id   1BUQ
#
_cell.length_a   1.000
_cell.length_b   1.000
_cell.length_c   1.000
_cell.angle_alpha   90.00
_cell.angle_beta   90.00
_cell.angle_gamma   90.00
#
_symmetry.space_group_name_H-M   'P 1'
#
loop_
_entity.id
_entity.type
_entity.pdbx_description
1 polymer 'PROTEIN (3-KETOSTEROID ISOMERASE-19-NORTESTOSTERONE-HEMISUCCINATE)'
2 non-polymer 'SUCCINIC ACID MONO-(13-METHYL-3-OXO-2,3,6,7,8,9,10,11,12,13,14,15,16,17-TETRADECAHYDRO-1H-CYCLOPENTA[A]PHENANTHREN-17-YL) ESTER'
#
_entity_poly.entity_id   1
_entity_poly.type   'polypeptide(L)'
_entity_poly.pdbx_seq_one_letter_code
;MNTPEHMTAVVQRYVAALNAGDLDGIVALFADDATVEDPVGSEPRSGTAAIREFFANSLKLPLAVELTQEVRAVANEAAF
AFTVSFEFQGRKTVVAPIDHFRFNGAGKVVSMRALFGEKNIHAGA
;
_entity_poly.pdbx_strand_id   A,B
#
# COMPACT_ATOMS: atom_id res chain seq x y z
N MET A 1 -6.60 -3.33 -17.15
CA MET A 1 -7.83 -2.64 -17.65
C MET A 1 -9.07 -3.23 -16.99
N ASN A 2 -9.53 -2.64 -15.91
CA ASN A 2 -10.73 -3.17 -15.23
C ASN A 2 -11.46 -2.03 -14.50
N THR A 3 -12.73 -2.20 -14.24
CA THR A 3 -13.49 -1.14 -13.54
C THR A 3 -13.37 -1.32 -12.02
N PRO A 4 -12.65 -0.43 -11.39
CA PRO A 4 -12.46 -0.50 -9.92
C PRO A 4 -13.76 -0.11 -9.20
N GLU A 5 -14.76 0.28 -9.94
CA GLU A 5 -16.05 0.67 -9.30
C GLU A 5 -16.53 -0.46 -8.40
N HIS A 6 -16.48 -1.68 -8.87
CA HIS A 6 -16.94 -2.83 -8.04
C HIS A 6 -16.00 -3.00 -6.85
N MET A 7 -14.73 -3.15 -7.09
CA MET A 7 -13.77 -3.33 -6.00
C MET A 7 -13.85 -2.13 -5.04
N THR A 8 -13.81 -0.94 -5.59
CA THR A 8 -13.90 0.27 -4.71
C THR A 8 -15.15 0.16 -3.84
N ALA A 9 -16.22 -0.34 -4.38
CA ALA A 9 -17.46 -0.46 -3.57
C ALA A 9 -17.11 -1.13 -2.25
N VAL A 10 -16.30 -2.16 -2.29
CA VAL A 10 -15.90 -2.84 -1.03
C VAL A 10 -15.29 -1.79 -0.10
N VAL A 11 -14.37 -1.01 -0.60
CA VAL A 11 -13.72 0.04 0.25
C VAL A 11 -14.81 0.94 0.85
N GLN A 12 -15.80 1.29 0.09
CA GLN A 12 -16.88 2.15 0.61
C GLN A 12 -17.59 1.40 1.73
N ARG A 13 -18.36 0.45 1.35
CA ARG A 13 -19.09 -0.37 2.35
C ARG A 13 -18.13 -0.73 3.46
N TYR A 14 -16.96 -1.16 3.10
CA TYR A 14 -15.94 -1.53 4.11
C TYR A 14 -15.83 -0.42 5.15
N VAL A 15 -15.78 0.81 4.72
CA VAL A 15 -15.68 1.93 5.68
C VAL A 15 -17.09 2.33 6.13
N ALA A 16 -18.05 2.29 5.26
CA ALA A 16 -19.44 2.64 5.68
C ALA A 16 -19.74 1.85 6.95
N ALA A 17 -19.28 0.63 7.01
CA ALA A 17 -19.49 -0.19 8.23
C ALA A 17 -18.60 0.37 9.34
N LEU A 18 -17.46 0.88 8.96
CA LEU A 18 -16.53 1.47 9.94
C LEU A 18 -17.17 2.74 10.51
N ASN A 19 -17.47 3.67 9.64
CA ASN A 19 -18.11 4.94 10.08
C ASN A 19 -19.29 4.61 10.99
N ALA A 20 -20.03 3.59 10.65
CA ALA A 20 -21.20 3.23 11.49
C ALA A 20 -20.76 2.24 12.58
N GLY A 21 -19.49 1.99 12.69
CA GLY A 21 -19.01 1.04 13.74
C GLY A 21 -19.84 -0.23 13.70
N ASP A 22 -20.34 -0.59 12.55
CA ASP A 22 -21.17 -1.82 12.45
C ASP A 22 -20.30 -3.00 11.98
N LEU A 23 -19.69 -3.70 12.90
CA LEU A 23 -18.83 -4.84 12.52
C LEU A 23 -19.62 -5.79 11.61
N ASP A 24 -20.92 -5.71 11.63
CA ASP A 24 -21.73 -6.60 10.76
C ASP A 24 -21.44 -6.29 9.30
N GLY A 25 -21.63 -5.05 8.90
CA GLY A 25 -21.36 -4.69 7.48
C GLY A 25 -19.91 -5.01 7.14
N ILE A 26 -19.05 -4.96 8.12
CA ILE A 26 -17.62 -5.27 7.87
C ILE A 26 -17.51 -6.77 7.59
N VAL A 27 -17.87 -7.59 8.54
CA VAL A 27 -17.81 -9.05 8.31
C VAL A 27 -18.67 -9.37 7.10
N ALA A 28 -19.78 -8.69 6.97
CA ALA A 28 -20.65 -8.93 5.79
C ALA A 28 -19.82 -8.71 4.54
N LEU A 29 -19.22 -7.56 4.42
CA LEU A 29 -18.35 -7.28 3.26
C LEU A 29 -17.23 -8.31 3.22
N PHE A 30 -16.93 -8.90 4.35
CA PHE A 30 -15.86 -9.92 4.42
C PHE A 30 -16.45 -11.31 4.11
N ALA A 31 -15.76 -12.09 3.33
CA ALA A 31 -16.28 -13.45 3.00
C ALA A 31 -16.64 -14.17 4.30
N ASP A 32 -17.07 -15.40 4.20
CA ASP A 32 -17.44 -16.16 5.43
C ASP A 32 -16.19 -16.40 6.27
N ASP A 33 -15.05 -16.38 5.64
CA ASP A 33 -13.79 -16.62 6.37
C ASP A 33 -12.67 -15.81 5.69
N ALA A 34 -12.93 -14.58 5.38
CA ALA A 34 -11.90 -13.74 4.71
C ALA A 34 -10.59 -13.80 5.50
N THR A 35 -9.58 -13.09 5.06
CA THR A 35 -8.28 -13.11 5.78
C THR A 35 -7.86 -11.67 6.11
N VAL A 36 -7.40 -11.44 7.31
CA VAL A 36 -6.97 -10.07 7.70
C VAL A 36 -5.45 -10.06 7.93
N GLU A 37 -4.87 -8.90 8.06
CA GLU A 37 -3.40 -8.81 8.30
C GLU A 37 -3.16 -7.54 9.11
N ASP A 38 -2.88 -7.66 10.37
CA ASP A 38 -2.68 -6.44 11.18
C ASP A 38 -2.22 -6.81 12.59
N PRO A 39 -1.52 -5.90 13.24
CA PRO A 39 -1.19 -4.58 12.63
C PRO A 39 -0.11 -4.71 11.55
N VAL A 40 1.09 -5.06 11.92
CA VAL A 40 2.17 -5.19 10.90
C VAL A 40 3.29 -6.08 11.45
N GLY A 41 3.17 -7.37 11.27
CA GLY A 41 4.22 -8.29 11.77
C GLY A 41 3.70 -9.72 11.78
N SER A 42 2.93 -10.09 10.78
CA SER A 42 2.38 -11.47 10.73
C SER A 42 1.27 -11.64 11.78
N GLU A 43 0.27 -10.79 11.72
CA GLU A 43 -0.85 -10.91 12.71
C GLU A 43 -2.20 -10.85 11.98
N PRO A 44 -2.37 -11.77 11.08
CA PRO A 44 -3.61 -11.85 10.28
C PRO A 44 -4.74 -12.53 11.07
N ARG A 45 -5.92 -12.58 10.51
CA ARG A 45 -7.07 -13.23 11.20
C ARG A 45 -8.02 -13.78 10.15
N SER A 46 -7.97 -15.06 9.88
CA SER A 46 -8.86 -15.65 8.85
C SER A 46 -10.18 -16.10 9.50
N GLY A 47 -11.16 -16.39 8.69
CA GLY A 47 -12.47 -16.83 9.25
C GLY A 47 -13.33 -15.61 9.57
N THR A 48 -14.43 -15.80 10.25
CA THR A 48 -15.31 -14.66 10.59
C THR A 48 -15.10 -14.29 12.07
N ALA A 49 -15.10 -15.27 12.93
CA ALA A 49 -14.89 -15.00 14.38
C ALA A 49 -13.55 -14.29 14.57
N ALA A 50 -12.64 -14.47 13.66
CA ALA A 50 -11.31 -13.80 13.79
C ALA A 50 -11.36 -12.43 13.12
N ILE A 51 -11.80 -12.37 11.88
CA ILE A 51 -11.87 -11.07 11.17
C ILE A 51 -12.75 -10.11 11.97
N ARG A 52 -13.90 -10.57 12.40
CA ARG A 52 -14.80 -9.69 13.19
C ARG A 52 -14.18 -9.45 14.56
N GLU A 53 -13.88 -10.49 15.29
CA GLU A 53 -13.25 -10.31 16.63
C GLU A 53 -12.13 -9.28 16.51
N PHE A 54 -11.51 -9.21 15.36
CA PHE A 54 -10.42 -8.23 15.16
C PHE A 54 -11.03 -6.88 14.78
N PHE A 55 -11.58 -6.81 13.59
CA PHE A 55 -12.20 -5.55 13.14
C PHE A 55 -13.10 -5.01 14.25
N ALA A 56 -13.63 -5.87 15.07
CA ALA A 56 -14.49 -5.41 16.19
C ALA A 56 -13.60 -4.79 17.27
N ASN A 57 -12.58 -5.50 17.68
CA ASN A 57 -11.66 -4.94 18.71
C ASN A 57 -11.14 -3.60 18.22
N SER A 58 -10.94 -3.49 16.94
CA SER A 58 -10.44 -2.20 16.37
C SER A 58 -11.50 -1.13 16.60
N LEU A 59 -12.75 -1.50 16.50
CA LEU A 59 -13.85 -0.52 16.71
C LEU A 59 -13.92 -0.13 18.18
N LYS A 60 -13.34 -0.91 19.05
CA LYS A 60 -13.36 -0.57 20.50
C LYS A 60 -12.79 0.83 20.70
N LEU A 61 -11.94 1.26 19.81
CA LEU A 61 -11.35 2.62 19.94
C LEU A 61 -12.25 3.63 19.23
N PRO A 62 -12.72 4.60 19.97
CA PRO A 62 -13.62 5.63 19.39
C PRO A 62 -12.85 6.60 18.51
N LEU A 63 -12.95 6.46 17.22
CA LEU A 63 -12.24 7.40 16.30
C LEU A 63 -13.17 7.82 15.17
N ALA A 64 -12.67 8.62 14.27
CA ALA A 64 -13.50 9.05 13.11
C ALA A 64 -12.85 8.55 11.82
N VAL A 65 -13.60 7.87 11.00
CA VAL A 65 -13.01 7.34 9.74
C VAL A 65 -13.70 7.99 8.54
N GLU A 66 -12.97 8.74 7.76
CA GLU A 66 -13.58 9.40 6.57
C GLU A 66 -12.52 9.57 5.48
N LEU A 67 -12.45 8.64 4.56
CA LEU A 67 -11.42 8.75 3.48
C LEU A 67 -11.35 10.19 2.97
N THR A 68 -10.32 10.50 2.23
CA THR A 68 -10.18 11.89 1.70
C THR A 68 -9.45 11.85 0.36
N GLN A 69 -8.46 11.02 0.26
CA GLN A 69 -7.71 10.92 -1.03
C GLN A 69 -8.46 10.01 -1.99
N GLU A 70 -7.77 9.27 -2.81
CA GLU A 70 -8.47 8.36 -3.76
C GLU A 70 -8.20 6.90 -3.38
N VAL A 71 -9.23 6.11 -3.29
CA VAL A 71 -9.04 4.68 -2.94
C VAL A 71 -8.33 3.97 -4.08
N ARG A 72 -7.60 2.93 -3.81
CA ARG A 72 -6.88 2.21 -4.90
C ARG A 72 -7.46 0.79 -5.04
N ALA A 73 -7.70 0.37 -6.25
CA ALA A 73 -8.26 -1.00 -6.46
C ALA A 73 -7.78 -1.53 -7.81
N VAL A 74 -6.95 -2.55 -7.79
CA VAL A 74 -6.45 -3.13 -9.07
C VAL A 74 -6.65 -4.64 -9.07
N ALA A 75 -6.73 -5.23 -10.23
CA ALA A 75 -6.90 -6.71 -10.30
C ALA A 75 -7.95 -7.14 -9.28
N ASN A 76 -7.81 -8.32 -8.72
CA ASN A 76 -8.80 -8.79 -7.71
C ASN A 76 -8.45 -8.20 -6.34
N GLU A 77 -7.36 -7.47 -6.25
CA GLU A 77 -6.97 -6.89 -4.95
C GLU A 77 -7.28 -5.39 -4.95
N ALA A 78 -6.71 -4.67 -4.02
CA ALA A 78 -6.96 -3.20 -3.96
C ALA A 78 -6.20 -2.60 -2.76
N ALA A 79 -6.08 -1.31 -2.72
CA ALA A 79 -5.37 -0.66 -1.58
C ALA A 79 -5.96 0.73 -1.34
N PHE A 80 -6.12 1.13 -0.11
CA PHE A 80 -6.70 2.47 0.15
C PHE A 80 -6.15 3.03 1.46
N ALA A 81 -6.40 4.27 1.72
CA ALA A 81 -5.89 4.89 2.98
C ALA A 81 -6.94 5.85 3.53
N PHE A 82 -6.61 6.55 4.58
CA PHE A 82 -7.58 7.51 5.17
C PHE A 82 -6.97 8.12 6.43
N THR A 83 -7.80 8.66 7.29
CA THR A 83 -7.28 9.27 8.53
C THR A 83 -8.17 8.89 9.71
N VAL A 84 -7.63 8.84 10.89
CA VAL A 84 -8.45 8.47 12.07
C VAL A 84 -8.38 9.60 13.10
N SER A 85 -9.51 10.13 13.50
CA SER A 85 -9.49 11.24 14.50
C SER A 85 -10.14 10.77 15.79
N PHE A 86 -9.36 10.27 16.72
CA PHE A 86 -9.93 9.80 18.01
C PHE A 86 -9.40 10.68 19.14
N GLU A 87 -9.82 10.45 20.34
CA GLU A 87 -9.34 11.28 21.49
C GLU A 87 -8.36 10.48 22.35
N PHE A 88 -7.65 11.14 23.23
CA PHE A 88 -6.69 10.43 24.11
C PHE A 88 -7.12 10.58 25.57
N GLN A 89 -6.23 10.36 26.49
CA GLN A 89 -6.60 10.49 27.93
C GLN A 89 -6.86 11.95 28.26
N GLY A 90 -6.61 12.85 27.34
CA GLY A 90 -6.86 14.29 27.62
C GLY A 90 -6.71 15.09 26.32
N ARG A 91 -5.75 14.77 25.51
CA ARG A 91 -5.55 15.52 24.24
C ARG A 91 -6.24 14.77 23.10
N LYS A 92 -6.12 15.27 21.89
CA LYS A 92 -6.76 14.59 20.73
C LYS A 92 -5.69 14.09 19.77
N THR A 93 -5.72 12.82 19.43
CA THR A 93 -4.71 12.27 18.50
C THR A 93 -5.37 11.76 17.23
N VAL A 94 -4.75 11.94 16.10
CA VAL A 94 -5.34 11.46 14.82
C VAL A 94 -4.42 10.39 14.24
N VAL A 95 -4.81 9.76 13.16
CA VAL A 95 -3.94 8.70 12.57
C VAL A 95 -4.06 8.72 11.04
N ALA A 96 -2.98 8.46 10.35
CA ALA A 96 -3.03 8.47 8.85
C ALA A 96 -2.35 7.22 8.28
N PRO A 97 -3.00 6.10 8.44
CA PRO A 97 -2.46 4.82 7.94
C PRO A 97 -3.04 4.50 6.56
N ILE A 98 -2.70 3.35 6.03
CA ILE A 98 -3.22 2.94 4.70
C ILE A 98 -3.61 1.45 4.79
N ASP A 99 -4.70 1.08 4.20
CA ASP A 99 -5.12 -0.35 4.26
C ASP A 99 -5.02 -1.00 2.89
N HIS A 100 -5.02 -2.30 2.85
CA HIS A 100 -4.94 -3.01 1.54
C HIS A 100 -6.22 -3.80 1.34
N PHE A 101 -6.37 -4.44 0.21
CA PHE A 101 -7.62 -5.20 -0.03
C PHE A 101 -7.35 -6.40 -0.94
N ARG A 102 -8.01 -7.50 -0.68
CA ARG A 102 -7.81 -8.71 -1.52
C ARG A 102 -9.18 -9.33 -1.84
N PHE A 103 -9.63 -9.20 -3.05
CA PHE A 103 -10.96 -9.79 -3.42
C PHE A 103 -10.76 -11.05 -4.25
N ASN A 104 -11.82 -11.70 -4.65
CA ASN A 104 -11.68 -12.93 -5.47
C ASN A 104 -12.53 -12.81 -6.73
N GLY A 105 -13.21 -11.71 -6.91
CA GLY A 105 -14.05 -11.53 -8.13
C GLY A 105 -14.65 -10.12 -8.15
N ALA A 106 -15.79 -9.95 -7.53
CA ALA A 106 -16.43 -8.60 -7.51
C ALA A 106 -17.80 -8.69 -6.82
N GLY A 107 -17.90 -9.51 -5.82
CA GLY A 107 -19.20 -9.63 -5.10
C GLY A 107 -18.98 -9.43 -3.60
N LYS A 108 -17.89 -9.92 -3.08
CA LYS A 108 -17.61 -9.76 -1.63
C LYS A 108 -16.10 -9.61 -1.41
N VAL A 109 -15.65 -9.76 -0.20
CA VAL A 109 -14.19 -9.63 0.07
C VAL A 109 -13.65 -10.99 0.54
N VAL A 110 -12.38 -11.21 0.42
CA VAL A 110 -11.80 -12.51 0.87
C VAL A 110 -10.56 -12.25 1.72
N SER A 111 -9.62 -11.52 1.21
CA SER A 111 -8.39 -11.24 2.01
C SER A 111 -8.15 -9.74 2.06
N MET A 112 -7.45 -9.26 3.04
CA MET A 112 -7.20 -7.79 3.14
C MET A 112 -5.90 -7.54 3.91
N ARG A 113 -5.19 -6.50 3.56
CA ARG A 113 -3.92 -6.20 4.27
C ARG A 113 -3.99 -4.79 4.85
N ALA A 114 -3.00 -4.40 5.60
CA ALA A 114 -3.00 -3.03 6.19
C ALA A 114 -1.57 -2.52 6.31
N LEU A 115 -1.36 -1.23 6.21
CA LEU A 115 0.01 -0.69 6.31
C LEU A 115 0.00 0.65 7.05
N PHE A 116 1.01 0.89 7.83
CA PHE A 116 1.12 2.17 8.60
C PHE A 116 2.29 2.06 9.56
N GLY A 117 2.27 2.82 10.61
CA GLY A 117 3.38 2.75 11.58
C GLY A 117 3.31 3.92 12.55
N GLU A 118 4.27 4.04 13.44
CA GLU A 118 4.27 5.16 14.41
C GLU A 118 4.56 6.46 13.68
N LYS A 119 4.86 6.39 12.41
CA LYS A 119 5.15 7.62 11.63
C LYS A 119 3.86 8.12 10.99
N ASN A 120 2.98 7.21 10.72
CA ASN A 120 1.68 7.58 10.09
C ASN A 120 0.67 7.90 11.18
N ILE A 121 1.11 8.06 12.40
CA ILE A 121 0.17 8.40 13.50
C ILE A 121 0.06 9.92 13.61
N HIS A 122 -0.55 10.43 14.63
CA HIS A 122 -0.68 11.90 14.77
C HIS A 122 -0.76 12.29 16.25
N ALA A 123 0.33 12.72 16.83
CA ALA A 123 0.30 13.10 18.27
C ALA A 123 0.63 14.59 18.40
N GLY A 124 -0.11 15.30 19.21
CA GLY A 124 0.16 16.75 19.39
C GLY A 124 -1.14 17.46 19.79
N ALA A 125 -1.32 18.69 19.36
CA ALA A 125 -2.56 19.43 19.73
C ALA A 125 -3.53 19.40 18.54
N MET B 1 7.74 0.60 16.63
CA MET B 1 9.19 0.56 16.97
C MET B 1 10.02 0.29 15.71
N ASN B 2 11.30 0.06 15.87
CA ASN B 2 12.16 -0.20 14.68
C ASN B 2 12.37 1.09 13.91
N THR B 3 13.48 1.74 14.11
CA THR B 3 13.75 3.01 13.39
C THR B 3 13.35 2.86 11.91
N PRO B 4 12.33 3.57 11.53
CA PRO B 4 11.85 3.51 10.12
C PRO B 4 12.83 4.25 9.21
N GLU B 5 13.84 4.84 9.77
CA GLU B 5 14.84 5.57 8.94
C GLU B 5 15.61 4.56 8.08
N HIS B 6 15.93 3.43 8.62
CA HIS B 6 16.68 2.41 7.84
C HIS B 6 15.81 1.91 6.68
N MET B 7 14.61 1.50 6.97
CA MET B 7 13.71 0.99 5.92
C MET B 7 13.46 2.11 4.89
N THR B 8 13.50 3.34 5.31
CA THR B 8 13.28 4.47 4.37
C THR B 8 14.50 4.62 3.45
N ALA B 9 15.67 4.35 3.97
CA ALA B 9 16.88 4.48 3.14
C ALA B 9 16.72 3.62 1.88
N VAL B 10 16.30 2.39 2.05
CA VAL B 10 16.09 1.51 0.87
C VAL B 10 15.19 2.25 -0.14
N VAL B 11 14.12 2.82 0.34
CA VAL B 11 13.19 3.55 -0.56
C VAL B 11 13.92 4.72 -1.24
N GLN B 12 14.76 5.40 -0.51
CA GLN B 12 15.49 6.54 -1.12
C GLN B 12 16.37 6.01 -2.23
N ARG B 13 17.43 5.38 -1.85
CA ARG B 13 18.36 4.79 -2.84
C ARG B 13 17.54 4.08 -3.91
N TYR B 14 16.56 3.34 -3.49
CA TYR B 14 15.68 2.62 -4.46
C TYR B 14 15.20 3.61 -5.52
N VAL B 15 14.74 4.76 -5.11
CA VAL B 15 14.25 5.75 -6.09
C VAL B 15 15.44 6.60 -6.59
N ALA B 16 16.37 6.92 -5.73
CA ALA B 16 17.55 7.70 -6.20
C ALA B 16 18.07 7.03 -7.47
N ALA B 17 18.02 5.72 -7.50
CA ALA B 17 18.48 4.99 -8.70
C ALA B 17 17.43 5.20 -9.80
N LEU B 18 16.18 5.27 -9.39
CA LEU B 18 15.09 5.50 -10.37
C LEU B 18 15.26 6.89 -10.99
N ASN B 19 15.28 7.89 -10.16
CA ASN B 19 15.47 9.28 -10.66
C ASN B 19 16.69 9.33 -11.57
N ALA B 20 17.75 8.71 -11.17
CA ALA B 20 18.99 8.72 -12.01
C ALA B 20 18.96 7.51 -12.97
N GLY B 21 17.88 6.78 -12.99
CA GLY B 21 17.80 5.60 -13.89
C GLY B 21 19.03 4.72 -13.70
N ASP B 22 19.49 4.61 -12.48
CA ASP B 22 20.70 3.77 -12.22
C ASP B 22 20.28 2.39 -11.75
N LEU B 23 19.76 1.57 -12.62
CA LEU B 23 19.35 0.20 -12.21
C LEU B 23 20.46 -0.42 -11.41
N ASP B 24 21.68 -0.26 -11.85
CA ASP B 24 22.83 -0.84 -11.12
C ASP B 24 22.64 -0.59 -9.63
N GLY B 25 22.08 0.53 -9.28
CA GLY B 25 21.86 0.83 -7.84
C GLY B 25 20.60 0.10 -7.37
N ILE B 26 19.63 0.00 -8.22
CA ILE B 26 18.38 -0.71 -7.85
C ILE B 26 18.74 -2.17 -7.55
N VAL B 27 19.33 -2.84 -8.50
CA VAL B 27 19.72 -4.25 -8.27
C VAL B 27 20.62 -4.28 -7.04
N ALA B 28 21.46 -3.29 -6.90
CA ALA B 28 22.35 -3.23 -5.71
C ALA B 28 21.48 -3.22 -4.46
N LEU B 29 20.58 -2.28 -4.38
CA LEU B 29 19.67 -2.22 -3.20
C LEU B 29 18.81 -3.48 -3.16
N PHE B 30 18.66 -4.14 -4.28
CA PHE B 30 17.85 -5.38 -4.33
C PHE B 30 18.72 -6.57 -3.93
N ALA B 31 18.26 -7.38 -3.02
CA ALA B 31 19.07 -8.57 -2.61
C ALA B 31 19.59 -9.28 -3.86
N ASP B 32 20.43 -10.26 -3.68
CA ASP B 32 20.99 -11.00 -4.85
C ASP B 32 19.84 -11.59 -5.67
N ASP B 33 18.74 -11.82 -5.04
CA ASP B 33 17.57 -12.40 -5.75
C ASP B 33 16.27 -11.91 -5.09
N ALA B 34 16.21 -10.63 -4.81
CA ALA B 34 14.98 -10.08 -4.15
C ALA B 34 13.76 -10.38 -5.02
N THR B 35 12.59 -10.34 -4.44
CA THR B 35 11.35 -10.62 -5.22
C THR B 35 10.59 -9.31 -5.47
N VAL B 36 9.98 -9.17 -6.61
CA VAL B 36 9.21 -7.93 -6.90
C VAL B 36 7.84 -8.31 -7.46
N GLU B 37 6.79 -7.89 -6.82
CA GLU B 37 5.42 -8.23 -7.32
C GLU B 37 4.97 -7.13 -8.28
N ASP B 38 4.91 -7.44 -9.55
CA ASP B 38 4.50 -6.42 -10.54
C ASP B 38 4.47 -7.02 -11.94
N PRO B 39 3.51 -6.62 -12.75
CA PRO B 39 2.48 -5.64 -12.31
C PRO B 39 1.49 -6.28 -11.32
N VAL B 40 0.50 -5.54 -10.90
CA VAL B 40 -0.48 -6.11 -9.93
C VAL B 40 -1.21 -7.28 -10.59
N GLY B 41 -1.67 -8.22 -9.81
CA GLY B 41 -2.38 -9.39 -10.40
C GLY B 41 -1.49 -10.02 -11.47
N SER B 42 -0.21 -9.77 -11.42
CA SER B 42 0.70 -10.35 -12.44
C SER B 42 1.70 -11.29 -11.75
N GLU B 43 2.84 -11.50 -12.35
CA GLU B 43 3.84 -12.42 -11.73
C GLU B 43 5.14 -11.66 -11.46
N PRO B 44 5.62 -11.76 -10.24
CA PRO B 44 6.88 -11.08 -9.84
C PRO B 44 8.08 -11.66 -10.58
N ARG B 45 9.26 -11.30 -10.17
CA ARG B 45 10.49 -11.81 -10.82
C ARG B 45 11.60 -11.83 -9.78
N SER B 46 11.90 -12.98 -9.23
CA SER B 46 12.95 -13.05 -8.20
C SER B 46 14.31 -13.30 -8.83
N GLY B 47 15.35 -12.88 -8.17
CA GLY B 47 16.72 -13.07 -8.72
C GLY B 47 17.28 -11.72 -9.18
N THR B 48 18.57 -11.61 -9.33
CA THR B 48 19.16 -10.32 -9.78
C THR B 48 18.81 -10.11 -11.25
N ALA B 49 18.94 -11.11 -12.06
CA ALA B 49 18.62 -10.97 -13.50
C ALA B 49 17.13 -10.64 -13.65
N ALA B 50 16.31 -11.22 -12.81
CA ALA B 50 14.84 -10.94 -12.90
C ALA B 50 14.56 -9.55 -12.33
N ILE B 51 14.89 -9.33 -11.09
CA ILE B 51 14.66 -7.99 -10.48
C ILE B 51 15.18 -6.92 -11.43
N ARG B 52 16.33 -7.15 -12.02
CA ARG B 52 16.89 -6.16 -12.96
C ARG B 52 16.17 -6.29 -14.30
N GLU B 53 16.17 -7.45 -14.88
CA GLU B 53 15.47 -7.62 -16.18
C GLU B 53 14.08 -6.97 -16.06
N PHE B 54 13.57 -6.92 -14.87
CA PHE B 54 12.24 -6.31 -14.65
C PHE B 54 12.43 -4.80 -14.45
N PHE B 55 12.98 -4.42 -13.34
CA PHE B 55 13.21 -2.98 -13.07
C PHE B 55 13.87 -2.35 -14.28
N ALA B 56 14.66 -3.10 -15.00
CA ALA B 56 15.32 -2.54 -16.22
C ALA B 56 14.25 -2.26 -17.26
N ASN B 57 13.37 -3.20 -17.49
CA ASN B 57 12.29 -2.98 -18.48
C ASN B 57 11.51 -1.72 -18.08
N SER B 58 11.42 -1.46 -16.80
CA SER B 58 10.68 -0.25 -16.34
C SER B 58 11.52 0.99 -16.64
N LEU B 59 12.83 0.87 -16.52
CA LEU B 59 13.70 2.03 -16.81
C LEU B 59 13.65 2.35 -18.31
N LYS B 60 13.40 1.36 -19.12
CA LYS B 60 13.33 1.60 -20.59
C LYS B 60 12.48 2.83 -20.85
N LEU B 61 11.57 3.14 -19.97
CA LEU B 61 10.70 4.33 -20.15
C LEU B 61 11.38 5.55 -19.52
N PRO B 62 11.77 6.47 -20.36
CA PRO B 62 12.45 7.70 -19.87
C PRO B 62 11.46 8.61 -19.15
N LEU B 63 11.42 8.54 -17.85
CA LEU B 63 10.47 9.41 -17.09
C LEU B 63 11.20 10.10 -15.95
N ALA B 64 10.47 10.77 -15.10
CA ALA B 64 11.10 11.46 -13.95
C ALA B 64 10.55 10.89 -12.65
N VAL B 65 11.40 10.47 -11.76
CA VAL B 65 10.91 9.88 -10.48
C VAL B 65 11.17 10.86 -9.35
N GLU B 66 10.14 11.30 -8.68
CA GLU B 66 10.33 12.26 -7.56
C GLU B 66 9.21 12.07 -6.54
N LEU B 67 9.51 11.48 -5.42
CA LEU B 67 8.47 11.26 -4.38
C LEU B 67 7.66 12.53 -4.18
N THR B 68 6.63 12.48 -3.37
CA THR B 68 5.81 13.69 -3.13
C THR B 68 5.24 13.65 -1.70
N GLN B 69 4.85 12.49 -1.27
CA GLN B 69 4.30 12.36 0.11
C GLN B 69 5.38 11.83 1.05
N GLU B 70 4.99 11.05 2.03
CA GLU B 70 6.00 10.51 2.98
C GLU B 70 6.11 9.00 2.78
N VAL B 71 7.32 8.50 2.68
CA VAL B 71 7.51 7.03 2.49
C VAL B 71 6.98 6.30 3.73
N ARG B 72 6.52 5.09 3.57
CA ARG B 72 6.01 4.34 4.75
C ARG B 72 6.85 3.09 4.99
N ALA B 73 7.21 2.83 6.22
CA ALA B 73 8.03 1.62 6.52
C ALA B 73 7.66 1.08 7.89
N VAL B 74 7.35 -0.20 7.98
CA VAL B 74 6.97 -0.78 9.30
C VAL B 74 7.59 -2.18 9.43
N ALA B 75 7.77 -2.64 10.65
CA ALA B 75 8.36 -3.99 10.85
C ALA B 75 9.53 -4.20 9.87
N ASN B 76 9.73 -5.39 9.39
CA ASN B 76 10.85 -5.64 8.44
C ASN B 76 10.41 -5.27 7.03
N GLU B 77 9.14 -5.04 6.83
CA GLU B 77 8.64 -4.69 5.47
C GLU B 77 8.59 -3.16 5.33
N ALA B 78 7.88 -2.68 4.37
CA ALA B 78 7.78 -1.21 4.16
C ALA B 78 6.91 -0.90 2.94
N ALA B 79 6.42 0.30 2.85
CA ALA B 79 5.57 0.66 1.68
C ALA B 79 5.77 2.14 1.35
N PHE B 80 5.85 2.49 0.10
CA PHE B 80 6.05 3.92 -0.25
C PHE B 80 5.40 4.21 -1.61
N ALA B 81 5.33 5.46 -1.99
CA ALA B 81 4.71 5.80 -3.30
C ALA B 81 5.46 6.96 -3.95
N PHE B 82 5.23 7.16 -5.21
CA PHE B 82 5.91 8.27 -5.94
C PHE B 82 5.10 8.63 -7.19
N THR B 83 5.63 9.47 -8.01
CA THR B 83 4.89 9.85 -9.25
C THR B 83 5.80 9.73 -10.46
N VAL B 84 5.29 9.26 -11.56
CA VAL B 84 6.14 9.12 -12.78
C VAL B 84 5.76 10.22 -13.76
N SER B 85 6.65 11.16 -14.00
CA SER B 85 6.34 12.25 -14.95
C SER B 85 7.03 11.97 -16.29
N PHE B 86 6.49 11.07 -17.06
CA PHE B 86 7.12 10.73 -18.37
C PHE B 86 6.54 11.65 -19.46
N GLU B 87 7.04 11.54 -20.65
CA GLU B 87 6.53 12.40 -21.76
C GLU B 87 6.15 11.51 -22.95
N PHE B 88 5.21 11.93 -23.74
CA PHE B 88 4.79 11.12 -24.91
C PHE B 88 5.43 11.70 -26.18
N GLN B 89 4.97 11.30 -27.33
CA GLN B 89 5.55 11.84 -28.58
C GLN B 89 4.72 13.03 -29.05
N GLY B 90 4.36 13.89 -28.14
CA GLY B 90 3.54 15.09 -28.52
C GLY B 90 2.73 15.55 -27.30
N ARG B 91 2.50 14.67 -26.36
CA ARG B 91 1.73 15.06 -25.15
C ARG B 91 2.55 14.77 -23.90
N LYS B 92 2.04 15.13 -22.75
CA LYS B 92 2.79 14.89 -21.49
C LYS B 92 1.86 14.22 -20.47
N THR B 93 2.15 13.01 -20.10
CA THR B 93 1.27 12.30 -19.12
C THR B 93 2.08 11.93 -17.88
N VAL B 94 1.47 12.01 -16.73
CA VAL B 94 2.18 11.65 -15.47
C VAL B 94 1.43 10.52 -14.77
N VAL B 95 1.99 9.94 -13.75
CA VAL B 95 1.29 8.82 -13.05
C VAL B 95 1.47 8.95 -11.54
N ALA B 96 0.59 8.35 -10.78
CA ALA B 96 0.71 8.43 -9.29
C ALA B 96 0.43 7.07 -8.67
N PRO B 97 1.38 6.18 -8.80
CA PRO B 97 1.25 4.82 -8.27
C PRO B 97 1.94 4.70 -6.90
N ILE B 98 2.00 3.50 -6.38
CA ILE B 98 2.68 3.31 -5.07
C ILE B 98 3.49 2.02 -5.12
N ASP B 99 4.42 1.85 -4.21
CA ASP B 99 5.25 0.62 -4.23
C ASP B 99 5.32 0.02 -2.83
N HIS B 100 5.56 -1.27 -2.75
CA HIS B 100 5.65 -1.92 -1.41
C HIS B 100 7.09 -2.35 -1.17
N PHE B 101 7.40 -2.84 -0.01
CA PHE B 101 8.79 -3.24 0.26
C PHE B 101 8.84 -4.42 1.22
N ARG B 102 9.86 -5.24 1.13
CA ARG B 102 9.97 -6.40 2.04
C ARG B 102 11.43 -6.65 2.39
N PHE B 103 11.89 -6.12 3.50
CA PHE B 103 13.31 -6.32 3.90
C PHE B 103 13.43 -7.57 4.78
N ASN B 104 14.52 -7.72 5.47
CA ASN B 104 14.68 -8.92 6.35
C ASN B 104 15.33 -8.50 7.68
N GLY B 105 15.50 -7.22 7.89
CA GLY B 105 16.13 -6.76 9.16
C GLY B 105 17.46 -6.05 8.85
N ALA B 106 17.39 -4.91 8.22
CA ALA B 106 18.64 -4.18 7.89
C ALA B 106 19.57 -5.09 7.09
N GLY B 107 19.04 -5.85 6.18
CA GLY B 107 19.88 -6.77 5.38
C GLY B 107 19.66 -6.49 3.89
N LYS B 108 19.45 -5.26 3.56
CA LYS B 108 19.21 -4.89 2.14
C LYS B 108 17.73 -5.11 1.79
N VAL B 109 17.42 -5.19 0.53
CA VAL B 109 16.01 -5.41 0.13
C VAL B 109 15.78 -6.89 -0.19
N VAL B 110 14.70 -7.45 0.27
CA VAL B 110 14.43 -8.89 -0.02
C VAL B 110 13.28 -8.99 -1.03
N SER B 111 12.08 -8.70 -0.60
CA SER B 111 10.92 -8.79 -1.53
C SER B 111 10.36 -7.38 -1.76
N MET B 112 9.48 -7.24 -2.72
CA MET B 112 8.91 -5.88 -2.98
C MET B 112 7.58 -6.03 -3.72
N ARG B 113 6.69 -5.08 -3.56
CA ARG B 113 5.38 -5.15 -4.25
C ARG B 113 5.09 -3.82 -4.93
N ALA B 114 4.08 -3.76 -5.75
CA ALA B 114 3.76 -2.48 -6.45
C ALA B 114 2.24 -2.36 -6.58
N LEU B 115 1.68 -1.24 -6.21
CA LEU B 115 0.21 -1.07 -6.32
C LEU B 115 -0.10 0.16 -7.15
N PHE B 116 -1.15 0.10 -7.92
CA PHE B 116 -1.56 1.26 -8.78
C PHE B 116 -2.71 0.83 -9.67
N GLY B 117 -2.88 1.51 -10.77
CA GLY B 117 -3.98 1.15 -11.70
C GLY B 117 -4.25 2.31 -12.65
N GLU B 118 -5.25 2.19 -13.49
CA GLU B 118 -5.55 3.30 -14.44
C GLU B 118 -6.18 4.46 -13.67
N LYS B 119 -6.40 4.29 -12.40
CA LYS B 119 -6.99 5.38 -11.59
C LYS B 119 -5.88 6.19 -10.95
N ASN B 120 -4.78 5.55 -10.70
CA ASN B 120 -3.62 6.25 -10.09
C ASN B 120 -2.75 6.85 -11.18
N ILE B 121 -3.20 6.80 -12.41
CA ILE B 121 -2.41 7.39 -13.52
C ILE B 121 -2.82 8.85 -13.69
N HIS B 122 -2.41 9.48 -14.76
CA HIS B 122 -2.81 10.91 -14.95
C HIS B 122 -2.89 11.22 -16.45
N ALA B 123 -3.60 12.24 -16.82
CA ALA B 123 -3.72 12.59 -18.26
C ALA B 123 -4.04 14.07 -18.41
N GLY B 124 -3.05 14.92 -18.33
CA GLY B 124 -3.29 16.38 -18.46
C GLY B 124 -2.59 16.91 -19.71
N ALA B 125 -2.75 18.16 -20.00
CA ALA B 125 -2.09 18.73 -21.22
C ALA B 125 -0.86 19.55 -20.80
N MET A 1 -9.26 -6.26 -14.90
CA MET A 1 -9.73 -6.03 -13.51
C MET A 1 -11.18 -5.55 -13.51
N ASN A 2 -11.90 -5.81 -14.57
CA ASN A 2 -13.32 -5.36 -14.63
C ASN A 2 -13.43 -3.91 -14.15
N THR A 3 -14.62 -3.45 -13.89
CA THR A 3 -14.80 -2.06 -13.42
C THR A 3 -14.31 -1.93 -11.97
N PRO A 4 -13.37 -1.04 -11.77
CA PRO A 4 -12.83 -0.82 -10.41
C PRO A 4 -13.88 -0.14 -9.54
N GLU A 5 -14.98 0.24 -10.12
CA GLU A 5 -16.06 0.92 -9.33
C GLU A 5 -16.61 -0.06 -8.31
N HIS A 6 -16.86 -1.28 -8.70
CA HIS A 6 -17.40 -2.28 -7.74
C HIS A 6 -16.40 -2.48 -6.60
N MET A 7 -15.15 -2.65 -6.93
CA MET A 7 -14.13 -2.85 -5.87
C MET A 7 -14.15 -1.64 -4.93
N THR A 8 -14.31 -0.47 -5.46
CA THR A 8 -14.35 0.74 -4.59
C THR A 8 -15.39 0.53 -3.49
N ALA A 9 -16.48 -0.12 -3.80
CA ALA A 9 -17.52 -0.36 -2.76
C ALA A 9 -16.91 -1.15 -1.62
N VAL A 10 -16.25 -2.24 -1.92
CA VAL A 10 -15.62 -3.06 -0.85
C VAL A 10 -14.82 -2.13 0.07
N VAL A 11 -14.22 -1.11 -0.48
CA VAL A 11 -13.43 -0.16 0.34
C VAL A 11 -14.38 0.84 1.04
N GLN A 12 -15.36 1.31 0.32
CA GLN A 12 -16.32 2.27 0.91
C GLN A 12 -17.06 1.57 2.03
N ARG A 13 -17.94 0.70 1.67
CA ARG A 13 -18.73 -0.05 2.67
C ARG A 13 -17.79 -0.49 3.79
N TYR A 14 -16.66 -0.99 3.41
CA TYR A 14 -15.67 -1.44 4.43
C TYR A 14 -15.58 -0.36 5.51
N VAL A 15 -15.59 0.88 5.12
CA VAL A 15 -15.53 1.98 6.12
C VAL A 15 -16.95 2.38 6.52
N ALA A 16 -17.87 2.39 5.59
CA ALA A 16 -19.27 2.74 5.95
C ALA A 16 -19.64 1.90 7.18
N ALA A 17 -19.15 0.69 7.22
CA ALA A 17 -19.43 -0.18 8.39
C ALA A 17 -18.58 0.34 9.55
N LEU A 18 -17.40 0.81 9.26
CA LEU A 18 -16.52 1.38 10.30
C LEU A 18 -17.23 2.58 10.91
N ASN A 19 -17.55 3.53 10.08
CA ASN A 19 -18.26 4.76 10.55
C ASN A 19 -19.49 4.34 11.36
N ALA A 20 -20.15 3.31 10.94
CA ALA A 20 -21.37 2.85 11.67
C ALA A 20 -20.97 1.85 12.77
N GLY A 21 -19.71 1.53 12.85
CA GLY A 21 -19.26 0.57 13.90
C GLY A 21 -20.10 -0.70 13.81
N ASP A 22 -20.40 -1.14 12.62
CA ASP A 22 -21.22 -2.37 12.45
C ASP A 22 -20.33 -3.53 11.99
N LEU A 23 -19.70 -4.22 12.90
CA LEU A 23 -18.83 -5.35 12.54
C LEU A 23 -19.58 -6.31 11.61
N ASP A 24 -20.88 -6.26 11.62
CA ASP A 24 -21.68 -7.17 10.75
C ASP A 24 -21.41 -6.82 9.28
N GLY A 25 -21.65 -5.61 8.90
CA GLY A 25 -21.41 -5.23 7.48
C GLY A 25 -19.93 -5.43 7.14
N ILE A 26 -19.09 -5.33 8.12
CA ILE A 26 -17.63 -5.53 7.88
C ILE A 26 -17.39 -7.01 7.61
N VAL A 27 -17.63 -7.84 8.59
CA VAL A 27 -17.46 -9.29 8.37
C VAL A 27 -18.35 -9.71 7.21
N ALA A 28 -19.51 -9.10 7.12
CA ALA A 28 -20.42 -9.42 6.00
C ALA A 28 -19.71 -9.10 4.69
N LEU A 29 -19.27 -7.89 4.54
CA LEU A 29 -18.53 -7.50 3.32
C LEU A 29 -17.30 -8.40 3.19
N PHE A 30 -16.83 -8.90 4.30
CA PHE A 30 -15.64 -9.78 4.30
C PHE A 30 -16.07 -11.23 4.07
N ALA A 31 -15.24 -12.01 3.43
CA ALA A 31 -15.61 -13.43 3.17
C ALA A 31 -15.95 -14.13 4.50
N ASP A 32 -16.04 -15.42 4.50
CA ASP A 32 -16.38 -16.16 5.75
C ASP A 32 -15.11 -16.35 6.59
N ASP A 33 -13.99 -16.32 5.95
CA ASP A 33 -12.71 -16.50 6.67
C ASP A 33 -11.65 -15.61 6.03
N ALA A 34 -12.02 -14.42 5.63
CA ALA A 34 -11.04 -13.51 4.98
C ALA A 34 -9.82 -13.35 5.88
N THR A 35 -8.84 -12.61 5.42
CA THR A 35 -7.62 -12.40 6.25
C THR A 35 -7.32 -10.89 6.34
N VAL A 36 -7.00 -10.41 7.50
CA VAL A 36 -6.71 -8.95 7.63
C VAL A 36 -5.30 -8.78 8.23
N GLU A 37 -4.42 -8.13 7.53
CA GLU A 37 -3.06 -7.91 8.07
C GLU A 37 -3.05 -6.59 8.81
N ASP A 38 -3.05 -6.63 10.11
CA ASP A 38 -3.09 -5.37 10.88
C ASP A 38 -3.05 -5.70 12.39
N PRO A 39 -2.27 -4.96 13.13
CA PRO A 39 -1.45 -3.84 12.59
C PRO A 39 -0.28 -4.39 11.75
N VAL A 40 0.83 -3.70 11.72
CA VAL A 40 2.01 -4.14 10.92
C VAL A 40 2.41 -5.59 11.26
N GLY A 41 3.68 -5.85 11.33
CA GLY A 41 4.19 -7.21 11.62
C GLY A 41 3.34 -7.92 12.67
N SER A 42 2.65 -7.17 13.49
CA SER A 42 1.80 -7.78 14.56
C SER A 42 1.28 -9.15 14.13
N GLU A 43 0.12 -9.22 13.56
CA GLU A 43 -0.41 -10.55 13.12
C GLU A 43 -1.90 -10.45 12.74
N PRO A 44 -2.18 -10.83 11.51
CA PRO A 44 -3.57 -10.82 10.98
C PRO A 44 -4.44 -11.85 11.71
N ARG A 45 -5.61 -12.11 11.18
CA ARG A 45 -6.53 -13.10 11.80
C ARG A 45 -7.38 -13.69 10.68
N SER A 46 -7.48 -14.98 10.58
CA SER A 46 -8.27 -15.57 9.47
C SER A 46 -9.52 -16.26 10.02
N GLY A 47 -10.59 -16.24 9.26
CA GLY A 47 -11.85 -16.89 9.71
C GLY A 47 -12.85 -15.81 10.14
N THR A 48 -14.11 -16.16 10.24
CA THR A 48 -15.13 -15.17 10.65
C THR A 48 -14.91 -14.80 12.13
N ALA A 49 -15.07 -15.75 13.02
CA ALA A 49 -14.86 -15.45 14.46
C ALA A 49 -13.53 -14.71 14.63
N ALA A 50 -12.62 -14.87 13.70
CA ALA A 50 -11.32 -14.18 13.80
C ALA A 50 -11.40 -12.81 13.12
N ILE A 51 -11.77 -12.78 11.86
CA ILE A 51 -11.88 -11.48 11.15
C ILE A 51 -12.76 -10.53 11.96
N ARG A 52 -13.84 -11.03 12.50
CA ARG A 52 -14.73 -10.16 13.32
C ARG A 52 -14.05 -9.86 14.66
N GLU A 53 -13.56 -10.88 15.32
CA GLU A 53 -12.88 -10.64 16.62
C GLU A 53 -11.80 -9.58 16.42
N PHE A 54 -11.26 -9.52 15.23
CA PHE A 54 -10.20 -8.52 14.95
C PHE A 54 -10.87 -7.19 14.62
N PHE A 55 -11.49 -7.12 13.48
CA PHE A 55 -12.18 -5.86 13.08
C PHE A 55 -13.05 -5.37 14.24
N ALA A 56 -13.53 -6.29 15.04
CA ALA A 56 -14.37 -5.88 16.21
C ALA A 56 -13.47 -5.25 17.26
N ASN A 57 -12.29 -5.77 17.43
CA ASN A 57 -11.36 -5.18 18.42
C ASN A 57 -10.98 -3.78 17.98
N SER A 58 -10.89 -3.57 16.69
CA SER A 58 -10.54 -2.22 16.18
C SER A 58 -11.70 -1.26 16.45
N LEU A 59 -12.91 -1.71 16.25
CA LEU A 59 -14.08 -0.83 16.51
C LEU A 59 -14.07 -0.41 17.98
N LYS A 60 -13.35 -1.13 18.81
CA LYS A 60 -13.29 -0.76 20.24
C LYS A 60 -12.48 0.54 20.39
N LEU A 61 -11.92 1.02 19.31
CA LEU A 61 -11.15 2.27 19.35
C LEU A 61 -12.09 3.44 19.11
N PRO A 62 -12.28 4.24 20.13
CA PRO A 62 -13.19 5.41 20.01
C PRO A 62 -12.62 6.47 19.07
N LEU A 63 -12.94 6.40 17.81
CA LEU A 63 -12.42 7.40 16.83
C LEU A 63 -13.42 7.60 15.70
N ALA A 64 -13.22 8.63 14.92
CA ALA A 64 -14.12 8.87 13.76
C ALA A 64 -13.38 8.46 12.48
N VAL A 65 -13.99 7.65 11.68
CA VAL A 65 -13.32 7.21 10.42
C VAL A 65 -13.89 7.98 9.23
N GLU A 66 -13.04 8.64 8.48
CA GLU A 66 -13.53 9.40 7.31
C GLU A 66 -12.44 9.43 6.23
N LEU A 67 -12.68 8.79 5.12
CA LEU A 67 -11.65 8.77 4.03
C LEU A 67 -11.19 10.20 3.72
N THR A 68 -10.25 10.35 2.83
CA THR A 68 -9.76 11.71 2.49
C THR A 68 -9.14 11.71 1.09
N GLN A 69 -8.45 10.66 0.76
CA GLN A 69 -7.82 10.58 -0.58
C GLN A 69 -8.71 9.76 -1.51
N GLU A 70 -8.13 9.03 -2.43
CA GLU A 70 -8.95 8.22 -3.36
C GLU A 70 -8.68 6.73 -3.13
N VAL A 71 -9.71 5.93 -3.08
CA VAL A 71 -9.52 4.47 -2.86
C VAL A 71 -8.78 3.87 -4.06
N ARG A 72 -8.06 2.81 -3.86
CA ARG A 72 -7.33 2.20 -5.01
C ARG A 72 -7.82 0.76 -5.25
N ALA A 73 -7.95 0.38 -6.49
CA ALA A 73 -8.42 -1.01 -6.80
C ALA A 73 -7.81 -1.45 -8.13
N VAL A 74 -7.30 -2.65 -8.20
CA VAL A 74 -6.70 -3.12 -9.49
C VAL A 74 -6.63 -4.65 -9.51
N ALA A 75 -6.45 -5.21 -10.68
CA ALA A 75 -6.35 -6.69 -10.80
C ALA A 75 -7.36 -7.37 -9.87
N ASN A 76 -6.92 -7.80 -8.71
CA ASN A 76 -7.84 -8.47 -7.77
C ASN A 76 -7.62 -7.95 -6.35
N GLU A 77 -6.85 -6.90 -6.21
CA GLU A 77 -6.59 -6.34 -4.86
C GLU A 77 -7.16 -4.94 -4.76
N ALA A 78 -6.71 -4.16 -3.82
CA ALA A 78 -7.22 -2.77 -3.67
C ALA A 78 -6.47 -2.07 -2.54
N ALA A 79 -5.96 -0.89 -2.79
CA ALA A 79 -5.23 -0.16 -1.71
C ALA A 79 -6.00 1.10 -1.36
N PHE A 80 -6.22 1.36 -0.10
CA PHE A 80 -6.97 2.59 0.27
C PHE A 80 -6.52 3.06 1.65
N ALA A 81 -6.97 4.21 2.07
CA ALA A 81 -6.55 4.72 3.40
C ALA A 81 -7.63 5.59 4.02
N PHE A 82 -7.29 6.30 5.06
CA PHE A 82 -8.28 7.19 5.73
C PHE A 82 -7.59 7.85 6.93
N THR A 83 -8.35 8.48 7.78
CA THR A 83 -7.73 9.13 8.95
C THR A 83 -8.57 8.86 10.20
N VAL A 84 -7.92 8.63 11.32
CA VAL A 84 -8.67 8.36 12.57
C VAL A 84 -8.50 9.54 13.53
N SER A 85 -9.56 10.20 13.87
CA SER A 85 -9.46 11.36 14.79
C SER A 85 -10.28 11.07 16.06
N PHE A 86 -9.61 10.86 17.16
CA PHE A 86 -10.36 10.57 18.42
C PHE A 86 -9.84 11.47 19.54
N GLU A 87 -10.37 11.29 20.72
CA GLU A 87 -9.92 12.14 21.87
C GLU A 87 -9.40 11.23 22.98
N PHE A 88 -8.49 11.72 23.79
CA PHE A 88 -7.96 10.87 24.89
C PHE A 88 -8.46 11.41 26.24
N GLN A 89 -8.09 10.75 27.31
CA GLN A 89 -8.54 11.21 28.65
C GLN A 89 -7.92 12.58 28.95
N GLY A 90 -8.33 13.60 28.24
CA GLY A 90 -7.77 14.96 28.49
C GLY A 90 -7.00 15.43 27.26
N ARG A 91 -6.43 14.52 26.51
CA ARG A 91 -5.66 14.92 25.29
C ARG A 91 -6.41 14.46 24.04
N LYS A 92 -5.79 14.59 22.90
CA LYS A 92 -6.45 14.15 21.63
C LYS A 92 -5.39 13.63 20.66
N THR A 93 -5.74 12.66 19.87
CA THR A 93 -4.77 12.10 18.90
C THR A 93 -5.46 11.77 17.58
N VAL A 94 -4.72 11.78 16.50
CA VAL A 94 -5.33 11.46 15.17
C VAL A 94 -4.41 10.44 14.46
N VAL A 95 -4.82 9.90 13.35
CA VAL A 95 -3.95 8.91 12.65
C VAL A 95 -4.17 8.94 11.15
N ALA A 96 -3.13 8.70 10.41
CA ALA A 96 -3.23 8.70 8.92
C ALA A 96 -2.65 7.38 8.38
N PRO A 97 -3.41 6.33 8.55
CA PRO A 97 -2.97 4.99 8.10
C PRO A 97 -3.51 4.66 6.70
N ILE A 98 -3.19 3.48 6.22
CA ILE A 98 -3.69 3.05 4.89
C ILE A 98 -3.98 1.56 4.95
N ASP A 99 -5.00 1.10 4.27
CA ASP A 99 -5.32 -0.35 4.31
C ASP A 99 -5.21 -0.95 2.93
N HIS A 100 -5.13 -2.25 2.85
CA HIS A 100 -5.04 -2.93 1.52
C HIS A 100 -6.28 -3.77 1.31
N PHE A 101 -6.42 -4.40 0.18
CA PHE A 101 -7.63 -5.20 -0.07
C PHE A 101 -7.32 -6.36 -1.02
N ARG A 102 -7.81 -7.53 -0.71
CA ARG A 102 -7.55 -8.69 -1.60
C ARG A 102 -8.89 -9.26 -2.07
N PHE A 103 -9.21 -9.06 -3.32
CA PHE A 103 -10.51 -9.57 -3.86
C PHE A 103 -10.30 -10.99 -4.39
N ASN A 104 -11.37 -11.70 -4.65
CA ASN A 104 -11.23 -13.08 -5.19
C ASN A 104 -11.84 -13.13 -6.59
N GLY A 105 -12.45 -12.06 -7.03
CA GLY A 105 -13.05 -12.04 -8.39
C GLY A 105 -13.75 -10.70 -8.61
N ALA A 106 -14.73 -10.38 -7.80
CA ALA A 106 -15.44 -9.08 -7.95
C ALA A 106 -16.79 -9.17 -7.23
N GLY A 107 -16.78 -9.06 -5.93
CA GLY A 107 -18.06 -9.13 -5.19
C GLY A 107 -17.79 -9.09 -3.68
N LYS A 108 -17.16 -10.11 -3.16
CA LYS A 108 -16.86 -10.13 -1.69
C LYS A 108 -15.36 -9.92 -1.47
N VAL A 109 -14.94 -9.87 -0.23
CA VAL A 109 -13.49 -9.68 0.05
C VAL A 109 -12.90 -10.98 0.59
N VAL A 110 -11.63 -11.19 0.41
CA VAL A 110 -11.00 -12.43 0.91
C VAL A 110 -9.82 -12.08 1.83
N SER A 111 -8.83 -11.43 1.31
CA SER A 111 -7.66 -11.07 2.16
C SER A 111 -7.55 -9.55 2.25
N MET A 112 -6.80 -9.06 3.19
CA MET A 112 -6.64 -7.58 3.33
C MET A 112 -5.30 -7.27 3.99
N ARG A 113 -4.61 -6.27 3.49
CA ARG A 113 -3.29 -5.92 4.09
C ARG A 113 -3.38 -4.55 4.75
N ALA A 114 -2.39 -4.17 5.51
CA ALA A 114 -2.42 -2.84 6.18
C ALA A 114 -0.99 -2.34 6.37
N LEU A 115 -0.73 -1.12 5.97
CA LEU A 115 0.65 -0.58 6.12
C LEU A 115 0.62 0.79 6.78
N PHE A 116 1.57 1.07 7.63
CA PHE A 116 1.64 2.38 8.33
C PHE A 116 2.63 2.27 9.47
N GLY A 117 2.58 3.16 10.42
CA GLY A 117 3.53 3.09 11.56
C GLY A 117 3.33 4.28 12.49
N GLU A 118 4.08 4.34 13.57
CA GLU A 118 3.93 5.47 14.52
C GLU A 118 3.98 6.78 13.75
N LYS A 119 4.55 6.76 12.58
CA LYS A 119 4.63 7.98 11.74
C LYS A 119 3.25 8.28 11.19
N ASN A 120 2.43 7.29 11.12
CA ASN A 120 1.05 7.46 10.57
C ASN A 120 0.11 7.88 11.70
N ILE A 121 0.59 7.92 12.91
CA ILE A 121 -0.30 8.31 14.04
C ILE A 121 -0.17 9.82 14.24
N HIS A 122 -0.58 10.34 15.37
CA HIS A 122 -0.46 11.81 15.60
C HIS A 122 -0.32 12.09 17.10
N ALA A 123 -0.42 13.33 17.49
CA ALA A 123 -0.31 13.67 18.94
C ALA A 123 -1.03 14.98 19.22
N GLY A 124 -0.96 15.45 20.43
CA GLY A 124 -1.64 16.74 20.78
C GLY A 124 -1.70 16.89 22.29
N ALA A 125 -2.35 17.92 22.77
CA ALA A 125 -2.45 18.12 24.24
C ALA A 125 -3.88 17.84 24.70
N MET B 1 10.38 -3.28 13.84
CA MET B 1 11.23 -2.72 14.94
C MET B 1 12.39 -1.92 14.35
N ASN B 2 13.20 -1.34 15.19
CA ASN B 2 14.36 -0.55 14.67
C ASN B 2 13.87 0.81 14.17
N THR B 3 14.78 1.64 13.72
CA THR B 3 14.37 2.98 13.21
C THR B 3 13.91 2.87 11.76
N PRO B 4 12.75 3.40 11.51
CA PRO B 4 12.20 3.38 10.13
C PRO B 4 13.02 4.31 9.25
N GLU B 5 13.93 5.04 9.84
CA GLU B 5 14.77 5.97 9.02
C GLU B 5 15.59 5.13 8.03
N HIS B 6 16.18 4.07 8.48
CA HIS B 6 16.98 3.20 7.56
C HIS B 6 16.05 2.61 6.51
N MET B 7 14.89 2.15 6.91
CA MET B 7 13.95 1.57 5.94
C MET B 7 13.67 2.58 4.84
N THR B 8 13.84 3.85 5.13
CA THR B 8 13.59 4.89 4.11
C THR B 8 14.72 4.85 3.07
N ALA B 9 15.94 4.69 3.52
CA ALA B 9 17.07 4.63 2.56
C ALA B 9 16.74 3.62 1.46
N VAL B 10 16.17 2.51 1.83
CA VAL B 10 15.80 1.49 0.82
C VAL B 10 14.92 2.14 -0.25
N VAL B 11 13.97 2.94 0.16
CA VAL B 11 13.07 3.61 -0.82
C VAL B 11 13.84 4.72 -1.53
N GLN B 12 14.63 5.47 -0.81
CA GLN B 12 15.42 6.56 -1.45
C GLN B 12 16.32 5.95 -2.50
N ARG B 13 17.34 5.29 -2.05
CA ARG B 13 18.29 4.64 -2.97
C ARG B 13 17.50 3.93 -4.05
N TYR B 14 16.47 3.22 -3.65
CA TYR B 14 15.62 2.49 -4.63
C TYR B 14 15.22 3.46 -5.75
N VAL B 15 14.82 4.65 -5.39
CA VAL B 15 14.42 5.64 -6.44
C VAL B 15 15.65 6.41 -6.91
N ALA B 16 16.57 6.73 -6.03
CA ALA B 16 17.79 7.45 -6.48
C ALA B 16 18.34 6.70 -7.69
N ALA B 17 18.26 5.39 -7.66
CA ALA B 17 18.73 4.58 -8.81
C ALA B 17 17.74 4.78 -9.95
N LEU B 18 16.48 4.92 -9.61
CA LEU B 18 15.44 5.14 -10.64
C LEU B 18 15.72 6.47 -11.32
N ASN B 19 15.75 7.52 -10.55
CA ASN B 19 16.03 8.87 -11.10
C ASN B 19 17.28 8.81 -11.97
N ALA B 20 18.28 8.11 -11.52
CA ALA B 20 19.55 8.00 -12.31
C ALA B 20 19.47 6.81 -13.26
N GLY B 21 18.38 6.08 -13.24
CA GLY B 21 18.24 4.91 -14.14
C GLY B 21 19.40 3.94 -13.91
N ASP B 22 19.68 3.63 -12.66
CA ASP B 22 20.78 2.69 -12.36
C ASP B 22 20.23 1.39 -11.77
N LEU B 23 19.96 0.41 -12.58
CA LEU B 23 19.43 -0.86 -12.07
C LEU B 23 20.45 -1.51 -11.12
N ASP B 24 21.66 -1.01 -11.12
CA ASP B 24 22.70 -1.59 -10.23
C ASP B 24 22.33 -1.31 -8.77
N GLY B 25 22.20 -0.07 -8.40
CA GLY B 25 21.84 0.27 -7.01
C GLY B 25 20.50 -0.37 -6.67
N ILE B 26 19.67 -0.55 -7.65
CA ILE B 26 18.34 -1.17 -7.42
C ILE B 26 18.57 -2.64 -7.07
N VAL B 27 19.12 -3.40 -7.98
CA VAL B 27 19.38 -4.82 -7.68
C VAL B 27 20.28 -4.89 -6.44
N ALA B 28 21.19 -3.95 -6.32
CA ALA B 28 22.08 -3.93 -5.14
C ALA B 28 21.20 -3.81 -3.90
N LEU B 29 20.39 -2.79 -3.84
CA LEU B 29 19.48 -2.62 -2.68
C LEU B 29 18.60 -3.87 -2.57
N PHE B 30 18.35 -4.50 -3.69
CA PHE B 30 17.51 -5.72 -3.70
C PHE B 30 18.37 -6.93 -3.31
N ALA B 31 17.93 -7.69 -2.34
CA ALA B 31 18.72 -8.88 -1.92
C ALA B 31 19.16 -9.67 -3.16
N ASP B 32 20.00 -10.65 -2.98
CA ASP B 32 20.47 -11.45 -4.15
C ASP B 32 19.30 -12.23 -4.75
N ASP B 33 18.31 -12.49 -3.96
CA ASP B 33 17.12 -13.24 -4.46
C ASP B 33 15.84 -12.53 -4.01
N ALA B 34 15.79 -11.23 -4.12
CA ALA B 34 14.57 -10.50 -3.70
C ALA B 34 13.44 -10.77 -4.69
N THR B 35 12.35 -10.05 -4.58
CA THR B 35 11.22 -10.27 -5.51
C THR B 35 10.59 -8.91 -5.86
N VAL B 36 9.64 -8.93 -6.75
CA VAL B 36 8.97 -7.66 -7.14
C VAL B 36 7.61 -7.98 -7.75
N GLU B 37 6.54 -7.67 -7.07
CA GLU B 37 5.19 -7.97 -7.62
C GLU B 37 4.75 -6.80 -8.48
N ASP B 38 4.77 -6.97 -9.77
CA ASP B 38 4.37 -5.84 -10.66
C ASP B 38 4.35 -6.31 -12.12
N PRO B 39 3.39 -5.81 -12.88
CA PRO B 39 2.37 -4.86 -12.35
C PRO B 39 1.38 -5.57 -11.43
N VAL B 40 0.30 -4.92 -11.08
CA VAL B 40 -0.70 -5.56 -10.19
C VAL B 40 -1.31 -6.76 -10.89
N GLY B 41 -1.65 -7.79 -10.16
CA GLY B 41 -2.26 -9.00 -10.79
C GLY B 41 -1.34 -9.49 -11.92
N SER B 42 -0.05 -9.31 -11.78
CA SER B 42 0.88 -9.76 -12.85
C SER B 42 1.85 -10.79 -12.27
N GLU B 43 3.00 -10.95 -12.87
CA GLU B 43 3.98 -11.95 -12.35
C GLU B 43 5.29 -11.26 -11.98
N PRO B 44 5.63 -11.34 -10.72
CA PRO B 44 6.89 -10.73 -10.21
C PRO B 44 8.13 -11.40 -10.82
N ARG B 45 9.28 -11.09 -10.29
CA ARG B 45 10.54 -11.69 -10.80
C ARG B 45 11.54 -11.77 -9.64
N SER B 46 11.79 -12.95 -9.13
CA SER B 46 12.73 -13.10 -8.00
C SER B 46 14.14 -13.31 -8.52
N GLY B 47 15.13 -13.02 -7.72
CA GLY B 47 16.54 -13.20 -8.15
C GLY B 47 17.03 -11.93 -8.86
N THR B 48 18.31 -11.72 -8.90
CA THR B 48 18.84 -10.50 -9.57
C THR B 48 18.57 -10.58 -11.07
N ALA B 49 18.76 -11.74 -11.65
CA ALA B 49 18.50 -11.88 -13.11
C ALA B 49 17.03 -11.57 -13.40
N ALA B 50 16.16 -11.88 -12.47
CA ALA B 50 14.71 -11.59 -12.69
C ALA B 50 14.38 -10.18 -12.16
N ILE B 51 14.70 -9.92 -10.92
CA ILE B 51 14.42 -8.58 -10.35
C ILE B 51 15.06 -7.52 -11.26
N ARG B 52 16.28 -7.73 -11.66
CA ARG B 52 16.97 -6.75 -12.55
C ARG B 52 16.32 -6.79 -13.93
N GLU B 53 16.23 -7.96 -14.52
CA GLU B 53 15.61 -8.05 -15.87
C GLU B 53 14.25 -7.35 -15.84
N PHE B 54 13.58 -7.36 -14.73
CA PHE B 54 12.27 -6.68 -14.63
C PHE B 54 12.50 -5.20 -14.42
N PHE B 55 12.98 -4.86 -13.26
CA PHE B 55 13.24 -3.42 -12.96
C PHE B 55 14.02 -2.80 -14.12
N ALA B 56 14.77 -3.60 -14.84
CA ALA B 56 15.53 -3.05 -15.99
C ALA B 56 14.57 -2.81 -17.15
N ASN B 57 13.70 -3.76 -17.41
CA ASN B 57 12.72 -3.58 -18.52
C ASN B 57 11.79 -2.42 -18.17
N SER B 58 11.62 -2.14 -16.91
CA SER B 58 10.74 -1.02 -16.50
C SER B 58 11.47 0.30 -16.77
N LEU B 59 12.76 0.31 -16.51
CA LEU B 59 13.55 1.54 -16.74
C LEU B 59 13.59 1.84 -18.24
N LYS B 60 13.31 0.86 -19.05
CA LYS B 60 13.33 1.07 -20.52
C LYS B 60 12.50 2.31 -20.86
N LEU B 61 11.53 2.64 -20.04
CA LEU B 61 10.71 3.85 -20.32
C LEU B 61 11.34 5.06 -19.64
N PRO B 62 11.71 6.02 -20.44
CA PRO B 62 12.35 7.25 -19.90
C PRO B 62 11.34 8.09 -19.12
N LEU B 63 11.42 8.08 -17.82
CA LEU B 63 10.45 8.87 -17.01
C LEU B 63 11.20 9.57 -15.87
N ALA B 64 10.69 10.67 -15.40
CA ALA B 64 11.38 11.38 -14.27
C ALA B 64 10.82 10.86 -12.95
N VAL B 65 11.67 10.47 -12.05
CA VAL B 65 11.19 9.95 -10.74
C VAL B 65 11.56 10.92 -9.62
N GLU B 66 10.58 11.45 -8.95
CA GLU B 66 10.87 12.41 -7.84
C GLU B 66 9.77 12.31 -6.78
N LEU B 67 9.98 11.55 -5.75
CA LEU B 67 8.94 11.42 -4.69
C LEU B 67 8.38 12.79 -4.34
N THR B 68 7.34 12.83 -3.57
CA THR B 68 6.73 14.15 -3.19
C THR B 68 6.16 14.06 -1.78
N GLN B 69 5.58 12.95 -1.44
CA GLN B 69 4.99 12.79 -0.08
C GLN B 69 6.04 12.18 0.85
N GLU B 70 5.62 11.38 1.79
CA GLU B 70 6.61 10.76 2.74
C GLU B 70 6.62 9.25 2.54
N VAL B 71 7.79 8.67 2.49
CA VAL B 71 7.89 7.19 2.30
C VAL B 71 7.31 6.49 3.53
N ARG B 72 6.83 5.29 3.37
CA ARG B 72 6.24 4.57 4.55
C ARG B 72 7.10 3.35 4.89
N ALA B 73 7.36 3.13 6.15
CA ALA B 73 8.18 1.96 6.58
C ALA B 73 7.75 1.52 7.97
N VAL B 74 7.85 0.26 8.28
CA VAL B 74 7.45 -0.21 9.63
C VAL B 74 8.22 -1.48 10.01
N ALA B 75 7.66 -2.27 10.88
CA ALA B 75 8.31 -3.55 11.34
C ALA B 75 9.32 -4.06 10.32
N ASN B 76 8.93 -4.99 9.48
CA ASN B 76 9.89 -5.54 8.48
C ASN B 76 9.45 -5.22 7.05
N GLU B 77 8.34 -4.56 6.89
CA GLU B 77 7.88 -4.22 5.51
C GLU B 77 8.03 -2.72 5.28
N ALA B 78 7.35 -2.20 4.29
CA ALA B 78 7.44 -0.75 4.00
C ALA B 78 6.55 -0.42 2.80
N ALA B 79 6.19 0.83 2.64
CA ALA B 79 5.33 1.21 1.48
C ALA B 79 5.64 2.66 1.10
N PHE B 80 5.73 2.95 -0.17
CA PHE B 80 6.02 4.35 -0.58
C PHE B 80 5.39 4.64 -1.94
N ALA B 81 5.42 5.87 -2.37
CA ALA B 81 4.81 6.21 -3.68
C ALA B 81 5.61 7.33 -4.35
N PHE B 82 5.07 7.91 -5.39
CA PHE B 82 5.78 9.02 -6.09
C PHE B 82 5.06 9.33 -7.40
N THR B 83 5.67 10.10 -8.25
CA THR B 83 5.02 10.44 -9.54
C THR B 83 5.98 10.16 -10.69
N VAL B 84 5.46 9.68 -11.79
CA VAL B 84 6.35 9.39 -12.95
C VAL B 84 6.00 10.33 -14.11
N SER B 85 6.89 11.21 -14.46
CA SER B 85 6.60 12.15 -15.58
C SER B 85 7.47 11.78 -16.78
N PHE B 86 6.86 11.36 -17.85
CA PHE B 86 7.64 10.99 -19.07
C PHE B 86 6.96 11.54 -20.31
N GLU B 87 7.68 11.64 -21.39
CA GLU B 87 7.06 12.17 -22.65
C GLU B 87 7.53 11.34 -23.85
N PHE B 88 6.74 11.27 -24.88
CA PHE B 88 7.15 10.46 -26.07
C PHE B 88 6.60 11.11 -27.34
N GLN B 89 6.11 12.32 -27.26
CA GLN B 89 5.56 12.99 -28.47
C GLN B 89 5.34 14.47 -28.17
N GLY B 90 4.34 15.06 -28.77
CA GLY B 90 4.08 16.51 -28.52
C GLY B 90 3.40 16.66 -27.15
N ARG B 91 2.76 15.62 -26.69
CA ARG B 91 2.08 15.70 -25.36
C ARG B 91 2.90 14.93 -24.32
N LYS B 92 2.45 14.89 -23.10
CA LYS B 92 3.20 14.15 -22.05
C LYS B 92 2.23 13.59 -21.02
N THR B 93 2.31 12.31 -20.73
CA THR B 93 1.40 11.72 -19.73
C THR B 93 2.17 11.46 -18.43
N VAL B 94 1.54 11.66 -17.30
CA VAL B 94 2.23 11.42 -16.01
C VAL B 94 1.57 10.23 -15.31
N VAL B 95 2.10 9.80 -14.20
CA VAL B 95 1.50 8.64 -13.49
C VAL B 95 1.66 8.83 -11.97
N ALA B 96 0.70 8.39 -11.20
CA ALA B 96 0.80 8.55 -9.72
C ALA B 96 0.46 7.24 -9.01
N PRO B 97 1.34 6.29 -9.13
CA PRO B 97 1.15 4.97 -8.50
C PRO B 97 1.85 4.91 -7.14
N ILE B 98 1.86 3.76 -6.52
CA ILE B 98 2.55 3.61 -5.21
C ILE B 98 3.27 2.27 -5.17
N ASP B 99 4.35 2.17 -4.46
CA ASP B 99 5.08 0.88 -4.40
C ASP B 99 5.05 0.31 -2.99
N HIS B 100 5.30 -0.96 -2.86
CA HIS B 100 5.29 -1.60 -1.51
C HIS B 100 6.69 -2.13 -1.23
N PHE B 101 6.96 -2.49 0.00
CA PHE B 101 8.32 -2.99 0.34
C PHE B 101 8.25 -4.13 1.34
N ARG B 102 9.18 -5.04 1.28
CA ARG B 102 9.19 -6.18 2.24
C ARG B 102 10.64 -6.50 2.61
N PHE B 103 11.05 -6.18 3.81
CA PHE B 103 12.45 -6.47 4.21
C PHE B 103 12.53 -7.87 4.83
N ASN B 104 13.66 -8.25 5.33
CA ASN B 104 13.80 -9.60 5.94
C ASN B 104 14.02 -9.47 7.45
N GLY B 105 14.85 -8.54 7.86
CA GLY B 105 15.10 -8.37 9.31
C GLY B 105 15.80 -7.03 9.54
N ALA B 106 15.58 -6.07 8.69
CA ALA B 106 16.22 -4.74 8.87
C ALA B 106 17.70 -4.84 8.48
N GLY B 107 18.01 -5.60 7.45
CA GLY B 107 19.43 -5.73 7.03
C GLY B 107 19.54 -5.51 5.52
N LYS B 108 18.60 -6.01 4.77
CA LYS B 108 18.65 -5.84 3.29
C LYS B 108 17.22 -5.89 2.73
N VAL B 109 17.10 -5.84 1.43
CA VAL B 109 15.74 -5.89 0.81
C VAL B 109 15.35 -7.35 0.55
N VAL B 110 14.09 -7.62 0.40
CA VAL B 110 13.66 -9.02 0.14
C VAL B 110 12.60 -9.05 -0.96
N SER B 111 11.39 -8.67 -0.65
CA SER B 111 10.33 -8.68 -1.69
C SER B 111 9.72 -7.28 -1.85
N MET B 112 9.07 -7.03 -2.95
CA MET B 112 8.45 -5.69 -3.17
C MET B 112 7.07 -5.86 -3.80
N ARG B 113 6.22 -4.88 -3.68
CA ARG B 113 4.87 -4.99 -4.29
C ARG B 113 4.54 -3.69 -5.03
N ALA B 114 3.77 -3.76 -6.07
CA ALA B 114 3.42 -2.53 -6.83
C ALA B 114 1.89 -2.39 -6.93
N LEU B 115 1.37 -1.23 -6.64
CA LEU B 115 -0.10 -1.03 -6.73
C LEU B 115 -0.40 0.25 -7.51
N PHE B 116 -1.46 0.22 -8.28
CA PHE B 116 -1.84 1.42 -9.08
C PHE B 116 -2.97 1.02 -10.03
N GLY B 117 -3.14 1.77 -11.08
CA GLY B 117 -4.22 1.44 -12.05
C GLY B 117 -4.40 2.59 -13.03
N GLU B 118 -5.35 2.48 -13.92
CA GLU B 118 -5.58 3.57 -14.91
C GLU B 118 -6.18 4.79 -14.19
N LYS B 119 -6.48 4.65 -12.93
CA LYS B 119 -7.06 5.78 -12.16
C LYS B 119 -5.94 6.59 -11.55
N ASN B 120 -4.88 5.93 -11.22
CA ASN B 120 -3.71 6.63 -10.59
C ASN B 120 -2.77 7.15 -11.68
N ILE B 121 -3.17 7.04 -12.92
CA ILE B 121 -2.30 7.54 -14.03
C ILE B 121 -2.67 8.99 -14.31
N HIS B 122 -2.29 9.51 -15.45
CA HIS B 122 -2.62 10.92 -15.77
C HIS B 122 -2.75 11.10 -17.28
N ALA B 123 -3.50 12.07 -17.73
CA ALA B 123 -3.67 12.28 -19.19
C ALA B 123 -4.03 13.74 -19.45
N GLY B 124 -3.06 14.59 -19.57
CA GLY B 124 -3.35 16.03 -19.83
C GLY B 124 -2.56 16.51 -21.05
N ALA B 125 -2.98 17.57 -21.66
CA ALA B 125 -2.25 18.09 -22.86
C ALA B 125 -1.74 19.50 -22.58
N MET A 1 -12.42 4.35 -18.54
CA MET A 1 -12.31 5.09 -17.23
C MET A 1 -12.64 4.15 -16.07
N ASN A 2 -11.65 3.47 -15.54
CA ASN A 2 -11.91 2.55 -14.40
C ASN A 2 -12.71 3.28 -13.33
N THR A 3 -13.96 2.93 -13.17
CA THR A 3 -14.80 3.61 -12.13
C THR A 3 -14.50 3.01 -10.76
N PRO A 4 -13.88 3.80 -9.92
CA PRO A 4 -13.54 3.33 -8.56
C PRO A 4 -14.82 3.22 -7.71
N GLU A 5 -15.94 3.60 -8.26
CA GLU A 5 -17.21 3.51 -7.49
C GLU A 5 -17.43 2.07 -7.03
N HIS A 6 -17.16 1.12 -7.88
CA HIS A 6 -17.34 -0.31 -7.50
C HIS A 6 -16.27 -0.69 -6.49
N MET A 7 -15.03 -0.65 -6.88
CA MET A 7 -13.93 -1.00 -5.96
C MET A 7 -14.04 -0.15 -4.69
N THR A 8 -14.51 1.05 -4.82
CA THR A 8 -14.65 1.94 -3.63
C THR A 8 -15.72 1.37 -2.70
N ALA A 9 -16.74 0.77 -3.26
CA ALA A 9 -17.81 0.19 -2.39
C ALA A 9 -17.16 -0.74 -1.37
N VAL A 10 -16.26 -1.59 -1.81
CA VAL A 10 -15.60 -2.51 -0.85
C VAL A 10 -14.89 -1.66 0.20
N VAL A 11 -14.65 -0.41 -0.09
CA VAL A 11 -13.98 0.49 0.90
C VAL A 11 -15.04 1.17 1.75
N GLN A 12 -16.10 1.62 1.15
CA GLN A 12 -17.18 2.28 1.91
C GLN A 12 -17.75 1.29 2.91
N ARG A 13 -18.50 0.37 2.39
CA ARG A 13 -19.10 -0.69 3.24
C ARG A 13 -18.05 -1.17 4.23
N TYR A 14 -16.87 -1.41 3.75
CA TYR A 14 -15.76 -1.87 4.63
C TYR A 14 -15.69 -0.95 5.84
N VAL A 15 -15.81 0.34 5.64
CA VAL A 15 -15.76 1.28 6.79
C VAL A 15 -17.17 1.46 7.35
N ALA A 16 -18.17 1.53 6.51
CA ALA A 16 -19.56 1.68 7.04
C ALA A 16 -19.74 0.65 8.15
N ALA A 17 -19.15 -0.50 7.98
CA ALA A 17 -19.24 -1.55 9.03
C ALA A 17 -18.34 -1.13 10.18
N LEU A 18 -17.24 -0.50 9.86
CA LEU A 18 -16.30 -0.01 10.91
C LEU A 18 -17.02 1.03 11.76
N ASN A 19 -17.48 2.07 11.11
CA ASN A 19 -18.21 3.14 11.84
C ASN A 19 -19.33 2.51 12.67
N ALA A 20 -20.05 1.60 12.08
CA ALA A 20 -21.16 0.92 12.81
C ALA A 20 -20.62 -0.32 13.54
N GLY A 21 -19.33 -0.46 13.59
CA GLY A 21 -18.74 -1.65 14.28
C GLY A 21 -19.49 -2.91 13.83
N ASP A 22 -20.01 -2.90 12.63
CA ASP A 22 -20.76 -4.09 12.14
C ASP A 22 -19.81 -5.02 11.39
N LEU A 23 -18.81 -5.53 12.06
CA LEU A 23 -17.85 -6.46 11.40
C LEU A 23 -18.65 -7.48 10.60
N ASP A 24 -19.76 -7.91 11.14
CA ASP A 24 -20.61 -8.91 10.43
C ASP A 24 -20.64 -8.57 8.94
N GLY A 25 -20.52 -7.31 8.62
CA GLY A 25 -20.52 -6.90 7.19
C GLY A 25 -19.09 -6.94 6.68
N ILE A 26 -18.17 -6.55 7.51
CA ILE A 26 -16.74 -6.57 7.10
C ILE A 26 -16.37 -8.00 6.72
N VAL A 27 -16.59 -8.92 7.62
CA VAL A 27 -16.29 -10.34 7.30
C VAL A 27 -17.03 -10.71 6.02
N ALA A 28 -18.25 -10.23 5.89
CA ALA A 28 -19.03 -10.50 4.65
C ALA A 28 -18.23 -10.01 3.46
N LEU A 29 -17.81 -8.78 3.50
CA LEU A 29 -16.99 -8.22 2.38
C LEU A 29 -15.63 -8.91 2.36
N PHE A 30 -15.29 -9.59 3.42
CA PHE A 30 -13.97 -10.29 3.48
C PHE A 30 -14.14 -11.74 3.05
N ALA A 31 -13.48 -12.15 2.00
CA ALA A 31 -13.60 -13.55 1.54
C ALA A 31 -13.48 -14.50 2.73
N ASP A 32 -13.74 -15.76 2.53
CA ASP A 32 -13.64 -16.73 3.66
C ASP A 32 -12.17 -16.99 3.99
N ASP A 33 -11.32 -16.80 3.03
CA ASP A 33 -9.88 -17.01 3.27
C ASP A 33 -9.12 -15.72 2.98
N ALA A 34 -9.65 -14.60 3.40
CA ALA A 34 -8.96 -13.30 3.14
C ALA A 34 -7.72 -13.18 4.04
N THR A 35 -6.75 -12.42 3.61
CA THR A 35 -5.52 -12.26 4.43
C THR A 35 -5.44 -10.81 4.93
N VAL A 36 -4.68 -10.57 5.96
CA VAL A 36 -4.57 -9.19 6.50
C VAL A 36 -3.17 -8.99 7.09
N GLU A 37 -2.81 -7.77 7.39
CA GLU A 37 -1.47 -7.49 7.97
C GLU A 37 -1.59 -6.30 8.90
N ASP A 38 -1.45 -6.52 10.19
CA ASP A 38 -1.60 -5.36 11.13
C ASP A 38 -1.36 -5.83 12.57
N PRO A 39 -0.84 -4.94 13.39
CA PRO A 39 -0.52 -3.55 12.95
C PRO A 39 0.74 -3.53 12.08
N VAL A 40 1.08 -2.38 11.55
CA VAL A 40 2.29 -2.29 10.69
C VAL A 40 3.43 -3.10 11.32
N GLY A 41 3.97 -4.04 10.60
CA GLY A 41 5.08 -4.85 11.16
C GLY A 41 4.61 -6.29 11.35
N SER A 42 4.07 -6.90 10.33
CA SER A 42 3.59 -8.31 10.45
C SER A 42 2.24 -8.33 11.17
N GLU A 43 1.94 -9.41 11.85
CA GLU A 43 0.65 -9.54 12.57
C GLU A 43 -0.51 -9.61 11.56
N PRO A 44 -0.41 -10.54 10.65
CA PRO A 44 -1.45 -10.75 9.63
C PRO A 44 -2.55 -11.67 10.16
N ARG A 45 -3.60 -11.85 9.39
CA ARG A 45 -4.71 -12.74 9.82
C ARG A 45 -5.37 -13.31 8.57
N SER A 46 -5.18 -14.57 8.30
CA SER A 46 -5.79 -15.16 7.08
C SER A 46 -7.00 -16.02 7.44
N GLY A 47 -8.06 -15.91 6.69
CA GLY A 47 -9.28 -16.72 6.97
C GLY A 47 -10.34 -15.86 7.66
N THR A 48 -11.58 -16.27 7.58
CA THR A 48 -12.67 -15.48 8.23
C THR A 48 -12.42 -15.41 9.73
N ALA A 49 -12.44 -16.52 10.41
CA ALA A 49 -12.18 -16.50 11.87
C ALA A 49 -10.97 -15.62 12.16
N ALA A 50 -10.09 -15.48 11.20
CA ALA A 50 -8.89 -14.64 11.41
C ALA A 50 -9.22 -13.18 11.07
N ILE A 51 -9.74 -12.93 9.91
CA ILE A 51 -10.09 -11.53 9.52
C ILE A 51 -11.03 -10.94 10.57
N ARG A 52 -12.06 -11.65 10.91
CA ARG A 52 -13.01 -11.14 11.94
C ARG A 52 -12.32 -11.10 13.30
N GLU A 53 -11.74 -12.20 13.72
CA GLU A 53 -11.05 -12.21 15.03
C GLU A 53 -10.08 -11.03 15.09
N PHE A 54 -9.52 -10.67 13.96
CA PHE A 54 -8.58 -9.52 13.91
C PHE A 54 -9.39 -8.24 13.80
N PHE A 55 -9.99 -8.01 12.68
CA PHE A 55 -10.80 -6.78 12.49
C PHE A 55 -11.68 -6.59 13.72
N ALA A 56 -12.08 -7.67 14.34
CA ALA A 56 -12.93 -7.54 15.56
C ALA A 56 -12.09 -6.90 16.67
N ASN A 57 -10.89 -7.35 16.85
CA ASN A 57 -10.02 -6.75 17.91
C ASN A 57 -9.82 -5.27 17.58
N SER A 58 -9.72 -4.94 16.32
CA SER A 58 -9.54 -3.52 15.92
C SER A 58 -10.82 -2.75 16.23
N LEU A 59 -11.94 -3.40 16.07
CA LEU A 59 -13.24 -2.73 16.36
C LEU A 59 -13.32 -2.42 17.85
N LYS A 60 -12.53 -3.10 18.64
CA LYS A 60 -12.55 -2.84 20.11
C LYS A 60 -11.98 -1.45 20.38
N LEU A 61 -11.48 -0.79 19.37
CA LEU A 61 -10.92 0.58 19.55
C LEU A 61 -12.06 1.59 19.34
N PRO A 62 -12.48 2.20 20.41
CA PRO A 62 -13.60 3.17 20.36
C PRO A 62 -13.17 4.50 19.72
N LEU A 63 -13.34 4.64 18.43
CA LEU A 63 -12.97 5.92 17.76
C LEU A 63 -14.01 6.26 16.70
N ALA A 64 -13.84 7.37 16.03
CA ALA A 64 -14.82 7.76 14.98
C ALA A 64 -14.19 7.48 13.61
N VAL A 65 -14.90 6.79 12.76
CA VAL A 65 -14.34 6.48 11.41
C VAL A 65 -15.14 7.22 10.34
N GLU A 66 -14.51 8.16 9.68
CA GLU A 66 -15.23 8.92 8.62
C GLU A 66 -14.22 9.36 7.56
N LEU A 67 -14.10 8.62 6.49
CA LEU A 67 -13.13 9.01 5.42
C LEU A 67 -13.24 10.51 5.14
N THR A 68 -12.33 11.04 4.38
CA THR A 68 -12.38 12.50 4.07
C THR A 68 -11.85 12.74 2.65
N GLN A 69 -10.84 12.03 2.28
CA GLN A 69 -10.27 12.20 0.91
C GLN A 69 -10.97 11.24 -0.05
N GLU A 70 -10.27 10.77 -1.05
CA GLU A 70 -10.91 9.84 -2.02
C GLU A 70 -10.19 8.48 -1.97
N VAL A 71 -10.94 7.42 -1.88
CA VAL A 71 -10.33 6.07 -1.83
C VAL A 71 -9.53 5.84 -3.13
N ARG A 72 -8.47 5.08 -3.06
CA ARG A 72 -7.66 4.83 -4.28
C ARG A 72 -7.77 3.36 -4.69
N ALA A 73 -8.69 3.03 -5.54
CA ALA A 73 -8.85 1.60 -5.96
C ALA A 73 -8.37 1.43 -7.40
N VAL A 74 -7.83 0.28 -7.73
CA VAL A 74 -7.35 0.05 -9.12
C VAL A 74 -7.21 -1.44 -9.39
N ALA A 75 -7.35 -1.83 -10.63
CA ALA A 75 -7.20 -3.26 -10.98
C ALA A 75 -7.89 -4.14 -9.92
N ASN A 76 -7.35 -5.29 -9.64
CA ASN A 76 -7.99 -6.17 -8.63
C ASN A 76 -7.53 -5.79 -7.23
N GLU A 77 -6.76 -4.75 -7.11
CA GLU A 77 -6.28 -4.32 -5.75
C GLU A 77 -6.90 -2.98 -5.40
N ALA A 78 -6.32 -2.28 -4.46
CA ALA A 78 -6.87 -0.95 -4.07
C ALA A 78 -6.11 -0.41 -2.86
N ALA A 79 -6.23 0.87 -2.62
CA ALA A 79 -5.53 1.50 -1.46
C ALA A 79 -6.37 2.70 -1.00
N PHE A 80 -6.60 2.83 0.28
CA PHE A 80 -7.42 3.97 0.76
C PHE A 80 -6.99 4.40 2.15
N ALA A 81 -7.45 5.54 2.60
CA ALA A 81 -7.07 6.02 3.95
C ALA A 81 -8.27 6.69 4.62
N PHE A 82 -8.18 6.95 5.89
CA PHE A 82 -9.32 7.60 6.61
C PHE A 82 -8.79 8.25 7.89
N THR A 83 -9.68 8.75 8.70
CA THR A 83 -9.24 9.39 9.97
C THR A 83 -9.91 8.69 11.16
N VAL A 84 -9.18 8.51 12.22
CA VAL A 84 -9.77 7.84 13.41
C VAL A 84 -9.68 8.78 14.62
N SER A 85 -10.80 9.21 15.15
CA SER A 85 -10.76 10.13 16.32
C SER A 85 -11.42 9.47 17.53
N PHE A 86 -10.75 9.45 18.65
CA PHE A 86 -11.35 8.82 19.86
C PHE A 86 -10.92 9.62 21.10
N GLU A 87 -11.50 9.33 22.23
CA GLU A 87 -11.13 10.07 23.47
C GLU A 87 -10.24 9.20 24.36
N PHE A 88 -9.46 9.80 25.21
CA PHE A 88 -8.56 9.01 26.10
C PHE A 88 -8.96 9.26 27.56
N GLN A 89 -8.09 8.96 28.49
CA GLN A 89 -8.42 9.18 29.92
C GLN A 89 -7.85 10.53 30.37
N GLY A 90 -8.48 11.61 29.99
CA GLY A 90 -7.97 12.95 30.42
C GLY A 90 -7.55 13.75 29.18
N ARG A 91 -7.45 13.12 28.05
CA ARG A 91 -7.03 13.85 26.82
C ARG A 91 -7.68 13.20 25.59
N LYS A 92 -7.69 13.88 24.48
CA LYS A 92 -8.30 13.30 23.25
C LYS A 92 -7.21 12.93 22.25
N THR A 93 -7.45 11.95 21.43
CA THR A 93 -6.43 11.51 20.45
C THR A 93 -7.09 11.24 19.09
N VAL A 94 -6.33 11.33 18.03
CA VAL A 94 -6.91 11.05 16.68
C VAL A 94 -5.86 10.29 15.87
N VAL A 95 -6.22 9.78 14.72
CA VAL A 95 -5.22 9.01 13.92
C VAL A 95 -5.49 9.22 12.42
N ALA A 96 -4.45 9.25 11.63
CA ALA A 96 -4.64 9.45 10.16
C ALA A 96 -3.73 8.48 9.39
N PRO A 97 -4.10 7.23 9.42
CA PRO A 97 -3.32 6.17 8.73
C PRO A 97 -3.90 5.89 7.35
N ILE A 98 -3.42 4.86 6.69
CA ILE A 98 -3.95 4.49 5.35
C ILE A 98 -4.04 2.97 5.26
N ASP A 99 -5.02 2.46 4.55
CA ASP A 99 -5.15 0.99 4.43
C ASP A 99 -5.01 0.57 2.96
N HIS A 100 -4.73 -0.68 2.72
CA HIS A 100 -4.59 -1.15 1.33
C HIS A 100 -5.77 -2.06 0.99
N PHE A 101 -5.82 -2.59 -0.20
CA PHE A 101 -6.96 -3.45 -0.56
C PHE A 101 -6.53 -4.50 -1.59
N ARG A 102 -7.12 -5.65 -1.53
CA ARG A 102 -6.78 -6.73 -2.50
C ARG A 102 -8.06 -7.46 -2.90
N PHE A 103 -8.59 -7.17 -4.06
CA PHE A 103 -9.84 -7.85 -4.50
C PHE A 103 -9.50 -9.13 -5.26
N ASN A 104 -10.49 -9.79 -5.79
CA ASN A 104 -10.23 -11.06 -6.54
C ASN A 104 -10.86 -10.96 -7.94
N GLY A 105 -11.99 -10.31 -8.02
CA GLY A 105 -12.67 -10.17 -9.35
C GLY A 105 -13.57 -8.93 -9.35
N ALA A 106 -14.56 -8.92 -8.50
CA ALA A 106 -15.47 -7.74 -8.45
C ALA A 106 -16.75 -8.12 -7.68
N GLY A 107 -16.62 -8.49 -6.44
CA GLY A 107 -17.82 -8.87 -5.65
C GLY A 107 -17.52 -8.72 -4.16
N LYS A 108 -16.47 -9.33 -3.69
CA LYS A 108 -16.13 -9.22 -2.25
C LYS A 108 -14.66 -8.83 -2.09
N VAL A 109 -14.13 -8.95 -0.90
CA VAL A 109 -12.71 -8.59 -0.67
C VAL A 109 -11.90 -9.85 -0.43
N VAL A 110 -10.61 -9.80 -0.59
CA VAL A 110 -9.79 -11.03 -0.37
C VAL A 110 -8.58 -10.70 0.52
N SER A 111 -7.73 -9.83 0.08
CA SER A 111 -6.54 -9.50 0.91
C SER A 111 -6.50 -8.00 1.21
N MET A 112 -5.84 -7.61 2.27
CA MET A 112 -5.77 -6.17 2.63
C MET A 112 -4.47 -5.90 3.38
N ARG A 113 -4.00 -4.68 3.38
CA ARG A 113 -2.74 -4.35 4.10
C ARG A 113 -2.90 -3.00 4.82
N ALA A 114 -2.54 -2.92 6.07
CA ALA A 114 -2.68 -1.64 6.80
C ALA A 114 -1.38 -0.86 6.71
N LEU A 115 -1.45 0.39 6.32
CA LEU A 115 -0.21 1.21 6.23
C LEU A 115 -0.39 2.50 7.00
N PHE A 116 0.67 2.95 7.63
CA PHE A 116 0.62 4.21 8.43
C PHE A 116 1.90 4.30 9.24
N GLY A 117 1.86 4.98 10.34
CA GLY A 117 3.08 5.10 11.18
C GLY A 117 2.90 6.19 12.23
N GLU A 118 3.69 6.18 13.27
CA GLU A 118 3.56 7.22 14.32
C GLU A 118 3.36 8.60 13.69
N LYS A 119 3.83 8.76 12.48
CA LYS A 119 3.67 10.07 11.78
C LYS A 119 2.22 10.27 11.40
N ASN A 120 1.55 9.22 11.06
CA ASN A 120 0.12 9.34 10.65
C ASN A 120 -0.78 9.20 11.87
N ILE A 121 -0.22 9.05 13.03
CA ILE A 121 -1.05 8.92 14.26
C ILE A 121 -1.26 10.31 14.85
N HIS A 122 -1.83 10.41 16.02
CA HIS A 122 -2.04 11.74 16.64
C HIS A 122 -2.03 11.62 18.16
N ALA A 123 -1.48 12.59 18.84
CA ALA A 123 -1.45 12.52 20.33
C ALA A 123 -1.36 13.93 20.90
N GLY A 124 -2.37 14.37 21.60
CA GLY A 124 -2.34 15.74 22.18
C GLY A 124 -3.77 16.20 22.48
N ALA A 125 -4.22 17.23 21.82
CA ALA A 125 -5.60 17.72 22.06
C ALA A 125 -6.50 17.34 20.88
N MET B 1 10.59 2.38 19.10
CA MET B 1 11.83 2.57 18.31
C MET B 1 11.60 2.19 16.84
N ASN B 2 11.37 3.17 15.99
CA ASN B 2 11.12 2.86 14.55
C ASN B 2 11.62 4.02 13.69
N THR B 3 12.91 4.22 13.64
CA THR B 3 13.46 5.32 12.81
C THR B 3 13.22 5.02 11.33
N PRO B 4 12.37 5.81 10.73
CA PRO B 4 12.05 5.62 9.29
C PRO B 4 13.21 6.14 8.43
N GLU B 5 14.24 6.63 9.04
CA GLU B 5 15.41 7.15 8.25
C GLU B 5 16.07 5.99 7.49
N HIS B 6 16.50 4.99 8.20
CA HIS B 6 17.16 3.83 7.54
C HIS B 6 16.19 3.18 6.55
N MET B 7 14.99 2.92 6.99
CA MET B 7 13.99 2.29 6.10
C MET B 7 13.71 3.20 4.90
N THR B 8 14.10 4.44 4.99
CA THR B 8 13.86 5.37 3.85
C THR B 8 14.94 5.18 2.79
N ALA B 9 16.16 4.96 3.22
CA ALA B 9 17.25 4.76 2.23
C ALA B 9 16.82 3.69 1.23
N VAL B 10 16.21 2.63 1.71
CA VAL B 10 15.75 1.57 0.79
C VAL B 10 14.89 2.21 -0.31
N VAL B 11 14.32 3.35 -0.02
CA VAL B 11 13.47 4.04 -1.04
C VAL B 11 14.35 4.92 -1.93
N GLN B 12 15.24 5.66 -1.33
CA GLN B 12 16.14 6.54 -2.13
C GLN B 12 16.89 5.68 -3.11
N ARG B 13 17.83 4.95 -2.59
CA ARG B 13 18.63 4.04 -3.44
C ARG B 13 17.69 3.31 -4.40
N TYR B 14 16.60 2.83 -3.87
CA TYR B 14 15.61 2.11 -4.73
C TYR B 14 15.34 2.96 -5.97
N VAL B 15 15.19 4.25 -5.80
CA VAL B 15 14.93 5.13 -6.97
C VAL B 15 16.28 5.60 -7.54
N ALA B 16 17.22 5.92 -6.70
CA ALA B 16 18.55 6.36 -7.22
C ALA B 16 18.97 5.34 -8.28
N ALA B 17 18.66 4.09 -8.06
CA ALA B 17 19.00 3.05 -9.07
C ALA B 17 18.04 3.21 -10.23
N LEU B 18 16.81 3.56 -9.95
CA LEU B 18 15.81 3.77 -11.01
C LEU B 18 16.31 4.91 -11.90
N ASN B 19 16.51 6.06 -11.32
CA ASN B 19 17.02 7.23 -12.09
C ASN B 19 18.25 6.81 -12.88
N ALA B 20 19.10 6.02 -12.28
CA ALA B 20 20.33 5.57 -12.98
C ALA B 20 20.04 4.27 -13.74
N GLY B 21 18.81 3.84 -13.75
CA GLY B 21 18.46 2.59 -14.48
C GLY B 21 19.48 1.51 -14.11
N ASP B 22 19.92 1.50 -12.88
CA ASP B 22 20.91 0.48 -12.46
C ASP B 22 20.19 -0.69 -11.76
N LEU B 23 19.58 -1.56 -12.51
CA LEU B 23 18.88 -2.71 -11.90
C LEU B 23 19.80 -3.42 -10.91
N ASP B 24 21.08 -3.24 -11.04
CA ASP B 24 22.03 -3.90 -10.10
C ASP B 24 21.78 -3.42 -8.68
N GLY B 25 21.80 -2.12 -8.47
CA GLY B 25 21.56 -1.60 -7.09
C GLY B 25 20.13 -1.93 -6.68
N ILE B 26 19.23 -1.93 -7.60
CA ILE B 26 17.82 -2.26 -7.27
C ILE B 26 17.78 -3.70 -6.75
N VAL B 27 18.26 -4.63 -7.53
CA VAL B 27 18.29 -6.04 -7.08
C VAL B 27 19.19 -6.12 -5.85
N ALA B 28 20.31 -5.46 -5.90
CA ALA B 28 21.23 -5.46 -4.74
C ALA B 28 20.46 -5.00 -3.51
N LEU B 29 19.77 -3.91 -3.63
CA LEU B 29 18.96 -3.39 -2.49
C LEU B 29 17.79 -4.33 -2.23
N PHE B 30 17.48 -5.17 -3.18
CA PHE B 30 16.35 -6.12 -3.01
C PHE B 30 16.86 -7.42 -2.42
N ALA B 31 16.12 -8.01 -1.52
CA ALA B 31 16.58 -9.30 -0.92
C ALA B 31 17.00 -10.27 -2.02
N ASP B 32 17.47 -11.44 -1.65
CA ASP B 32 17.88 -12.43 -2.68
C ASP B 32 16.66 -12.89 -3.48
N ASP B 33 15.51 -12.78 -2.89
CA ASP B 33 14.27 -13.21 -3.60
C ASP B 33 13.12 -12.31 -3.16
N ALA B 34 13.32 -11.02 -3.14
CA ALA B 34 12.24 -10.09 -2.73
C ALA B 34 11.03 -10.27 -3.65
N THR B 35 9.90 -9.73 -3.28
CA THR B 35 8.68 -9.87 -4.14
C THR B 35 8.35 -8.51 -4.77
N VAL B 36 7.52 -8.51 -5.77
CA VAL B 36 7.15 -7.23 -6.43
C VAL B 36 5.77 -7.37 -7.09
N GLU B 37 4.80 -6.63 -6.62
CA GLU B 37 3.44 -6.70 -7.22
C GLU B 37 3.32 -5.59 -8.24
N ASP B 38 3.27 -5.92 -9.50
CA ASP B 38 3.20 -4.86 -10.53
C ASP B 38 3.11 -5.49 -11.93
N PRO B 39 2.33 -4.89 -12.81
CA PRO B 39 1.55 -3.66 -12.46
C PRO B 39 0.37 -4.00 -11.56
N VAL B 40 -0.34 -3.00 -11.11
CA VAL B 40 -1.52 -3.25 -10.22
C VAL B 40 -2.50 -4.17 -10.92
N GLY B 41 -2.70 -5.35 -10.40
CA GLY B 41 -3.66 -6.30 -11.04
C GLY B 41 -2.96 -7.04 -12.17
N SER B 42 -1.88 -7.73 -11.87
CA SER B 42 -1.15 -8.47 -12.93
C SER B 42 -0.50 -9.71 -12.34
N GLU B 43 0.80 -9.69 -12.14
CA GLU B 43 1.48 -10.88 -11.57
C GLU B 43 2.90 -10.52 -11.11
N PRO B 44 3.09 -10.52 -9.82
CA PRO B 44 4.42 -10.20 -9.24
C PRO B 44 5.46 -11.27 -9.61
N ARG B 45 6.67 -11.09 -9.17
CA ARG B 45 7.74 -12.09 -9.47
C ARG B 45 8.76 -12.06 -8.33
N SER B 46 8.72 -13.04 -7.46
CA SER B 46 9.67 -13.07 -6.32
C SER B 46 10.94 -13.81 -6.72
N GLY B 47 12.06 -13.45 -6.14
CA GLY B 47 13.34 -14.14 -6.47
C GLY B 47 14.30 -13.12 -7.08
N THR B 48 15.57 -13.38 -7.02
CA THR B 48 16.56 -12.43 -7.61
C THR B 48 16.18 -12.16 -9.06
N ALA B 49 16.40 -13.12 -9.93
CA ALA B 49 16.05 -12.92 -11.36
C ALA B 49 14.60 -12.45 -11.46
N ALA B 50 13.76 -12.90 -10.57
CA ALA B 50 12.33 -12.49 -10.62
C ALA B 50 12.21 -11.02 -10.21
N ILE B 51 13.15 -10.52 -9.46
CA ILE B 51 13.09 -9.09 -9.03
C ILE B 51 13.80 -8.22 -10.08
N ARG B 52 14.88 -8.71 -10.64
CA ARG B 52 15.61 -7.92 -11.66
C ARG B 52 14.89 -8.04 -13.00
N GLU B 53 14.75 -9.24 -13.51
CA GLU B 53 14.05 -9.41 -14.81
C GLU B 53 12.77 -8.57 -14.79
N PHE B 54 12.23 -8.34 -13.62
CA PHE B 54 10.99 -7.53 -13.51
C PHE B 54 11.38 -6.06 -13.43
N PHE B 55 11.96 -5.68 -12.34
CA PHE B 55 12.38 -4.26 -12.17
C PHE B 55 13.22 -3.83 -13.36
N ALA B 56 13.78 -4.78 -14.08
CA ALA B 56 14.60 -4.43 -15.27
C ALA B 56 13.66 -4.18 -16.44
N ASN B 57 12.66 -5.01 -16.61
CA ASN B 57 11.70 -4.81 -17.72
C ASN B 57 11.00 -3.48 -17.51
N SER B 58 10.69 -3.14 -16.28
CA SER B 58 10.03 -1.84 -16.00
C SER B 58 10.97 -0.72 -16.44
N LEU B 59 12.25 -0.94 -16.34
CA LEU B 59 13.24 0.08 -16.75
C LEU B 59 13.23 0.21 -18.28
N LYS B 60 12.87 -0.83 -18.97
CA LYS B 60 12.84 -0.76 -20.45
C LYS B 60 12.09 0.50 -20.88
N LEU B 61 11.25 1.01 -20.03
CA LEU B 61 10.50 2.24 -20.38
C LEU B 61 11.33 3.46 -19.94
N PRO B 62 11.79 4.22 -20.90
CA PRO B 62 12.63 5.41 -20.60
C PRO B 62 11.78 6.51 -19.96
N LEU B 63 11.96 6.74 -18.69
CA LEU B 63 11.16 7.80 -18.01
C LEU B 63 12.05 8.57 -17.03
N ALA B 64 11.54 9.61 -16.46
CA ALA B 64 12.34 10.39 -15.48
C ALA B 64 11.83 10.08 -14.07
N VAL B 65 12.71 9.69 -13.19
CA VAL B 65 12.26 9.34 -11.81
C VAL B 65 12.79 10.38 -10.81
N GLU B 66 11.93 11.15 -10.23
CA GLU B 66 12.37 12.16 -9.23
C GLU B 66 11.26 12.40 -8.21
N LEU B 67 11.33 11.74 -7.08
CA LEU B 67 10.27 11.92 -6.05
C LEU B 67 9.93 13.40 -5.89
N THR B 68 8.88 13.69 -5.17
CA THR B 68 8.49 15.12 -4.97
C THR B 68 7.90 15.30 -3.58
N GLN B 69 7.15 14.35 -3.13
CA GLN B 69 6.54 14.45 -1.77
C GLN B 69 7.45 13.75 -0.75
N GLU B 70 6.88 13.14 0.25
CA GLU B 70 7.72 12.45 1.27
C GLU B 70 7.45 10.95 1.23
N VAL B 71 8.48 10.15 1.22
CA VAL B 71 8.29 8.68 1.19
C VAL B 71 7.68 8.22 2.52
N ARG B 72 6.88 7.19 2.49
CA ARG B 72 6.25 6.71 3.76
C ARG B 72 6.97 5.44 4.23
N ALA B 73 7.19 5.33 5.52
CA ALA B 73 7.88 4.13 6.07
C ALA B 73 7.35 3.85 7.47
N VAL B 74 7.29 2.59 7.86
CA VAL B 74 6.77 2.26 9.22
C VAL B 74 7.63 1.18 9.85
N ALA B 75 7.07 0.46 10.78
CA ALA B 75 7.83 -0.63 11.47
C ALA B 75 8.71 -1.38 10.48
N ASN B 76 8.18 -2.39 9.84
CA ASN B 76 9.01 -3.17 8.87
C ASN B 76 8.44 -3.05 7.46
N GLU B 77 7.66 -2.03 7.21
CA GLU B 77 7.08 -1.86 5.84
C GLU B 77 7.36 -0.44 5.35
N ALA B 78 6.61 0.01 4.38
CA ALA B 78 6.83 1.38 3.86
C ALA B 78 5.99 1.60 2.60
N ALA B 79 5.70 2.82 2.28
CA ALA B 79 4.90 3.13 1.06
C ALA B 79 5.34 4.49 0.52
N PHE B 80 5.51 4.62 -0.76
CA PHE B 80 5.94 5.93 -1.30
C PHE B 80 5.41 6.14 -2.72
N ALA B 81 5.52 7.34 -3.22
CA ALA B 81 5.03 7.63 -4.59
C ALA B 81 5.94 8.67 -5.24
N PHE B 82 5.78 8.90 -6.52
CA PHE B 82 6.62 9.90 -7.21
C PHE B 82 6.02 10.22 -8.59
N THR B 83 6.75 10.91 -9.40
CA THR B 83 6.22 11.24 -10.76
C THR B 83 7.18 10.70 -11.81
N VAL B 84 6.65 10.19 -12.89
CA VAL B 84 7.52 9.64 -13.97
C VAL B 84 7.12 10.25 -15.31
N SER B 85 7.97 11.06 -15.88
CA SER B 85 7.63 11.68 -17.20
C SER B 85 8.41 10.98 -18.31
N PHE B 86 7.72 10.44 -19.28
CA PHE B 86 8.43 9.74 -20.39
C PHE B 86 7.79 10.11 -21.73
N GLU B 87 8.41 9.71 -22.80
CA GLU B 87 7.85 10.02 -24.15
C GLU B 87 8.26 8.92 -25.13
N PHE B 88 7.46 8.67 -26.13
CA PHE B 88 7.81 7.60 -27.10
C PHE B 88 7.50 8.08 -28.53
N GLN B 89 7.05 9.30 -28.68
CA GLN B 89 6.73 9.82 -30.03
C GLN B 89 6.47 11.33 -29.95
N GLY B 90 6.05 11.93 -31.02
CA GLY B 90 5.78 13.39 -30.99
C GLY B 90 4.97 13.72 -29.73
N ARG B 91 4.23 12.76 -29.24
CA ARG B 91 3.41 13.02 -28.02
C ARG B 91 4.13 12.45 -26.80
N LYS B 92 4.25 13.22 -25.75
CA LYS B 92 4.95 12.72 -24.53
C LYS B 92 3.92 12.43 -23.45
N THR B 93 4.12 11.38 -22.70
CA THR B 93 3.14 11.03 -21.63
C THR B 93 3.85 11.04 -20.27
N VAL B 94 3.16 11.42 -19.22
CA VAL B 94 3.79 11.44 -17.88
C VAL B 94 3.09 10.39 -17.00
N VAL B 95 3.62 10.13 -15.84
CA VAL B 95 2.99 9.10 -14.96
C VAL B 95 3.06 9.53 -13.50
N ALA B 96 2.05 9.22 -12.74
CA ALA B 96 2.04 9.60 -11.30
C ALA B 96 1.48 8.44 -10.46
N PRO B 97 2.26 7.40 -10.35
CA PRO B 97 1.85 6.19 -9.60
C PRO B 97 2.41 6.22 -8.17
N ILE B 98 2.18 5.16 -7.44
CA ILE B 98 2.69 5.07 -6.04
C ILE B 98 3.23 3.66 -5.81
N ASP B 99 4.25 3.50 -5.01
CA ASP B 99 4.81 2.15 -4.78
C ASP B 99 4.70 1.76 -3.30
N HIS B 100 4.84 0.50 -3.00
CA HIS B 100 4.76 0.05 -1.58
C HIS B 100 6.13 -0.46 -1.15
N PHE B 101 6.27 -0.82 0.09
CA PHE B 101 7.60 -1.30 0.54
C PHE B 101 7.46 -2.31 1.68
N ARG B 102 8.29 -3.32 1.67
CA ARG B 102 8.23 -4.35 2.74
C ARG B 102 9.65 -4.56 3.31
N PHE B 103 9.90 -4.07 4.48
CA PHE B 103 11.25 -4.23 5.09
C PHE B 103 11.30 -5.52 5.89
N ASN B 104 12.43 -5.83 6.47
CA ASN B 104 12.56 -7.07 7.27
C ASN B 104 13.37 -6.80 8.53
N GLY B 105 13.69 -5.57 8.79
CA GLY B 105 14.48 -5.24 10.01
C GLY B 105 15.31 -3.98 9.75
N ALA B 106 16.29 -4.07 8.89
CA ALA B 106 17.13 -2.88 8.59
C ALA B 106 18.41 -3.33 7.86
N GLY B 107 18.29 -3.64 6.60
CA GLY B 107 19.49 -4.07 5.83
C GLY B 107 19.16 -4.12 4.35
N LYS B 108 17.96 -4.50 4.00
CA LYS B 108 17.57 -4.57 2.57
C LYS B 108 16.05 -4.69 2.46
N VAL B 109 15.54 -4.87 1.27
CA VAL B 109 14.07 -5.00 1.10
C VAL B 109 13.72 -6.48 0.84
N VAL B 110 12.55 -6.90 1.25
CA VAL B 110 12.18 -8.33 1.03
C VAL B 110 10.88 -8.40 0.22
N SER B 111 10.09 -7.36 0.25
CA SER B 111 8.81 -7.39 -0.52
C SER B 111 8.45 -5.96 -0.94
N MET B 112 7.66 -5.82 -1.97
CA MET B 112 7.28 -4.46 -2.43
C MET B 112 6.01 -4.54 -3.30
N ARG B 113 5.20 -3.53 -3.26
CA ARG B 113 3.95 -3.54 -4.09
C ARG B 113 3.86 -2.22 -4.86
N ALA B 114 2.89 -2.09 -5.71
CA ALA B 114 2.76 -0.82 -6.49
C ALA B 114 1.28 -0.46 -6.65
N LEU B 115 0.96 0.80 -6.65
CA LEU B 115 -0.46 1.20 -6.82
C LEU B 115 -0.54 2.39 -7.78
N PHE B 116 -1.52 2.38 -8.64
CA PHE B 116 -1.69 3.50 -9.61
C PHE B 116 -2.81 3.15 -10.59
N GLY B 117 -2.84 3.79 -11.71
CA GLY B 117 -3.90 3.51 -12.71
C GLY B 117 -4.06 4.72 -13.64
N GLU B 118 -5.02 4.68 -14.52
CA GLU B 118 -5.22 5.84 -15.43
C GLU B 118 -5.37 7.13 -14.62
N LYS B 119 -5.65 7.00 -13.36
CA LYS B 119 -5.81 8.18 -12.49
C LYS B 119 -4.44 8.63 -11.99
N ASN B 120 -3.54 7.72 -11.88
CA ASN B 120 -2.17 8.05 -11.39
C ASN B 120 -1.28 8.38 -12.58
N ILE B 121 -1.54 7.78 -13.70
CA ILE B 121 -0.71 8.03 -14.91
C ILE B 121 -1.28 9.24 -15.65
N HIS B 122 -0.80 9.54 -16.83
CA HIS B 122 -1.34 10.72 -17.56
C HIS B 122 -1.23 10.49 -19.07
N ALA B 123 -1.94 11.25 -19.85
CA ALA B 123 -1.87 11.09 -21.33
C ALA B 123 -2.27 12.40 -22.01
N GLY B 124 -1.38 12.97 -22.77
CA GLY B 124 -1.72 14.25 -23.46
C GLY B 124 -0.59 14.63 -24.43
N ALA B 125 -0.67 15.78 -25.03
CA ALA B 125 0.40 16.21 -25.98
C ALA B 125 1.43 17.06 -25.25
N MET A 1 -9.12 -3.86 -18.91
CA MET A 1 -10.01 -5.04 -18.66
C MET A 1 -10.17 -5.26 -17.15
N ASN A 2 -10.36 -4.21 -16.40
CA ASN A 2 -10.53 -4.37 -14.93
C ASN A 2 -11.29 -3.16 -14.38
N THR A 3 -12.52 -3.37 -13.98
CA THR A 3 -13.33 -2.24 -13.44
C THR A 3 -13.14 -2.15 -11.92
N PRO A 4 -12.43 -1.14 -11.50
CA PRO A 4 -12.17 -0.94 -10.05
C PRO A 4 -13.45 -0.48 -9.35
N GLU A 5 -14.46 -0.14 -10.11
CA GLU A 5 -15.74 0.31 -9.48
C GLU A 5 -16.22 -0.73 -8.48
N HIS A 6 -16.33 -1.97 -8.91
CA HIS A 6 -16.79 -3.04 -7.98
C HIS A 6 -15.79 -3.20 -6.84
N MET A 7 -14.54 -3.37 -7.17
CA MET A 7 -13.50 -3.53 -6.13
C MET A 7 -13.38 -2.23 -5.32
N THR A 8 -14.01 -1.18 -5.77
CA THR A 8 -13.92 0.11 -5.03
C THR A 8 -15.01 0.15 -3.95
N ALA A 9 -16.18 -0.35 -4.25
CA ALA A 9 -17.27 -0.33 -3.23
C ALA A 9 -16.82 -1.10 -1.99
N VAL A 10 -16.27 -2.26 -2.17
CA VAL A 10 -15.80 -3.06 -1.00
C VAL A 10 -14.98 -2.15 -0.08
N VAL A 11 -14.42 -1.09 -0.62
CA VAL A 11 -13.61 -0.17 0.22
C VAL A 11 -14.53 0.88 0.87
N GLN A 12 -15.46 1.39 0.12
CA GLN A 12 -16.39 2.41 0.68
C GLN A 12 -17.15 1.77 1.82
N ARG A 13 -18.07 0.93 1.47
CA ARG A 13 -18.89 0.22 2.48
C ARG A 13 -17.96 -0.24 3.60
N TYR A 14 -16.84 -0.79 3.23
CA TYR A 14 -15.87 -1.27 4.25
C TYR A 14 -15.61 -0.15 5.25
N VAL A 15 -15.32 1.03 4.77
CA VAL A 15 -15.06 2.17 5.68
C VAL A 15 -16.38 2.77 6.16
N ALA A 16 -17.34 2.90 5.27
CA ALA A 16 -18.65 3.46 5.71
C ALA A 16 -19.07 2.73 6.98
N ALA A 17 -18.79 1.45 7.03
CA ALA A 17 -19.14 0.68 8.26
C ALA A 17 -18.16 1.07 9.35
N LEU A 18 -16.95 1.38 8.97
CA LEU A 18 -15.93 1.80 9.97
C LEU A 18 -16.39 3.12 10.58
N ASN A 19 -16.62 4.10 9.74
CA ASN A 19 -17.08 5.43 10.23
C ASN A 19 -18.26 5.23 11.17
N ALA A 20 -19.15 4.37 10.83
CA ALA A 20 -20.34 4.12 11.71
C ALA A 20 -20.01 3.03 12.73
N GLY A 21 -18.87 2.41 12.61
CA GLY A 21 -18.49 1.34 13.57
C GLY A 21 -19.49 0.18 13.49
N ASP A 22 -20.19 0.05 12.40
CA ASP A 22 -21.17 -1.04 12.27
C ASP A 22 -20.50 -2.27 11.66
N LEU A 23 -19.60 -2.89 12.40
CA LEU A 23 -18.91 -4.10 11.87
C LEU A 23 -19.94 -5.04 11.25
N ASP A 24 -21.11 -5.09 11.83
CA ASP A 24 -22.17 -5.99 11.28
C ASP A 24 -22.16 -5.89 9.76
N GLY A 25 -21.89 -4.73 9.24
CA GLY A 25 -21.86 -4.56 7.77
C GLY A 25 -20.47 -4.94 7.27
N ILE A 26 -19.47 -4.68 8.06
CA ILE A 26 -18.08 -5.04 7.66
C ILE A 26 -18.00 -6.55 7.49
N VAL A 27 -18.34 -7.29 8.52
CA VAL A 27 -18.30 -8.77 8.42
C VAL A 27 -19.20 -9.17 7.24
N ALA A 28 -20.27 -8.44 7.04
CA ALA A 28 -21.18 -8.76 5.91
C ALA A 28 -20.38 -8.59 4.61
N LEU A 29 -19.81 -7.45 4.41
CA LEU A 29 -19.01 -7.20 3.18
C LEU A 29 -17.81 -8.15 3.19
N PHE A 30 -17.44 -8.63 4.33
CA PHE A 30 -16.29 -9.56 4.43
C PHE A 30 -16.76 -10.99 4.22
N ALA A 31 -16.01 -11.78 3.49
CA ALA A 31 -16.41 -13.19 3.24
C ALA A 31 -16.75 -13.86 4.57
N ASP A 32 -17.08 -15.13 4.53
CA ASP A 32 -17.42 -15.86 5.79
C ASP A 32 -16.15 -16.07 6.63
N ASP A 33 -15.03 -16.06 5.98
CA ASP A 33 -13.76 -16.25 6.71
C ASP A 33 -12.63 -15.52 5.98
N ALA A 34 -12.82 -14.25 5.72
CA ALA A 34 -11.77 -13.47 5.00
C ALA A 34 -10.52 -13.37 5.88
N THR A 35 -9.37 -13.24 5.26
CA THR A 35 -8.11 -13.14 6.05
C THR A 35 -7.79 -11.66 6.28
N VAL A 36 -7.21 -11.33 7.41
CA VAL A 36 -6.89 -9.90 7.68
C VAL A 36 -5.50 -9.81 8.33
N GLU A 37 -4.56 -9.18 7.66
CA GLU A 37 -3.20 -9.04 8.24
C GLU A 37 -3.17 -7.76 9.07
N ASP A 38 -3.09 -7.88 10.37
CA ASP A 38 -3.11 -6.66 11.20
C ASP A 38 -2.96 -7.05 12.68
N PRO A 39 -2.25 -6.23 13.44
CA PRO A 39 -1.63 -4.99 12.91
C PRO A 39 -0.40 -5.32 12.06
N VAL A 40 0.38 -4.32 11.73
CA VAL A 40 1.60 -4.56 10.90
C VAL A 40 2.73 -5.07 11.81
N GLY A 41 2.46 -6.07 12.60
CA GLY A 41 3.49 -6.63 13.51
C GLY A 41 2.88 -7.72 14.37
N SER A 42 1.95 -8.47 13.82
CA SER A 42 1.30 -9.55 14.59
C SER A 42 0.79 -10.62 13.63
N GLU A 43 -0.29 -11.28 13.95
CA GLU A 43 -0.80 -12.34 13.03
C GLU A 43 -2.27 -12.07 12.69
N PRO A 44 -2.59 -12.30 11.44
CA PRO A 44 -3.98 -12.10 10.95
C PRO A 44 -4.96 -13.04 11.65
N ARG A 45 -6.20 -13.02 11.24
CA ARG A 45 -7.22 -13.90 11.85
C ARG A 45 -8.27 -14.21 10.79
N SER A 46 -8.31 -15.40 10.30
CA SER A 46 -9.28 -15.76 9.25
C SER A 46 -10.58 -16.27 9.87
N GLY A 47 -11.68 -16.08 9.20
CA GLY A 47 -12.99 -16.54 9.77
C GLY A 47 -13.83 -15.32 10.13
N THR A 48 -15.12 -15.47 10.22
CA THR A 48 -15.97 -14.32 10.58
C THR A 48 -15.69 -13.91 12.02
N ALA A 49 -15.73 -14.85 12.93
CA ALA A 49 -15.45 -14.51 14.36
C ALA A 49 -14.05 -13.90 14.46
N ALA A 50 -13.10 -14.44 13.75
CA ALA A 50 -11.71 -13.89 13.80
C ALA A 50 -11.71 -12.50 13.17
N ILE A 51 -12.12 -12.40 11.93
CA ILE A 51 -12.15 -11.07 11.25
C ILE A 51 -12.96 -10.09 12.09
N ARG A 52 -14.12 -10.48 12.52
CA ARG A 52 -14.96 -9.56 13.35
C ARG A 52 -14.30 -9.37 14.71
N GLU A 53 -14.08 -10.43 15.44
CA GLU A 53 -13.42 -10.30 16.77
C GLU A 53 -12.23 -9.36 16.64
N PHE A 54 -11.62 -9.33 15.48
CA PHE A 54 -10.46 -8.44 15.26
C PHE A 54 -10.97 -7.05 14.92
N PHE A 55 -11.55 -6.91 13.78
CA PHE A 55 -12.10 -5.59 13.35
C PHE A 55 -12.93 -5.01 14.48
N ALA A 56 -13.64 -5.84 15.19
CA ALA A 56 -14.48 -5.35 16.32
C ALA A 56 -13.57 -4.77 17.41
N ASN A 57 -12.54 -5.49 17.77
CA ASN A 57 -11.61 -4.99 18.81
C ASN A 57 -11.05 -3.64 18.36
N SER A 58 -10.70 -3.52 17.11
CA SER A 58 -10.16 -2.24 16.59
C SER A 58 -11.24 -1.17 16.69
N LEU A 59 -12.49 -1.55 16.53
CA LEU A 59 -13.59 -0.58 16.60
C LEU A 59 -13.71 -0.05 18.04
N LYS A 60 -13.16 -0.75 18.98
CA LYS A 60 -13.23 -0.30 20.40
C LYS A 60 -12.61 1.10 20.50
N LEU A 61 -11.76 1.46 19.57
CA LEU A 61 -11.13 2.80 19.61
C LEU A 61 -12.03 3.78 18.84
N PRO A 62 -12.49 4.79 19.54
CA PRO A 62 -13.37 5.79 18.90
C PRO A 62 -12.58 6.74 18.00
N LEU A 63 -12.70 6.60 16.71
CA LEU A 63 -11.95 7.50 15.79
C LEU A 63 -12.84 7.92 14.63
N ALA A 64 -12.44 8.95 13.93
CA ALA A 64 -13.23 9.40 12.76
C ALA A 64 -12.58 8.82 11.51
N VAL A 65 -13.33 8.10 10.72
CA VAL A 65 -12.74 7.48 9.49
C VAL A 65 -13.24 8.22 8.25
N GLU A 66 -12.37 8.89 7.56
CA GLU A 66 -12.79 9.62 6.33
C GLU A 66 -11.61 9.66 5.35
N LEU A 67 -11.63 8.82 4.36
CA LEU A 67 -10.53 8.81 3.36
C LEU A 67 -10.18 10.24 2.96
N THR A 68 -9.09 10.42 2.25
CA THR A 68 -8.69 11.79 1.83
C THR A 68 -8.32 11.77 0.35
N GLN A 69 -7.70 10.72 -0.09
CA GLN A 69 -7.30 10.63 -1.52
C GLN A 69 -8.28 9.74 -2.27
N GLU A 70 -7.82 8.99 -3.23
CA GLU A 70 -8.74 8.11 -3.99
C GLU A 70 -8.45 6.64 -3.65
N VAL A 71 -9.46 5.87 -3.37
CA VAL A 71 -9.24 4.43 -3.04
C VAL A 71 -8.52 3.74 -4.19
N ARG A 72 -7.81 2.69 -3.91
CA ARG A 72 -7.09 1.96 -5.00
C ARG A 72 -7.57 0.52 -5.07
N ALA A 73 -7.91 0.06 -6.25
CA ALA A 73 -8.40 -1.34 -6.38
C ALA A 73 -8.04 -1.88 -7.76
N VAL A 74 -7.28 -2.94 -7.84
CA VAL A 74 -6.91 -3.50 -9.17
C VAL A 74 -7.35 -4.96 -9.25
N ALA A 75 -6.80 -5.70 -10.17
CA ALA A 75 -7.18 -7.12 -10.31
C ALA A 75 -6.44 -7.99 -9.30
N ASN A 76 -7.10 -9.00 -8.79
CA ASN A 76 -6.43 -9.91 -7.80
C ASN A 76 -6.49 -9.29 -6.40
N GLU A 77 -6.20 -8.02 -6.28
CA GLU A 77 -6.22 -7.40 -4.93
C GLU A 77 -6.72 -5.96 -5.02
N ALA A 78 -6.42 -5.17 -4.02
CA ALA A 78 -6.86 -3.75 -4.00
C ALA A 78 -6.14 -3.03 -2.87
N ALA A 79 -6.12 -1.72 -2.88
CA ALA A 79 -5.42 -0.98 -1.79
C ALA A 79 -6.11 0.37 -1.55
N PHE A 80 -6.26 0.76 -0.32
CA PHE A 80 -6.91 2.07 -0.03
C PHE A 80 -6.36 2.63 1.27
N ALA A 81 -6.62 3.88 1.55
CA ALA A 81 -6.09 4.48 2.80
C ALA A 81 -7.14 5.40 3.44
N PHE A 82 -6.73 6.15 4.43
CA PHE A 82 -7.66 7.07 5.12
C PHE A 82 -6.98 7.69 6.33
N THR A 83 -7.68 8.45 7.11
CA THR A 83 -7.07 9.06 8.31
C THR A 83 -7.91 8.75 9.54
N VAL A 84 -7.28 8.50 10.65
CA VAL A 84 -8.06 8.19 11.89
C VAL A 84 -7.94 9.36 12.86
N SER A 85 -9.03 10.02 13.15
CA SER A 85 -8.99 11.16 14.10
C SER A 85 -9.75 10.79 15.37
N PHE A 86 -9.05 10.54 16.44
CA PHE A 86 -9.73 10.15 17.71
C PHE A 86 -9.28 11.08 18.83
N GLU A 87 -9.84 10.93 20.00
CA GLU A 87 -9.45 11.80 21.15
C GLU A 87 -8.93 10.94 22.30
N PHE A 88 -8.27 11.55 23.25
CA PHE A 88 -7.73 10.77 24.40
C PHE A 88 -8.42 11.21 25.69
N GLN A 89 -7.84 12.15 26.38
CA GLN A 89 -8.45 12.63 27.64
C GLN A 89 -8.38 14.16 27.72
N GLY A 90 -7.31 14.74 27.22
CA GLY A 90 -7.18 16.22 27.26
C GLY A 90 -6.93 16.76 25.84
N ARG A 91 -6.34 15.97 24.99
CA ARG A 91 -6.07 16.43 23.61
C ARG A 91 -6.63 15.43 22.62
N LYS A 92 -6.48 15.68 21.34
CA LYS A 92 -7.03 14.72 20.33
C LYS A 92 -5.91 14.35 19.34
N THR A 93 -5.63 13.08 19.22
CA THR A 93 -4.57 12.64 18.29
C THR A 93 -5.20 12.21 16.96
N VAL A 94 -4.39 11.94 15.97
CA VAL A 94 -4.93 11.51 14.65
C VAL A 94 -3.94 10.55 14.00
N VAL A 95 -4.31 9.92 12.91
CA VAL A 95 -3.36 8.96 12.26
C VAL A 95 -3.59 8.96 10.74
N ALA A 96 -2.60 8.57 9.99
CA ALA A 96 -2.74 8.54 8.51
C ALA A 96 -2.17 7.23 7.97
N PRO A 97 -2.90 6.17 8.17
CA PRO A 97 -2.47 4.83 7.72
C PRO A 97 -3.10 4.45 6.38
N ILE A 98 -2.77 3.30 5.89
CA ILE A 98 -3.35 2.82 4.60
C ILE A 98 -3.68 1.34 4.75
N ASP A 99 -4.66 0.85 4.04
CA ASP A 99 -5.03 -0.59 4.18
C ASP A 99 -4.93 -1.29 2.82
N HIS A 100 -4.92 -2.59 2.83
CA HIS A 100 -4.85 -3.35 1.54
C HIS A 100 -6.16 -4.09 1.31
N PHE A 101 -6.32 -4.67 0.17
CA PHE A 101 -7.59 -5.37 -0.12
C PHE A 101 -7.34 -6.58 -1.02
N ARG A 102 -8.02 -7.67 -0.78
CA ARG A 102 -7.83 -8.87 -1.63
C ARG A 102 -9.20 -9.39 -2.07
N PHE A 103 -9.52 -9.26 -3.33
CA PHE A 103 -10.84 -9.74 -3.83
C PHE A 103 -10.74 -11.20 -4.28
N ASN A 104 -11.83 -11.79 -4.66
CA ASN A 104 -11.79 -13.20 -5.13
C ASN A 104 -12.14 -13.26 -6.62
N GLY A 105 -13.03 -12.43 -7.05
CA GLY A 105 -13.41 -12.43 -8.50
C GLY A 105 -14.54 -11.43 -8.73
N ALA A 106 -15.54 -11.43 -7.90
CA ALA A 106 -16.67 -10.47 -8.07
C ALA A 106 -17.88 -10.94 -7.25
N GLY A 107 -17.84 -10.74 -5.97
CA GLY A 107 -18.98 -11.17 -5.10
C GLY A 107 -18.79 -10.62 -3.69
N LYS A 108 -17.61 -10.73 -3.16
CA LYS A 108 -17.36 -10.22 -1.78
C LYS A 108 -15.85 -10.06 -1.56
N VAL A 109 -15.43 -9.82 -0.35
CA VAL A 109 -13.98 -9.66 -0.08
C VAL A 109 -13.39 -11.00 0.34
N VAL A 110 -12.10 -11.12 0.37
CA VAL A 110 -11.47 -12.41 0.78
C VAL A 110 -10.38 -12.15 1.81
N SER A 111 -9.35 -11.46 1.43
CA SER A 111 -8.24 -11.19 2.40
C SER A 111 -7.95 -9.68 2.44
N MET A 112 -7.13 -9.26 3.37
CA MET A 112 -6.79 -7.83 3.48
C MET A 112 -5.39 -7.69 4.09
N ARG A 113 -4.66 -6.67 3.71
CA ARG A 113 -3.29 -6.49 4.27
C ARG A 113 -3.20 -5.13 4.95
N ALA A 114 -2.22 -4.94 5.79
CA ALA A 114 -2.07 -3.63 6.49
C ALA A 114 -0.83 -2.91 5.98
N LEU A 115 -0.97 -1.65 5.68
CA LEU A 115 0.19 -0.84 5.18
C LEU A 115 0.62 0.15 6.26
N PHE A 116 1.03 1.32 5.86
CA PHE A 116 1.47 2.34 6.85
C PHE A 116 2.26 1.70 7.98
N GLY A 117 2.39 2.39 9.07
CA GLY A 117 3.16 1.84 10.22
C GLY A 117 3.17 2.85 11.36
N GLU A 118 4.22 2.86 12.15
CA GLU A 118 4.29 3.84 13.27
C GLU A 118 4.74 5.20 12.74
N LYS A 119 5.02 5.28 11.47
CA LYS A 119 5.47 6.57 10.88
C LYS A 119 4.25 7.31 10.34
N ASN A 120 3.26 6.58 9.98
CA ASN A 120 2.02 7.19 9.43
C ASN A 120 1.07 7.52 10.57
N ILE A 121 1.57 7.58 11.77
CA ILE A 121 0.70 7.91 12.94
C ILE A 121 0.72 9.43 13.13
N HIS A 122 0.10 9.93 14.15
CA HIS A 122 0.10 11.41 14.37
C HIS A 122 0.00 11.73 15.85
N ALA A 123 0.13 12.98 16.21
CA ALA A 123 0.04 13.35 17.65
C ALA A 123 -0.47 14.79 17.77
N GLY A 124 -1.68 14.97 18.25
CA GLY A 124 -2.23 16.33 18.38
C GLY A 124 -1.71 16.97 19.67
N ALA A 125 -0.95 18.03 19.56
CA ALA A 125 -0.41 18.69 20.78
C ALA A 125 -1.28 19.91 21.10
N MET B 1 11.86 -2.62 18.39
CA MET B 1 12.70 -1.52 17.81
C MET B 1 12.82 -1.70 16.30
N ASN B 2 12.12 -0.92 15.53
CA ASN B 2 12.21 -1.04 14.05
C ASN B 2 12.54 0.32 13.43
N THR B 3 13.70 0.86 13.72
CA THR B 3 14.07 2.18 13.15
C THR B 3 13.69 2.23 11.67
N PRO B 4 12.68 3.01 11.38
CA PRO B 4 12.20 3.15 9.99
C PRO B 4 13.21 3.95 9.16
N GLU B 5 14.25 4.43 9.78
CA GLU B 5 15.27 5.22 9.03
C GLU B 5 16.09 4.27 8.17
N HIS B 6 16.53 3.17 8.72
CA HIS B 6 17.33 2.20 7.93
C HIS B 6 16.49 1.67 6.76
N MET B 7 15.31 1.20 7.05
CA MET B 7 14.44 0.67 5.96
C MET B 7 14.17 1.78 4.95
N THR B 8 13.74 2.93 5.40
CA THR B 8 13.45 4.04 4.45
C THR B 8 14.68 4.28 3.58
N ALA B 9 15.86 4.07 4.11
CA ALA B 9 17.08 4.29 3.30
C ALA B 9 16.94 3.50 2.00
N VAL B 10 16.53 2.27 2.11
CA VAL B 10 16.36 1.45 0.87
C VAL B 10 15.44 2.22 -0.09
N VAL B 11 14.40 2.80 0.43
CA VAL B 11 13.45 3.58 -0.41
C VAL B 11 14.20 4.73 -1.11
N GLN B 12 15.06 5.40 -0.40
CA GLN B 12 15.82 6.52 -1.00
C GLN B 12 16.63 5.96 -2.17
N ARG B 13 17.67 5.29 -1.85
CA ARG B 13 18.54 4.68 -2.89
C ARG B 13 17.64 4.04 -3.94
N TYR B 14 16.65 3.33 -3.49
CA TYR B 14 15.71 2.66 -4.42
C TYR B 14 15.15 3.68 -5.42
N VAL B 15 14.68 4.79 -4.92
CA VAL B 15 14.11 5.83 -5.82
C VAL B 15 15.24 6.70 -6.39
N ALA B 16 16.18 7.11 -5.59
CA ALA B 16 17.29 7.94 -6.12
C ALA B 16 17.81 7.27 -7.39
N ALA B 17 17.84 5.96 -7.40
CA ALA B 17 18.29 5.24 -8.62
C ALA B 17 17.18 5.34 -9.66
N LEU B 18 15.95 5.33 -9.21
CA LEU B 18 14.80 5.44 -10.14
C LEU B 18 14.87 6.81 -10.82
N ASN B 19 14.83 7.85 -10.03
CA ASN B 19 14.90 9.23 -10.58
C ASN B 19 16.10 9.34 -11.51
N ALA B 20 17.22 8.84 -11.10
CA ALA B 20 18.44 8.90 -11.95
C ALA B 20 18.50 7.66 -12.85
N GLY B 21 17.45 6.89 -12.88
CA GLY B 21 17.45 5.67 -13.75
C GLY B 21 18.74 4.88 -13.51
N ASP B 22 19.26 4.93 -12.33
CA ASP B 22 20.53 4.19 -12.04
C ASP B 22 20.20 2.78 -11.55
N LEU B 23 19.64 1.95 -12.41
CA LEU B 23 19.31 0.56 -12.00
C LEU B 23 20.52 -0.04 -11.30
N ASP B 24 21.68 0.19 -11.83
CA ASP B 24 22.92 -0.35 -11.22
C ASP B 24 22.83 -0.19 -9.69
N GLY B 25 22.17 0.84 -9.24
CA GLY B 25 22.03 1.06 -7.78
C GLY B 25 20.80 0.31 -7.27
N ILE B 26 19.76 0.32 -8.04
CA ILE B 26 18.53 -0.40 -7.63
C ILE B 26 18.88 -1.87 -7.41
N VAL B 27 19.48 -2.48 -8.40
CA VAL B 27 19.88 -3.91 -8.26
C VAL B 27 20.79 -4.02 -7.04
N ALA B 28 21.64 -3.04 -6.84
CA ALA B 28 22.54 -3.06 -5.67
C ALA B 28 21.69 -3.12 -4.41
N LEU B 29 20.77 -2.20 -4.26
CA LEU B 29 19.88 -2.19 -3.08
C LEU B 29 19.02 -3.46 -3.09
N PHE B 30 18.90 -4.08 -4.23
CA PHE B 30 18.08 -5.32 -4.34
C PHE B 30 18.92 -6.52 -3.90
N ALA B 31 18.38 -7.36 -3.05
CA ALA B 31 19.16 -8.55 -2.61
C ALA B 31 19.70 -9.29 -3.84
N ASP B 32 20.36 -10.39 -3.64
CA ASP B 32 20.92 -11.15 -4.79
C ASP B 32 19.78 -11.72 -5.63
N ASP B 33 18.65 -11.93 -5.02
CA ASP B 33 17.49 -12.48 -5.77
C ASP B 33 16.19 -11.98 -5.13
N ALA B 34 16.06 -10.69 -4.97
CA ALA B 34 14.82 -10.14 -4.35
C ALA B 34 13.61 -10.48 -5.20
N THR B 35 12.43 -10.34 -4.66
CA THR B 35 11.20 -10.66 -5.44
C THR B 35 10.38 -9.38 -5.64
N VAL B 36 9.80 -9.21 -6.79
CA VAL B 36 8.99 -7.98 -7.04
C VAL B 36 7.63 -8.39 -7.62
N GLU B 37 6.57 -8.10 -6.92
CA GLU B 37 5.22 -8.47 -7.43
C GLU B 37 4.71 -7.32 -8.29
N ASP B 38 4.69 -7.51 -9.57
CA ASP B 38 4.24 -6.40 -10.46
C ASP B 38 4.21 -6.88 -11.92
N PRO B 39 3.22 -6.45 -12.66
CA PRO B 39 2.18 -5.52 -12.14
C PRO B 39 1.21 -6.27 -11.21
N VAL B 40 0.09 -5.67 -10.91
CA VAL B 40 -0.90 -6.34 -10.01
C VAL B 40 -1.83 -7.23 -10.85
N GLY B 41 -1.27 -7.93 -11.80
CA GLY B 41 -2.10 -8.81 -12.66
C GLY B 41 -1.18 -9.76 -13.43
N SER B 42 -0.02 -10.03 -12.91
CA SER B 42 0.94 -10.93 -13.60
C SER B 42 1.76 -11.69 -12.56
N GLU B 43 3.02 -11.90 -12.80
CA GLU B 43 3.85 -12.64 -11.81
C GLU B 43 5.18 -11.90 -11.59
N PRO B 44 5.61 -11.91 -10.37
CA PRO B 44 6.89 -11.25 -9.98
C PRO B 44 8.08 -11.92 -10.67
N ARG B 45 9.27 -11.54 -10.27
CA ARG B 45 10.50 -12.13 -10.87
C ARG B 45 11.60 -12.10 -9.82
N SER B 46 12.01 -13.24 -9.33
CA SER B 46 13.05 -13.26 -8.28
C SER B 46 14.44 -13.44 -8.92
N GLY B 47 15.46 -13.01 -8.23
CA GLY B 47 16.84 -13.14 -8.78
C GLY B 47 17.34 -11.76 -9.23
N THR B 48 18.63 -11.62 -9.40
CA THR B 48 19.18 -10.31 -9.83
C THR B 48 18.86 -10.10 -11.31
N ALA B 49 19.04 -11.10 -12.12
CA ALA B 49 18.74 -10.95 -13.57
C ALA B 49 17.24 -10.72 -13.75
N ALA B 50 16.46 -11.08 -12.76
CA ALA B 50 14.98 -10.88 -12.88
C ALA B 50 14.62 -9.49 -12.31
N ILE B 51 15.01 -9.22 -11.09
CA ILE B 51 14.70 -7.89 -10.50
C ILE B 51 15.21 -6.79 -11.41
N ARG B 52 16.41 -6.93 -11.91
CA ARG B 52 16.95 -5.88 -12.82
C ARG B 52 16.26 -5.99 -14.17
N GLU B 53 16.30 -7.14 -14.79
CA GLU B 53 15.62 -7.30 -16.10
C GLU B 53 14.22 -6.68 -16.01
N PHE B 54 13.67 -6.67 -14.82
CA PHE B 54 12.32 -6.08 -14.63
C PHE B 54 12.47 -4.58 -14.40
N PHE B 55 12.99 -4.22 -13.27
CA PHE B 55 13.19 -2.78 -12.96
C PHE B 55 13.89 -2.11 -14.16
N ALA B 56 14.60 -2.88 -14.94
CA ALA B 56 15.29 -2.31 -16.13
C ALA B 56 14.27 -2.15 -17.27
N ASN B 57 13.55 -3.19 -17.57
CA ASN B 57 12.53 -3.09 -18.65
C ASN B 57 11.57 -1.96 -18.31
N SER B 58 11.28 -1.77 -17.05
CA SER B 58 10.37 -0.67 -16.65
C SER B 58 11.12 0.65 -16.77
N LEU B 59 12.38 0.66 -16.41
CA LEU B 59 13.17 1.92 -16.51
C LEU B 59 13.24 2.35 -17.98
N LYS B 60 13.18 1.40 -18.88
CA LYS B 60 13.24 1.76 -20.33
C LYS B 60 12.32 2.95 -20.58
N LEU B 61 11.31 3.10 -19.76
CA LEU B 61 10.38 4.26 -19.94
C LEU B 61 10.91 5.44 -19.11
N PRO B 62 11.31 6.47 -19.80
CA PRO B 62 11.88 7.67 -19.13
C PRO B 62 10.80 8.50 -18.43
N LEU B 63 10.77 8.46 -17.11
CA LEU B 63 9.77 9.26 -16.36
C LEU B 63 10.49 10.05 -15.25
N ALA B 64 9.74 10.64 -14.37
CA ALA B 64 10.36 11.42 -13.25
C ALA B 64 9.90 10.79 -11.93
N VAL B 65 10.83 10.47 -11.07
CA VAL B 65 10.44 9.85 -9.77
C VAL B 65 10.81 10.78 -8.62
N GLU B 66 9.82 11.30 -7.93
CA GLU B 66 10.10 12.21 -6.79
C GLU B 66 8.96 12.09 -5.78
N LEU B 67 9.13 11.25 -4.78
CA LEU B 67 8.05 11.07 -3.77
C LEU B 67 7.55 12.43 -3.30
N THR B 68 6.55 12.44 -2.48
CA THR B 68 5.99 13.73 -1.97
C THR B 68 5.79 13.62 -0.46
N GLN B 69 4.77 12.94 -0.07
CA GLN B 69 4.50 12.77 1.39
C GLN B 69 5.68 12.04 2.03
N GLU B 70 5.42 11.20 2.99
CA GLU B 70 6.53 10.46 3.65
C GLU B 70 6.40 8.95 3.37
N VAL B 71 7.46 8.33 2.95
CA VAL B 71 7.41 6.87 2.69
C VAL B 71 6.69 6.17 3.84
N ARG B 72 5.97 5.12 3.55
CA ARG B 72 5.23 4.40 4.63
C ARG B 72 5.99 3.13 5.01
N ALA B 73 6.99 3.24 5.85
CA ALA B 73 7.75 2.03 6.25
C ALA B 73 7.10 1.42 7.49
N VAL B 74 7.11 0.12 7.60
CA VAL B 74 6.48 -0.53 8.79
C VAL B 74 7.50 -1.39 9.52
N ALA B 75 7.05 -2.18 10.45
CA ALA B 75 7.98 -3.05 11.23
C ALA B 75 9.09 -3.61 10.34
N ASN B 76 8.92 -4.79 9.81
CA ASN B 76 9.99 -5.39 8.95
C ASN B 76 9.74 -5.05 7.48
N GLU B 77 8.52 -4.86 7.09
CA GLU B 77 8.25 -4.55 5.66
C GLU B 77 8.22 -3.03 5.47
N ALA B 78 7.73 -2.59 4.35
CA ALA B 78 7.66 -1.13 4.09
C ALA B 78 6.64 -0.85 2.97
N ALA B 79 6.18 0.36 2.88
CA ALA B 79 5.19 0.72 1.83
C ALA B 79 5.38 2.20 1.46
N PHE B 80 5.46 2.52 0.20
CA PHE B 80 5.64 3.95 -0.17
C PHE B 80 4.96 4.24 -1.50
N ALA B 81 4.68 5.50 -1.74
CA ALA B 81 4.01 5.89 -3.01
C ALA B 81 4.63 7.18 -3.53
N PHE B 82 4.45 7.46 -4.78
CA PHE B 82 5.02 8.70 -5.36
C PHE B 82 4.32 9.01 -6.67
N THR B 83 4.84 9.92 -7.43
CA THR B 83 4.20 10.26 -8.72
C THR B 83 5.21 10.11 -9.85
N VAL B 84 4.78 9.59 -10.96
CA VAL B 84 5.71 9.41 -12.12
C VAL B 84 5.33 10.43 -13.19
N SER B 85 6.20 11.36 -13.47
CA SER B 85 5.88 12.39 -14.50
C SER B 85 6.83 12.26 -15.69
N PHE B 86 6.40 11.61 -16.74
CA PHE B 86 7.27 11.47 -17.94
C PHE B 86 6.73 12.35 -19.06
N GLU B 87 7.26 12.24 -20.25
CA GLU B 87 6.76 13.08 -21.36
C GLU B 87 6.17 12.19 -22.46
N PHE B 88 5.24 12.71 -23.22
CA PHE B 88 4.63 11.90 -24.31
C PHE B 88 5.16 12.38 -25.66
N GLN B 89 4.51 12.02 -26.73
CA GLN B 89 5.00 12.45 -28.07
C GLN B 89 4.88 13.97 -28.21
N GLY B 90 3.81 14.55 -27.72
CA GLY B 90 3.65 16.03 -27.84
C GLY B 90 3.06 16.59 -26.54
N ARG B 91 2.88 15.78 -25.55
CA ARG B 91 2.31 16.28 -24.26
C ARG B 91 3.02 15.60 -23.10
N LYS B 92 2.59 15.87 -21.89
CA LYS B 92 3.25 15.24 -20.71
C LYS B 92 2.22 14.38 -19.96
N THR B 93 2.63 13.24 -19.48
CA THR B 93 1.69 12.36 -18.74
C THR B 93 2.27 12.03 -17.36
N VAL B 94 1.43 11.88 -16.37
CA VAL B 94 1.95 11.57 -15.02
C VAL B 94 1.25 10.30 -14.50
N VAL B 95 1.69 9.77 -13.39
CA VAL B 95 1.05 8.53 -12.84
C VAL B 95 1.15 8.55 -11.32
N ALA B 96 0.18 7.99 -10.64
CA ALA B 96 0.21 7.99 -9.15
C ALA B 96 0.07 6.57 -8.58
N PRO B 97 1.09 5.78 -8.74
CA PRO B 97 1.07 4.40 -8.22
C PRO B 97 1.69 4.33 -6.83
N ILE B 98 1.73 3.15 -6.26
CA ILE B 98 2.34 2.98 -4.91
C ILE B 98 3.10 1.65 -4.90
N ASP B 99 4.16 1.57 -4.15
CA ASP B 99 4.93 0.29 -4.13
C ASP B 99 4.99 -0.26 -2.71
N HIS B 100 5.22 -1.54 -2.59
CA HIS B 100 5.33 -2.17 -1.24
C HIS B 100 6.76 -2.66 -1.04
N PHE B 101 7.22 -2.71 0.18
CA PHE B 101 8.62 -3.13 0.44
C PHE B 101 8.66 -4.28 1.46
N ARG B 102 9.67 -5.10 1.37
CA ARG B 102 9.80 -6.24 2.32
C ARG B 102 11.29 -6.50 2.58
N PHE B 103 11.83 -5.91 3.61
CA PHE B 103 13.28 -6.13 3.91
C PHE B 103 13.46 -7.33 4.83
N ASN B 104 14.61 -7.48 5.41
CA ASN B 104 14.86 -8.63 6.33
C ASN B 104 15.67 -8.17 7.55
N GLY B 105 15.58 -6.91 7.88
CA GLY B 105 16.35 -6.40 9.05
C GLY B 105 17.29 -5.29 8.59
N ALA B 106 18.20 -5.59 7.71
CA ALA B 106 19.15 -4.56 7.21
C ALA B 106 20.10 -5.19 6.19
N GLY B 107 19.62 -6.15 5.44
CA GLY B 107 20.49 -6.80 4.42
C GLY B 107 20.06 -6.37 3.03
N LYS B 108 19.60 -5.16 2.92
CA LYS B 108 19.14 -4.63 1.60
C LYS B 108 17.70 -5.06 1.36
N VAL B 109 17.24 -4.99 0.14
CA VAL B 109 15.83 -5.40 -0.15
C VAL B 109 15.80 -6.90 -0.50
N VAL B 110 14.77 -7.59 -0.10
CA VAL B 110 14.69 -9.04 -0.41
C VAL B 110 13.37 -9.36 -1.11
N SER B 111 12.35 -8.58 -0.86
CA SER B 111 11.04 -8.84 -1.50
C SER B 111 10.35 -7.51 -1.82
N MET B 112 9.36 -7.53 -2.67
CA MET B 112 8.67 -6.26 -3.02
C MET B 112 7.28 -6.56 -3.61
N ARG B 113 6.39 -5.62 -3.51
CA ARG B 113 5.02 -5.82 -4.07
C ARG B 113 4.46 -4.46 -4.51
N ALA B 114 4.18 -4.30 -5.77
CA ALA B 114 3.66 -2.98 -6.25
C ALA B 114 2.14 -3.03 -6.41
N LEU B 115 1.46 -1.98 -6.02
CA LEU B 115 -0.02 -1.93 -6.17
C LEU B 115 -0.42 -0.65 -6.89
N PHE B 116 -1.35 -0.76 -7.79
CA PHE B 116 -1.83 0.42 -8.55
C PHE B 116 -2.77 -0.04 -9.65
N GLY B 117 -2.98 0.75 -10.65
CA GLY B 117 -3.89 0.33 -11.74
C GLY B 117 -4.15 1.49 -12.70
N GLU B 118 -4.90 1.25 -13.75
CA GLU B 118 -5.20 2.35 -14.71
C GLU B 118 -5.73 3.55 -13.94
N LYS B 119 -6.22 3.32 -12.76
CA LYS B 119 -6.74 4.42 -11.93
C LYS B 119 -5.58 5.22 -11.37
N ASN B 120 -4.45 4.59 -11.32
CA ASN B 120 -3.22 5.26 -10.78
C ASN B 120 -2.51 6.00 -11.93
N ILE B 121 -3.05 5.96 -13.10
CA ILE B 121 -2.41 6.67 -14.25
C ILE B 121 -2.96 8.09 -14.31
N HIS B 122 -2.51 8.88 -15.24
CA HIS B 122 -3.03 10.28 -15.33
C HIS B 122 -2.96 10.76 -16.78
N ALA B 123 -3.42 11.95 -17.05
CA ALA B 123 -3.38 12.48 -18.44
C ALA B 123 -3.38 14.01 -18.40
N GLY B 124 -2.43 14.63 -19.04
CA GLY B 124 -2.39 16.12 -19.05
C GLY B 124 -2.47 16.63 -20.49
N ALA B 125 -3.46 17.42 -20.79
CA ALA B 125 -3.59 17.95 -22.18
C ALA B 125 -4.24 19.34 -22.13
N MET A 1 -13.01 -6.14 -17.85
CA MET A 1 -13.67 -4.83 -17.60
C MET A 1 -13.02 -4.13 -16.39
N ASN A 2 -12.54 -4.90 -15.45
CA ASN A 2 -11.89 -4.29 -14.25
C ASN A 2 -12.67 -3.05 -13.81
N THR A 3 -13.92 -3.22 -13.46
CA THR A 3 -14.72 -2.05 -13.02
C THR A 3 -14.47 -1.77 -11.53
N PRO A 4 -13.80 -0.67 -11.28
CA PRO A 4 -13.49 -0.29 -9.88
C PRO A 4 -14.76 0.16 -9.16
N GLU A 5 -15.87 0.21 -9.86
CA GLU A 5 -17.14 0.64 -9.21
C GLU A 5 -17.49 -0.34 -8.09
N HIS A 6 -17.26 -1.61 -8.31
CA HIS A 6 -17.59 -2.62 -7.26
C HIS A 6 -16.39 -2.76 -6.32
N MET A 7 -15.20 -2.83 -6.86
CA MET A 7 -14.00 -2.98 -6.01
C MET A 7 -13.94 -1.82 -5.02
N THR A 8 -14.35 -0.65 -5.43
CA THR A 8 -14.31 0.52 -4.50
C THR A 8 -15.32 0.30 -3.39
N ALA A 9 -16.46 -0.25 -3.70
CA ALA A 9 -17.49 -0.49 -2.65
C ALA A 9 -16.82 -1.25 -1.50
N VAL A 10 -16.03 -2.24 -1.81
CA VAL A 10 -15.34 -3.01 -0.74
C VAL A 10 -14.57 -2.02 0.15
N VAL A 11 -14.27 -0.86 -0.37
CA VAL A 11 -13.54 0.15 0.44
C VAL A 11 -14.55 1.04 1.16
N GLN A 12 -15.61 1.41 0.49
CA GLN A 12 -16.65 2.26 1.13
C GLN A 12 -17.31 1.46 2.24
N ARG A 13 -18.12 0.54 1.86
CA ARG A 13 -18.81 -0.33 2.82
C ARG A 13 -17.83 -0.73 3.92
N TYR A 14 -16.65 -1.12 3.51
CA TYR A 14 -15.61 -1.51 4.50
C TYR A 14 -15.58 -0.44 5.61
N VAL A 15 -15.63 0.80 5.23
CA VAL A 15 -15.62 1.88 6.25
C VAL A 15 -17.06 2.22 6.64
N ALA A 16 -17.98 2.19 5.72
CA ALA A 16 -19.38 2.48 6.10
C ALA A 16 -19.72 1.62 7.32
N ALA A 17 -19.17 0.44 7.37
CA ALA A 17 -19.40 -0.45 8.54
C ALA A 17 -18.57 0.09 9.69
N LEU A 18 -17.43 0.65 9.39
CA LEU A 18 -16.55 1.23 10.43
C LEU A 18 -17.29 2.43 11.03
N ASN A 19 -17.62 3.39 10.21
CA ASN A 19 -18.34 4.60 10.69
C ASN A 19 -19.51 4.17 11.56
N ALA A 20 -20.20 3.14 11.15
CA ALA A 20 -21.37 2.67 11.94
C ALA A 20 -20.90 1.63 12.96
N GLY A 21 -19.61 1.46 13.10
CA GLY A 21 -19.09 0.47 14.08
C GLY A 21 -19.83 -0.85 13.92
N ASP A 22 -20.24 -1.18 12.73
CA ASP A 22 -20.97 -2.45 12.51
C ASP A 22 -20.01 -3.50 11.94
N LEU A 23 -19.41 -4.29 12.78
CA LEU A 23 -18.48 -5.33 12.30
C LEU A 23 -19.22 -6.28 11.35
N ASP A 24 -20.53 -6.24 11.36
CA ASP A 24 -21.31 -7.14 10.46
C ASP A 24 -20.98 -6.80 9.01
N GLY A 25 -21.12 -5.56 8.64
CA GLY A 25 -20.80 -5.17 7.23
C GLY A 25 -19.32 -5.42 6.96
N ILE A 26 -18.50 -5.19 7.95
CA ILE A 26 -17.05 -5.43 7.77
C ILE A 26 -16.83 -6.91 7.49
N VAL A 27 -17.29 -7.76 8.37
CA VAL A 27 -17.14 -9.21 8.14
C VAL A 27 -17.93 -9.58 6.89
N ALA A 28 -19.08 -8.97 6.71
CA ALA A 28 -19.90 -9.25 5.50
C ALA A 28 -19.08 -8.87 4.27
N LEU A 29 -18.54 -7.69 4.27
CA LEU A 29 -17.70 -7.25 3.11
C LEU A 29 -16.45 -8.11 3.05
N PHE A 30 -16.07 -8.69 4.16
CA PHE A 30 -14.86 -9.55 4.19
C PHE A 30 -15.24 -10.99 3.85
N ALA A 31 -14.41 -11.67 3.11
CA ALA A 31 -14.72 -13.08 2.73
C ALA A 31 -15.13 -13.86 3.99
N ASP A 32 -15.58 -15.07 3.83
CA ASP A 32 -16.00 -15.88 5.01
C ASP A 32 -14.78 -16.11 5.91
N ASP A 33 -13.63 -16.04 5.34
CA ASP A 33 -12.38 -16.26 6.13
C ASP A 33 -11.28 -15.38 5.54
N ALA A 34 -11.62 -14.21 5.08
CA ALA A 34 -10.60 -13.31 4.49
C ALA A 34 -9.42 -13.15 5.47
N THR A 35 -8.35 -12.55 5.02
CA THR A 35 -7.17 -12.37 5.92
C THR A 35 -6.83 -10.87 6.00
N VAL A 36 -6.47 -10.40 7.17
CA VAL A 36 -6.12 -8.96 7.31
C VAL A 36 -4.79 -8.85 8.07
N GLU A 37 -3.80 -8.25 7.46
CA GLU A 37 -2.49 -8.09 8.15
C GLU A 37 -2.51 -6.80 8.96
N ASP A 38 -2.59 -6.91 10.25
CA ASP A 38 -2.66 -5.68 11.08
C ASP A 38 -2.76 -6.06 12.57
N PRO A 39 -2.11 -5.30 13.42
CA PRO A 39 -1.32 -4.12 12.99
C PRO A 39 0.01 -4.57 12.38
N VAL A 40 0.87 -3.63 12.04
CA VAL A 40 2.18 -4.01 11.45
C VAL A 40 3.06 -4.60 12.55
N GLY A 41 3.95 -5.48 12.20
CA GLY A 41 4.84 -6.08 13.24
C GLY A 41 4.07 -7.17 14.00
N SER A 42 2.82 -7.36 13.68
CA SER A 42 2.02 -8.41 14.38
C SER A 42 1.62 -9.49 13.38
N GLU A 43 0.43 -10.03 13.50
CA GLU A 43 0.01 -11.10 12.54
C GLU A 43 -1.50 -10.99 12.26
N PRO A 44 -1.84 -11.23 11.03
CA PRO A 44 -3.26 -11.19 10.59
C PRO A 44 -4.10 -12.28 11.26
N ARG A 45 -5.33 -12.38 10.87
CA ARG A 45 -6.24 -13.42 11.44
C ARG A 45 -7.28 -13.79 10.38
N SER A 46 -7.15 -14.95 9.80
CA SER A 46 -8.11 -15.35 8.73
C SER A 46 -9.31 -16.08 9.34
N GLY A 47 -10.41 -16.08 8.63
CA GLY A 47 -11.64 -16.75 9.14
C GLY A 47 -12.64 -15.70 9.59
N THR A 48 -13.90 -16.05 9.63
CA THR A 48 -14.93 -15.07 10.05
C THR A 48 -14.68 -14.69 11.52
N ALA A 49 -14.63 -15.66 12.38
CA ALA A 49 -14.39 -15.35 13.82
C ALA A 49 -13.11 -14.54 13.95
N ALA A 50 -12.15 -14.79 13.09
CA ALA A 50 -10.86 -14.03 13.16
C ALA A 50 -11.07 -12.64 12.56
N ILE A 51 -11.44 -12.58 11.30
CA ILE A 51 -11.65 -11.26 10.66
C ILE A 51 -12.51 -10.38 11.56
N ARG A 52 -13.52 -10.96 12.16
CA ARG A 52 -14.41 -10.17 13.06
C ARG A 52 -13.72 -9.99 14.41
N GLU A 53 -13.38 -11.08 15.07
CA GLU A 53 -12.70 -10.95 16.39
C GLU A 53 -11.57 -9.92 16.26
N PHE A 54 -11.05 -9.77 15.07
CA PHE A 54 -9.96 -8.80 14.85
C PHE A 54 -10.58 -7.43 14.59
N PHE A 55 -11.18 -7.26 13.45
CA PHE A 55 -11.82 -5.96 13.12
C PHE A 55 -12.70 -5.52 14.29
N ALA A 56 -13.29 -6.45 14.98
CA ALA A 56 -14.16 -6.09 16.15
C ALA A 56 -13.27 -5.54 17.26
N ASN A 57 -12.19 -6.22 17.56
CA ASN A 57 -11.27 -5.73 18.62
C ASN A 57 -10.78 -4.33 18.25
N SER A 58 -10.59 -4.09 16.98
CA SER A 58 -10.14 -2.75 16.53
C SER A 58 -11.23 -1.73 16.84
N LEU A 59 -12.47 -2.11 16.67
CA LEU A 59 -13.58 -1.18 16.94
C LEU A 59 -13.68 -0.92 18.45
N LYS A 60 -13.14 -1.80 19.26
CA LYS A 60 -13.20 -1.60 20.73
C LYS A 60 -12.71 -0.19 21.08
N LEU A 61 -11.88 0.38 20.26
CA LEU A 61 -11.38 1.75 20.54
C LEU A 61 -12.32 2.78 19.91
N PRO A 62 -12.78 3.70 20.72
CA PRO A 62 -13.70 4.75 20.23
C PRO A 62 -12.97 5.73 19.32
N LEU A 63 -13.13 5.60 18.04
CA LEU A 63 -12.42 6.53 17.11
C LEU A 63 -13.38 6.93 15.97
N ALA A 64 -13.15 8.05 15.36
CA ALA A 64 -14.03 8.49 14.24
C ALA A 64 -13.46 7.93 12.93
N VAL A 65 -14.29 7.34 12.11
CA VAL A 65 -13.79 6.78 10.82
C VAL A 65 -14.23 7.65 9.65
N GLU A 66 -13.31 8.11 8.85
CA GLU A 66 -13.67 8.95 7.68
C GLU A 66 -12.65 8.73 6.57
N LEU A 67 -12.99 7.98 5.57
CA LEU A 67 -12.03 7.71 4.46
C LEU A 67 -11.54 9.04 3.87
N THR A 68 -11.97 9.38 2.68
CA THR A 68 -11.53 10.65 2.04
C THR A 68 -11.72 10.52 0.53
N GLN A 69 -12.85 9.98 0.13
CA GLN A 69 -13.19 9.78 -1.32
C GLN A 69 -12.08 9.07 -2.11
N GLU A 70 -10.88 9.58 -2.08
CA GLU A 70 -9.78 8.92 -2.85
C GLU A 70 -9.55 7.49 -2.36
N VAL A 71 -9.79 6.54 -3.23
CA VAL A 71 -9.59 5.12 -2.88
C VAL A 71 -8.86 4.46 -4.06
N ARG A 72 -8.29 3.31 -3.86
CA ARG A 72 -7.57 2.66 -5.00
C ARG A 72 -7.99 1.20 -5.14
N ALA A 73 -8.26 0.77 -6.34
CA ALA A 73 -8.66 -0.65 -6.58
C ALA A 73 -8.08 -1.10 -7.93
N VAL A 74 -7.12 -1.98 -7.93
CA VAL A 74 -6.52 -2.42 -9.23
C VAL A 74 -7.12 -3.77 -9.66
N ALA A 75 -6.47 -4.43 -10.57
CA ALA A 75 -6.95 -5.74 -11.09
C ALA A 75 -7.63 -6.55 -9.97
N ASN A 76 -6.90 -7.43 -9.34
CA ASN A 76 -7.52 -8.27 -8.28
C ASN A 76 -7.18 -7.72 -6.88
N GLU A 77 -6.39 -6.69 -6.80
CA GLU A 77 -6.05 -6.13 -5.47
C GLU A 77 -6.70 -4.77 -5.29
N ALA A 78 -6.22 -4.01 -4.35
CA ALA A 78 -6.79 -2.66 -4.12
C ALA A 78 -5.99 -1.94 -3.04
N ALA A 79 -6.10 -0.64 -2.94
CA ALA A 79 -5.34 0.12 -1.92
C ALA A 79 -6.14 1.36 -1.52
N PHE A 80 -6.32 1.59 -0.25
CA PHE A 80 -7.09 2.80 0.17
C PHE A 80 -6.62 3.28 1.53
N ALA A 81 -7.03 4.44 1.93
CA ALA A 81 -6.59 4.98 3.25
C ALA A 81 -7.75 5.72 3.92
N PHE A 82 -7.51 6.29 5.07
CA PHE A 82 -8.58 7.04 5.78
C PHE A 82 -7.99 7.73 6.99
N THR A 83 -8.81 8.08 7.94
CA THR A 83 -8.30 8.77 9.16
C THR A 83 -9.00 8.24 10.39
N VAL A 84 -8.32 8.24 11.50
CA VAL A 84 -8.94 7.76 12.76
C VAL A 84 -8.84 8.85 13.82
N SER A 85 -9.94 9.42 14.22
CA SER A 85 -9.89 10.49 15.23
C SER A 85 -10.56 10.03 16.53
N PHE A 86 -9.79 9.70 17.53
CA PHE A 86 -10.36 9.24 18.81
C PHE A 86 -9.85 10.14 19.93
N GLU A 87 -10.47 10.11 21.08
CA GLU A 87 -10.01 10.97 22.20
C GLU A 87 -10.11 10.21 23.53
N PHE A 88 -9.28 10.55 24.48
CA PHE A 88 -9.33 9.86 25.79
C PHE A 88 -10.23 10.65 26.75
N GLN A 89 -9.91 10.64 28.01
CA GLN A 89 -10.74 11.40 28.99
C GLN A 89 -10.41 12.90 28.91
N GLY A 90 -9.49 13.26 28.06
CA GLY A 90 -9.12 14.70 27.94
C GLY A 90 -8.24 14.90 26.71
N ARG A 91 -7.04 14.41 26.74
CA ARG A 91 -6.13 14.58 25.57
C ARG A 91 -6.81 14.04 24.31
N LYS A 92 -6.42 14.53 23.16
CA LYS A 92 -7.06 14.05 21.90
C LYS A 92 -5.97 13.70 20.88
N THR A 93 -5.94 12.47 20.43
CA THR A 93 -4.92 12.06 19.44
C THR A 93 -5.61 11.53 18.18
N VAL A 94 -5.06 11.79 17.02
CA VAL A 94 -5.69 11.30 15.77
C VAL A 94 -4.71 10.33 15.08
N VAL A 95 -5.08 9.78 13.95
CA VAL A 95 -4.18 8.83 13.26
C VAL A 95 -4.41 8.93 11.74
N ALA A 96 -3.36 8.75 10.96
CA ALA A 96 -3.51 8.85 9.48
C ALA A 96 -2.81 7.67 8.79
N PRO A 97 -3.39 6.51 8.93
CA PRO A 97 -2.82 5.29 8.33
C PRO A 97 -3.47 5.00 6.97
N ILE A 98 -3.12 3.88 6.38
CA ILE A 98 -3.72 3.51 5.06
C ILE A 98 -4.02 2.00 5.09
N ASP A 99 -4.79 1.52 4.17
CA ASP A 99 -5.13 0.07 4.18
C ASP A 99 -4.89 -0.53 2.80
N HIS A 100 -4.64 -1.80 2.75
CA HIS A 100 -4.43 -2.47 1.45
C HIS A 100 -5.64 -3.37 1.16
N PHE A 101 -5.72 -3.94 -0.01
CA PHE A 101 -6.91 -4.78 -0.30
C PHE A 101 -6.53 -5.93 -1.23
N ARG A 102 -7.23 -7.02 -1.12
CA ARG A 102 -6.96 -8.18 -2.00
C ARG A 102 -8.28 -8.81 -2.43
N PHE A 103 -8.64 -8.68 -3.67
CA PHE A 103 -9.93 -9.25 -4.16
C PHE A 103 -9.72 -10.68 -4.63
N ASN A 104 -10.67 -11.23 -5.33
CA ASN A 104 -10.53 -12.63 -5.82
C ASN A 104 -11.00 -12.70 -7.28
N GLY A 105 -12.04 -11.99 -7.62
CA GLY A 105 -12.54 -12.02 -9.02
C GLY A 105 -13.67 -11.00 -9.18
N ALA A 106 -14.61 -11.01 -8.26
CA ALA A 106 -15.75 -10.05 -8.36
C ALA A 106 -16.89 -10.51 -7.46
N GLY A 107 -16.77 -10.32 -6.18
CA GLY A 107 -17.85 -10.75 -5.25
C GLY A 107 -17.62 -10.14 -3.87
N LYS A 108 -16.59 -10.55 -3.19
CA LYS A 108 -16.31 -9.98 -1.84
C LYS A 108 -14.80 -9.76 -1.68
N VAL A 109 -14.35 -9.58 -0.47
CA VAL A 109 -12.90 -9.36 -0.24
C VAL A 109 -12.26 -10.66 0.24
N VAL A 110 -11.02 -10.89 -0.10
CA VAL A 110 -10.35 -12.15 0.35
C VAL A 110 -9.25 -11.82 1.35
N SER A 111 -8.21 -11.15 0.92
CA SER A 111 -7.11 -10.81 1.87
C SER A 111 -7.01 -9.29 2.01
N MET A 112 -6.29 -8.83 3.00
CA MET A 112 -6.14 -7.35 3.19
C MET A 112 -4.91 -7.08 4.05
N ARG A 113 -4.33 -5.92 3.93
CA ARG A 113 -3.12 -5.59 4.74
C ARG A 113 -3.15 -4.11 5.12
N ALA A 114 -3.03 -3.80 6.39
CA ALA A 114 -3.06 -2.38 6.82
C ALA A 114 -1.62 -1.86 6.98
N LEU A 115 -1.34 -0.71 6.44
CA LEU A 115 0.04 -0.16 6.57
C LEU A 115 0.01 1.16 7.33
N PHE A 116 1.00 1.41 8.14
CA PHE A 116 1.07 2.67 8.92
C PHE A 116 2.23 2.59 9.89
N GLY A 117 2.21 3.37 10.93
CA GLY A 117 3.33 3.33 11.92
C GLY A 117 3.20 4.50 12.89
N GLU A 118 4.18 4.68 13.74
CA GLU A 118 4.12 5.81 14.72
C GLU A 118 4.35 7.14 13.99
N LYS A 119 4.60 7.09 12.71
CA LYS A 119 4.82 8.33 11.94
C LYS A 119 3.51 8.80 11.34
N ASN A 120 2.66 7.86 11.04
CA ASN A 120 1.33 8.21 10.45
C ASN A 120 0.32 8.43 11.56
N ILE A 121 0.76 8.53 12.78
CA ILE A 121 -0.18 8.76 13.90
C ILE A 121 -0.29 10.27 14.14
N HIS A 122 -0.75 10.69 15.29
CA HIS A 122 -0.87 12.15 15.57
C HIS A 122 -0.73 12.42 17.06
N ALA A 123 -0.40 13.62 17.43
CA ALA A 123 -0.26 13.95 18.87
C ALA A 123 -0.49 15.45 19.09
N GLY A 124 -1.72 15.86 19.16
CA GLY A 124 -2.01 17.31 19.38
C GLY A 124 -2.78 17.50 20.68
N ALA A 125 -2.46 18.52 21.42
CA ALA A 125 -3.18 18.77 22.71
C ALA A 125 -3.60 20.24 22.79
N MET B 1 13.98 0.14 18.47
CA MET B 1 14.63 0.55 17.19
C MET B 1 13.62 1.25 16.27
N ASN B 2 12.91 0.50 15.48
CA ASN B 2 11.91 1.13 14.56
C ASN B 2 12.53 2.34 13.88
N THR B 3 13.75 2.21 13.41
CA THR B 3 14.41 3.35 12.74
C THR B 3 14.10 3.31 11.23
N PRO B 4 13.27 4.24 10.81
CA PRO B 4 12.89 4.31 9.38
C PRO B 4 14.06 4.82 8.54
N GLU B 5 15.16 5.13 9.17
CA GLU B 5 16.35 5.63 8.41
C GLU B 5 16.77 4.57 7.40
N HIS B 6 17.19 3.42 7.88
CA HIS B 6 17.63 2.35 6.94
C HIS B 6 16.45 1.94 6.06
N MET B 7 15.29 1.76 6.64
CA MET B 7 14.12 1.35 5.84
C MET B 7 13.81 2.43 4.79
N THR B 8 13.91 3.68 5.16
CA THR B 8 13.63 4.77 4.18
C THR B 8 14.67 4.72 3.06
N ALA B 9 15.92 4.54 3.41
CA ALA B 9 16.97 4.47 2.35
C ALA B 9 16.54 3.46 1.30
N VAL B 10 16.04 2.33 1.72
CA VAL B 10 15.58 1.31 0.74
C VAL B 10 14.60 1.97 -0.24
N VAL B 11 13.94 3.01 0.20
CA VAL B 11 12.98 3.70 -0.69
C VAL B 11 13.71 4.80 -1.48
N GLN B 12 14.55 5.54 -0.80
CA GLN B 12 15.33 6.61 -1.49
C GLN B 12 16.21 5.97 -2.54
N ARG B 13 17.24 5.33 -2.09
CA ARG B 13 18.17 4.64 -3.01
C ARG B 13 17.36 3.92 -4.07
N TYR B 14 16.33 3.24 -3.65
CA TYR B 14 15.46 2.52 -4.61
C TYR B 14 15.11 3.46 -5.76
N VAL B 15 14.79 4.68 -5.46
CA VAL B 15 14.45 5.65 -6.54
C VAL B 15 15.74 6.32 -7.02
N ALA B 16 16.64 6.67 -6.14
CA ALA B 16 17.90 7.30 -6.60
C ALA B 16 18.44 6.47 -7.76
N ALA B 17 18.29 5.18 -7.68
CA ALA B 17 18.76 4.30 -8.78
C ALA B 17 17.79 4.47 -9.94
N LEU B 18 16.53 4.66 -9.64
CA LEU B 18 15.51 4.86 -10.69
C LEU B 18 15.84 6.16 -11.43
N ASN B 19 15.85 7.26 -10.70
CA ASN B 19 16.18 8.57 -11.32
C ASN B 19 17.46 8.44 -12.12
N ALA B 20 18.42 7.72 -11.61
CA ALA B 20 19.71 7.56 -12.33
C ALA B 20 19.63 6.34 -13.26
N GLY B 21 18.51 5.68 -13.29
CA GLY B 21 18.38 4.49 -14.17
C GLY B 21 19.51 3.50 -13.89
N ASP B 22 19.77 3.25 -12.64
CA ASP B 22 20.87 2.30 -12.28
C ASP B 22 20.29 1.03 -11.68
N LEU B 23 19.87 0.10 -12.50
CA LEU B 23 19.31 -1.17 -11.99
C LEU B 23 20.29 -1.81 -11.00
N ASP B 24 21.53 -1.43 -11.05
CA ASP B 24 22.53 -2.00 -10.12
C ASP B 24 22.16 -1.63 -8.68
N GLY B 25 22.06 -0.35 -8.40
CA GLY B 25 21.70 0.07 -7.03
C GLY B 25 20.33 -0.51 -6.68
N ILE B 26 19.49 -0.64 -7.65
CA ILE B 26 18.14 -1.21 -7.40
C ILE B 26 18.30 -2.66 -6.96
N VAL B 27 18.89 -3.47 -7.80
CA VAL B 27 19.11 -4.88 -7.43
C VAL B 27 19.98 -4.91 -6.17
N ALA B 28 20.95 -4.04 -6.11
CA ALA B 28 21.83 -3.99 -4.90
C ALA B 28 20.93 -3.79 -3.69
N LEU B 29 20.07 -2.81 -3.75
CA LEU B 29 19.14 -2.54 -2.62
C LEU B 29 18.16 -3.71 -2.49
N PHE B 30 17.98 -4.46 -3.55
CA PHE B 30 17.04 -5.59 -3.51
C PHE B 30 17.78 -6.89 -3.20
N ALA B 31 17.27 -7.70 -2.33
CA ALA B 31 17.95 -8.98 -1.99
C ALA B 31 18.41 -9.66 -3.28
N ASP B 32 19.30 -10.61 -3.17
CA ASP B 32 19.80 -11.32 -4.39
C ASP B 32 18.64 -12.01 -5.08
N ASP B 33 17.62 -12.33 -4.33
CA ASP B 33 16.44 -13.01 -4.92
C ASP B 33 15.16 -12.41 -4.33
N ALA B 34 15.12 -11.10 -4.23
CA ALA B 34 13.92 -10.45 -3.66
C ALA B 34 12.71 -10.70 -4.56
N THR B 35 11.54 -10.37 -4.10
CA THR B 35 10.32 -10.58 -4.93
C THR B 35 9.64 -9.23 -5.16
N VAL B 36 9.14 -9.00 -6.34
CA VAL B 36 8.46 -7.70 -6.62
C VAL B 36 7.13 -7.95 -7.32
N GLU B 37 6.05 -7.52 -6.74
CA GLU B 37 4.72 -7.71 -7.38
C GLU B 37 4.45 -6.53 -8.29
N ASP B 38 4.56 -6.72 -9.57
CA ASP B 38 4.36 -5.58 -10.51
C ASP B 38 4.53 -6.06 -11.96
N PRO B 39 3.71 -5.56 -12.85
CA PRO B 39 2.68 -4.54 -12.50
C PRO B 39 1.53 -5.21 -11.73
N VAL B 40 0.50 -4.46 -11.42
CA VAL B 40 -0.65 -5.03 -10.67
C VAL B 40 -1.59 -5.73 -11.65
N GLY B 41 -1.06 -6.56 -12.51
CA GLY B 41 -1.94 -7.28 -13.48
C GLY B 41 -1.09 -8.27 -14.27
N SER B 42 -0.06 -8.80 -13.66
CA SER B 42 0.81 -9.78 -14.38
C SER B 42 1.39 -10.77 -13.37
N GLU B 43 2.61 -10.56 -12.96
CA GLU B 43 3.22 -11.50 -11.98
C GLU B 43 4.62 -11.01 -11.58
N PRO B 44 4.91 -11.14 -10.31
CA PRO B 44 6.23 -10.73 -9.77
C PRO B 44 7.36 -11.59 -10.36
N ARG B 45 8.56 -11.36 -9.90
CA ARG B 45 9.72 -12.15 -10.39
C ARG B 45 10.76 -12.19 -9.27
N SER B 46 11.12 -13.35 -8.83
CA SER B 46 12.10 -13.44 -7.72
C SER B 46 13.48 -13.82 -8.27
N GLY B 47 14.51 -13.48 -7.57
CA GLY B 47 15.89 -13.81 -8.04
C GLY B 47 16.59 -12.55 -8.52
N THR B 48 17.89 -12.58 -8.61
CA THR B 48 18.63 -11.37 -9.08
C THR B 48 18.34 -11.14 -10.56
N ALA B 49 18.66 -12.09 -11.39
CA ALA B 49 18.41 -11.92 -12.86
C ALA B 49 16.93 -11.57 -13.07
N ALA B 50 16.09 -11.91 -12.14
CA ALA B 50 14.64 -11.58 -12.28
C ALA B 50 14.36 -10.19 -11.72
N ILE B 51 14.73 -9.95 -10.49
CA ILE B 51 14.50 -8.61 -9.89
C ILE B 51 15.08 -7.52 -10.81
N ARG B 52 16.23 -7.76 -11.36
CA ARG B 52 16.84 -6.75 -12.26
C ARG B 52 16.19 -6.84 -13.64
N GLU B 53 16.12 -8.01 -14.21
CA GLU B 53 15.48 -8.15 -15.54
C GLU B 53 14.10 -7.52 -15.48
N PHE B 54 13.50 -7.50 -14.32
CA PHE B 54 12.16 -6.88 -14.15
C PHE B 54 12.33 -5.39 -13.98
N PHE B 55 12.85 -5.00 -12.85
CA PHE B 55 13.06 -3.55 -12.58
C PHE B 55 13.85 -2.93 -13.73
N ALA B 56 14.54 -3.73 -14.49
CA ALA B 56 15.32 -3.19 -15.64
C ALA B 56 14.34 -2.96 -16.80
N ASN B 57 13.41 -3.85 -16.99
CA ASN B 57 12.41 -3.67 -18.08
C ASN B 57 11.61 -2.40 -17.80
N SER B 58 11.51 -2.03 -16.55
CA SER B 58 10.75 -0.81 -16.20
C SER B 58 11.59 0.41 -16.57
N LEU B 59 12.87 0.35 -16.31
CA LEU B 59 13.76 1.48 -16.66
C LEU B 59 13.74 1.72 -18.16
N LYS B 60 13.39 0.71 -18.92
CA LYS B 60 13.34 0.86 -20.40
C LYS B 60 12.53 2.11 -20.75
N LEU B 61 11.57 2.45 -19.93
CA LEU B 61 10.74 3.65 -20.20
C LEU B 61 11.38 4.85 -19.48
N PRO B 62 11.98 5.72 -20.27
CA PRO B 62 12.65 6.92 -19.69
C PRO B 62 11.64 7.95 -19.22
N LEU B 63 11.61 8.21 -17.93
CA LEU B 63 10.67 9.24 -17.39
C LEU B 63 11.38 10.07 -16.32
N ALA B 64 10.64 10.82 -15.56
CA ALA B 64 11.23 11.62 -14.47
C ALA B 64 10.74 11.09 -13.13
N VAL B 65 11.63 10.79 -12.23
CA VAL B 65 11.20 10.24 -10.92
C VAL B 65 11.68 11.15 -9.79
N GLU B 66 10.76 11.71 -9.04
CA GLU B 66 11.17 12.60 -7.91
C GLU B 66 10.12 12.52 -6.81
N LEU B 67 10.46 11.90 -5.71
CA LEU B 67 9.48 11.79 -4.59
C LEU B 67 8.85 13.15 -4.33
N THR B 68 7.88 13.21 -3.45
CA THR B 68 7.22 14.52 -3.16
C THR B 68 6.57 14.46 -1.79
N GLN B 69 5.98 13.35 -1.46
CA GLN B 69 5.32 13.21 -0.13
C GLN B 69 6.30 12.57 0.86
N GLU B 70 5.80 11.81 1.80
CA GLU B 70 6.71 11.17 2.79
C GLU B 70 6.68 9.65 2.60
N VAL B 71 7.82 9.03 2.54
CA VAL B 71 7.86 7.55 2.36
C VAL B 71 7.26 6.89 3.60
N ARG B 72 6.73 5.70 3.45
CA ARG B 72 6.12 5.02 4.63
C ARG B 72 6.91 3.73 4.95
N ALA B 73 7.26 3.54 6.19
CA ALA B 73 8.01 2.30 6.57
C ALA B 73 7.67 1.93 8.02
N VAL B 74 7.40 0.68 8.27
CA VAL B 74 7.06 0.28 9.67
C VAL B 74 7.95 -0.90 10.10
N ALA B 75 7.57 -1.58 11.16
CA ALA B 75 8.39 -2.73 11.64
C ALA B 75 8.02 -4.01 10.90
N ASN B 76 8.32 -4.09 9.64
CA ASN B 76 7.98 -5.32 8.86
C ASN B 76 7.98 -5.00 7.36
N GLU B 77 7.12 -4.11 6.94
CA GLU B 77 7.06 -3.76 5.50
C GLU B 77 7.29 -2.26 5.35
N ALA B 78 6.90 -1.71 4.23
CA ALA B 78 7.07 -0.25 4.00
C ALA B 78 6.31 0.16 2.74
N ALA B 79 5.66 1.29 2.77
CA ALA B 79 4.90 1.72 1.55
C ALA B 79 5.34 3.13 1.16
N PHE B 80 5.48 3.40 -0.11
CA PHE B 80 5.89 4.76 -0.53
C PHE B 80 5.32 5.06 -1.91
N ALA B 81 5.46 6.28 -2.36
CA ALA B 81 4.91 6.64 -3.71
C ALA B 81 5.79 7.68 -4.38
N PHE B 82 5.48 8.02 -5.60
CA PHE B 82 6.28 9.05 -6.32
C PHE B 82 5.51 9.46 -7.58
N THR B 83 6.15 10.16 -8.46
CA THR B 83 5.45 10.60 -9.70
C THR B 83 6.33 10.31 -10.92
N VAL B 84 5.72 9.89 -12.00
CA VAL B 84 6.53 9.60 -13.22
C VAL B 84 6.12 10.59 -14.31
N SER B 85 7.05 11.36 -14.81
CA SER B 85 6.71 12.35 -15.87
C SER B 85 7.57 12.11 -17.10
N PHE B 86 7.22 11.16 -17.92
CA PHE B 86 8.02 10.91 -19.15
C PHE B 86 7.45 11.77 -20.28
N GLU B 87 7.92 11.57 -21.49
CA GLU B 87 7.40 12.40 -22.61
C GLU B 87 6.95 11.49 -23.75
N PHE B 88 5.98 11.93 -24.50
CA PHE B 88 5.48 11.12 -25.65
C PHE B 88 5.74 11.88 -26.96
N GLN B 89 6.89 11.70 -27.55
CA GLN B 89 7.19 12.42 -28.82
C GLN B 89 6.71 13.88 -28.73
N GLY B 90 5.51 14.15 -29.18
CA GLY B 90 5.00 15.56 -29.13
C GLY B 90 4.03 15.72 -27.95
N ARG B 91 3.60 14.64 -27.36
CA ARG B 91 2.65 14.74 -26.21
C ARG B 91 3.40 14.52 -24.90
N LYS B 92 2.84 14.97 -23.82
CA LYS B 92 3.52 14.79 -22.50
C LYS B 92 2.60 14.01 -21.55
N THR B 93 3.10 12.97 -20.93
CA THR B 93 2.26 12.16 -20.02
C THR B 93 2.90 12.12 -18.62
N VAL B 94 2.11 12.12 -17.60
CA VAL B 94 2.66 12.06 -16.22
C VAL B 94 2.01 10.89 -15.47
N VAL B 95 2.53 10.52 -14.33
CA VAL B 95 1.92 9.38 -13.59
C VAL B 95 1.83 9.69 -12.10
N ALA B 96 1.00 8.98 -11.41
CA ALA B 96 0.83 9.20 -9.94
C ALA B 96 0.57 7.85 -9.25
N PRO B 97 1.55 6.99 -9.31
CA PRO B 97 1.42 5.65 -8.72
C PRO B 97 2.06 5.58 -7.34
N ILE B 98 2.01 4.43 -6.72
CA ILE B 98 2.63 4.23 -5.38
C ILE B 98 3.26 2.85 -5.35
N ASP B 99 4.25 2.64 -4.52
CA ASP B 99 4.89 1.31 -4.49
C ASP B 99 4.85 0.73 -3.07
N HIS B 100 5.08 -0.55 -2.95
CA HIS B 100 5.07 -1.19 -1.61
C HIS B 100 6.46 -1.73 -1.30
N PHE B 101 6.73 -2.07 -0.08
CA PHE B 101 8.06 -2.56 0.28
C PHE B 101 7.96 -3.65 1.36
N ARG B 102 8.82 -4.62 1.32
CA ARG B 102 8.76 -5.69 2.35
C ARG B 102 10.19 -6.04 2.79
N PHE B 103 10.54 -5.70 4.00
CA PHE B 103 11.91 -6.01 4.48
C PHE B 103 11.93 -7.39 5.14
N ASN B 104 12.99 -7.73 5.83
CA ASN B 104 13.06 -9.07 6.47
C ASN B 104 13.66 -8.91 7.88
N GLY B 105 14.66 -8.08 8.02
CA GLY B 105 15.28 -7.89 9.36
C GLY B 105 15.79 -6.46 9.48
N ALA B 106 16.78 -6.10 8.70
CA ALA B 106 17.33 -4.72 8.78
C ALA B 106 18.67 -4.65 8.07
N GLY B 107 18.71 -5.03 6.83
CA GLY B 107 20.00 -4.99 6.07
C GLY B 107 19.72 -4.69 4.60
N LYS B 108 18.70 -5.28 4.04
CA LYS B 108 18.40 -5.02 2.60
C LYS B 108 16.91 -5.27 2.36
N VAL B 109 16.50 -5.30 1.11
CA VAL B 109 15.07 -5.54 0.81
C VAL B 109 14.87 -7.00 0.43
N VAL B 110 13.69 -7.54 0.68
CA VAL B 110 13.45 -8.96 0.34
C VAL B 110 12.26 -9.06 -0.63
N SER B 111 11.09 -8.67 -0.20
CA SER B 111 9.91 -8.74 -1.10
C SER B 111 9.38 -7.33 -1.36
N MET B 112 8.54 -7.18 -2.34
CA MET B 112 7.99 -5.82 -2.64
C MET B 112 6.64 -5.96 -3.34
N ARG B 113 5.81 -4.95 -3.27
CA ARG B 113 4.48 -5.02 -3.94
C ARG B 113 4.35 -3.82 -4.89
N ALA B 114 3.24 -3.70 -5.57
CA ALA B 114 3.08 -2.55 -6.51
C ALA B 114 1.67 -1.98 -6.41
N LEU B 115 1.57 -0.71 -6.15
CA LEU B 115 0.24 -0.04 -6.07
C LEU B 115 0.03 0.76 -7.35
N PHE B 116 -1.04 1.50 -7.44
CA PHE B 116 -1.35 2.33 -8.66
C PHE B 116 -2.36 1.61 -9.55
N GLY B 117 -2.44 1.99 -10.78
CA GLY B 117 -3.38 1.34 -11.71
C GLY B 117 -3.63 2.25 -12.91
N GLU B 118 -4.68 2.01 -13.64
CA GLU B 118 -4.97 2.88 -14.83
C GLU B 118 -5.61 4.19 -14.35
N LYS B 119 -5.66 4.41 -13.07
CA LYS B 119 -6.27 5.65 -12.54
C LYS B 119 -5.21 6.49 -11.83
N ASN B 120 -4.13 5.89 -11.50
CA ASN B 120 -3.05 6.63 -10.77
C ASN B 120 -2.10 7.29 -11.77
N ILE B 121 -2.16 6.90 -13.02
CA ILE B 121 -1.26 7.49 -14.03
C ILE B 121 -1.95 8.73 -14.60
N HIS B 122 -1.49 9.24 -15.72
CA HIS B 122 -2.14 10.45 -16.31
C HIS B 122 -1.97 10.44 -17.83
N ALA B 123 -2.85 11.09 -18.54
CA ALA B 123 -2.74 11.11 -20.02
C ALA B 123 -3.45 12.36 -20.57
N GLY B 124 -2.70 13.30 -21.09
CA GLY B 124 -3.33 14.53 -21.63
C GLY B 124 -2.29 15.37 -22.37
N ALA B 125 -2.24 16.65 -22.10
CA ALA B 125 -1.25 17.52 -22.79
C ALA B 125 -0.18 17.96 -21.80
N MET A 1 -13.77 -2.74 -17.70
CA MET A 1 -12.43 -3.38 -17.59
C MET A 1 -11.97 -3.42 -16.13
N ASN A 2 -11.75 -2.27 -15.55
CA ASN A 2 -11.31 -2.24 -14.12
C ASN A 2 -12.17 -1.25 -13.34
N THR A 3 -13.45 -1.27 -13.55
CA THR A 3 -14.34 -0.33 -12.82
C THR A 3 -13.93 -0.27 -11.34
N PRO A 4 -13.35 0.83 -10.97
CA PRO A 4 -12.90 1.00 -9.55
C PRO A 4 -14.12 1.18 -8.64
N GLU A 5 -15.28 1.35 -9.21
CA GLU A 5 -16.50 1.52 -8.38
C GLU A 5 -16.78 0.23 -7.61
N HIS A 6 -16.78 -0.88 -8.31
CA HIS A 6 -17.05 -2.18 -7.61
C HIS A 6 -15.93 -2.45 -6.60
N MET A 7 -14.70 -2.38 -7.02
CA MET A 7 -13.58 -2.62 -6.09
C MET A 7 -13.64 -1.61 -4.95
N THR A 8 -14.23 -0.47 -5.19
CA THR A 8 -14.33 0.57 -4.13
C THR A 8 -15.37 0.12 -3.09
N ALA A 9 -16.36 -0.60 -3.52
CA ALA A 9 -17.39 -1.06 -2.55
C ALA A 9 -16.70 -1.83 -1.43
N VAL A 10 -15.89 -2.80 -1.78
CA VAL A 10 -15.17 -3.57 -0.73
C VAL A 10 -14.55 -2.58 0.25
N VAL A 11 -14.22 -1.41 -0.21
CA VAL A 11 -13.61 -0.39 0.68
C VAL A 11 -14.71 0.43 1.35
N GLN A 12 -15.69 0.85 0.59
CA GLN A 12 -16.81 1.63 1.17
C GLN A 12 -17.45 0.79 2.26
N ARG A 13 -18.17 -0.19 1.84
CA ARG A 13 -18.83 -1.11 2.79
C ARG A 13 -17.85 -1.43 3.92
N TYR A 14 -16.64 -1.72 3.56
CA TYR A 14 -15.60 -2.05 4.58
C TYR A 14 -15.60 -0.95 5.64
N VAL A 15 -15.66 0.29 5.24
CA VAL A 15 -15.67 1.39 6.23
C VAL A 15 -17.11 1.65 6.68
N ALA A 16 -18.06 1.63 5.79
CA ALA A 16 -19.47 1.83 6.21
C ALA A 16 -19.73 0.90 7.40
N ALA A 17 -19.14 -0.26 7.37
CA ALA A 17 -19.30 -1.22 8.49
C ALA A 17 -18.47 -0.70 9.66
N LEU A 18 -17.37 -0.06 9.37
CA LEU A 18 -16.51 0.51 10.42
C LEU A 18 -17.29 1.62 11.11
N ASN A 19 -17.73 2.58 10.35
CA ASN A 19 -18.52 3.71 10.90
C ASN A 19 -19.63 3.15 11.78
N ALA A 20 -20.24 2.07 11.36
CA ALA A 20 -21.35 1.47 12.16
C ALA A 20 -20.76 0.47 13.15
N GLY A 21 -19.51 0.14 13.00
CA GLY A 21 -18.88 -0.83 13.94
C GLY A 21 -19.57 -2.20 13.85
N ASP A 22 -20.17 -2.50 12.74
CA ASP A 22 -20.86 -3.79 12.59
C ASP A 22 -19.88 -4.84 12.06
N LEU A 23 -19.13 -5.47 12.93
CA LEU A 23 -18.17 -6.50 12.49
C LEU A 23 -18.87 -7.50 11.55
N ASP A 24 -20.16 -7.59 11.63
CA ASP A 24 -20.90 -8.54 10.75
C ASP A 24 -20.62 -8.20 9.29
N GLY A 25 -20.83 -6.95 8.92
CA GLY A 25 -20.58 -6.55 7.51
C GLY A 25 -19.10 -6.67 7.20
N ILE A 26 -18.27 -6.28 8.12
CA ILE A 26 -16.81 -6.38 7.90
C ILE A 26 -16.46 -7.84 7.67
N VAL A 27 -16.84 -8.69 8.59
CA VAL A 27 -16.56 -10.14 8.41
C VAL A 27 -17.34 -10.63 7.19
N ALA A 28 -18.56 -10.18 7.05
CA ALA A 28 -19.36 -10.58 5.87
C ALA A 28 -18.57 -10.23 4.61
N LEU A 29 -18.09 -9.02 4.54
CA LEU A 29 -17.29 -8.60 3.36
C LEU A 29 -15.97 -9.37 3.35
N PHE A 30 -15.64 -10.01 4.43
CA PHE A 30 -14.36 -10.77 4.50
C PHE A 30 -14.61 -12.21 4.03
N ALA A 31 -13.74 -12.74 3.23
CA ALA A 31 -13.93 -14.14 2.74
C ALA A 31 -14.10 -15.08 3.94
N ASP A 32 -14.03 -16.36 3.71
CA ASP A 32 -14.18 -17.34 4.84
C ASP A 32 -12.89 -17.39 5.65
N ASP A 33 -11.81 -17.03 5.03
CA ASP A 33 -10.50 -17.05 5.74
C ASP A 33 -9.66 -15.86 5.27
N ALA A 34 -10.25 -14.70 5.19
CA ALA A 34 -9.48 -13.50 4.72
C ALA A 34 -8.28 -13.27 5.65
N THR A 35 -7.29 -12.58 5.17
CA THR A 35 -6.10 -12.30 6.00
C THR A 35 -5.95 -10.78 6.18
N VAL A 36 -5.60 -10.35 7.36
CA VAL A 36 -5.45 -8.88 7.59
C VAL A 36 -4.08 -8.62 8.25
N GLU A 37 -3.44 -7.56 7.86
CA GLU A 37 -2.12 -7.23 8.47
C GLU A 37 -2.28 -5.97 9.31
N ASP A 38 -2.15 -6.08 10.60
CA ASP A 38 -2.33 -4.88 11.45
C ASP A 38 -2.12 -5.26 12.93
N PRO A 39 -1.48 -4.37 13.67
CA PRO A 39 -0.99 -3.08 13.14
C PRO A 39 0.22 -3.29 12.23
N VAL A 40 0.21 -2.70 11.06
CA VAL A 40 1.36 -2.87 10.13
C VAL A 40 1.83 -4.33 10.16
N GLY A 41 3.10 -4.54 9.96
CA GLY A 41 3.64 -5.94 9.97
C GLY A 41 3.54 -6.57 11.37
N SER A 42 3.00 -5.85 12.33
CA SER A 42 2.90 -6.42 13.71
C SER A 42 2.30 -7.83 13.65
N GLU A 43 1.03 -7.97 13.89
CA GLU A 43 0.40 -9.32 13.86
C GLU A 43 -0.90 -9.30 13.05
N PRO A 44 -0.84 -9.89 11.88
CA PRO A 44 -2.03 -9.97 11.00
C PRO A 44 -3.08 -10.91 11.61
N ARG A 45 -4.07 -11.27 10.84
CA ARG A 45 -5.13 -12.18 11.37
C ARG A 45 -5.70 -12.99 10.20
N SER A 46 -5.47 -14.26 10.18
CA SER A 46 -5.98 -15.08 9.06
C SER A 46 -7.20 -15.89 9.50
N GLY A 47 -8.19 -16.00 8.64
CA GLY A 47 -9.41 -16.76 8.99
C GLY A 47 -10.57 -15.80 9.23
N THR A 48 -11.79 -16.29 9.17
CA THR A 48 -12.96 -15.41 9.40
C THR A 48 -13.09 -15.13 10.90
N ALA A 49 -12.91 -16.13 11.72
CA ALA A 49 -13.02 -15.93 13.19
C ALA A 49 -11.87 -15.05 13.66
N ALA A 50 -10.70 -15.22 13.11
CA ALA A 50 -9.54 -14.39 13.53
C ALA A 50 -9.69 -12.98 12.96
N ILE A 51 -10.10 -12.87 11.72
CA ILE A 51 -10.27 -11.51 11.12
C ILE A 51 -11.29 -10.73 11.94
N ARG A 52 -12.40 -11.32 12.27
CA ARG A 52 -13.42 -10.60 13.09
C ARG A 52 -12.84 -10.33 14.48
N GLU A 53 -12.40 -11.35 15.16
CA GLU A 53 -11.83 -11.13 16.52
C GLU A 53 -10.88 -9.93 16.45
N PHE A 54 -10.30 -9.71 15.31
CA PHE A 54 -9.37 -8.57 15.15
C PHE A 54 -10.17 -7.32 14.82
N PHE A 55 -10.74 -7.28 13.64
CA PHE A 55 -11.55 -6.11 13.23
C PHE A 55 -12.60 -5.81 14.31
N ALA A 56 -12.91 -6.78 15.12
CA ALA A 56 -13.90 -6.55 16.21
C ALA A 56 -13.18 -5.89 17.39
N ASN A 57 -12.03 -6.40 17.75
CA ASN A 57 -11.27 -5.80 18.87
C ASN A 57 -10.93 -4.35 18.50
N SER A 58 -10.39 -4.15 17.33
CA SER A 58 -10.05 -2.76 16.90
C SER A 58 -11.28 -1.89 17.07
N LEU A 59 -12.45 -2.49 17.02
CA LEU A 59 -13.70 -1.72 17.18
C LEU A 59 -13.92 -1.38 18.65
N LYS A 60 -13.43 -2.21 19.54
CA LYS A 60 -13.62 -1.93 21.00
C LYS A 60 -13.34 -0.45 21.24
N LEU A 61 -12.46 0.12 20.48
CA LEU A 61 -12.14 1.57 20.63
C LEU A 61 -12.90 2.33 19.54
N PRO A 62 -14.01 2.91 19.93
CA PRO A 62 -14.88 3.65 18.98
C PRO A 62 -14.24 4.97 18.53
N LEU A 63 -14.19 5.20 17.25
CA LEU A 63 -13.62 6.48 16.73
C LEU A 63 -14.47 6.96 15.55
N ALA A 64 -14.14 8.09 14.99
CA ALA A 64 -14.91 8.59 13.83
C ALA A 64 -14.26 8.09 12.54
N VAL A 65 -15.02 7.48 11.68
CA VAL A 65 -14.42 6.96 10.42
C VAL A 65 -15.09 7.63 9.21
N GLU A 66 -14.36 8.43 8.50
CA GLU A 66 -14.94 9.11 7.30
C GLU A 66 -13.82 9.37 6.28
N LEU A 67 -13.77 8.61 5.22
CA LEU A 67 -12.72 8.81 4.20
C LEU A 67 -12.75 10.27 3.71
N THR A 68 -11.79 10.64 2.90
CA THR A 68 -11.75 12.04 2.38
C THR A 68 -11.47 12.01 0.88
N GLN A 69 -10.24 11.86 0.53
CA GLN A 69 -9.87 11.82 -0.92
C GLN A 69 -10.57 10.64 -1.58
N GLU A 70 -9.91 9.99 -2.52
CA GLU A 70 -10.57 8.83 -3.20
C GLU A 70 -9.83 7.54 -2.85
N VAL A 71 -10.55 6.50 -2.54
CA VAL A 71 -9.91 5.20 -2.20
C VAL A 71 -9.16 4.69 -3.43
N ARG A 72 -8.08 3.98 -3.23
CA ARG A 72 -7.30 3.45 -4.39
C ARG A 72 -7.69 1.99 -4.62
N ALA A 73 -8.00 1.63 -5.83
CA ALA A 73 -8.37 0.22 -6.13
C ALA A 73 -7.89 -0.15 -7.54
N VAL A 74 -7.31 -1.31 -7.69
CA VAL A 74 -6.81 -1.73 -9.03
C VAL A 74 -6.56 -3.24 -9.04
N ALA A 75 -6.59 -3.83 -10.20
CA ALA A 75 -6.35 -5.30 -10.29
C ALA A 75 -7.22 -6.04 -9.26
N ASN A 76 -6.77 -7.17 -8.81
CA ASN A 76 -7.56 -7.95 -7.81
C ASN A 76 -7.21 -7.47 -6.41
N GLU A 77 -6.59 -6.32 -6.30
CA GLU A 77 -6.21 -5.79 -4.96
C GLU A 77 -6.83 -4.41 -4.78
N ALA A 78 -6.30 -3.64 -3.88
CA ALA A 78 -6.85 -2.27 -3.66
C ALA A 78 -6.08 -1.59 -2.52
N ALA A 79 -6.15 -0.29 -2.45
CA ALA A 79 -5.42 0.44 -1.37
C ALA A 79 -6.19 1.72 -1.04
N PHE A 80 -6.39 2.01 0.23
CA PHE A 80 -7.13 3.24 0.59
C PHE A 80 -6.64 3.79 1.92
N ALA A 81 -6.95 5.03 2.19
CA ALA A 81 -6.50 5.65 3.47
C ALA A 81 -7.62 6.52 4.04
N PHE A 82 -7.70 6.67 5.32
CA PHE A 82 -8.75 7.51 5.93
C PHE A 82 -8.24 8.12 7.23
N THR A 83 -9.10 8.76 7.96
CA THR A 83 -8.67 9.38 9.25
C THR A 83 -9.55 8.86 10.39
N VAL A 84 -8.96 8.62 11.53
CA VAL A 84 -9.76 8.13 12.67
C VAL A 84 -9.83 9.20 13.75
N SER A 85 -10.99 9.77 13.97
CA SER A 85 -11.11 10.83 15.00
C SER A 85 -11.84 10.27 16.23
N PHE A 86 -11.15 10.16 17.33
CA PHE A 86 -11.80 9.62 18.56
C PHE A 86 -11.57 10.58 19.72
N GLU A 87 -12.51 10.65 20.63
CA GLU A 87 -12.35 11.57 21.79
C GLU A 87 -11.69 10.82 22.95
N PHE A 88 -11.45 11.50 24.04
CA PHE A 88 -10.81 10.83 25.21
C PHE A 88 -11.44 11.36 26.50
N GLN A 89 -10.80 11.14 27.62
CA GLN A 89 -11.38 11.64 28.91
C GLN A 89 -11.11 13.14 29.04
N GLY A 90 -11.61 13.93 28.14
CA GLY A 90 -11.38 15.41 28.22
C GLY A 90 -10.47 15.85 27.07
N ARG A 91 -10.10 14.96 26.20
CA ARG A 91 -9.21 15.35 25.07
C ARG A 91 -9.71 14.71 23.77
N LYS A 92 -9.25 15.18 22.65
CA LYS A 92 -9.69 14.59 21.35
C LYS A 92 -8.47 14.19 20.53
N THR A 93 -8.37 12.94 20.17
CA THR A 93 -7.20 12.48 19.38
C THR A 93 -7.67 11.98 18.01
N VAL A 94 -6.81 12.02 17.03
CA VAL A 94 -7.19 11.53 15.67
C VAL A 94 -6.02 10.73 15.09
N VAL A 95 -6.23 10.06 13.99
CA VAL A 95 -5.13 9.25 13.38
C VAL A 95 -5.24 9.32 11.85
N ALA A 96 -4.13 9.28 11.16
CA ALA A 96 -4.18 9.36 9.67
C ALA A 96 -3.31 8.28 9.02
N PRO A 97 -3.74 7.05 9.15
CA PRO A 97 -3.00 5.92 8.57
C PRO A 97 -3.59 5.54 7.21
N ILE A 98 -3.13 4.46 6.63
CA ILE A 98 -3.68 4.02 5.32
C ILE A 98 -3.94 2.52 5.39
N ASP A 99 -4.80 2.02 4.55
CA ASP A 99 -5.11 0.56 4.58
C ASP A 99 -4.94 -0.03 3.19
N HIS A 100 -4.64 -1.30 3.12
CA HIS A 100 -4.48 -1.96 1.80
C HIS A 100 -5.66 -2.89 1.57
N PHE A 101 -5.79 -3.44 0.40
CA PHE A 101 -6.94 -4.33 0.13
C PHE A 101 -6.51 -5.50 -0.76
N ARG A 102 -7.13 -6.63 -0.58
CA ARG A 102 -6.79 -7.82 -1.41
C ARG A 102 -8.08 -8.47 -1.91
N PHE A 103 -8.38 -8.33 -3.17
CA PHE A 103 -9.62 -8.94 -3.71
C PHE A 103 -9.33 -10.36 -4.21
N ASN A 104 -10.30 -11.00 -4.78
CA ASN A 104 -10.08 -12.39 -5.29
C ASN A 104 -10.76 -12.56 -6.65
N GLY A 105 -11.92 -13.16 -6.69
CA GLY A 105 -12.64 -13.35 -7.98
C GLY A 105 -14.14 -13.29 -7.73
N ALA A 106 -14.59 -13.87 -6.65
CA ALA A 106 -16.04 -13.86 -6.32
C ALA A 106 -16.23 -14.40 -4.91
N GLY A 107 -15.29 -14.16 -4.04
CA GLY A 107 -15.40 -14.68 -2.64
C GLY A 107 -15.29 -13.51 -1.66
N LYS A 108 -15.43 -12.30 -2.13
CA LYS A 108 -15.34 -11.12 -1.23
C LYS A 108 -13.88 -10.76 -1.00
N VAL A 109 -13.58 -10.21 0.13
CA VAL A 109 -12.17 -9.82 0.43
C VAL A 109 -11.45 -11.02 1.06
N VAL A 110 -10.37 -11.46 0.48
CA VAL A 110 -9.65 -12.63 1.04
C VAL A 110 -8.37 -12.16 1.73
N SER A 111 -8.01 -10.91 1.58
CA SER A 111 -6.76 -10.43 2.23
C SER A 111 -6.79 -8.90 2.35
N MET A 112 -6.10 -8.35 3.32
CA MET A 112 -6.08 -6.88 3.48
C MET A 112 -4.86 -6.49 4.33
N ARG A 113 -4.22 -5.40 4.00
CA ARG A 113 -3.03 -4.97 4.78
C ARG A 113 -3.26 -3.55 5.30
N ALA A 114 -2.36 -3.06 6.11
CA ALA A 114 -2.52 -1.68 6.65
C ALA A 114 -1.15 -1.04 6.83
N LEU A 115 -0.99 0.19 6.43
CA LEU A 115 0.34 0.85 6.59
C LEU A 115 0.18 2.17 7.35
N PHE A 116 1.12 2.45 8.21
CA PHE A 116 1.06 3.72 9.00
C PHE A 116 2.19 3.69 10.03
N GLY A 117 2.08 4.49 11.05
CA GLY A 117 3.14 4.50 12.09
C GLY A 117 2.90 5.64 13.07
N GLU A 118 3.84 5.90 13.94
CA GLU A 118 3.65 7.01 14.93
C GLU A 118 3.71 8.36 14.20
N LYS A 119 3.99 8.35 12.93
CA LYS A 119 4.05 9.62 12.17
C LYS A 119 2.68 9.93 11.60
N ASN A 120 1.95 8.91 11.28
CA ASN A 120 0.59 9.11 10.71
C ASN A 120 -0.44 9.18 11.84
N ILE A 121 0.00 9.25 13.06
CA ILE A 121 -0.96 9.33 14.20
C ILE A 121 -1.24 10.81 14.49
N HIS A 122 -1.94 11.09 15.55
CA HIS A 122 -2.25 12.51 15.89
C HIS A 122 -2.43 12.65 17.40
N ALA A 123 -2.24 13.83 17.93
CA ALA A 123 -2.41 14.03 19.39
C ALA A 123 -2.76 15.49 19.68
N GLY A 124 -3.71 15.72 20.53
CA GLY A 124 -4.11 17.12 20.84
C GLY A 124 -4.36 17.24 22.35
N ALA A 125 -3.92 18.31 22.95
CA ALA A 125 -4.13 18.49 24.42
C ALA A 125 -4.25 19.98 24.75
N MET B 1 16.39 1.34 18.73
CA MET B 1 15.13 2.08 18.41
C MET B 1 14.67 1.73 16.99
N ASN B 2 13.61 2.36 16.54
CA ASN B 2 13.11 2.06 15.17
C ASN B 2 13.23 3.32 14.30
N THR B 3 14.32 3.46 13.60
CA THR B 3 14.50 4.67 12.74
C THR B 3 13.95 4.40 11.35
N PRO B 4 12.98 5.18 10.96
CA PRO B 4 12.37 5.04 9.62
C PRO B 4 13.36 5.51 8.55
N GLU B 5 14.48 6.03 8.96
CA GLU B 5 15.49 6.51 7.98
C GLU B 5 16.14 5.30 7.31
N HIS B 6 16.44 4.27 8.07
CA HIS B 6 17.08 3.06 7.47
C HIS B 6 16.09 2.40 6.51
N MET B 7 14.92 2.07 6.98
CA MET B 7 13.92 1.44 6.10
C MET B 7 13.68 2.34 4.89
N THR B 8 13.93 3.62 5.04
CA THR B 8 13.72 4.55 3.89
C THR B 8 14.83 4.35 2.87
N ALA B 9 16.01 4.03 3.31
CA ALA B 9 17.14 3.82 2.36
C ALA B 9 16.69 2.82 1.30
N VAL B 10 16.08 1.73 1.73
CA VAL B 10 15.60 0.73 0.75
C VAL B 10 14.68 1.43 -0.25
N VAL B 11 14.10 2.53 0.15
CA VAL B 11 13.20 3.29 -0.78
C VAL B 11 14.03 4.31 -1.55
N GLN B 12 14.90 5.01 -0.87
CA GLN B 12 15.76 6.01 -1.54
C GLN B 12 16.58 5.29 -2.60
N ARG B 13 17.55 4.57 -2.14
CA ARG B 13 18.42 3.80 -3.07
C ARG B 13 17.54 3.15 -4.12
N TYR B 14 16.46 2.55 -3.69
CA TYR B 14 15.54 1.88 -4.64
C TYR B 14 15.22 2.85 -5.77
N VAL B 15 14.93 4.08 -5.45
CA VAL B 15 14.62 5.09 -6.51
C VAL B 15 15.92 5.71 -7.01
N ALA B 16 16.85 5.98 -6.14
CA ALA B 16 18.14 6.57 -6.61
C ALA B 16 18.62 5.74 -7.79
N ALA B 17 18.40 4.44 -7.74
CA ALA B 17 18.80 3.56 -8.87
C ALA B 17 17.81 3.80 -10.01
N LEU B 18 16.58 4.07 -9.67
CA LEU B 18 15.55 4.34 -10.71
C LEU B 18 15.95 5.61 -11.44
N ASN B 19 16.06 6.70 -10.71
CA ASN B 19 16.45 7.99 -11.33
C ASN B 19 17.71 7.80 -12.16
N ALA B 20 18.68 7.10 -11.62
CA ALA B 20 19.94 6.87 -12.37
C ALA B 20 19.82 5.59 -13.20
N GLY B 21 18.65 5.03 -13.27
CA GLY B 21 18.47 3.77 -14.06
C GLY B 21 19.56 2.77 -13.68
N ASP B 22 19.95 2.76 -12.44
CA ASP B 22 21.01 1.81 -12.00
C ASP B 22 20.36 0.51 -11.51
N LEU B 23 19.75 -0.23 -12.39
CA LEU B 23 19.11 -1.50 -11.97
C LEU B 23 20.10 -2.32 -11.15
N ASP B 24 21.31 -2.41 -11.62
CA ASP B 24 22.34 -3.20 -10.89
C ASP B 24 22.24 -2.88 -9.40
N GLY B 25 21.87 -1.67 -9.07
CA GLY B 25 21.74 -1.30 -7.64
C GLY B 25 20.37 -1.74 -7.14
N ILE B 26 19.39 -1.70 -7.98
CA ILE B 26 18.02 -2.12 -7.57
C ILE B 26 18.08 -3.60 -7.19
N VAL B 27 18.54 -4.43 -8.09
CA VAL B 27 18.64 -5.87 -7.77
C VAL B 27 19.57 -6.02 -6.56
N ALA B 28 20.60 -5.21 -6.50
CA ALA B 28 21.53 -5.28 -5.35
C ALA B 28 20.73 -4.99 -4.08
N LEU B 29 20.00 -3.90 -4.08
CA LEU B 29 19.18 -3.56 -2.89
C LEU B 29 18.05 -4.58 -2.75
N PHE B 30 17.80 -5.34 -3.78
CA PHE B 30 16.72 -6.35 -3.73
C PHE B 30 17.31 -7.70 -3.32
N ALA B 31 16.54 -8.52 -2.65
CA ALA B 31 17.06 -9.85 -2.23
C ALA B 31 17.47 -10.64 -3.47
N ASP B 32 18.16 -11.74 -3.29
CA ASP B 32 18.58 -12.56 -4.46
C ASP B 32 17.36 -12.93 -5.29
N ASP B 33 16.22 -12.96 -4.67
CA ASP B 33 14.98 -13.30 -5.40
C ASP B 33 13.79 -12.58 -4.74
N ALA B 34 13.90 -11.30 -4.56
CA ALA B 34 12.78 -10.55 -3.92
C ALA B 34 11.53 -10.68 -4.78
N THR B 35 10.37 -10.46 -4.21
CA THR B 35 9.11 -10.57 -4.98
C THR B 35 8.64 -9.18 -5.38
N VAL B 36 8.11 -9.04 -6.57
CA VAL B 36 7.63 -7.70 -7.03
C VAL B 36 6.26 -7.86 -7.68
N GLU B 37 5.33 -7.00 -7.38
CA GLU B 37 3.98 -7.09 -8.00
C GLU B 37 3.79 -5.90 -8.94
N ASP B 38 3.69 -6.13 -10.21
CA ASP B 38 3.52 -4.99 -11.16
C ASP B 38 3.44 -5.53 -12.60
N PRO B 39 2.59 -4.92 -13.39
CA PRO B 39 1.75 -3.77 -12.95
C PRO B 39 0.61 -4.26 -12.06
N VAL B 40 -0.26 -3.38 -11.64
CA VAL B 40 -1.40 -3.79 -10.80
C VAL B 40 -2.31 -4.70 -11.60
N GLY B 41 -1.92 -5.93 -11.80
CA GLY B 41 -2.76 -6.86 -12.59
C GLY B 41 -2.31 -8.30 -12.32
N SER B 42 -1.70 -8.55 -11.20
CA SER B 42 -1.22 -9.92 -10.88
C SER B 42 -0.11 -10.32 -11.84
N GLU B 43 0.88 -9.48 -12.01
CA GLU B 43 1.99 -9.82 -12.93
C GLU B 43 3.33 -9.55 -12.23
N PRO B 44 3.50 -10.21 -11.13
CA PRO B 44 4.75 -10.05 -10.33
C PRO B 44 5.90 -10.84 -10.95
N ARG B 45 7.09 -10.64 -10.47
CA ARG B 45 8.26 -11.37 -11.01
C ARG B 45 9.30 -11.50 -9.90
N SER B 46 9.37 -12.65 -9.27
CA SER B 46 10.35 -12.82 -8.17
C SER B 46 11.66 -13.39 -8.70
N GLY B 47 12.72 -13.27 -7.95
CA GLY B 47 14.03 -13.79 -8.42
C GLY B 47 14.87 -12.63 -8.95
N THR B 48 16.17 -12.80 -8.99
CA THR B 48 17.04 -11.71 -9.51
C THR B 48 16.83 -11.57 -11.02
N ALA B 49 16.87 -12.67 -11.73
CA ALA B 49 16.66 -12.60 -13.20
C ALA B 49 15.26 -12.06 -13.48
N ALA B 50 14.35 -12.22 -12.57
CA ALA B 50 12.96 -11.73 -12.80
C ALA B 50 12.85 -10.29 -12.27
N ILE B 51 13.12 -10.09 -11.01
CA ILE B 51 13.04 -8.72 -10.43
C ILE B 51 13.77 -7.75 -11.36
N ARG B 52 14.90 -8.15 -11.88
CA ARG B 52 15.66 -7.26 -12.79
C ARG B 52 14.99 -7.27 -14.16
N GLU B 53 14.86 -8.42 -14.78
CA GLU B 53 14.19 -8.47 -16.11
C GLU B 53 12.93 -7.62 -16.06
N PHE B 54 12.35 -7.50 -14.90
CA PHE B 54 11.13 -6.69 -14.74
C PHE B 54 11.54 -5.25 -14.51
N PHE B 55 12.08 -4.97 -13.36
CA PHE B 55 12.51 -3.58 -13.06
C PHE B 55 13.36 -3.05 -14.22
N ALA B 56 13.94 -3.92 -14.98
CA ALA B 56 14.75 -3.48 -16.15
C ALA B 56 13.80 -3.06 -17.27
N ASN B 57 12.85 -3.89 -17.59
CA ASN B 57 11.87 -3.54 -18.66
C ASN B 57 11.24 -2.19 -18.29
N SER B 58 11.14 -1.91 -17.03
CA SER B 58 10.54 -0.61 -16.59
C SER B 58 11.56 0.51 -16.83
N LEU B 59 12.82 0.19 -16.71
CA LEU B 59 13.86 1.22 -16.92
C LEU B 59 13.95 1.56 -18.41
N LYS B 60 13.56 0.63 -19.25
CA LYS B 60 13.61 0.90 -20.72
C LYS B 60 12.84 2.18 -21.03
N LEU B 61 11.92 2.56 -20.18
CA LEU B 61 11.14 3.79 -20.41
C LEU B 61 11.88 4.97 -19.76
N PRO B 62 12.23 5.94 -20.56
CA PRO B 62 12.97 7.12 -20.04
C PRO B 62 12.05 7.99 -19.18
N LEU B 63 12.20 7.93 -17.88
CA LEU B 63 11.32 8.75 -17.00
C LEU B 63 12.16 9.33 -15.86
N ALA B 64 11.78 10.48 -15.37
CA ALA B 64 12.54 11.11 -14.25
C ALA B 64 11.92 10.67 -12.92
N VAL B 65 12.72 10.19 -12.02
CA VAL B 65 12.17 9.73 -10.70
C VAL B 65 12.61 10.70 -9.60
N GLU B 66 11.66 11.36 -8.99
CA GLU B 66 12.01 12.30 -7.89
C GLU B 66 10.86 12.37 -6.89
N LEU B 67 10.88 11.55 -5.89
CA LEU B 67 9.78 11.57 -4.88
C LEU B 67 9.46 13.02 -4.49
N THR B 68 8.39 13.22 -3.77
CA THR B 68 8.01 14.60 -3.37
C THR B 68 7.41 14.59 -1.97
N GLN B 69 6.64 13.59 -1.68
CA GLN B 69 6.00 13.50 -0.34
C GLN B 69 6.95 12.74 0.60
N GLU B 70 6.43 12.11 1.62
CA GLU B 70 7.30 11.36 2.56
C GLU B 70 7.12 9.86 2.33
N VAL B 71 8.20 9.14 2.21
CA VAL B 71 8.08 7.66 2.01
C VAL B 71 7.52 7.04 3.27
N ARG B 72 6.81 5.95 3.15
CA ARG B 72 6.23 5.30 4.36
C ARG B 72 7.04 4.05 4.73
N ALA B 73 7.31 3.87 5.99
CA ALA B 73 8.09 2.67 6.41
C ALA B 73 7.67 2.28 7.83
N VAL B 74 7.29 1.05 8.02
CA VAL B 74 6.86 0.60 9.39
C VAL B 74 7.05 -0.91 9.51
N ALA B 75 7.11 -1.42 10.71
CA ALA B 75 7.29 -2.88 10.90
C ALA B 75 8.36 -3.40 9.93
N ASN B 76 8.21 -4.60 9.44
CA ASN B 76 9.22 -5.15 8.50
C ASN B 76 8.84 -4.80 7.06
N GLU B 77 7.91 -3.90 6.87
CA GLU B 77 7.50 -3.54 5.49
C GLU B 77 7.70 -2.04 5.27
N ALA B 78 7.07 -1.49 4.29
CA ALA B 78 7.20 -0.04 4.00
C ALA B 78 6.38 0.30 2.75
N ALA B 79 5.85 1.49 2.68
CA ALA B 79 5.06 1.88 1.47
C ALA B 79 5.49 3.27 1.02
N PHE B 80 5.60 3.51 -0.26
CA PHE B 80 6.01 4.86 -0.71
C PHE B 80 5.42 5.17 -2.08
N ALA B 81 5.46 6.42 -2.45
CA ALA B 81 4.90 6.84 -3.77
C ALA B 81 5.77 7.94 -4.37
N PHE B 82 5.46 8.38 -5.55
CA PHE B 82 6.26 9.47 -6.18
C PHE B 82 5.66 9.82 -7.54
N THR B 83 6.36 10.61 -8.30
CA THR B 83 5.85 11.01 -9.64
C THR B 83 6.86 10.61 -10.71
N VAL B 84 6.38 10.17 -11.85
CA VAL B 84 7.32 9.76 -12.94
C VAL B 84 7.17 10.71 -14.12
N SER B 85 8.18 11.49 -14.40
CA SER B 85 8.11 12.44 -15.55
C SER B 85 8.95 11.90 -16.71
N PHE B 86 8.31 11.48 -17.77
CA PHE B 86 9.07 10.94 -18.93
C PHE B 86 8.65 11.66 -20.21
N GLU B 87 9.48 11.64 -21.21
CA GLU B 87 9.12 12.32 -22.49
C GLU B 87 9.69 11.52 -23.66
N PHE B 88 9.27 11.83 -24.86
CA PHE B 88 9.78 11.08 -26.05
C PHE B 88 10.45 12.04 -27.03
N GLN B 89 9.65 12.76 -27.76
CA GLN B 89 10.21 13.73 -28.75
C GLN B 89 9.16 14.79 -29.09
N GLY B 90 8.72 15.54 -28.11
CA GLY B 90 7.70 16.59 -28.38
C GLY B 90 6.55 16.45 -27.38
N ARG B 91 6.09 15.25 -27.17
CA ARG B 91 4.97 15.03 -26.20
C ARG B 91 5.53 14.45 -24.91
N LYS B 92 5.19 15.03 -23.79
CA LYS B 92 5.71 14.50 -22.50
C LYS B 92 4.55 14.05 -21.62
N THR B 93 4.76 13.02 -20.86
CA THR B 93 3.68 12.50 -19.98
C THR B 93 4.25 12.18 -18.59
N VAL B 94 3.48 12.39 -17.57
CA VAL B 94 3.97 12.09 -16.19
C VAL B 94 3.09 10.99 -15.58
N VAL B 95 3.43 10.53 -14.40
CA VAL B 95 2.60 9.46 -13.76
C VAL B 95 2.65 9.62 -12.24
N ALA B 96 1.59 9.32 -11.56
CA ALA B 96 1.59 9.48 -10.07
C ALA B 96 1.05 8.22 -9.37
N PRO B 97 1.85 7.18 -9.41
CA PRO B 97 1.47 5.90 -8.78
C PRO B 97 2.10 5.78 -7.38
N ILE B 98 1.96 4.64 -6.77
CA ILE B 98 2.56 4.43 -5.42
C ILE B 98 3.16 3.03 -5.37
N ASP B 99 4.16 2.81 -4.58
CA ASP B 99 4.77 1.45 -4.51
C ASP B 99 4.77 0.94 -3.08
N HIS B 100 4.89 -0.34 -2.92
CA HIS B 100 4.92 -0.94 -1.55
C HIS B 100 6.32 -1.46 -1.27
N PHE B 101 6.59 -1.91 -0.08
CA PHE B 101 7.95 -2.40 0.24
C PHE B 101 7.89 -3.49 1.30
N ARG B 102 8.68 -4.52 1.13
CA ARG B 102 8.69 -5.62 2.13
C ARG B 102 10.11 -5.81 2.66
N PHE B 103 10.35 -5.46 3.89
CA PHE B 103 11.71 -5.61 4.46
C PHE B 103 11.87 -7.00 5.09
N ASN B 104 12.99 -7.26 5.71
CA ASN B 104 13.20 -8.59 6.34
C ASN B 104 13.97 -8.41 7.65
N GLY B 105 15.26 -8.64 7.65
CA GLY B 105 16.04 -8.48 8.91
C GLY B 105 16.75 -7.13 8.90
N ALA B 106 17.52 -6.86 7.89
CA ALA B 106 18.23 -5.55 7.82
C ALA B 106 19.37 -5.64 6.81
N GLY B 107 19.05 -5.58 5.54
CA GLY B 107 20.11 -5.67 4.50
C GLY B 107 19.55 -5.28 3.15
N LYS B 108 18.46 -5.89 2.75
CA LYS B 108 17.86 -5.56 1.42
C LYS B 108 16.34 -5.76 1.47
N VAL B 109 15.70 -5.75 0.34
CA VAL B 109 14.22 -5.94 0.32
C VAL B 109 13.91 -7.38 -0.11
N VAL B 110 12.83 -7.94 0.38
CA VAL B 110 12.48 -9.34 -0.01
C VAL B 110 11.22 -9.34 -0.88
N SER B 111 10.32 -8.43 -0.67
CA SER B 111 9.08 -8.42 -1.50
C SER B 111 8.63 -6.98 -1.76
N MET B 112 7.74 -6.79 -2.70
CA MET B 112 7.27 -5.40 -2.99
C MET B 112 5.89 -5.47 -3.66
N ARG B 113 5.17 -4.37 -3.65
CA ARG B 113 3.82 -4.36 -4.27
C ARG B 113 3.52 -2.96 -4.79
N ALA B 114 3.34 -2.79 -6.08
CA ALA B 114 3.06 -1.44 -6.63
C ALA B 114 1.54 -1.24 -6.77
N LEU B 115 1.07 -0.04 -6.54
CA LEU B 115 -0.39 0.22 -6.68
C LEU B 115 -0.61 1.48 -7.51
N PHE B 116 -1.59 1.45 -8.36
CA PHE B 116 -1.90 2.63 -9.22
C PHE B 116 -2.94 2.22 -10.26
N GLY B 117 -3.02 2.95 -11.33
CA GLY B 117 -4.02 2.59 -12.39
C GLY B 117 -3.95 3.60 -13.52
N GLU B 118 -4.81 3.47 -14.49
CA GLU B 118 -4.80 4.43 -15.64
C GLU B 118 -5.36 5.78 -15.17
N LYS B 119 -5.77 5.87 -13.94
CA LYS B 119 -6.32 7.15 -13.42
C LYS B 119 -5.19 7.95 -12.78
N ASN B 120 -4.23 7.26 -12.26
CA ASN B 120 -3.07 7.95 -11.60
C ASN B 120 -2.00 8.25 -12.65
N ILE B 121 -2.35 8.17 -13.90
CA ILE B 121 -1.35 8.46 -14.96
C ILE B 121 -1.41 9.96 -15.28
N HIS B 122 -0.85 10.39 -16.38
CA HIS B 122 -0.90 11.84 -16.71
C HIS B 122 -0.84 12.03 -18.22
N ALA B 123 -1.25 13.17 -18.70
CA ALA B 123 -1.21 13.41 -20.18
C ALA B 123 -1.13 14.92 -20.44
N GLY B 124 -0.03 15.37 -20.98
CA GLY B 124 0.10 16.83 -21.26
C GLY B 124 0.34 17.04 -22.76
N ALA B 125 -0.03 18.17 -23.28
CA ALA B 125 0.17 18.44 -24.73
C ALA B 125 1.39 19.34 -24.92
N MET A 1 -8.03 -1.58 -15.26
CA MET A 1 -9.00 -2.04 -16.29
C MET A 1 -10.26 -2.61 -15.63
N ASN A 2 -10.42 -2.38 -14.35
CA ASN A 2 -11.62 -2.90 -13.65
C ASN A 2 -12.41 -1.73 -13.05
N THR A 3 -13.67 -1.64 -13.35
CA THR A 3 -14.49 -0.52 -12.80
C THR A 3 -14.18 -0.34 -11.31
N PRO A 4 -13.46 0.71 -11.01
CA PRO A 4 -13.08 0.98 -9.61
C PRO A 4 -14.31 1.43 -8.80
N GLU A 5 -15.43 1.57 -9.45
CA GLU A 5 -16.66 2.00 -8.72
C GLU A 5 -17.16 0.85 -7.86
N HIS A 6 -16.86 -0.36 -8.23
CA HIS A 6 -17.31 -1.53 -7.44
C HIS A 6 -16.28 -1.87 -6.37
N MET A 7 -15.07 -2.16 -6.77
CA MET A 7 -14.02 -2.49 -5.78
C MET A 7 -13.96 -1.40 -4.71
N THR A 8 -14.45 -0.23 -5.01
CA THR A 8 -14.41 0.87 -4.02
C THR A 8 -15.49 0.61 -2.96
N ALA A 9 -16.64 0.14 -3.36
CA ALA A 9 -17.71 -0.14 -2.37
C ALA A 9 -17.11 -0.97 -1.23
N VAL A 10 -16.31 -1.95 -1.57
CA VAL A 10 -15.68 -2.79 -0.51
C VAL A 10 -14.96 -1.86 0.47
N VAL A 11 -14.60 -0.68 0.03
CA VAL A 11 -13.91 0.28 0.94
C VAL A 11 -14.95 1.14 1.65
N GLN A 12 -15.93 1.60 0.92
CA GLN A 12 -17.00 2.44 1.53
C GLN A 12 -17.70 1.61 2.59
N ARG A 13 -18.49 0.70 2.15
CA ARG A 13 -19.22 -0.19 3.09
C ARG A 13 -18.28 -0.61 4.20
N TYR A 14 -17.09 -0.97 3.84
CA TYR A 14 -16.09 -1.39 4.87
C TYR A 14 -16.02 -0.32 5.96
N VAL A 15 -15.90 0.92 5.58
CA VAL A 15 -15.82 2.01 6.59
C VAL A 15 -17.24 2.37 7.06
N ALA A 16 -18.18 2.50 6.15
CA ALA A 16 -19.56 2.83 6.58
C ALA A 16 -19.92 1.89 7.73
N ALA A 17 -19.49 0.66 7.64
CA ALA A 17 -19.77 -0.30 8.75
C ALA A 17 -18.88 0.08 9.93
N LEU A 18 -17.68 0.54 9.65
CA LEU A 18 -16.77 0.96 10.73
C LEU A 18 -17.43 2.11 11.49
N ASN A 19 -17.70 3.17 10.77
CA ASN A 19 -18.36 4.36 11.40
C ASN A 19 -19.63 3.93 12.12
N ALA A 20 -20.40 3.07 11.49
CA ALA A 20 -21.68 2.62 12.13
C ALA A 20 -21.41 1.39 13.00
N GLY A 21 -20.18 1.01 13.15
CA GLY A 21 -19.87 -0.19 13.99
C GLY A 21 -20.67 -1.38 13.49
N ASP A 22 -20.70 -1.59 12.20
CA ASP A 22 -21.47 -2.74 11.64
C ASP A 22 -20.51 -3.86 11.22
N LEU A 23 -19.73 -4.36 12.15
CA LEU A 23 -18.79 -5.47 11.81
C LEU A 23 -19.56 -6.59 11.14
N ASP A 24 -20.68 -6.95 11.69
CA ASP A 24 -21.50 -8.04 11.10
C ASP A 24 -21.61 -7.80 9.59
N GLY A 25 -21.84 -6.58 9.20
CA GLY A 25 -21.96 -6.29 7.75
C GLY A 25 -20.56 -6.30 7.13
N ILE A 26 -19.58 -5.97 7.90
CA ILE A 26 -18.19 -5.98 7.37
C ILE A 26 -17.83 -7.41 7.01
N VAL A 27 -17.87 -8.30 7.96
CA VAL A 27 -17.56 -9.72 7.66
C VAL A 27 -18.37 -10.12 6.44
N ALA A 28 -19.57 -9.61 6.35
CA ALA A 28 -20.42 -9.93 5.17
C ALA A 28 -19.68 -9.46 3.92
N LEU A 29 -19.06 -8.30 4.01
CA LEU A 29 -18.30 -7.76 2.86
C LEU A 29 -16.97 -8.53 2.75
N PHE A 30 -16.56 -9.17 3.82
CA PHE A 30 -15.30 -9.92 3.81
C PHE A 30 -15.58 -11.41 3.52
N ALA A 31 -14.74 -12.05 2.76
CA ALA A 31 -14.97 -13.49 2.45
C ALA A 31 -15.26 -14.25 3.74
N ASP A 32 -15.53 -15.52 3.64
CA ASP A 32 -15.82 -16.32 4.87
C ASP A 32 -14.56 -16.49 5.70
N ASP A 33 -13.43 -16.38 5.07
CA ASP A 33 -12.14 -16.52 5.80
C ASP A 33 -11.13 -15.56 5.17
N ALA A 34 -11.47 -14.32 5.05
CA ALA A 34 -10.53 -13.33 4.44
C ALA A 34 -9.24 -13.27 5.24
N THR A 35 -8.22 -12.70 4.68
CA THR A 35 -6.92 -12.59 5.40
C THR A 35 -6.60 -11.11 5.64
N VAL A 36 -6.08 -10.78 6.79
CA VAL A 36 -5.76 -9.36 7.08
C VAL A 36 -4.30 -9.23 7.54
N GLU A 37 -3.81 -8.03 7.66
CA GLU A 37 -2.40 -7.83 8.11
C GLU A 37 -2.36 -6.61 9.03
N ASP A 38 -2.07 -6.79 10.29
CA ASP A 38 -2.05 -5.60 11.20
C ASP A 38 -1.41 -5.99 12.54
N PRO A 39 -0.61 -5.12 13.10
CA PRO A 39 -0.31 -3.80 12.46
C PRO A 39 0.65 -3.94 11.27
N VAL A 40 1.92 -4.10 11.54
CA VAL A 40 2.89 -4.24 10.42
C VAL A 40 4.10 -5.04 10.90
N GLY A 41 3.92 -6.29 11.19
CA GLY A 41 5.05 -7.13 11.67
C GLY A 41 4.60 -8.60 11.78
N SER A 42 3.94 -9.10 10.78
CA SER A 42 3.48 -10.52 10.82
C SER A 42 2.31 -10.66 11.81
N GLU A 43 1.31 -9.84 11.67
CA GLU A 43 0.14 -9.95 12.59
C GLU A 43 -1.16 -9.92 11.79
N PRO A 44 -1.28 -10.86 10.91
CA PRO A 44 -2.48 -10.98 10.05
C PRO A 44 -3.64 -11.65 10.80
N ARG A 45 -4.75 -11.81 10.13
CA ARG A 45 -5.93 -12.46 10.76
C ARG A 45 -6.75 -13.16 9.68
N SER A 46 -6.54 -14.44 9.49
CA SER A 46 -7.28 -15.16 8.43
C SER A 46 -8.55 -15.79 9.02
N GLY A 47 -9.51 -16.08 8.17
CA GLY A 47 -10.78 -16.69 8.66
C GLY A 47 -11.76 -15.58 9.04
N THR A 48 -12.85 -15.93 9.68
CA THR A 48 -13.84 -14.89 10.08
C THR A 48 -13.69 -14.61 11.58
N ALA A 49 -13.71 -15.63 12.39
CA ALA A 49 -13.56 -15.42 13.85
C ALA A 49 -12.31 -14.59 14.11
N ALA A 50 -11.38 -14.59 13.21
CA ALA A 50 -10.13 -13.81 13.40
C ALA A 50 -10.31 -12.40 12.82
N ILE A 51 -10.67 -12.31 11.57
CA ILE A 51 -10.87 -10.98 10.94
C ILE A 51 -11.86 -10.17 11.77
N ARG A 52 -12.93 -10.78 12.22
CA ARG A 52 -13.91 -10.05 13.05
C ARG A 52 -13.28 -9.76 14.42
N GLU A 53 -12.69 -10.75 15.04
CA GLU A 53 -12.05 -10.52 16.36
C GLU A 53 -11.12 -9.32 16.25
N PHE A 54 -10.52 -9.15 15.11
CA PHE A 54 -9.61 -7.99 14.90
C PHE A 54 -10.44 -6.78 14.53
N PHE A 55 -10.99 -6.80 13.35
CA PHE A 55 -11.85 -5.66 12.90
C PHE A 55 -12.78 -5.27 14.04
N ALA A 56 -13.11 -6.20 14.89
CA ALA A 56 -14.01 -5.89 16.04
C ALA A 56 -13.24 -5.09 17.08
N ASN A 57 -12.11 -5.59 17.51
CA ASN A 57 -11.32 -4.84 18.52
C ASN A 57 -11.24 -3.38 18.10
N SER A 58 -11.18 -3.13 16.82
CA SER A 58 -11.12 -1.72 16.34
C SER A 58 -12.49 -1.07 16.56
N LEU A 59 -13.55 -1.83 16.43
CA LEU A 59 -14.90 -1.27 16.64
C LEU A 59 -15.16 -1.09 18.14
N LYS A 60 -14.63 -1.97 18.94
CA LYS A 60 -14.85 -1.87 20.41
C LYS A 60 -14.25 -0.56 20.92
N LEU A 61 -13.26 -0.05 20.24
CA LEU A 61 -12.63 1.23 20.68
C LEU A 61 -13.37 2.39 20.01
N PRO A 62 -13.73 3.37 20.79
CA PRO A 62 -14.45 4.54 20.26
C PRO A 62 -13.55 5.36 19.34
N LEU A 63 -13.40 4.94 18.12
CA LEU A 63 -12.53 5.68 17.16
C LEU A 63 -13.40 6.32 16.09
N ALA A 64 -13.00 7.47 15.61
CA ALA A 64 -13.79 8.14 14.54
C ALA A 64 -13.24 7.71 13.18
N VAL A 65 -14.09 7.22 12.32
CA VAL A 65 -13.61 6.77 10.98
C VAL A 65 -14.19 7.68 9.90
N GLU A 66 -13.35 8.37 9.18
CA GLU A 66 -13.85 9.26 8.11
C GLU A 66 -12.80 9.34 6.99
N LEU A 67 -13.03 8.68 5.90
CA LEU A 67 -12.04 8.71 4.78
C LEU A 67 -11.58 10.15 4.54
N THR A 68 -10.59 10.34 3.72
CA THR A 68 -10.09 11.70 3.44
C THR A 68 -9.66 11.78 1.98
N GLN A 69 -8.47 11.33 1.70
CA GLN A 69 -7.97 11.35 0.30
C GLN A 69 -8.89 10.52 -0.58
N GLU A 70 -8.36 9.85 -1.57
CA GLU A 70 -9.22 9.03 -2.46
C GLU A 70 -8.86 7.55 -2.31
N VAL A 71 -9.83 6.71 -2.10
CA VAL A 71 -9.54 5.25 -1.95
C VAL A 71 -8.87 4.74 -3.24
N ARG A 72 -7.97 3.81 -3.11
CA ARG A 72 -7.29 3.29 -4.33
C ARG A 72 -7.70 1.84 -4.58
N ALA A 73 -8.11 1.53 -5.78
CA ALA A 73 -8.53 0.13 -6.10
C ALA A 73 -8.02 -0.24 -7.49
N VAL A 74 -7.88 -1.52 -7.77
CA VAL A 74 -7.39 -1.93 -9.11
C VAL A 74 -7.83 -3.36 -9.42
N ALA A 75 -7.07 -4.03 -10.26
CA ALA A 75 -7.42 -5.43 -10.66
C ALA A 75 -8.08 -6.19 -9.50
N ASN A 76 -7.32 -6.96 -8.77
CA ASN A 76 -7.93 -7.74 -7.65
C ASN A 76 -7.40 -7.25 -6.30
N GLU A 77 -7.01 -6.02 -6.21
CA GLU A 77 -6.49 -5.50 -4.92
C GLU A 77 -7.05 -4.09 -4.69
N ALA A 78 -6.43 -3.35 -3.82
CA ALA A 78 -6.91 -1.97 -3.54
C ALA A 78 -6.15 -1.39 -2.34
N ALA A 79 -5.86 -0.11 -2.37
CA ALA A 79 -5.13 0.51 -1.23
C ALA A 79 -5.85 1.81 -0.85
N PHE A 80 -6.14 2.01 0.41
CA PHE A 80 -6.83 3.25 0.80
C PHE A 80 -6.45 3.64 2.22
N ALA A 81 -6.56 4.89 2.54
CA ALA A 81 -6.19 5.35 3.92
C ALA A 81 -7.27 6.25 4.49
N PHE A 82 -7.33 6.34 5.79
CA PHE A 82 -8.35 7.21 6.44
C PHE A 82 -7.77 7.73 7.76
N THR A 83 -8.58 8.37 8.56
CA THR A 83 -8.05 8.89 9.85
C THR A 83 -8.85 8.30 11.01
N VAL A 84 -8.18 7.95 12.08
CA VAL A 84 -8.89 7.37 13.25
C VAL A 84 -8.72 8.33 14.44
N SER A 85 -9.79 8.90 14.91
CA SER A 85 -9.66 9.85 16.05
C SER A 85 -10.61 9.44 17.19
N PHE A 86 -10.11 8.78 18.19
CA PHE A 86 -10.98 8.38 19.33
C PHE A 86 -10.90 9.45 20.41
N GLU A 87 -11.33 9.15 21.60
CA GLU A 87 -11.28 10.17 22.68
C GLU A 87 -10.95 9.51 24.02
N PHE A 88 -10.34 10.23 24.91
CA PHE A 88 -9.99 9.65 26.24
C PHE A 88 -10.91 10.24 27.31
N GLN A 89 -10.65 9.95 28.56
CA GLN A 89 -11.52 10.51 29.64
C GLN A 89 -11.67 12.02 29.43
N GLY A 90 -10.58 12.73 29.33
CA GLY A 90 -10.66 14.21 29.14
C GLY A 90 -9.61 14.65 28.11
N ARG A 91 -8.92 13.72 27.51
CA ARG A 91 -7.89 14.09 26.50
C ARG A 91 -8.40 13.76 25.09
N LYS A 92 -7.60 13.97 24.09
CA LYS A 92 -8.05 13.67 22.71
C LYS A 92 -6.87 13.17 21.88
N THR A 93 -6.95 11.96 21.38
CA THR A 93 -5.83 11.42 20.56
C THR A 93 -6.35 11.07 19.17
N VAL A 94 -5.55 11.28 18.16
CA VAL A 94 -6.01 10.95 16.78
C VAL A 94 -4.98 10.02 16.11
N VAL A 95 -5.30 9.47 14.99
CA VAL A 95 -4.34 8.56 14.30
C VAL A 95 -4.39 8.79 12.79
N ALA A 96 -3.31 8.53 12.13
CA ALA A 96 -3.26 8.73 10.65
C ALA A 96 -2.71 7.47 9.99
N PRO A 97 -3.52 6.44 9.99
CA PRO A 97 -3.11 5.15 9.42
C PRO A 97 -3.65 4.97 7.99
N ILE A 98 -3.37 3.84 7.41
CA ILE A 98 -3.87 3.57 6.03
C ILE A 98 -4.34 2.12 5.97
N ASP A 99 -5.01 1.72 4.93
CA ASP A 99 -5.50 0.33 4.85
C ASP A 99 -5.23 -0.25 3.46
N HIS A 100 -5.12 -1.54 3.37
CA HIS A 100 -4.87 -2.18 2.05
C HIS A 100 -6.09 -3.01 1.68
N PHE A 101 -6.10 -3.58 0.51
CA PHE A 101 -7.29 -4.37 0.11
C PHE A 101 -6.90 -5.49 -0.84
N ARG A 102 -7.64 -6.56 -0.85
CA ARG A 102 -7.35 -7.69 -1.77
C ARG A 102 -8.67 -8.28 -2.28
N PHE A 103 -8.99 -8.05 -3.53
CA PHE A 103 -10.25 -8.59 -4.08
C PHE A 103 -10.03 -10.00 -4.64
N ASN A 104 -11.04 -10.58 -5.22
CA ASN A 104 -10.88 -11.95 -5.78
C ASN A 104 -11.82 -12.12 -6.97
N GLY A 105 -11.87 -13.30 -7.54
CA GLY A 105 -12.77 -13.53 -8.69
C GLY A 105 -14.21 -13.71 -8.19
N ALA A 106 -14.86 -12.64 -7.84
CA ALA A 106 -16.26 -12.74 -7.35
C ALA A 106 -16.84 -11.35 -7.18
N GLY A 107 -16.45 -10.66 -6.16
CA GLY A 107 -16.97 -9.29 -5.92
C GLY A 107 -16.81 -8.92 -4.45
N LYS A 108 -16.67 -9.90 -3.60
CA LYS A 108 -16.50 -9.61 -2.14
C LYS A 108 -15.03 -9.35 -1.83
N VAL A 109 -14.67 -9.39 -0.57
CA VAL A 109 -13.25 -9.15 -0.20
C VAL A 109 -12.62 -10.46 0.28
N VAL A 110 -11.35 -10.65 0.07
CA VAL A 110 -10.71 -11.92 0.51
C VAL A 110 -9.50 -11.60 1.40
N SER A 111 -8.53 -10.93 0.86
CA SER A 111 -7.32 -10.59 1.69
C SER A 111 -7.26 -9.09 1.93
N MET A 112 -6.51 -8.67 2.91
CA MET A 112 -6.40 -7.21 3.20
C MET A 112 -5.12 -6.95 4.00
N ARG A 113 -4.62 -5.75 3.93
CA ARG A 113 -3.37 -5.42 4.69
C ARG A 113 -3.50 -4.01 5.27
N ALA A 114 -2.62 -3.64 6.16
CA ALA A 114 -2.71 -2.28 6.75
C ALA A 114 -1.31 -1.71 6.99
N LEU A 115 -1.05 -0.51 6.57
CA LEU A 115 0.29 0.08 6.78
C LEU A 115 0.20 1.24 7.78
N PHE A 116 1.08 1.24 8.74
CA PHE A 116 1.09 2.33 9.77
C PHE A 116 2.00 1.91 10.92
N GLY A 117 1.81 2.49 12.06
CA GLY A 117 2.66 2.14 13.23
C GLY A 117 2.49 3.22 14.31
N GLU A 118 3.40 3.26 15.26
CA GLU A 118 3.30 4.28 16.34
C GLU A 118 3.71 5.64 15.77
N LYS A 119 4.10 5.69 14.53
CA LYS A 119 4.51 6.96 13.90
C LYS A 119 3.31 7.59 13.23
N ASN A 120 2.42 6.77 12.77
CA ASN A 120 1.20 7.29 12.08
C ASN A 120 0.10 7.54 13.11
N ILE A 121 0.44 7.50 14.37
CA ILE A 121 -0.58 7.75 15.42
C ILE A 121 -0.53 9.23 15.81
N HIS A 122 -1.17 9.61 16.89
CA HIS A 122 -1.13 11.05 17.31
C HIS A 122 -1.27 11.14 18.82
N ALA A 123 -0.76 12.19 19.41
CA ALA A 123 -0.87 12.34 20.89
C ALA A 123 -0.79 13.82 21.26
N GLY A 124 -1.91 14.49 21.30
CA GLY A 124 -1.89 15.94 21.65
C GLY A 124 -2.09 16.10 23.16
N ALA A 125 -1.39 17.01 23.77
CA ALA A 125 -1.54 17.21 25.23
C ALA A 125 -1.37 18.69 25.56
N MET B 1 8.41 -0.02 15.98
CA MET B 1 8.99 1.25 15.45
C MET B 1 10.50 1.09 15.23
N ASN B 2 11.11 2.02 14.55
CA ASN B 2 12.58 1.91 14.30
C ASN B 2 13.03 3.06 13.39
N THR B 3 14.31 3.22 13.21
CA THR B 3 14.82 4.31 12.34
C THR B 3 14.26 4.13 10.93
N PRO B 4 13.39 5.03 10.56
CA PRO B 4 12.76 4.97 9.21
C PRO B 4 13.78 5.42 8.15
N GLU B 5 14.92 5.90 8.58
CA GLU B 5 15.94 6.35 7.60
C GLU B 5 16.50 5.14 6.86
N HIS B 6 16.81 4.08 7.57
CA HIS B 6 17.35 2.87 6.90
C HIS B 6 16.30 2.31 5.94
N MET B 7 15.10 2.10 6.42
CA MET B 7 14.04 1.56 5.55
C MET B 7 13.76 2.56 4.41
N THR B 8 13.72 3.83 4.73
CA THR B 8 13.45 4.84 3.68
C THR B 8 14.49 4.69 2.56
N ALA B 9 15.71 4.39 2.92
CA ALA B 9 16.76 4.23 1.88
C ALA B 9 16.26 3.24 0.82
N VAL B 10 15.70 2.14 1.27
CA VAL B 10 15.17 1.14 0.29
C VAL B 10 14.21 1.86 -0.66
N VAL B 11 13.56 2.89 -0.19
CA VAL B 11 12.60 3.63 -1.07
C VAL B 11 13.37 4.68 -1.88
N GLN B 12 14.28 5.37 -1.26
CA GLN B 12 15.08 6.39 -1.97
C GLN B 12 15.88 5.70 -3.06
N ARG B 13 16.88 4.99 -2.66
CA ARG B 13 17.73 4.27 -3.63
C ARG B 13 16.84 3.64 -4.69
N TYR B 14 15.77 3.03 -4.26
CA TYR B 14 14.83 2.40 -5.24
C TYR B 14 14.59 3.40 -6.36
N VAL B 15 14.38 4.64 -6.02
CA VAL B 15 14.15 5.67 -7.06
C VAL B 15 15.51 6.31 -7.43
N ALA B 16 16.35 6.55 -6.47
CA ALA B 16 17.69 7.13 -6.80
C ALA B 16 18.26 6.30 -7.94
N ALA B 17 18.05 5.02 -7.90
CA ALA B 17 18.55 4.14 -8.99
C ALA B 17 17.68 4.39 -10.22
N LEU B 18 16.43 4.70 -10.00
CA LEU B 18 15.52 4.99 -11.12
C LEU B 18 16.00 6.29 -11.79
N ASN B 19 16.03 7.35 -11.02
CA ASN B 19 16.48 8.66 -11.55
C ASN B 19 17.89 8.51 -12.13
N ALA B 20 18.70 7.72 -11.51
CA ALA B 20 20.09 7.53 -12.02
C ALA B 20 20.12 6.39 -13.03
N GLY B 21 19.02 5.70 -13.20
CA GLY B 21 18.98 4.58 -14.18
C GLY B 21 20.09 3.58 -13.85
N ASP B 22 20.22 3.21 -12.61
CA ASP B 22 21.28 2.24 -12.23
C ASP B 22 20.64 0.93 -11.75
N LEU B 23 20.16 0.12 -12.66
CA LEU B 23 19.54 -1.16 -12.26
C LEU B 23 20.42 -1.86 -11.24
N ASP B 24 21.70 -1.61 -11.28
CA ASP B 24 22.63 -2.28 -10.31
C ASP B 24 22.23 -1.91 -8.89
N GLY B 25 22.04 -0.64 -8.62
CA GLY B 25 21.66 -0.22 -7.25
C GLY B 25 20.26 -0.74 -6.92
N ILE B 26 19.44 -0.89 -7.92
CA ILE B 26 18.07 -1.40 -7.69
C ILE B 26 18.18 -2.84 -7.21
N VAL B 27 18.73 -3.69 -8.02
CA VAL B 27 18.89 -5.11 -7.61
C VAL B 27 19.71 -5.13 -6.33
N ALA B 28 20.74 -4.33 -6.28
CA ALA B 28 21.57 -4.27 -5.04
C ALA B 28 20.64 -4.01 -3.86
N LEU B 29 19.82 -3.00 -3.97
CA LEU B 29 18.86 -2.69 -2.88
C LEU B 29 17.87 -3.84 -2.74
N PHE B 30 17.76 -4.66 -3.75
CA PHE B 30 16.81 -5.79 -3.70
C PHE B 30 17.53 -7.04 -3.19
N ALA B 31 16.85 -7.88 -2.46
CA ALA B 31 17.49 -9.12 -1.95
C ALA B 31 18.02 -9.95 -3.12
N ASP B 32 18.32 -11.20 -2.90
CA ASP B 32 18.84 -12.04 -4.01
C ASP B 32 17.69 -12.47 -4.92
N ASP B 33 16.51 -12.48 -4.38
CA ASP B 33 15.33 -12.88 -5.20
C ASP B 33 14.08 -12.16 -4.68
N ALA B 34 14.18 -10.88 -4.42
CA ALA B 34 13.00 -10.13 -3.91
C ALA B 34 11.83 -10.32 -4.87
N THR B 35 10.68 -9.80 -4.53
CA THR B 35 9.50 -9.96 -5.42
C THR B 35 8.84 -8.61 -5.67
N VAL B 36 8.46 -8.35 -6.89
CA VAL B 36 7.79 -7.06 -7.23
C VAL B 36 6.44 -7.38 -7.88
N GLU B 37 5.36 -6.94 -7.30
CA GLU B 37 4.02 -7.22 -7.91
C GLU B 37 3.72 -6.10 -8.89
N ASP B 38 3.71 -6.40 -10.16
CA ASP B 38 3.46 -5.34 -11.17
C ASP B 38 3.50 -5.95 -12.57
N PRO B 39 2.65 -5.47 -13.45
CA PRO B 39 1.69 -4.39 -13.10
C PRO B 39 0.55 -4.93 -12.23
N VAL B 40 -0.30 -4.07 -11.73
CA VAL B 40 -1.43 -4.54 -10.89
C VAL B 40 -2.27 -5.53 -11.69
N GLY B 41 -2.84 -6.51 -11.04
CA GLY B 41 -3.67 -7.51 -11.78
C GLY B 41 -2.76 -8.35 -12.68
N SER B 42 -1.47 -8.20 -12.55
CA SER B 42 -0.53 -8.98 -13.39
C SER B 42 0.23 -9.97 -12.50
N GLU B 43 1.41 -10.36 -12.89
CA GLU B 43 2.18 -11.33 -12.07
C GLU B 43 3.54 -10.74 -11.70
N PRO B 44 3.86 -10.82 -10.43
CA PRO B 44 5.15 -10.31 -9.92
C PRO B 44 6.33 -11.07 -10.52
N ARG B 45 7.48 -10.92 -9.94
CA ARG B 45 8.69 -11.62 -10.43
C ARG B 45 9.63 -11.82 -9.24
N SER B 46 10.36 -12.90 -9.19
CA SER B 46 11.24 -13.13 -8.04
C SER B 46 12.61 -13.65 -8.49
N GLY B 47 13.67 -13.17 -7.88
CA GLY B 47 15.04 -13.64 -8.26
C GLY B 47 15.89 -12.44 -8.67
N THR B 48 17.16 -12.50 -8.39
CA THR B 48 18.07 -11.38 -8.76
C THR B 48 17.99 -11.14 -10.27
N ALA B 49 18.53 -12.04 -11.05
CA ALA B 49 18.49 -11.86 -12.52
C ALA B 49 17.09 -11.41 -12.94
N ALA B 50 16.10 -11.74 -12.16
CA ALA B 50 14.71 -11.34 -12.51
C ALA B 50 14.45 -9.91 -12.01
N ILE B 51 14.61 -9.68 -10.74
CA ILE B 51 14.38 -8.31 -10.20
C ILE B 51 15.04 -7.29 -11.13
N ARG B 52 16.17 -7.63 -11.66
CA ARG B 52 16.87 -6.69 -12.59
C ARG B 52 16.17 -6.72 -13.95
N GLU B 53 16.00 -7.88 -14.52
CA GLU B 53 15.32 -7.96 -15.85
C GLU B 53 14.01 -7.18 -15.78
N PHE B 54 13.38 -7.17 -14.63
CA PHE B 54 12.11 -6.43 -14.47
C PHE B 54 12.42 -4.96 -14.22
N PHE B 55 12.93 -4.67 -13.06
CA PHE B 55 13.28 -3.26 -12.73
C PHE B 55 14.05 -2.65 -13.90
N ALA B 56 14.71 -3.45 -14.67
CA ALA B 56 15.47 -2.92 -15.84
C ALA B 56 14.48 -2.54 -16.94
N ASN B 57 13.60 -3.43 -17.29
CA ASN B 57 12.60 -3.11 -18.34
C ASN B 57 11.99 -1.75 -18.03
N SER B 58 11.88 -1.42 -16.77
CA SER B 58 11.31 -0.09 -16.39
C SER B 58 12.29 1.01 -16.79
N LEU B 59 13.56 0.76 -16.64
CA LEU B 59 14.58 1.78 -16.99
C LEU B 59 14.66 1.92 -18.52
N LYS B 60 14.43 0.86 -19.23
CA LYS B 60 14.49 0.95 -20.72
C LYS B 60 13.71 2.16 -21.19
N LEU B 61 12.74 2.59 -20.43
CA LEU B 61 11.93 3.77 -20.81
C LEU B 61 12.49 5.02 -20.12
N PRO B 62 12.91 5.97 -20.91
CA PRO B 62 13.48 7.23 -20.35
C PRO B 62 12.38 8.08 -19.72
N LEU B 63 12.36 8.18 -18.41
CA LEU B 63 11.32 9.02 -17.74
C LEU B 63 11.95 9.81 -16.60
N ALA B 64 11.27 10.82 -16.13
CA ALA B 64 11.82 11.63 -15.01
C ALA B 64 11.29 11.04 -13.69
N VAL B 65 12.16 10.79 -12.74
CA VAL B 65 11.69 10.22 -11.46
C VAL B 65 11.98 11.18 -10.31
N GLU B 66 10.95 11.65 -9.65
CA GLU B 66 11.15 12.58 -8.52
C GLU B 66 10.02 12.40 -7.51
N LEU B 67 10.32 11.83 -6.36
CA LEU B 67 9.25 11.62 -5.34
C LEU B 67 8.46 12.91 -5.15
N THR B 68 7.47 12.89 -4.30
CA THR B 68 6.66 14.10 -4.05
C THR B 68 6.26 14.16 -2.58
N GLN B 69 5.23 13.46 -2.23
CA GLN B 69 4.77 13.45 -0.82
C GLN B 69 5.89 12.90 0.07
N GLU B 70 5.55 12.17 1.10
CA GLU B 70 6.60 11.61 2.00
C GLU B 70 6.61 10.08 1.90
N VAL B 71 7.77 9.51 1.77
CA VAL B 71 7.87 8.03 1.68
C VAL B 71 7.33 7.41 2.98
N ARG B 72 6.93 6.16 2.93
CA ARG B 72 6.40 5.52 4.17
C ARG B 72 7.21 4.27 4.52
N ALA B 73 7.55 4.10 5.76
CA ALA B 73 8.32 2.90 6.19
C ALA B 73 7.96 2.56 7.64
N VAL B 74 7.61 1.33 7.91
CA VAL B 74 7.24 0.97 9.31
C VAL B 74 7.84 -0.39 9.69
N ALA B 75 8.08 -0.59 10.95
CA ALA B 75 8.63 -1.89 11.43
C ALA B 75 9.65 -2.44 10.43
N ASN B 76 9.24 -3.31 9.55
CA ASN B 76 10.20 -3.89 8.56
C ASN B 76 9.67 -3.68 7.14
N GLU B 77 8.44 -3.27 7.00
CA GLU B 77 7.89 -3.06 5.63
C GLU B 77 7.93 -1.57 5.31
N ALA B 78 7.20 -1.15 4.30
CA ALA B 78 7.20 0.29 3.94
C ALA B 78 6.27 0.53 2.75
N ALA B 79 5.97 1.78 2.47
CA ALA B 79 5.08 2.10 1.32
C ALA B 79 5.46 3.48 0.78
N PHE B 80 5.62 3.63 -0.50
CA PHE B 80 5.99 4.96 -1.04
C PHE B 80 5.43 5.15 -2.45
N ALA B 81 5.52 6.34 -2.97
CA ALA B 81 4.98 6.61 -4.32
C ALA B 81 5.86 7.64 -5.02
N PHE B 82 5.48 8.06 -6.20
CA PHE B 82 6.28 9.07 -6.94
C PHE B 82 5.60 9.39 -8.26
N THR B 83 6.23 10.17 -9.09
CA THR B 83 5.62 10.52 -10.39
C THR B 83 6.65 10.34 -11.51
N VAL B 84 6.19 10.10 -12.71
CA VAL B 84 7.13 9.91 -13.84
C VAL B 84 6.53 10.54 -15.10
N SER B 85 7.20 11.52 -15.66
CA SER B 85 6.67 12.16 -16.89
C SER B 85 7.65 11.95 -18.04
N PHE B 86 7.39 11.01 -18.90
CA PHE B 86 8.31 10.75 -20.04
C PHE B 86 7.66 11.18 -21.35
N GLU B 87 8.44 11.31 -22.39
CA GLU B 87 7.86 11.73 -23.71
C GLU B 87 8.40 10.81 -24.81
N PHE B 88 7.85 10.90 -25.99
CA PHE B 88 8.34 10.02 -27.09
C PHE B 88 8.90 10.88 -28.22
N GLN B 89 8.04 11.44 -29.02
CA GLN B 89 8.51 12.28 -30.15
C GLN B 89 7.55 13.44 -30.38
N GLY B 90 6.62 13.65 -29.48
CA GLY B 90 5.65 14.77 -29.65
C GLY B 90 4.71 14.82 -28.45
N ARG B 91 3.82 13.87 -28.34
CA ARG B 91 2.89 13.86 -27.19
C ARG B 91 3.65 13.44 -25.93
N LYS B 92 3.21 13.90 -24.77
CA LYS B 92 3.93 13.51 -23.53
C LYS B 92 2.95 12.95 -22.51
N THR B 93 3.13 11.72 -22.11
CA THR B 93 2.23 11.11 -21.11
C THR B 93 2.87 11.23 -19.72
N VAL B 94 2.37 10.53 -18.74
CA VAL B 94 2.98 10.64 -17.37
C VAL B 94 2.72 9.35 -16.59
N VAL B 95 2.99 9.34 -15.31
CA VAL B 95 2.74 8.12 -14.51
C VAL B 95 2.52 8.52 -13.05
N ALA B 96 1.60 7.89 -12.37
CA ALA B 96 1.36 8.24 -10.93
C ALA B 96 1.08 6.98 -10.13
N PRO B 97 2.11 6.19 -9.96
CA PRO B 97 1.99 4.91 -9.22
C PRO B 97 2.48 5.04 -7.77
N ILE B 98 2.21 4.02 -7.00
CA ILE B 98 2.68 3.99 -5.59
C ILE B 98 3.22 2.58 -5.32
N ASP B 99 4.35 2.46 -4.68
CA ASP B 99 4.91 1.12 -4.46
C ASP B 99 4.89 0.75 -2.97
N HIS B 100 4.90 -0.51 -2.69
CA HIS B 100 4.91 -0.99 -1.27
C HIS B 100 6.30 -1.55 -0.99
N PHE B 101 6.60 -1.87 0.24
CA PHE B 101 7.96 -2.40 0.51
C PHE B 101 7.94 -3.41 1.64
N ARG B 102 8.78 -4.42 1.57
CA ARG B 102 8.84 -5.45 2.64
C ARG B 102 10.30 -5.84 2.88
N PHE B 103 10.79 -5.64 4.07
CA PHE B 103 12.22 -5.99 4.36
C PHE B 103 12.31 -7.44 4.85
N ASN B 104 13.49 -7.87 5.24
CA ASN B 104 13.66 -9.26 5.74
C ASN B 104 14.04 -9.21 7.22
N GLY B 105 14.96 -8.35 7.58
CA GLY B 105 15.38 -8.26 9.00
C GLY B 105 16.41 -7.14 9.16
N ALA B 106 16.21 -6.03 8.49
CA ALA B 106 17.19 -4.91 8.61
C ALA B 106 18.43 -5.22 7.77
N GLY B 107 18.27 -5.27 6.48
CA GLY B 107 19.44 -5.56 5.60
C GLY B 107 19.14 -5.09 4.17
N LYS B 108 18.18 -5.70 3.53
CA LYS B 108 17.85 -5.28 2.14
C LYS B 108 16.35 -5.47 1.90
N VAL B 109 15.93 -5.42 0.67
CA VAL B 109 14.47 -5.61 0.38
C VAL B 109 14.19 -7.10 0.16
N VAL B 110 12.97 -7.52 0.33
CA VAL B 110 12.66 -8.96 0.12
C VAL B 110 11.39 -9.10 -0.72
N SER B 111 10.43 -8.25 -0.51
CA SER B 111 9.18 -8.35 -1.31
C SER B 111 8.65 -6.94 -1.59
N MET B 112 7.77 -6.80 -2.53
CA MET B 112 7.23 -5.46 -2.86
C MET B 112 5.87 -5.58 -3.54
N ARG B 113 5.16 -4.50 -3.67
CA ARG B 113 3.82 -4.54 -4.33
C ARG B 113 3.59 -3.22 -5.06
N ALA B 114 2.82 -3.25 -6.12
CA ALA B 114 2.57 -1.99 -6.89
C ALA B 114 1.11 -1.57 -6.75
N LEU B 115 0.85 -0.29 -6.76
CA LEU B 115 -0.55 0.20 -6.64
C LEU B 115 -1.00 0.81 -7.97
N PHE B 116 -1.77 1.85 -7.92
CA PHE B 116 -2.26 2.50 -9.16
C PHE B 116 -2.77 1.45 -10.13
N GLY B 117 -2.95 1.83 -11.37
CA GLY B 117 -3.44 0.86 -12.39
C GLY B 117 -3.21 1.42 -13.79
N GLU B 118 -3.89 0.90 -14.77
CA GLU B 118 -3.70 1.40 -16.17
C GLU B 118 -4.47 2.71 -16.35
N LYS B 119 -5.06 3.23 -15.30
CA LYS B 119 -5.83 4.49 -15.41
C LYS B 119 -4.93 5.67 -15.06
N ASN B 120 -4.05 5.45 -14.14
CA ASN B 120 -3.12 6.53 -13.71
C ASN B 120 -1.76 6.33 -14.37
N ILE B 121 -1.72 5.78 -15.55
CA ILE B 121 -0.41 5.54 -16.20
C ILE B 121 -0.03 6.69 -17.13
N HIS B 122 0.11 6.43 -18.41
CA HIS B 122 0.57 7.47 -19.37
C HIS B 122 -0.59 8.29 -19.93
N ALA B 123 -0.78 9.48 -19.42
CA ALA B 123 -1.87 10.35 -19.94
C ALA B 123 -1.53 11.82 -19.63
N GLY B 124 -1.31 12.61 -20.64
CA GLY B 124 -0.98 14.04 -20.42
C GLY B 124 -0.76 14.73 -21.77
N ALA B 125 -1.24 15.94 -21.92
CA ALA B 125 -1.06 16.66 -23.21
C ALA B 125 -0.04 17.78 -23.03
N MET A 1 -9.86 1.86 -15.68
CA MET A 1 -10.14 0.72 -16.59
C MET A 1 -11.43 0.02 -16.17
N ASN A 2 -11.53 -0.40 -14.95
CA ASN A 2 -12.77 -1.09 -14.48
C ASN A 2 -13.54 -0.17 -13.53
N THR A 3 -14.84 -0.26 -13.53
CA THR A 3 -15.64 0.61 -12.63
C THR A 3 -15.12 0.48 -11.19
N PRO A 4 -14.47 1.52 -10.73
CA PRO A 4 -13.93 1.52 -9.36
C PRO A 4 -15.07 1.64 -8.34
N GLU A 5 -16.26 1.91 -8.80
CA GLU A 5 -17.42 2.04 -7.87
C GLU A 5 -17.66 0.70 -7.17
N HIS A 6 -17.71 -0.37 -7.93
CA HIS A 6 -17.93 -1.70 -7.30
C HIS A 6 -16.77 -2.04 -6.39
N MET A 7 -15.56 -2.00 -6.90
CA MET A 7 -14.39 -2.30 -6.07
C MET A 7 -14.31 -1.29 -4.92
N THR A 8 -14.77 -0.09 -5.13
CA THR A 8 -14.73 0.93 -4.06
C THR A 8 -15.73 0.54 -2.96
N ALA A 9 -16.85 -0.01 -3.33
CA ALA A 9 -17.84 -0.41 -2.31
C ALA A 9 -17.13 -1.24 -1.23
N VAL A 10 -16.28 -2.13 -1.64
CA VAL A 10 -15.54 -2.96 -0.64
C VAL A 10 -14.80 -2.00 0.29
N VAL A 11 -14.54 -0.80 -0.14
CA VAL A 11 -13.83 0.18 0.71
C VAL A 11 -14.86 0.98 1.52
N GLN A 12 -15.92 1.39 0.88
CA GLN A 12 -16.97 2.16 1.59
C GLN A 12 -17.54 1.28 2.68
N ARG A 13 -18.32 0.32 2.29
CA ARG A 13 -18.93 -0.62 3.26
C ARG A 13 -17.86 -1.01 4.28
N TYR A 14 -16.70 -1.31 3.80
CA TYR A 14 -15.59 -1.71 4.72
C TYR A 14 -15.49 -0.66 5.84
N VAL A 15 -15.56 0.59 5.49
CA VAL A 15 -15.48 1.66 6.53
C VAL A 15 -16.89 1.93 7.07
N ALA A 16 -17.89 1.90 6.23
CA ALA A 16 -19.27 2.14 6.74
C ALA A 16 -19.46 1.23 7.96
N ALA A 17 -18.92 0.04 7.89
CA ALA A 17 -19.02 -0.88 9.06
C ALA A 17 -18.10 -0.36 10.15
N LEU A 18 -17.02 0.26 9.76
CA LEU A 18 -16.08 0.83 10.76
C LEU A 18 -16.77 1.98 11.46
N ASN A 19 -17.18 2.96 10.70
CA ASN A 19 -17.90 4.13 11.28
C ASN A 19 -19.03 3.64 12.18
N ALA A 20 -19.75 2.67 11.74
CA ALA A 20 -20.88 2.14 12.56
C ALA A 20 -20.37 1.03 13.48
N GLY A 21 -19.12 0.70 13.38
CA GLY A 21 -18.56 -0.37 14.26
C GLY A 21 -19.38 -1.65 14.07
N ASP A 22 -19.61 -2.03 12.83
CA ASP A 22 -20.40 -3.27 12.58
C ASP A 22 -19.50 -4.34 11.96
N LEU A 23 -18.75 -5.05 12.77
CA LEU A 23 -17.89 -6.11 12.24
C LEU A 23 -18.67 -7.00 11.28
N ASP A 24 -19.97 -7.02 11.41
CA ASP A 24 -20.80 -7.87 10.51
C ASP A 24 -20.55 -7.45 9.06
N GLY A 25 -20.62 -6.19 8.77
CA GLY A 25 -20.38 -5.74 7.37
C GLY A 25 -18.93 -5.99 7.02
N ILE A 26 -18.05 -5.68 7.91
CA ILE A 26 -16.60 -5.92 7.65
C ILE A 26 -16.42 -7.39 7.29
N VAL A 27 -16.90 -8.26 8.13
CA VAL A 27 -16.79 -9.71 7.86
C VAL A 27 -17.63 -10.01 6.62
N ALA A 28 -18.84 -9.52 6.60
CA ALA A 28 -19.72 -9.75 5.42
C ALA A 28 -18.94 -9.37 4.17
N LEU A 29 -18.30 -8.24 4.19
CA LEU A 29 -17.50 -7.80 3.01
C LEU A 29 -16.28 -8.71 2.87
N PHE A 30 -15.92 -9.37 3.94
CA PHE A 30 -14.74 -10.28 3.89
C PHE A 30 -15.17 -11.64 3.33
N ALA A 31 -14.35 -12.23 2.50
CA ALA A 31 -14.72 -13.55 1.91
C ALA A 31 -14.88 -14.58 3.04
N ASP A 32 -14.99 -15.83 2.69
CA ASP A 32 -15.15 -16.89 3.73
C ASP A 32 -13.84 -17.07 4.50
N ASP A 33 -12.76 -16.70 3.90
CA ASP A 33 -11.44 -16.84 4.57
C ASP A 33 -10.50 -15.73 4.09
N ALA A 34 -10.95 -14.51 4.12
CA ALA A 34 -10.09 -13.39 3.65
C ALA A 34 -8.81 -13.35 4.48
N THR A 35 -7.83 -12.60 4.06
CA THR A 35 -6.57 -12.51 4.83
C THR A 35 -6.24 -11.04 5.12
N VAL A 36 -5.80 -10.75 6.32
CA VAL A 36 -5.46 -9.35 6.67
C VAL A 36 -4.06 -9.31 7.27
N GLU A 37 -3.50 -8.13 7.42
CA GLU A 37 -2.13 -8.03 8.00
C GLU A 37 -2.05 -6.77 8.86
N ASP A 38 -1.81 -6.91 10.13
CA ASP A 38 -1.74 -5.71 11.01
C ASP A 38 -1.32 -6.13 12.42
N PRO A 39 -0.46 -5.33 13.04
CA PRO A 39 0.08 -4.09 12.41
C PRO A 39 1.06 -4.44 11.29
N VAL A 40 1.70 -3.46 10.73
CA VAL A 40 2.68 -3.72 9.63
C VAL A 40 3.88 -4.48 10.18
N GLY A 41 3.66 -5.64 10.74
CA GLY A 41 4.78 -6.43 11.30
C GLY A 41 4.57 -7.90 10.98
N SER A 42 3.80 -8.57 11.78
CA SER A 42 3.54 -10.02 11.55
C SER A 42 2.35 -10.47 12.40
N GLU A 43 1.25 -9.76 12.33
CA GLU A 43 0.06 -10.16 13.13
C GLU A 43 -1.19 -10.10 12.25
N PRO A 44 -1.16 -10.86 11.19
CA PRO A 44 -2.29 -10.91 10.25
C PRO A 44 -3.40 -11.81 10.80
N ARG A 45 -4.45 -12.00 10.04
CA ARG A 45 -5.57 -12.86 10.50
C ARG A 45 -6.25 -13.50 9.28
N SER A 46 -5.97 -14.74 9.01
CA SER A 46 -6.59 -15.40 7.84
C SER A 46 -7.87 -16.11 8.24
N GLY A 47 -8.82 -16.21 7.35
CA GLY A 47 -10.09 -16.89 7.67
C GLY A 47 -11.17 -15.86 8.04
N THR A 48 -12.41 -16.28 8.12
CA THR A 48 -13.49 -15.32 8.47
C THR A 48 -13.51 -15.12 9.99
N ALA A 49 -13.65 -16.19 10.74
CA ALA A 49 -13.68 -16.06 12.21
C ALA A 49 -12.42 -15.32 12.67
N ALA A 50 -11.35 -15.46 11.96
CA ALA A 50 -10.10 -14.76 12.34
C ALA A 50 -10.18 -13.29 11.90
N ILE A 51 -10.47 -13.06 10.65
CA ILE A 51 -10.59 -11.66 10.15
C ILE A 51 -11.51 -10.87 11.08
N ARG A 52 -12.54 -11.50 11.59
CA ARG A 52 -13.47 -10.78 12.50
C ARG A 52 -12.80 -10.61 13.85
N GLU A 53 -12.43 -11.68 14.51
CA GLU A 53 -11.76 -11.56 15.82
C GLU A 53 -10.72 -10.45 15.75
N PHE A 54 -10.19 -10.22 14.58
CA PHE A 54 -9.17 -9.16 14.40
C PHE A 54 -9.88 -7.84 14.17
N PHE A 55 -10.49 -7.70 13.03
CA PHE A 55 -11.22 -6.44 12.72
C PHE A 55 -12.21 -6.11 13.84
N ALA A 56 -12.55 -7.07 14.65
CA ALA A 56 -13.49 -6.81 15.78
C ALA A 56 -12.69 -6.30 16.97
N ASN A 57 -11.50 -6.81 17.15
CA ASN A 57 -10.66 -6.34 18.30
C ASN A 57 -10.22 -4.91 18.04
N SER A 58 -9.88 -4.60 16.82
CA SER A 58 -9.46 -3.20 16.50
C SER A 58 -10.63 -2.26 16.75
N LEU A 59 -11.83 -2.72 16.51
CA LEU A 59 -13.02 -1.86 16.73
C LEU A 59 -13.13 -1.52 18.21
N LYS A 60 -12.52 -2.29 19.06
CA LYS A 60 -12.59 -2.00 20.52
C LYS A 60 -12.16 -0.54 20.75
N LEU A 61 -11.44 0.03 19.83
CA LEU A 61 -11.00 1.44 19.98
C LEU A 61 -12.07 2.35 19.36
N PRO A 62 -12.71 3.12 20.21
CA PRO A 62 -13.78 4.03 19.74
C PRO A 62 -13.20 5.20 18.91
N LEU A 63 -13.38 5.17 17.62
CA LEU A 63 -12.83 6.27 16.77
C LEU A 63 -13.88 6.67 15.73
N ALA A 64 -13.75 7.85 15.18
CA ALA A 64 -14.72 8.29 14.14
C ALA A 64 -14.17 7.87 12.77
N VAL A 65 -14.96 7.19 11.99
CA VAL A 65 -14.48 6.74 10.65
C VAL A 65 -15.12 7.60 9.56
N GLU A 66 -14.32 8.36 8.86
CA GLU A 66 -14.88 9.22 7.78
C GLU A 66 -13.80 9.41 6.70
N LEU A 67 -13.85 8.65 5.65
CA LEU A 67 -12.84 8.79 4.57
C LEU A 67 -12.66 10.27 4.24
N THR A 68 -11.70 10.58 3.40
CA THR A 68 -11.47 12.00 3.02
C THR A 68 -11.08 12.09 1.56
N GLN A 69 -9.84 11.84 1.28
CA GLN A 69 -9.37 11.89 -0.14
C GLN A 69 -10.17 10.89 -0.97
N GLU A 70 -9.59 10.39 -2.02
CA GLU A 70 -10.31 9.41 -2.88
C GLU A 70 -9.72 8.01 -2.68
N VAL A 71 -10.56 7.03 -2.47
CA VAL A 71 -10.05 5.65 -2.29
C VAL A 71 -9.25 5.22 -3.52
N ARG A 72 -8.25 4.41 -3.35
CA ARG A 72 -7.45 3.98 -4.53
C ARG A 72 -7.82 2.54 -4.91
N ALA A 73 -8.04 2.29 -6.16
CA ALA A 73 -8.41 0.91 -6.60
C ALA A 73 -7.71 0.59 -7.92
N VAL A 74 -7.25 -0.62 -8.07
CA VAL A 74 -6.55 -1.01 -9.33
C VAL A 74 -7.25 -2.21 -9.96
N ALA A 75 -6.55 -2.95 -10.77
CA ALA A 75 -7.17 -4.14 -11.44
C ALA A 75 -8.09 -4.87 -10.46
N ASN A 76 -7.59 -5.85 -9.76
CA ASN A 76 -8.45 -6.60 -8.80
C ASN A 76 -8.12 -6.18 -7.38
N GLU A 77 -6.98 -5.59 -7.17
CA GLU A 77 -6.61 -5.15 -5.79
C GLU A 77 -7.10 -3.73 -5.56
N ALA A 78 -6.57 -3.06 -4.57
CA ALA A 78 -7.01 -1.67 -4.30
C ALA A 78 -6.27 -1.13 -3.07
N ALA A 79 -6.31 0.16 -2.87
CA ALA A 79 -5.63 0.76 -1.68
C ALA A 79 -6.38 2.03 -1.28
N PHE A 80 -6.58 2.26 -0.01
CA PHE A 80 -7.32 3.48 0.40
C PHE A 80 -6.83 3.97 1.76
N ALA A 81 -7.11 5.20 2.07
CA ALA A 81 -6.68 5.76 3.38
C ALA A 81 -7.79 6.64 3.96
N PHE A 82 -7.77 6.89 5.23
CA PHE A 82 -8.83 7.74 5.84
C PHE A 82 -8.32 8.33 7.15
N THR A 83 -9.15 9.05 7.85
CA THR A 83 -8.72 9.65 9.14
C THR A 83 -9.58 9.09 10.26
N VAL A 84 -9.00 8.86 11.41
CA VAL A 84 -9.79 8.31 12.55
C VAL A 84 -9.73 9.28 13.73
N SER A 85 -10.86 9.71 14.22
CA SER A 85 -10.87 10.66 15.36
C SER A 85 -11.41 9.92 16.60
N PHE A 86 -10.57 9.66 17.56
CA PHE A 86 -11.03 8.94 18.78
C PHE A 86 -10.57 9.67 20.04
N GLU A 87 -11.12 9.30 21.17
CA GLU A 87 -10.72 9.96 22.45
C GLU A 87 -10.84 8.93 23.58
N PHE A 88 -10.30 9.22 24.74
CA PHE A 88 -10.40 8.25 25.86
C PHE A 88 -10.51 8.98 27.20
N GLN A 89 -9.43 9.08 27.92
CA GLN A 89 -9.48 9.79 29.24
C GLN A 89 -9.89 11.24 29.04
N GLY A 90 -9.64 11.80 27.89
CA GLY A 90 -10.03 13.21 27.64
C GLY A 90 -9.37 13.70 26.34
N ARG A 91 -8.08 13.78 26.32
CA ARG A 91 -7.39 14.23 25.08
C ARG A 91 -7.80 13.33 23.91
N LYS A 92 -8.43 13.89 22.91
CA LYS A 92 -8.85 13.05 21.76
C LYS A 92 -7.74 13.02 20.70
N THR A 93 -7.32 11.84 20.33
CA THR A 93 -6.23 11.73 19.31
C THR A 93 -6.83 11.28 17.98
N VAL A 94 -6.32 11.78 16.90
CA VAL A 94 -6.85 11.37 15.56
C VAL A 94 -5.81 10.49 14.86
N VAL A 95 -6.11 9.99 13.70
CA VAL A 95 -5.11 9.12 13.00
C VAL A 95 -5.28 9.24 11.48
N ALA A 96 -4.19 9.18 10.75
CA ALA A 96 -4.27 9.30 9.27
C ALA A 96 -3.43 8.19 8.61
N PRO A 97 -3.92 6.99 8.70
CA PRO A 97 -3.21 5.83 8.11
C PRO A 97 -3.76 5.51 6.71
N ILE A 98 -3.28 4.45 6.13
CA ILE A 98 -3.76 4.04 4.79
C ILE A 98 -3.89 2.52 4.75
N ASP A 99 -4.95 2.01 4.21
CA ASP A 99 -5.14 0.53 4.18
C ASP A 99 -4.99 0.02 2.75
N HIS A 100 -4.77 -1.26 2.60
CA HIS A 100 -4.62 -1.83 1.24
C HIS A 100 -5.85 -2.70 0.95
N PHE A 101 -6.00 -3.16 -0.26
CA PHE A 101 -7.19 -3.97 -0.57
C PHE A 101 -6.84 -5.05 -1.61
N ARG A 102 -7.46 -6.19 -1.50
CA ARG A 102 -7.18 -7.29 -2.47
C ARG A 102 -8.47 -8.07 -2.72
N PHE A 103 -8.98 -8.01 -3.93
CA PHE A 103 -10.25 -8.74 -4.23
C PHE A 103 -9.92 -10.10 -4.82
N ASN A 104 -10.90 -10.81 -5.30
CA ASN A 104 -10.65 -12.16 -5.89
C ASN A 104 -11.26 -12.21 -7.29
N GLY A 105 -12.37 -11.55 -7.50
CA GLY A 105 -13.01 -11.58 -8.83
C GLY A 105 -13.99 -10.41 -8.95
N ALA A 106 -13.77 -9.37 -8.19
CA ALA A 106 -14.69 -8.20 -8.24
C ALA A 106 -16.04 -8.57 -7.62
N GLY A 107 -16.04 -8.93 -6.37
CA GLY A 107 -17.31 -9.31 -5.70
C GLY A 107 -17.19 -9.05 -4.19
N LYS A 108 -16.30 -9.74 -3.54
CA LYS A 108 -16.14 -9.54 -2.07
C LYS A 108 -14.66 -9.29 -1.75
N VAL A 109 -14.29 -9.39 -0.51
CA VAL A 109 -12.86 -9.14 -0.14
C VAL A 109 -12.17 -10.47 0.16
N VAL A 110 -10.96 -10.64 -0.26
CA VAL A 110 -10.24 -11.92 0.01
C VAL A 110 -8.94 -11.64 0.76
N SER A 111 -8.40 -10.46 0.63
CA SER A 111 -7.13 -10.14 1.33
C SER A 111 -7.04 -8.63 1.56
N MET A 112 -6.28 -8.22 2.54
CA MET A 112 -6.15 -6.76 2.81
C MET A 112 -4.89 -6.50 3.64
N ARG A 113 -4.25 -5.39 3.41
CA ARG A 113 -3.01 -5.06 4.17
C ARG A 113 -3.14 -3.66 4.77
N ALA A 114 -2.51 -3.42 5.89
CA ALA A 114 -2.61 -2.06 6.51
C ALA A 114 -1.22 -1.43 6.58
N LEU A 115 -1.15 -0.13 6.53
CA LEU A 115 0.18 0.55 6.60
C LEU A 115 0.03 1.89 7.32
N PHE A 116 1.03 2.27 8.06
CA PHE A 116 1.01 3.56 8.81
C PHE A 116 2.11 3.54 9.86
N GLY A 117 2.05 4.42 10.81
CA GLY A 117 3.09 4.44 11.87
C GLY A 117 2.80 5.56 12.86
N GLU A 118 3.72 5.86 13.73
CA GLU A 118 3.49 6.95 14.72
C GLU A 118 3.45 8.30 14.00
N LYS A 119 3.75 8.30 12.73
CA LYS A 119 3.74 9.57 11.96
C LYS A 119 2.34 9.80 11.41
N ASN A 120 1.66 8.74 11.15
CA ASN A 120 0.28 8.84 10.60
C ASN A 120 -0.72 8.93 11.75
N ILE A 121 -0.25 8.98 12.96
CA ILE A 121 -1.18 9.09 14.12
C ILE A 121 -1.37 10.58 14.42
N HIS A 122 -1.89 10.92 15.56
CA HIS A 122 -2.07 12.37 15.89
C HIS A 122 -2.00 12.59 17.39
N ALA A 123 -2.09 13.81 17.83
CA ALA A 123 -2.04 14.10 19.29
C ALA A 123 -2.74 15.43 19.56
N GLY A 124 -3.55 15.49 20.58
CA GLY A 124 -4.27 16.75 20.90
C GLY A 124 -5.44 16.93 19.93
N ALA A 125 -5.40 17.98 19.15
CA ALA A 125 -6.51 18.21 18.17
C ALA A 125 -6.01 17.94 16.75
N MET B 1 10.69 7.14 17.70
CA MET B 1 10.88 5.66 17.74
C MET B 1 10.77 5.07 16.34
N ASN B 2 11.40 3.95 16.11
CA ASN B 2 11.33 3.32 14.75
C ASN B 2 12.03 4.21 13.73
N THR B 3 13.30 4.43 13.88
CA THR B 3 14.04 5.30 12.92
C THR B 3 13.60 4.95 11.49
N PRO B 4 12.78 5.80 10.94
CA PRO B 4 12.28 5.58 9.56
C PRO B 4 13.39 5.91 8.54
N GLU B 5 14.44 6.53 8.98
CA GLU B 5 15.54 6.88 8.04
C GLU B 5 16.10 5.60 7.41
N HIS B 6 16.34 4.59 8.20
CA HIS B 6 16.87 3.32 7.63
C HIS B 6 15.88 2.76 6.61
N MET B 7 14.64 2.63 7.01
CA MET B 7 13.61 2.10 6.08
C MET B 7 13.37 3.12 4.97
N THR B 8 13.75 4.35 5.18
CA THR B 8 13.54 5.39 4.13
C THR B 8 14.70 5.33 3.13
N ALA B 9 15.88 5.01 3.58
CA ALA B 9 17.04 4.95 2.65
C ALA B 9 16.72 3.95 1.54
N VAL B 10 16.27 2.77 1.89
CA VAL B 10 15.95 1.75 0.85
C VAL B 10 15.06 2.41 -0.22
N VAL B 11 14.25 3.35 0.18
CA VAL B 11 13.35 4.04 -0.79
C VAL B 11 14.19 4.96 -1.69
N GLN B 12 15.14 5.63 -1.12
CA GLN B 12 16.00 6.54 -1.92
C GLN B 12 16.78 5.72 -2.91
N ARG B 13 17.77 5.03 -2.42
CA ARG B 13 18.60 4.18 -3.28
C ARG B 13 17.70 3.43 -4.27
N TYR B 14 16.63 2.92 -3.76
CA TYR B 14 15.66 2.20 -4.63
C TYR B 14 15.35 3.06 -5.85
N VAL B 15 15.11 4.33 -5.66
CA VAL B 15 14.82 5.22 -6.81
C VAL B 15 16.13 5.78 -7.35
N ALA B 16 17.07 6.09 -6.49
CA ALA B 16 18.37 6.62 -7.01
C ALA B 16 18.82 5.68 -8.12
N ALA B 17 18.54 4.41 -7.97
CA ALA B 17 18.92 3.43 -9.01
C ALA B 17 17.94 3.59 -10.17
N LEU B 18 16.71 3.93 -9.86
CA LEU B 18 15.70 4.15 -10.92
C LEU B 18 16.11 5.36 -11.74
N ASN B 19 16.26 6.48 -11.08
CA ASN B 19 16.69 7.72 -11.78
C ASN B 19 17.91 7.41 -12.65
N ALA B 20 18.81 6.62 -12.15
CA ALA B 20 20.03 6.28 -12.94
C ALA B 20 19.77 5.04 -13.79
N GLY B 21 18.57 4.53 -13.76
CA GLY B 21 18.25 3.31 -14.56
C GLY B 21 19.31 2.25 -14.31
N ASP B 22 19.87 2.22 -13.13
CA ASP B 22 20.92 1.21 -12.82
C ASP B 22 20.29 0.03 -12.08
N LEU B 23 19.78 -0.94 -12.80
CA LEU B 23 19.16 -2.12 -12.15
C LEU B 23 20.13 -2.71 -11.12
N ASP B 24 21.39 -2.41 -11.23
CA ASP B 24 22.39 -2.96 -10.26
C ASP B 24 22.04 -2.45 -8.86
N GLY B 25 21.92 -1.17 -8.69
CA GLY B 25 21.59 -0.63 -7.35
C GLY B 25 20.22 -1.17 -6.92
N ILE B 26 19.32 -1.28 -7.84
CA ILE B 26 17.98 -1.82 -7.52
C ILE B 26 18.15 -3.25 -7.02
N VAL B 27 18.75 -4.09 -7.82
CA VAL B 27 18.98 -5.48 -7.38
C VAL B 27 19.87 -5.45 -6.14
N ALA B 28 20.88 -4.63 -6.16
CA ALA B 28 21.77 -4.52 -4.97
C ALA B 28 20.90 -4.22 -3.75
N LEU B 29 20.04 -3.24 -3.85
CA LEU B 29 19.15 -2.89 -2.72
C LEU B 29 18.15 -4.04 -2.50
N PHE B 30 17.92 -4.82 -3.53
CA PHE B 30 16.96 -5.93 -3.42
C PHE B 30 17.67 -7.19 -2.91
N ALA B 31 17.08 -7.90 -2.00
CA ALA B 31 17.72 -9.14 -1.48
C ALA B 31 18.11 -10.04 -2.64
N ASP B 32 18.58 -11.23 -2.37
CA ASP B 32 18.98 -12.15 -3.47
C ASP B 32 17.74 -12.77 -4.09
N ASP B 33 16.69 -12.85 -3.34
CA ASP B 33 15.43 -13.45 -3.86
C ASP B 33 14.26 -12.57 -3.44
N ALA B 34 14.39 -11.28 -3.60
CA ALA B 34 13.28 -10.36 -3.22
C ALA B 34 12.05 -10.63 -4.08
N THR B 35 10.89 -10.39 -3.53
CA THR B 35 9.64 -10.62 -4.32
C THR B 35 9.02 -9.26 -4.67
N VAL B 36 8.34 -9.18 -5.79
CA VAL B 36 7.72 -7.88 -6.18
C VAL B 36 6.35 -8.14 -6.78
N GLU B 37 5.33 -7.55 -6.22
CA GLU B 37 3.95 -7.74 -6.78
C GLU B 37 3.73 -6.65 -7.81
N ASP B 38 3.79 -6.99 -9.06
CA ASP B 38 3.61 -5.95 -10.11
C ASP B 38 3.74 -6.61 -11.49
N PRO B 39 2.94 -6.17 -12.44
CA PRO B 39 1.94 -5.09 -12.20
C PRO B 39 0.78 -5.58 -11.35
N VAL B 40 -0.12 -4.72 -11.00
CA VAL B 40 -1.29 -5.13 -10.17
C VAL B 40 -2.10 -6.18 -10.94
N GLY B 41 -2.80 -7.03 -10.24
CA GLY B 41 -3.60 -8.08 -10.94
C GLY B 41 -2.67 -8.89 -11.85
N SER B 42 -1.39 -8.83 -11.62
CA SER B 42 -0.43 -9.58 -12.47
C SER B 42 0.31 -10.60 -11.60
N GLU B 43 1.50 -10.98 -11.99
CA GLU B 43 2.26 -11.97 -11.18
C GLU B 43 3.65 -11.41 -10.82
N PRO B 44 3.96 -11.46 -9.55
CA PRO B 44 5.27 -10.97 -9.06
C PRO B 44 6.42 -11.81 -9.61
N ARG B 45 7.61 -11.54 -9.15
CA ARG B 45 8.79 -12.32 -9.64
C ARG B 45 9.84 -12.37 -8.51
N SER B 46 9.94 -13.48 -7.85
CA SER B 46 10.94 -13.59 -6.74
C SER B 46 12.28 -14.08 -7.30
N GLY B 47 13.36 -13.71 -6.66
CA GLY B 47 14.69 -14.15 -7.15
C GLY B 47 15.44 -12.93 -7.70
N THR B 48 16.74 -13.04 -7.85
CA THR B 48 17.52 -11.90 -8.39
C THR B 48 17.32 -11.81 -9.91
N ALA B 49 17.22 -12.94 -10.56
CA ALA B 49 17.02 -12.93 -12.03
C ALA B 49 15.57 -12.52 -12.33
N ALA B 50 14.71 -12.64 -11.36
CA ALA B 50 13.29 -12.25 -11.58
C ALA B 50 13.10 -10.77 -11.21
N ILE B 51 13.65 -10.36 -10.10
CA ILE B 51 13.50 -8.94 -9.68
C ILE B 51 14.15 -8.04 -10.72
N ARG B 52 15.37 -8.32 -11.08
CA ARG B 52 16.06 -7.47 -12.11
C ARG B 52 15.35 -7.63 -13.45
N GLU B 53 15.15 -8.83 -13.90
CA GLU B 53 14.45 -9.03 -15.20
C GLU B 53 13.18 -8.17 -15.20
N PHE B 54 12.59 -8.00 -14.05
CA PHE B 54 11.37 -7.18 -13.94
C PHE B 54 11.76 -5.71 -13.81
N PHE B 55 12.30 -5.36 -12.68
CA PHE B 55 12.72 -3.94 -12.46
C PHE B 55 13.57 -3.47 -13.65
N ALA B 56 14.15 -4.39 -14.37
CA ALA B 56 14.97 -4.00 -15.55
C ALA B 56 14.05 -3.83 -16.76
N ASN B 57 13.19 -4.79 -16.99
CA ASN B 57 12.25 -4.68 -18.14
C ASN B 57 11.43 -3.40 -17.97
N SER B 58 11.08 -3.08 -16.76
CA SER B 58 10.30 -1.85 -16.50
C SER B 58 11.16 -0.64 -16.86
N LEU B 59 12.44 -0.75 -16.67
CA LEU B 59 13.35 0.37 -16.99
C LEU B 59 13.31 0.63 -18.50
N LYS B 60 12.93 -0.35 -19.27
CA LYS B 60 12.86 -0.16 -20.75
C LYS B 60 12.06 1.12 -21.05
N LEU B 61 11.23 1.53 -20.13
CA LEU B 61 10.43 2.77 -20.33
C LEU B 61 11.15 3.91 -19.60
N PRO B 62 11.82 4.74 -20.36
CA PRO B 62 12.58 5.86 -19.77
C PRO B 62 11.68 7.02 -19.34
N LEU B 63 11.78 7.43 -18.09
CA LEU B 63 10.96 8.56 -17.59
C LEU B 63 11.78 9.35 -16.57
N ALA B 64 11.24 10.42 -16.08
CA ALA B 64 11.97 11.21 -15.04
C ALA B 64 11.57 10.69 -13.67
N VAL B 65 12.52 10.31 -12.86
CA VAL B 65 12.18 9.78 -11.51
C VAL B 65 12.64 10.76 -10.44
N GLU B 66 11.73 11.33 -9.71
CA GLU B 66 12.10 12.29 -8.63
C GLU B 66 11.05 12.22 -7.52
N LEU B 67 11.25 11.36 -6.57
CA LEU B 67 10.25 11.24 -5.46
C LEU B 67 10.00 12.61 -4.83
N THR B 68 9.31 12.64 -3.72
CA THR B 68 9.02 13.94 -3.06
C THR B 68 9.23 13.79 -1.56
N GLN B 69 10.39 13.29 -1.18
CA GLN B 69 10.77 13.08 0.25
C GLN B 69 9.69 12.29 1.03
N GLU B 70 8.47 12.73 1.05
CA GLU B 70 7.43 12.00 1.80
C GLU B 70 7.49 10.50 1.46
N VAL B 71 7.81 9.70 2.43
CA VAL B 71 7.90 8.24 2.22
C VAL B 71 7.28 7.54 3.42
N ARG B 72 6.78 6.35 3.26
CA ARG B 72 6.16 5.65 4.42
C ARG B 72 6.97 4.41 4.79
N ALA B 73 7.30 4.26 6.05
CA ALA B 73 8.10 3.08 6.48
C ALA B 73 7.74 2.76 7.94
N VAL B 74 7.49 1.51 8.24
CA VAL B 74 7.13 1.16 9.64
C VAL B 74 7.58 -0.27 9.98
N ALA B 75 7.73 -0.56 11.24
CA ALA B 75 8.14 -1.92 11.66
C ALA B 75 9.21 -2.47 10.70
N ASN B 76 8.84 -3.34 9.80
CA ASN B 76 9.84 -3.91 8.85
C ASN B 76 9.42 -3.59 7.41
N GLU B 77 8.18 -3.30 7.19
CA GLU B 77 7.73 -2.99 5.81
C GLU B 77 7.80 -1.48 5.58
N ALA B 78 7.17 -1.00 4.54
CA ALA B 78 7.21 0.46 4.25
C ALA B 78 6.44 0.73 2.95
N ALA B 79 5.92 1.92 2.80
CA ALA B 79 5.18 2.25 1.54
C ALA B 79 5.60 3.65 1.09
N PHE B 80 5.74 3.85 -0.19
CA PHE B 80 6.16 5.20 -0.66
C PHE B 80 5.59 5.47 -2.06
N ALA B 81 5.73 6.67 -2.54
CA ALA B 81 5.19 7.00 -3.89
C ALA B 81 6.10 8.02 -4.57
N PHE B 82 5.76 8.42 -5.77
CA PHE B 82 6.59 9.41 -6.49
C PHE B 82 5.89 9.80 -7.80
N THR B 83 6.55 10.56 -8.62
CA THR B 83 5.94 10.96 -9.91
C THR B 83 6.87 10.58 -11.06
N VAL B 84 6.30 10.13 -12.15
CA VAL B 84 7.16 9.74 -13.31
C VAL B 84 6.80 10.59 -14.52
N SER B 85 7.69 11.42 -14.97
CA SER B 85 7.41 12.27 -16.16
C SER B 85 8.17 11.73 -17.37
N PHE B 86 7.52 11.56 -18.48
CA PHE B 86 8.22 11.03 -19.68
C PHE B 86 7.59 11.59 -20.96
N GLU B 87 8.33 11.59 -22.03
CA GLU B 87 7.78 12.12 -23.31
C GLU B 87 7.29 10.95 -24.16
N PHE B 88 6.41 11.20 -25.09
CA PHE B 88 5.89 10.10 -25.96
C PHE B 88 6.11 10.46 -27.43
N GLN B 89 7.31 10.32 -27.91
CA GLN B 89 7.61 10.64 -29.33
C GLN B 89 6.86 11.91 -29.76
N GLY B 90 7.08 13.00 -29.08
CA GLY B 90 6.39 14.26 -29.45
C GLY B 90 5.31 14.61 -28.42
N ARG B 91 5.12 13.77 -27.44
CA ARG B 91 4.08 14.06 -26.42
C ARG B 91 4.69 13.98 -25.02
N LYS B 92 3.94 14.33 -24.01
CA LYS B 92 4.49 14.27 -22.63
C LYS B 92 3.43 13.69 -21.69
N THR B 93 3.84 12.87 -20.78
CA THR B 93 2.89 12.25 -19.84
C THR B 93 3.56 12.09 -18.47
N VAL B 94 2.80 12.17 -17.41
CA VAL B 94 3.39 11.99 -16.05
C VAL B 94 2.61 10.91 -15.33
N VAL B 95 3.08 10.46 -14.19
CA VAL B 95 2.36 9.39 -13.46
C VAL B 95 2.53 9.57 -11.95
N ALA B 96 1.53 9.24 -11.19
CA ALA B 96 1.62 9.40 -9.70
C ALA B 96 1.20 8.11 -9.01
N PRO B 97 2.04 7.11 -9.09
CA PRO B 97 1.75 5.81 -8.47
C PRO B 97 2.32 5.74 -7.05
N ILE B 98 2.22 4.60 -6.43
CA ILE B 98 2.77 4.43 -5.05
C ILE B 98 3.33 3.01 -4.94
N ASP B 99 4.50 2.86 -4.39
CA ASP B 99 5.09 1.50 -4.28
C ASP B 99 5.08 1.05 -2.82
N HIS B 100 5.23 -0.23 -2.59
CA HIS B 100 5.24 -0.77 -1.21
C HIS B 100 6.64 -1.28 -0.90
N PHE B 101 6.90 -1.66 0.33
CA PHE B 101 8.26 -2.14 0.67
C PHE B 101 8.19 -3.21 1.75
N ARG B 102 9.06 -4.17 1.68
CA ARG B 102 9.08 -5.26 2.71
C ARG B 102 10.53 -5.58 3.08
N PHE B 103 10.96 -5.18 4.24
CA PHE B 103 12.37 -5.46 4.64
C PHE B 103 12.44 -6.81 5.38
N ASN B 104 13.58 -7.12 5.95
CA ASN B 104 13.73 -8.40 6.68
C ASN B 104 14.19 -8.11 8.11
N GLY B 105 15.06 -7.14 8.28
CA GLY B 105 15.55 -6.81 9.65
C GLY B 105 16.23 -5.44 9.64
N ALA B 106 15.85 -4.59 8.71
CA ALA B 106 16.48 -3.24 8.64
C ALA B 106 17.89 -3.34 8.07
N GLY B 107 18.00 -3.74 6.85
CA GLY B 107 19.35 -3.87 6.22
C GLY B 107 19.23 -3.82 4.70
N LYS B 108 18.48 -4.72 4.13
CA LYS B 108 18.31 -4.73 2.65
C LYS B 108 16.82 -4.79 2.31
N VAL B 109 16.50 -5.04 1.06
CA VAL B 109 15.06 -5.11 0.67
C VAL B 109 14.69 -6.56 0.38
N VAL B 110 13.57 -7.02 0.87
CA VAL B 110 13.18 -8.43 0.62
C VAL B 110 11.98 -8.47 -0.32
N SER B 111 10.81 -8.17 0.16
CA SER B 111 9.62 -8.21 -0.74
C SER B 111 9.16 -6.79 -1.05
N MET B 112 8.37 -6.62 -2.07
CA MET B 112 7.90 -5.26 -2.43
C MET B 112 6.57 -5.36 -3.18
N ARG B 113 5.74 -4.37 -3.05
CA ARG B 113 4.42 -4.39 -3.76
C ARG B 113 4.26 -3.09 -4.55
N ALA B 114 3.54 -3.13 -5.64
CA ALA B 114 3.35 -1.90 -6.45
C ALA B 114 1.90 -1.44 -6.34
N LEU B 115 1.69 -0.18 -6.04
CA LEU B 115 0.29 0.32 -5.93
C LEU B 115 0.07 1.51 -6.86
N PHE B 116 -1.03 1.51 -7.54
CA PHE B 116 -1.38 2.62 -8.47
C PHE B 116 -2.53 2.15 -9.36
N GLY B 117 -2.68 2.75 -10.50
CA GLY B 117 -3.78 2.34 -11.41
C GLY B 117 -3.97 3.40 -12.49
N GLU B 118 -4.98 3.25 -13.32
CA GLU B 118 -5.22 4.25 -14.39
C GLU B 118 -5.67 5.57 -13.75
N LYS B 119 -5.89 5.58 -12.47
CA LYS B 119 -6.32 6.81 -11.78
C LYS B 119 -5.10 7.58 -11.31
N ASN B 120 -4.07 6.86 -11.01
CA ASN B 120 -2.82 7.49 -10.53
C ASN B 120 -1.92 7.84 -11.73
N ILE B 121 -2.41 7.65 -12.92
CA ILE B 121 -1.59 7.98 -14.12
C ILE B 121 -1.87 9.44 -14.50
N HIS B 122 -1.41 9.88 -15.63
CA HIS B 122 -1.65 11.30 -16.03
C HIS B 122 -1.67 11.42 -17.56
N ALA B 123 -1.99 12.59 -18.05
CA ALA B 123 -2.03 12.78 -19.53
C ALA B 123 -1.82 14.26 -19.84
N GLY B 124 -1.70 14.62 -21.09
CA GLY B 124 -1.51 16.05 -21.44
C GLY B 124 -1.26 16.19 -22.95
N ALA B 125 -1.79 17.21 -23.56
CA ALA B 125 -1.59 17.39 -25.02
C ALA B 125 -1.61 18.89 -25.36
N MET A 1 -15.03 -7.08 -15.96
CA MET A 1 -13.67 -7.35 -16.53
C MET A 1 -12.62 -6.52 -15.79
N ASN A 2 -12.94 -5.31 -15.43
CA ASN A 2 -11.96 -4.46 -14.71
C ASN A 2 -12.65 -3.22 -14.15
N THR A 3 -13.80 -3.39 -13.56
CA THR A 3 -14.53 -2.21 -13.01
C THR A 3 -14.00 -1.87 -11.62
N PRO A 4 -13.32 -0.76 -11.52
CA PRO A 4 -12.76 -0.33 -10.22
C PRO A 4 -13.87 0.17 -9.30
N GLU A 5 -15.08 0.22 -9.79
CA GLU A 5 -16.22 0.69 -8.95
C GLU A 5 -16.58 -0.40 -7.93
N HIS A 6 -16.66 -1.63 -8.37
CA HIS A 6 -17.01 -2.73 -7.44
C HIS A 6 -15.94 -2.82 -6.34
N MET A 7 -14.69 -2.86 -6.72
CA MET A 7 -13.62 -2.96 -5.71
C MET A 7 -13.65 -1.72 -4.80
N THR A 8 -14.14 -0.62 -5.31
CA THR A 8 -14.20 0.61 -4.47
C THR A 8 -15.37 0.50 -3.50
N ALA A 9 -16.47 -0.06 -3.93
CA ALA A 9 -17.63 -0.20 -3.02
C ALA A 9 -17.20 -0.94 -1.75
N VAL A 10 -16.48 -2.01 -1.90
CA VAL A 10 -16.01 -2.77 -0.72
C VAL A 10 -15.35 -1.78 0.26
N VAL A 11 -14.57 -0.88 -0.26
CA VAL A 11 -13.89 0.12 0.61
C VAL A 11 -14.94 0.96 1.36
N GLN A 12 -16.01 1.32 0.69
CA GLN A 12 -17.07 2.12 1.35
C GLN A 12 -17.67 1.29 2.47
N ARG A 13 -18.48 0.36 2.11
CA ARG A 13 -19.12 -0.52 3.11
C ARG A 13 -18.08 -0.91 4.15
N TYR A 14 -16.92 -1.27 3.68
CA TYR A 14 -15.83 -1.67 4.61
C TYR A 14 -15.69 -0.61 5.70
N VAL A 15 -15.70 0.64 5.31
CA VAL A 15 -15.57 1.73 6.31
C VAL A 15 -16.95 2.12 6.82
N ALA A 16 -17.94 2.16 5.97
CA ALA A 16 -19.30 2.51 6.45
C ALA A 16 -19.58 1.64 7.67
N ALA A 17 -19.12 0.42 7.64
CA ALA A 17 -19.31 -0.48 8.81
C ALA A 17 -18.37 -0.01 9.92
N LEU A 18 -17.23 0.50 9.55
CA LEU A 18 -16.26 1.01 10.55
C LEU A 18 -16.90 2.20 11.26
N ASN A 19 -17.26 3.20 10.51
CA ASN A 19 -17.90 4.40 11.09
C ASN A 19 -19.07 3.97 11.98
N ALA A 20 -19.89 3.08 11.48
CA ALA A 20 -21.05 2.61 12.28
C ALA A 20 -20.63 1.40 13.12
N GLY A 21 -19.36 1.11 13.17
CA GLY A 21 -18.89 -0.06 13.96
C GLY A 21 -19.75 -1.28 13.64
N ASP A 22 -20.26 -1.35 12.44
CA ASP A 22 -21.10 -2.51 12.06
C ASP A 22 -20.23 -3.62 11.48
N LEU A 23 -19.34 -4.16 12.26
CA LEU A 23 -18.45 -5.25 11.74
C LEU A 23 -19.32 -6.29 11.03
N ASP A 24 -20.48 -6.54 11.56
CA ASP A 24 -21.39 -7.55 10.91
C ASP A 24 -21.37 -7.31 9.41
N GLY A 25 -21.30 -6.08 8.99
CA GLY A 25 -21.26 -5.79 7.54
C GLY A 25 -19.83 -5.94 7.05
N ILE A 26 -18.88 -5.67 7.90
CA ILE A 26 -17.46 -5.81 7.53
C ILE A 26 -17.20 -7.26 7.17
N VAL A 27 -17.48 -8.16 8.08
CA VAL A 27 -17.28 -9.60 7.80
C VAL A 27 -18.14 -9.97 6.60
N ALA A 28 -19.32 -9.42 6.51
CA ALA A 28 -20.20 -9.71 5.35
C ALA A 28 -19.46 -9.30 4.07
N LEU A 29 -19.00 -8.08 4.03
CA LEU A 29 -18.24 -7.61 2.84
C LEU A 29 -16.97 -8.44 2.71
N PHE A 30 -16.52 -9.01 3.80
CA PHE A 30 -15.28 -9.82 3.77
C PHE A 30 -15.63 -11.28 3.49
N ALA A 31 -14.82 -11.97 2.74
CA ALA A 31 -15.10 -13.40 2.44
C ALA A 31 -15.34 -14.15 3.74
N ASP A 32 -15.51 -15.45 3.67
CA ASP A 32 -15.75 -16.23 4.91
C ASP A 32 -14.41 -16.51 5.61
N ASP A 33 -13.35 -16.50 4.87
CA ASP A 33 -12.01 -16.76 5.46
C ASP A 33 -11.04 -15.70 4.96
N ALA A 34 -11.45 -14.47 4.91
CA ALA A 34 -10.54 -13.39 4.43
C ALA A 34 -9.30 -13.32 5.33
N THR A 35 -8.23 -12.78 4.82
CA THR A 35 -6.98 -12.66 5.63
C THR A 35 -6.72 -11.18 5.94
N VAL A 36 -6.20 -10.87 7.09
CA VAL A 36 -5.94 -9.45 7.43
C VAL A 36 -4.52 -9.31 8.01
N GLU A 37 -3.76 -8.39 7.50
CA GLU A 37 -2.38 -8.18 8.03
C GLU A 37 -2.37 -6.88 8.83
N ASP A 38 -2.23 -6.97 10.12
CA ASP A 38 -2.25 -5.73 10.94
C ASP A 38 -2.09 -6.07 12.43
N PRO A 39 -1.32 -5.30 13.14
CA PRO A 39 -0.61 -4.12 12.56
C PRO A 39 0.51 -4.57 11.62
N VAL A 40 1.22 -3.64 11.04
CA VAL A 40 2.32 -4.00 10.09
C VAL A 40 3.31 -4.95 10.78
N GLY A 41 3.77 -5.93 10.07
CA GLY A 41 4.75 -6.90 10.67
C GLY A 41 4.19 -7.39 12.00
N SER A 42 2.91 -7.61 12.08
CA SER A 42 2.31 -8.09 13.36
C SER A 42 1.71 -9.48 13.15
N GLU A 43 0.58 -9.77 13.75
CA GLU A 43 -0.01 -11.12 13.59
C GLU A 43 -1.40 -11.04 12.94
N PRO A 44 -1.44 -11.33 11.65
CA PRO A 44 -2.71 -11.32 10.90
C PRO A 44 -3.68 -12.38 11.44
N ARG A 45 -4.87 -12.43 10.92
CA ARG A 45 -5.86 -13.44 11.39
C ARG A 45 -6.81 -13.77 10.25
N SER A 46 -6.77 -14.98 9.76
CA SER A 46 -7.66 -15.34 8.63
C SER A 46 -8.88 -16.10 9.15
N GLY A 47 -9.97 -16.08 8.41
CA GLY A 47 -11.19 -16.78 8.85
C GLY A 47 -12.25 -15.76 9.27
N THR A 48 -13.49 -16.14 9.22
CA THR A 48 -14.58 -15.20 9.61
C THR A 48 -14.47 -14.91 11.11
N ALA A 49 -14.50 -15.93 11.92
CA ALA A 49 -14.39 -15.72 13.39
C ALA A 49 -13.07 -15.00 13.69
N ALA A 50 -12.14 -15.03 12.77
CA ALA A 50 -10.84 -14.35 13.00
C ALA A 50 -10.94 -12.91 12.50
N ILE A 51 -11.31 -12.73 11.26
CA ILE A 51 -11.43 -11.34 10.72
C ILE A 51 -12.30 -10.50 11.66
N ARG A 52 -13.33 -11.07 12.19
CA ARG A 52 -14.20 -10.31 13.12
C ARG A 52 -13.49 -10.16 14.47
N GLU A 53 -13.09 -11.26 15.06
CA GLU A 53 -12.39 -11.16 16.37
C GLU A 53 -11.28 -10.12 16.25
N PHE A 54 -10.76 -9.93 15.07
CA PHE A 54 -9.68 -8.95 14.87
C PHE A 54 -10.31 -7.58 14.59
N PHE A 55 -10.89 -7.43 13.43
CA PHE A 55 -11.54 -6.14 13.08
C PHE A 55 -12.40 -5.70 14.27
N ALA A 56 -13.07 -6.63 14.89
CA ALA A 56 -13.92 -6.27 16.06
C ALA A 56 -13.04 -5.60 17.11
N ASN A 57 -11.94 -6.21 17.45
CA ASN A 57 -11.03 -5.60 18.45
C ASN A 57 -10.69 -4.19 17.98
N SER A 58 -10.42 -4.03 16.71
CA SER A 58 -10.10 -2.68 16.17
C SER A 58 -11.28 -1.76 16.44
N LEU A 59 -12.47 -2.30 16.44
CA LEU A 59 -13.67 -1.48 16.71
C LEU A 59 -13.65 -1.03 18.17
N LYS A 60 -12.91 -1.73 18.99
CA LYS A 60 -12.81 -1.35 20.43
C LYS A 60 -12.09 -0.01 20.56
N LEU A 61 -11.57 0.50 19.46
CA LEU A 61 -10.86 1.80 19.49
C LEU A 61 -11.89 2.91 19.28
N PRO A 62 -12.10 3.71 20.31
CA PRO A 62 -13.10 4.81 20.23
C PRO A 62 -12.61 5.97 19.35
N LEU A 63 -12.76 5.87 18.06
CA LEU A 63 -12.35 6.98 17.17
C LEU A 63 -13.37 7.14 16.06
N ALA A 64 -13.33 8.25 15.37
CA ALA A 64 -14.31 8.45 14.26
C ALA A 64 -13.70 7.92 12.96
N VAL A 65 -14.43 7.10 12.24
CA VAL A 65 -13.88 6.55 10.98
C VAL A 65 -14.48 7.30 9.79
N GLU A 66 -13.66 7.97 9.03
CA GLU A 66 -14.16 8.72 7.86
C GLU A 66 -13.19 8.56 6.69
N LEU A 67 -13.58 7.81 5.68
CA LEU A 67 -12.68 7.61 4.52
C LEU A 67 -12.12 8.96 4.05
N THR A 68 -11.30 8.94 3.05
CA THR A 68 -10.72 10.22 2.54
C THR A 68 -10.96 10.31 1.03
N GLN A 69 -12.17 9.99 0.61
CA GLN A 69 -12.56 10.03 -0.83
C GLN A 69 -11.56 9.31 -1.75
N GLU A 70 -10.31 9.67 -1.71
CA GLU A 70 -9.32 8.99 -2.60
C GLU A 70 -9.22 7.51 -2.24
N VAL A 71 -9.54 6.65 -3.16
CA VAL A 71 -9.47 5.19 -2.92
C VAL A 71 -8.72 4.56 -4.09
N ARG A 72 -7.96 3.53 -3.85
CA ARG A 72 -7.21 2.91 -4.98
C ARG A 72 -7.66 1.46 -5.17
N ALA A 73 -7.97 1.08 -6.38
CA ALA A 73 -8.43 -0.31 -6.64
C ALA A 73 -7.98 -0.75 -8.04
N VAL A 74 -7.15 -1.77 -8.12
CA VAL A 74 -6.68 -2.25 -9.45
C VAL A 74 -6.73 -3.76 -9.51
N ALA A 75 -6.72 -4.31 -10.69
CA ALA A 75 -6.74 -5.79 -10.85
C ALA A 75 -7.69 -6.41 -9.82
N ASN A 76 -7.35 -7.55 -9.28
CA ASN A 76 -8.24 -8.20 -8.27
C ASN A 76 -7.84 -7.72 -6.87
N GLU A 77 -7.04 -6.71 -6.77
CA GLU A 77 -6.62 -6.21 -5.43
C GLU A 77 -7.14 -4.79 -5.24
N ALA A 78 -6.58 -4.07 -4.31
CA ALA A 78 -7.04 -2.67 -4.07
C ALA A 78 -6.21 -2.03 -2.95
N ALA A 79 -6.26 -0.74 -2.84
CA ALA A 79 -5.49 -0.02 -1.79
C ALA A 79 -6.23 1.27 -1.43
N PHE A 80 -6.43 1.55 -0.16
CA PHE A 80 -7.15 2.80 0.20
C PHE A 80 -6.67 3.29 1.57
N ALA A 81 -7.13 4.44 1.98
CA ALA A 81 -6.70 4.98 3.31
C ALA A 81 -7.87 5.72 3.97
N PHE A 82 -7.66 6.21 5.16
CA PHE A 82 -8.74 6.95 5.87
C PHE A 82 -8.14 7.70 7.06
N THR A 83 -8.97 8.22 7.91
CA THR A 83 -8.44 8.97 9.08
C THR A 83 -9.18 8.55 10.35
N VAL A 84 -8.50 8.57 11.47
CA VAL A 84 -9.16 8.18 12.75
C VAL A 84 -9.15 9.38 13.69
N SER A 85 -10.30 9.78 14.17
CA SER A 85 -10.35 10.94 15.09
C SER A 85 -10.91 10.50 16.44
N PHE A 86 -10.16 10.67 17.49
CA PHE A 86 -10.64 10.25 18.84
C PHE A 86 -10.08 11.20 19.90
N GLU A 87 -10.31 10.90 21.15
CA GLU A 87 -9.80 11.78 22.24
C GLU A 87 -8.88 10.98 23.16
N PHE A 88 -8.17 11.64 24.04
CA PHE A 88 -7.26 10.91 24.96
C PHE A 88 -7.52 11.35 26.41
N GLN A 89 -6.56 11.14 27.27
CA GLN A 89 -6.74 11.54 28.69
C GLN A 89 -5.95 12.82 28.97
N GLY A 90 -6.54 13.97 28.75
CA GLY A 90 -5.81 15.24 29.01
C GLY A 90 -5.35 15.84 27.68
N ARG A 91 -5.31 15.04 26.64
CA ARG A 91 -4.87 15.55 25.32
C ARG A 91 -5.68 14.87 24.21
N LYS A 92 -5.62 15.38 23.01
CA LYS A 92 -6.39 14.76 21.91
C LYS A 92 -5.41 14.15 20.89
N THR A 93 -5.77 13.05 20.30
CA THR A 93 -4.88 12.41 19.32
C THR A 93 -5.68 11.90 18.12
N VAL A 94 -5.13 12.00 16.94
CA VAL A 94 -5.84 11.51 15.74
C VAL A 94 -4.93 10.49 15.03
N VAL A 95 -5.37 9.91 13.95
CA VAL A 95 -4.52 8.93 13.24
C VAL A 95 -4.76 9.00 11.73
N ALA A 96 -3.72 8.86 10.95
CA ALA A 96 -3.89 8.93 9.47
C ALA A 96 -3.13 7.77 8.80
N PRO A 97 -3.66 6.59 8.96
CA PRO A 97 -3.05 5.39 8.37
C PRO A 97 -3.66 5.07 7.01
N ILE A 98 -3.27 3.96 6.43
CA ILE A 98 -3.84 3.56 5.11
C ILE A 98 -4.12 2.06 5.13
N ASP A 99 -4.90 1.57 4.22
CA ASP A 99 -5.21 0.11 4.21
C ASP A 99 -5.06 -0.45 2.81
N HIS A 100 -4.83 -1.74 2.72
CA HIS A 100 -4.67 -2.37 1.38
C HIS A 100 -5.87 -3.30 1.16
N PHE A 101 -6.05 -3.77 -0.03
CA PHE A 101 -7.23 -4.64 -0.30
C PHE A 101 -6.84 -5.80 -1.21
N ARG A 102 -7.55 -6.89 -1.12
CA ARG A 102 -7.24 -8.07 -1.98
C ARG A 102 -8.56 -8.75 -2.39
N PHE A 103 -9.03 -8.47 -3.57
CA PHE A 103 -10.30 -9.10 -4.02
C PHE A 103 -10.01 -10.42 -4.74
N ASN A 104 -10.98 -11.29 -4.84
CA ASN A 104 -10.74 -12.59 -5.54
C ASN A 104 -11.32 -12.53 -6.96
N GLY A 105 -11.81 -11.40 -7.37
CA GLY A 105 -12.38 -11.28 -8.74
C GLY A 105 -13.21 -10.00 -8.84
N ALA A 106 -14.39 -10.00 -8.28
CA ALA A 106 -15.24 -8.77 -8.35
C ALA A 106 -16.59 -9.05 -7.67
N GLY A 107 -16.59 -9.15 -6.38
CA GLY A 107 -17.86 -9.41 -5.65
C GLY A 107 -17.69 -9.05 -4.18
N LYS A 108 -16.85 -9.76 -3.48
CA LYS A 108 -16.63 -9.46 -2.03
C LYS A 108 -15.14 -9.23 -1.79
N VAL A 109 -14.72 -9.27 -0.54
CA VAL A 109 -13.28 -9.06 -0.24
C VAL A 109 -12.64 -10.41 0.13
N VAL A 110 -11.35 -10.52 0.00
CA VAL A 110 -10.68 -11.81 0.36
C VAL A 110 -9.55 -11.53 1.34
N SER A 111 -8.45 -11.01 0.87
CA SER A 111 -7.32 -10.71 1.79
C SER A 111 -7.20 -9.21 1.97
N MET A 112 -6.51 -8.77 3.00
CA MET A 112 -6.37 -7.32 3.22
C MET A 112 -5.17 -7.04 4.13
N ARG A 113 -4.53 -5.92 3.94
CA ARG A 113 -3.36 -5.57 4.80
C ARG A 113 -3.48 -4.11 5.25
N ALA A 114 -2.82 -3.74 6.31
CA ALA A 114 -2.92 -2.33 6.78
C ALA A 114 -1.51 -1.74 6.92
N LEU A 115 -1.36 -0.48 6.58
CA LEU A 115 -0.02 0.16 6.70
C LEU A 115 -0.15 1.48 7.46
N PHE A 116 0.85 1.83 8.21
CA PHE A 116 0.81 3.09 8.98
C PHE A 116 2.06 3.22 9.84
N GLY A 117 1.97 3.97 10.90
CA GLY A 117 3.14 4.14 11.79
C GLY A 117 2.93 5.35 12.70
N GLU A 118 3.85 5.60 13.59
CA GLU A 118 3.70 6.78 14.50
C GLU A 118 3.84 8.07 13.70
N LYS A 119 4.21 7.96 12.45
CA LYS A 119 4.37 9.16 11.61
C LYS A 119 3.04 9.47 10.93
N ASN A 120 2.27 8.45 10.73
CA ASN A 120 0.94 8.62 10.08
C ASN A 120 -0.12 8.92 11.15
N ILE A 121 0.30 9.17 12.36
CA ILE A 121 -0.67 9.47 13.43
C ILE A 121 -0.79 10.99 13.59
N HIS A 122 -1.26 11.47 14.70
CA HIS A 122 -1.39 12.94 14.89
C HIS A 122 -1.26 13.30 16.36
N ALA A 123 -1.12 14.56 16.67
CA ALA A 123 -1.00 14.97 18.09
C ALA A 123 -1.69 16.32 18.30
N GLY A 124 -1.89 16.72 19.52
CA GLY A 124 -2.57 18.03 19.78
C GLY A 124 -2.25 18.52 21.19
N ALA A 125 -2.73 19.67 21.56
CA ALA A 125 -2.45 20.21 22.92
C ALA A 125 -3.66 20.99 23.43
N MET B 1 16.58 1.60 17.91
CA MET B 1 15.23 1.05 18.21
C MET B 1 14.52 0.65 16.92
N ASN B 2 14.06 1.61 16.16
CA ASN B 2 13.36 1.28 14.88
C ASN B 2 13.23 2.55 14.03
N THR B 3 14.29 3.30 13.91
CA THR B 3 14.23 4.54 13.10
C THR B 3 13.82 4.21 11.67
N PRO B 4 12.73 4.81 11.24
CA PRO B 4 12.24 4.57 9.86
C PRO B 4 13.18 5.25 8.86
N GLU B 5 14.16 5.97 9.36
CA GLU B 5 15.11 6.65 8.44
C GLU B 5 15.84 5.61 7.60
N HIS B 6 16.48 4.66 8.24
CA HIS B 6 17.20 3.61 7.47
C HIS B 6 16.21 2.91 6.53
N MET B 7 15.09 2.50 7.05
CA MET B 7 14.09 1.82 6.20
C MET B 7 13.82 2.67 4.97
N THR B 8 13.73 3.96 5.14
CA THR B 8 13.48 4.85 3.98
C THR B 8 14.62 4.70 2.97
N ALA B 9 15.82 4.49 3.45
CA ALA B 9 16.97 4.33 2.53
C ALA B 9 16.61 3.28 1.47
N VAL B 10 16.01 2.20 1.90
CA VAL B 10 15.62 1.14 0.93
C VAL B 10 14.70 1.78 -0.12
N VAL B 11 14.01 2.83 0.24
CA VAL B 11 13.10 3.50 -0.73
C VAL B 11 13.87 4.58 -1.49
N GLN B 12 14.64 5.36 -0.78
CA GLN B 12 15.44 6.42 -1.44
C GLN B 12 16.33 5.77 -2.47
N ARG B 13 17.33 5.10 -1.99
CA ARG B 13 18.26 4.39 -2.89
C ARG B 13 17.46 3.67 -3.97
N TYR B 14 16.42 3.01 -3.55
CA TYR B 14 15.56 2.28 -4.51
C TYR B 14 15.16 3.22 -5.65
N VAL B 15 14.80 4.44 -5.33
CA VAL B 15 14.40 5.39 -6.40
C VAL B 15 15.65 6.11 -6.93
N ALA B 16 16.57 6.45 -6.08
CA ALA B 16 17.80 7.12 -6.59
C ALA B 16 18.33 6.31 -7.77
N ALA B 17 18.17 5.01 -7.71
CA ALA B 17 18.60 4.16 -8.84
C ALA B 17 17.58 4.31 -9.96
N LEU B 18 16.34 4.51 -9.61
CA LEU B 18 15.29 4.70 -10.62
C LEU B 18 15.57 5.98 -11.39
N ASN B 19 15.66 7.08 -10.68
CA ASN B 19 15.96 8.38 -11.32
C ASN B 19 17.24 8.27 -12.14
N ALA B 20 18.25 7.68 -11.57
CA ALA B 20 19.54 7.54 -12.30
C ALA B 20 19.54 6.23 -13.10
N GLY B 21 18.41 5.58 -13.19
CA GLY B 21 18.35 4.30 -13.97
C GLY B 21 19.50 3.40 -13.54
N ASP B 22 19.87 3.44 -12.29
CA ASP B 22 20.99 2.58 -11.82
C ASP B 22 20.44 1.26 -11.29
N LEU B 23 19.80 0.49 -12.13
CA LEU B 23 19.24 -0.81 -11.69
C LEU B 23 20.31 -1.54 -10.89
N ASP B 24 21.52 -1.52 -11.37
CA ASP B 24 22.62 -2.21 -10.66
C ASP B 24 22.50 -1.93 -9.17
N GLY B 25 22.03 -0.77 -8.81
CA GLY B 25 21.88 -0.44 -7.37
C GLY B 25 20.54 -0.98 -6.88
N ILE B 26 19.56 -0.96 -7.73
CA ILE B 26 18.22 -1.49 -7.33
C ILE B 26 18.37 -2.96 -6.96
N VAL B 27 18.93 -3.74 -7.83
CA VAL B 27 19.12 -5.17 -7.52
C VAL B 27 20.00 -5.27 -6.28
N ALA B 28 20.94 -4.38 -6.14
CA ALA B 28 21.81 -4.39 -4.93
C ALA B 28 20.91 -4.24 -3.71
N LEU B 29 20.13 -3.20 -3.68
CA LEU B 29 19.20 -2.99 -2.54
C LEU B 29 18.26 -4.19 -2.44
N PHE B 30 18.11 -4.92 -3.51
CA PHE B 30 17.21 -6.10 -3.51
C PHE B 30 17.99 -7.32 -3.02
N ALA B 31 17.37 -8.14 -2.21
CA ALA B 31 18.06 -9.36 -1.71
C ALA B 31 18.60 -10.18 -2.89
N ASP B 32 19.00 -11.39 -2.65
CA ASP B 32 19.53 -12.25 -3.76
C ASP B 32 18.36 -12.86 -4.52
N ASP B 33 17.24 -12.96 -3.88
CA ASP B 33 16.04 -13.54 -4.54
C ASP B 33 14.79 -12.80 -4.05
N ALA B 34 14.84 -11.50 -3.99
CA ALA B 34 13.66 -10.73 -3.52
C ALA B 34 12.45 -11.06 -4.38
N THR B 35 11.37 -10.34 -4.23
CA THR B 35 10.16 -10.61 -5.04
C THR B 35 9.60 -9.30 -5.59
N VAL B 36 9.13 -9.30 -6.80
CA VAL B 36 8.57 -8.04 -7.40
C VAL B 36 7.08 -8.25 -7.69
N GLU B 37 6.37 -7.20 -7.95
CA GLU B 37 4.92 -7.32 -8.25
C GLU B 37 4.53 -6.17 -9.16
N ASP B 38 4.10 -6.45 -10.35
CA ASP B 38 3.75 -5.32 -11.25
C ASP B 38 3.39 -5.84 -12.66
N PRO B 39 2.81 -4.99 -13.46
CA PRO B 39 2.53 -3.59 -13.03
C PRO B 39 1.37 -3.54 -12.04
N VAL B 40 0.47 -4.49 -12.12
CA VAL B 40 -0.69 -4.50 -11.18
C VAL B 40 -1.40 -5.86 -11.27
N GLY B 41 -1.16 -6.72 -10.32
CA GLY B 41 -1.81 -8.05 -10.37
C GLY B 41 -1.53 -8.70 -11.72
N SER B 42 -0.32 -8.61 -12.19
CA SER B 42 0.01 -9.22 -13.51
C SER B 42 1.09 -10.28 -13.33
N GLU B 43 2.29 -10.05 -13.84
CA GLU B 43 3.36 -11.08 -13.70
C GLU B 43 4.57 -10.47 -12.97
N PRO B 44 4.67 -10.77 -11.70
CA PRO B 44 5.81 -10.29 -10.87
C PRO B 44 7.13 -10.90 -11.35
N ARG B 45 8.19 -10.68 -10.63
CA ARG B 45 9.51 -11.24 -11.04
C ARG B 45 10.35 -11.48 -9.78
N SER B 46 10.37 -12.70 -9.30
CA SER B 46 11.15 -13.00 -8.07
C SER B 46 12.58 -13.40 -8.45
N GLY B 47 13.47 -13.43 -7.49
CA GLY B 47 14.88 -13.79 -7.79
C GLY B 47 15.67 -12.52 -8.11
N THR B 48 16.95 -12.61 -8.23
CA THR B 48 17.75 -11.39 -8.54
C THR B 48 17.86 -11.24 -10.06
N ALA B 49 17.70 -12.31 -10.80
CA ALA B 49 17.80 -12.21 -12.27
C ALA B 49 16.47 -11.72 -12.84
N ALA B 50 15.38 -11.99 -12.16
CA ALA B 50 14.05 -11.53 -12.65
C ALA B 50 13.76 -10.13 -12.11
N ILE B 51 13.84 -9.95 -10.82
CA ILE B 51 13.58 -8.61 -10.24
C ILE B 51 14.31 -7.56 -11.07
N ARG B 52 15.47 -7.88 -11.55
CA ARG B 52 16.23 -6.91 -12.38
C ARG B 52 15.68 -6.94 -13.80
N GLU B 53 15.61 -8.10 -14.40
CA GLU B 53 15.05 -8.18 -15.78
C GLU B 53 13.72 -7.44 -15.81
N PHE B 54 13.06 -7.39 -14.68
CA PHE B 54 11.76 -6.67 -14.59
C PHE B 54 12.05 -5.20 -14.36
N PHE B 55 12.51 -4.88 -13.19
CA PHE B 55 12.84 -3.45 -12.88
C PHE B 55 13.65 -2.86 -14.04
N ALA B 56 14.33 -3.70 -14.77
CA ALA B 56 15.13 -3.19 -15.93
C ALA B 56 14.18 -2.88 -17.08
N ASN B 57 13.30 -3.78 -17.39
CA ASN B 57 12.33 -3.54 -18.50
C ASN B 57 11.51 -2.30 -18.16
N SER B 58 11.27 -2.06 -16.90
CA SER B 58 10.49 -0.87 -16.50
C SER B 58 11.35 0.37 -16.69
N LEU B 59 12.63 0.27 -16.44
CA LEU B 59 13.53 1.42 -16.62
C LEU B 59 13.61 1.77 -18.11
N LYS B 60 13.39 0.82 -18.96
CA LYS B 60 13.45 1.10 -20.43
C LYS B 60 12.67 2.37 -20.71
N LEU B 61 11.71 2.69 -19.89
CA LEU B 61 10.92 3.92 -20.11
C LEU B 61 11.60 5.08 -19.38
N PRO B 62 12.10 6.01 -20.16
CA PRO B 62 12.81 7.18 -19.59
C PRO B 62 11.82 8.14 -18.91
N LEU B 63 11.96 8.33 -17.63
CA LEU B 63 11.03 9.25 -16.90
C LEU B 63 11.77 9.96 -15.78
N ALA B 64 11.20 11.01 -15.26
CA ALA B 64 11.85 11.74 -14.15
C ALA B 64 11.27 11.21 -12.84
N VAL B 65 12.11 10.73 -11.97
CA VAL B 65 11.59 10.19 -10.68
C VAL B 65 12.05 11.08 -9.52
N GLU B 66 11.13 11.70 -8.85
CA GLU B 66 11.51 12.58 -7.70
C GLU B 66 10.39 12.57 -6.66
N LEU B 67 10.52 11.80 -5.63
CA LEU B 67 9.45 11.75 -4.59
C LEU B 67 9.00 13.16 -4.24
N THR B 68 7.93 13.28 -3.49
CA THR B 68 7.44 14.63 -3.11
C THR B 68 6.93 14.61 -1.67
N GLN B 69 6.30 13.54 -1.29
CA GLN B 69 5.77 13.43 0.10
C GLN B 69 6.78 12.67 0.97
N GLU B 70 6.31 11.88 1.90
CA GLU B 70 7.26 11.13 2.77
C GLU B 70 7.06 9.63 2.57
N VAL B 71 8.14 8.90 2.42
CA VAL B 71 8.03 7.43 2.23
C VAL B 71 7.44 6.80 3.49
N ARG B 72 6.72 5.73 3.35
CA ARG B 72 6.12 5.09 4.57
C ARG B 72 6.91 3.83 4.95
N ALA B 73 7.15 3.63 6.21
CA ALA B 73 7.91 2.43 6.66
C ALA B 73 7.42 2.03 8.05
N VAL B 74 7.28 0.75 8.29
CA VAL B 74 6.80 0.31 9.64
C VAL B 74 7.16 -1.16 9.87
N ALA B 75 7.22 -1.57 11.10
CA ALA B 75 7.56 -2.99 11.42
C ALA B 75 8.67 -3.48 10.50
N ASN B 76 8.34 -4.25 9.49
CA ASN B 76 9.39 -4.76 8.56
C ASN B 76 8.96 -4.48 7.11
N GLU B 77 7.89 -3.77 6.93
CA GLU B 77 7.45 -3.45 5.54
C GLU B 77 7.59 -1.95 5.30
N ALA B 78 6.94 -1.44 4.30
CA ALA B 78 7.04 0.02 4.03
C ALA B 78 6.24 0.36 2.76
N ALA B 79 5.59 1.48 2.74
CA ALA B 79 4.81 1.87 1.54
C ALA B 79 5.26 3.27 1.10
N PHE B 80 5.45 3.47 -0.18
CA PHE B 80 5.90 4.81 -0.64
C PHE B 80 5.37 5.09 -2.04
N ALA B 81 5.55 6.28 -2.53
CA ALA B 81 5.03 6.62 -3.88
C ALA B 81 5.94 7.65 -4.54
N PHE B 82 5.48 8.28 -5.60
CA PHE B 82 6.31 9.29 -6.30
C PHE B 82 5.62 9.72 -7.58
N THR B 83 6.30 10.43 -8.43
CA THR B 83 5.69 10.88 -9.71
C THR B 83 6.63 10.56 -10.87
N VAL B 84 6.10 10.25 -12.02
CA VAL B 84 6.97 9.95 -13.19
C VAL B 84 6.61 10.88 -14.35
N SER B 85 7.55 11.64 -14.82
CA SER B 85 7.28 12.56 -15.96
C SER B 85 8.12 12.12 -17.16
N PHE B 86 7.49 11.74 -18.24
CA PHE B 86 8.27 11.30 -19.43
C PHE B 86 7.60 11.78 -20.71
N GLU B 87 8.24 11.57 -21.84
CA GLU B 87 7.66 12.00 -23.13
C GLU B 87 8.11 11.03 -24.22
N PHE B 88 7.35 10.89 -25.28
CA PHE B 88 7.76 9.95 -26.35
C PHE B 88 7.74 10.65 -27.72
N GLN B 89 6.68 10.52 -28.46
CA GLN B 89 6.62 11.16 -29.80
C GLN B 89 5.62 12.32 -29.79
N GLY B 90 6.08 13.51 -29.55
CA GLY B 90 5.16 14.69 -29.53
C GLY B 90 4.11 14.53 -28.43
N ARG B 91 4.31 13.58 -27.56
CA ARG B 91 3.32 13.37 -26.46
C ARG B 91 4.06 13.27 -25.13
N LYS B 92 3.48 13.78 -24.08
CA LYS B 92 4.15 13.70 -22.75
C LYS B 92 3.13 13.29 -21.69
N THR B 93 3.36 12.21 -21.02
CA THR B 93 2.42 11.74 -19.97
C THR B 93 3.14 11.61 -18.63
N VAL B 94 2.48 11.92 -17.56
CA VAL B 94 3.13 11.81 -16.23
C VAL B 94 2.41 10.69 -15.45
N VAL B 95 2.91 10.34 -14.29
CA VAL B 95 2.25 9.25 -13.52
C VAL B 95 2.46 9.47 -12.01
N ALA B 96 1.49 9.13 -11.21
CA ALA B 96 1.63 9.31 -9.74
C ALA B 96 1.16 8.03 -9.03
N PRO B 97 1.97 7.01 -9.11
CA PRO B 97 1.64 5.71 -8.50
C PRO B 97 2.24 5.58 -7.09
N ILE B 98 2.02 4.45 -6.47
CA ILE B 98 2.59 4.21 -5.11
C ILE B 98 3.13 2.78 -5.06
N ASP B 99 4.27 2.58 -4.46
CA ASP B 99 4.84 1.22 -4.40
C ASP B 99 4.87 0.71 -2.96
N HIS B 100 5.04 -0.57 -2.78
CA HIS B 100 5.08 -1.14 -1.40
C HIS B 100 6.49 -1.64 -1.11
N PHE B 101 6.75 -2.05 0.09
CA PHE B 101 8.11 -2.53 0.43
C PHE B 101 8.03 -3.67 1.45
N ARG B 102 8.97 -4.58 1.40
CA ARG B 102 8.96 -5.71 2.36
C ARG B 102 10.39 -5.96 2.86
N PHE B 103 10.69 -5.56 4.05
CA PHE B 103 12.07 -5.79 4.58
C PHE B 103 12.13 -7.15 5.29
N ASN B 104 13.30 -7.58 5.66
CA ASN B 104 13.43 -8.88 6.36
C ASN B 104 14.04 -8.65 7.75
N GLY B 105 14.59 -7.49 7.98
CA GLY B 105 15.20 -7.19 9.30
C GLY B 105 15.60 -5.71 9.35
N ALA B 106 16.50 -5.31 8.50
CA ALA B 106 16.93 -3.88 8.49
C ALA B 106 18.26 -3.76 7.75
N GLY B 107 18.22 -3.80 6.45
CA GLY B 107 19.49 -3.69 5.65
C GLY B 107 19.16 -3.71 4.16
N LYS B 108 18.64 -4.81 3.68
CA LYS B 108 18.31 -4.90 2.21
C LYS B 108 16.82 -5.14 2.05
N VAL B 109 16.37 -5.38 0.84
CA VAL B 109 14.92 -5.64 0.61
C VAL B 109 14.73 -7.10 0.23
N VAL B 110 13.59 -7.67 0.55
CA VAL B 110 13.36 -9.10 0.20
C VAL B 110 12.09 -9.22 -0.64
N SER B 111 11.22 -8.24 -0.61
CA SER B 111 9.97 -8.34 -1.41
C SER B 111 9.41 -6.94 -1.65
N MET B 112 8.47 -6.82 -2.56
CA MET B 112 7.87 -5.48 -2.85
C MET B 112 6.49 -5.67 -3.46
N ARG B 113 5.62 -4.71 -3.31
CA ARG B 113 4.25 -4.84 -3.88
C ARG B 113 3.92 -3.58 -4.69
N ALA B 114 3.05 -3.70 -5.65
CA ALA B 114 2.69 -2.51 -6.48
C ALA B 114 1.36 -1.94 -6.01
N LEU B 115 1.11 -0.69 -6.27
CA LEU B 115 -0.17 -0.07 -5.85
C LEU B 115 -0.71 0.80 -6.99
N PHE B 116 -1.31 1.90 -6.67
CA PHE B 116 -1.88 2.80 -7.73
C PHE B 116 -2.51 1.98 -8.84
N GLY B 117 -2.70 2.58 -9.97
CA GLY B 117 -3.32 1.85 -11.11
C GLY B 117 -3.58 2.82 -12.27
N GLU B 118 -4.56 2.53 -13.09
CA GLU B 118 -4.87 3.44 -14.23
C GLU B 118 -5.51 4.73 -13.71
N LYS B 119 -5.74 4.82 -12.44
CA LYS B 119 -6.36 6.04 -11.87
C LYS B 119 -5.26 7.01 -11.45
N ASN B 120 -4.16 6.49 -11.02
CA ASN B 120 -3.04 7.35 -10.57
C ASN B 120 -2.13 7.68 -11.76
N ILE B 121 -2.62 7.53 -12.96
CA ILE B 121 -1.79 7.85 -14.15
C ILE B 121 -2.01 9.32 -14.51
N HIS B 122 -1.57 9.74 -15.67
CA HIS B 122 -1.77 11.17 -16.05
C HIS B 122 -1.86 11.27 -17.57
N ALA B 123 -2.49 12.29 -18.08
CA ALA B 123 -2.61 12.43 -19.56
C ALA B 123 -2.84 13.90 -19.92
N GLY B 124 -1.78 14.63 -20.13
CA GLY B 124 -1.94 16.07 -20.50
C GLY B 124 -1.59 16.26 -21.97
N ALA B 125 -2.56 16.56 -22.78
CA ALA B 125 -2.29 16.75 -24.23
C ALA B 125 -2.32 18.24 -24.56
N MET A 1 -11.63 -4.16 -18.06
CA MET A 1 -12.52 -4.01 -16.88
C MET A 1 -12.02 -2.87 -15.98
N ASN A 2 -11.10 -3.15 -15.10
CA ASN A 2 -10.56 -2.09 -14.20
C ASN A 2 -11.72 -1.23 -13.68
N THR A 3 -12.81 -1.85 -13.34
CA THR A 3 -13.99 -1.09 -12.83
C THR A 3 -13.90 -0.99 -11.30
N PRO A 4 -13.59 0.19 -10.84
CA PRO A 4 -13.46 0.43 -9.37
C PRO A 4 -14.85 0.43 -8.72
N GLU A 5 -15.89 0.44 -9.52
CA GLU A 5 -17.26 0.46 -8.96
C GLU A 5 -17.47 -0.79 -8.08
N HIS A 6 -16.85 -1.88 -8.43
CA HIS A 6 -17.00 -3.12 -7.61
C HIS A 6 -15.93 -3.15 -6.52
N MET A 7 -14.69 -2.97 -6.89
CA MET A 7 -13.60 -2.99 -5.89
C MET A 7 -13.81 -1.88 -4.86
N THR A 8 -14.08 -0.68 -5.32
CA THR A 8 -14.29 0.45 -4.36
C THR A 8 -15.36 0.05 -3.34
N ALA A 9 -16.38 -0.63 -3.78
CA ALA A 9 -17.46 -1.03 -2.83
C ALA A 9 -16.83 -1.80 -1.67
N VAL A 10 -15.99 -2.75 -1.97
CA VAL A 10 -15.33 -3.54 -0.89
C VAL A 10 -14.68 -2.56 0.09
N VAL A 11 -14.28 -1.40 -0.38
CA VAL A 11 -13.64 -0.41 0.53
C VAL A 11 -14.72 0.42 1.22
N GLN A 12 -15.72 0.82 0.50
CA GLN A 12 -16.81 1.62 1.10
C GLN A 12 -17.44 0.80 2.21
N ARG A 13 -18.19 -0.18 1.81
CA ARG A 13 -18.85 -1.07 2.79
C ARG A 13 -17.85 -1.41 3.89
N TYR A 14 -16.65 -1.75 3.49
CA TYR A 14 -15.59 -2.09 4.48
C TYR A 14 -15.46 -0.95 5.49
N VAL A 15 -15.52 0.27 5.03
CA VAL A 15 -15.40 1.42 5.97
C VAL A 15 -16.79 1.71 6.57
N ALA A 16 -17.84 1.56 5.81
CA ALA A 16 -19.19 1.81 6.38
C ALA A 16 -19.32 0.93 7.62
N ALA A 17 -18.81 -0.27 7.57
CA ALA A 17 -18.86 -1.16 8.76
C ALA A 17 -17.89 -0.61 9.80
N LEU A 18 -16.81 -0.02 9.34
CA LEU A 18 -15.83 0.57 10.27
C LEU A 18 -16.52 1.69 11.04
N ASN A 19 -17.02 2.66 10.31
CA ASN A 19 -17.75 3.79 10.94
C ASN A 19 -18.80 3.26 11.90
N ALA A 20 -19.50 2.24 11.49
CA ALA A 20 -20.56 1.65 12.36
C ALA A 20 -19.95 0.58 13.26
N GLY A 21 -18.67 0.37 13.18
CA GLY A 21 -18.03 -0.67 14.03
C GLY A 21 -18.81 -1.97 13.90
N ASP A 22 -19.28 -2.28 12.72
CA ASP A 22 -20.06 -3.53 12.53
C ASP A 22 -19.12 -4.67 12.10
N LEU A 23 -18.40 -5.23 13.05
CA LEU A 23 -17.48 -6.33 12.71
C LEU A 23 -18.21 -7.41 11.91
N ASP A 24 -19.49 -7.56 12.10
CA ASP A 24 -20.24 -8.59 11.34
C ASP A 24 -20.20 -8.26 9.85
N GLY A 25 -20.65 -7.08 9.48
CA GLY A 25 -20.63 -6.71 8.04
C GLY A 25 -19.21 -6.77 7.53
N ILE A 26 -18.26 -6.56 8.40
CA ILE A 26 -16.83 -6.61 7.98
C ILE A 26 -16.52 -8.04 7.53
N VAL A 27 -16.73 -8.99 8.40
CA VAL A 27 -16.48 -10.41 8.01
C VAL A 27 -17.32 -10.70 6.77
N ALA A 28 -18.52 -10.23 6.75
CA ALA A 28 -19.39 -10.46 5.56
C ALA A 28 -18.66 -9.94 4.32
N LEU A 29 -18.17 -8.74 4.39
CA LEU A 29 -17.43 -8.16 3.23
C LEU A 29 -16.07 -8.85 3.12
N PHE A 30 -15.60 -9.43 4.19
CA PHE A 30 -14.28 -10.11 4.17
C PHE A 30 -14.47 -11.58 3.82
N ALA A 31 -13.59 -12.14 3.03
CA ALA A 31 -13.73 -13.58 2.65
C ALA A 31 -13.90 -14.41 3.93
N ASP A 32 -14.05 -15.70 3.78
CA ASP A 32 -14.22 -16.57 4.99
C ASP A 32 -12.87 -16.72 5.67
N ASP A 33 -11.82 -16.54 4.93
CA ASP A 33 -10.46 -16.67 5.52
C ASP A 33 -9.56 -15.55 4.99
N ALA A 34 -10.13 -14.41 4.69
CA ALA A 34 -9.31 -13.28 4.18
C ALA A 34 -8.15 -13.03 5.15
N THR A 35 -7.41 -11.98 4.93
CA THR A 35 -6.26 -11.69 5.84
C THR A 35 -6.07 -10.18 6.01
N VAL A 36 -5.63 -9.76 7.16
CA VAL A 36 -5.42 -8.31 7.40
C VAL A 36 -4.05 -8.12 8.08
N GLU A 37 -3.15 -7.43 7.45
CA GLU A 37 -1.82 -7.21 8.09
C GLU A 37 -1.90 -5.95 8.94
N ASP A 38 -1.96 -6.12 10.23
CA ASP A 38 -2.09 -4.93 11.10
C ASP A 38 -2.06 -5.36 12.58
N PRO A 39 -1.44 -4.56 13.42
CA PRO A 39 -0.77 -3.30 12.98
C PRO A 39 0.53 -3.61 12.22
N VAL A 40 1.34 -2.62 12.01
CA VAL A 40 2.62 -2.85 11.29
C VAL A 40 3.61 -3.53 12.23
N GLY A 41 4.39 -4.45 11.73
CA GLY A 41 5.36 -5.16 12.60
C GLY A 41 4.63 -6.17 13.48
N SER A 42 3.33 -6.28 13.32
CA SER A 42 2.56 -7.25 14.14
C SER A 42 2.18 -8.46 13.29
N GLU A 43 1.13 -9.14 13.64
CA GLU A 43 0.72 -10.33 12.84
C GLU A 43 -0.77 -10.22 12.45
N PRO A 44 -1.03 -10.44 11.18
CA PRO A 44 -2.42 -10.39 10.67
C PRO A 44 -3.30 -11.48 11.30
N ARG A 45 -4.44 -11.72 10.74
CA ARG A 45 -5.35 -12.76 11.28
C ARG A 45 -6.19 -13.35 10.15
N SER A 46 -5.84 -14.51 9.68
CA SER A 46 -6.60 -15.14 8.57
C SER A 46 -7.76 -15.98 9.13
N GLY A 47 -8.85 -16.03 8.42
CA GLY A 47 -10.01 -16.82 8.92
C GLY A 47 -11.14 -15.87 9.29
N THR A 48 -12.35 -16.36 9.36
CA THR A 48 -13.48 -15.47 9.72
C THR A 48 -13.39 -15.10 11.20
N ALA A 49 -13.08 -16.05 12.03
CA ALA A 49 -12.97 -15.74 13.49
C ALA A 49 -11.76 -14.83 13.71
N ALA A 50 -10.74 -14.96 12.91
CA ALA A 50 -9.55 -14.10 13.08
C ALA A 50 -9.81 -12.73 12.44
N ILE A 51 -10.08 -12.71 11.15
CA ILE A 51 -10.35 -11.42 10.47
C ILE A 51 -11.27 -10.58 11.35
N ARG A 52 -12.22 -11.21 11.99
CA ARG A 52 -13.14 -10.46 12.88
C ARG A 52 -12.50 -10.31 14.25
N GLU A 53 -12.10 -11.40 14.86
CA GLU A 53 -11.44 -11.30 16.19
C GLU A 53 -10.36 -10.22 16.09
N PHE A 54 -9.87 -9.99 14.91
CA PHE A 54 -8.83 -8.96 14.70
C PHE A 54 -9.50 -7.61 14.53
N PHE A 55 -10.14 -7.41 13.41
CA PHE A 55 -10.83 -6.12 13.17
C PHE A 55 -11.76 -5.81 14.35
N ALA A 56 -12.12 -6.82 15.09
CA ALA A 56 -13.00 -6.59 16.27
C ALA A 56 -12.14 -6.00 17.39
N ASN A 57 -10.97 -6.57 17.59
CA ASN A 57 -10.06 -6.02 18.63
C ASN A 57 -9.66 -4.61 18.22
N SER A 58 -9.56 -4.38 16.93
CA SER A 58 -9.19 -3.02 16.44
C SER A 58 -10.37 -2.09 16.67
N LEU A 59 -11.57 -2.58 16.53
CA LEU A 59 -12.77 -1.74 16.75
C LEU A 59 -12.88 -1.40 18.24
N LYS A 60 -12.34 -2.22 19.09
CA LYS A 60 -12.41 -1.95 20.55
C LYS A 60 -12.13 -0.45 20.79
N LEU A 61 -11.37 0.15 19.91
CA LEU A 61 -11.06 1.59 20.04
C LEU A 61 -12.11 2.40 19.27
N PRO A 62 -12.97 3.06 20.00
CA PRO A 62 -14.05 3.86 19.37
C PRO A 62 -13.50 5.10 18.66
N LEU A 63 -13.55 5.12 17.36
CA LEU A 63 -13.04 6.31 16.61
C LEU A 63 -13.99 6.64 15.47
N ALA A 64 -13.75 7.72 14.79
CA ALA A 64 -14.63 8.10 13.64
C ALA A 64 -13.89 7.76 12.35
N VAL A 65 -14.51 7.03 11.48
CA VAL A 65 -13.83 6.66 10.21
C VAL A 65 -14.44 7.44 9.04
N GLU A 66 -13.63 8.14 8.30
CA GLU A 66 -14.14 8.91 7.14
C GLU A 66 -13.05 9.00 6.07
N LEU A 67 -13.24 8.36 4.95
CA LEU A 67 -12.22 8.40 3.88
C LEU A 67 -11.78 9.85 3.65
N THR A 68 -10.83 10.06 2.79
CA THR A 68 -10.36 11.45 2.51
C THR A 68 -11.03 11.96 1.24
N GLN A 69 -10.48 11.61 0.12
CA GLN A 69 -11.06 12.08 -1.16
C GLN A 69 -11.43 10.89 -2.05
N GLU A 70 -10.49 10.03 -2.34
CA GLU A 70 -10.78 8.88 -3.23
C GLU A 70 -10.08 7.62 -2.71
N VAL A 71 -10.62 6.46 -3.02
CA VAL A 71 -9.98 5.20 -2.58
C VAL A 71 -9.18 4.64 -3.75
N ARG A 72 -8.11 3.94 -3.48
CA ARG A 72 -7.30 3.37 -4.59
C ARG A 72 -7.73 1.92 -4.85
N ALA A 73 -8.02 1.59 -6.08
CA ALA A 73 -8.45 0.20 -6.40
C ALA A 73 -7.97 -0.16 -7.81
N VAL A 74 -7.46 -1.35 -7.99
CA VAL A 74 -6.98 -1.75 -9.35
C VAL A 74 -6.77 -3.25 -9.40
N ALA A 75 -6.85 -3.82 -10.56
CA ALA A 75 -6.63 -5.30 -10.69
C ALA A 75 -7.34 -6.03 -9.55
N ASN A 76 -6.79 -7.13 -9.11
CA ASN A 76 -7.43 -7.89 -7.99
C ASN A 76 -6.91 -7.37 -6.65
N GLU A 77 -6.50 -6.13 -6.61
CA GLU A 77 -6.00 -5.56 -5.33
C GLU A 77 -6.69 -4.24 -5.05
N ALA A 78 -6.11 -3.42 -4.23
CA ALA A 78 -6.74 -2.10 -3.93
C ALA A 78 -6.03 -1.45 -2.73
N ALA A 79 -6.13 -0.16 -2.61
CA ALA A 79 -5.48 0.55 -1.48
C ALA A 79 -6.28 1.81 -1.15
N PHE A 80 -6.46 2.12 0.10
CA PHE A 80 -7.23 3.35 0.44
C PHE A 80 -6.73 3.93 1.76
N ALA A 81 -7.03 5.17 2.00
CA ALA A 81 -6.56 5.81 3.25
C ALA A 81 -7.73 6.52 3.94
N PHE A 82 -7.45 7.22 5.00
CA PHE A 82 -8.53 7.93 5.74
C PHE A 82 -7.96 8.50 7.04
N THR A 83 -8.81 9.03 7.87
CA THR A 83 -8.33 9.58 9.16
C THR A 83 -9.14 8.99 10.30
N VAL A 84 -8.51 8.70 11.41
CA VAL A 84 -9.25 8.13 12.57
C VAL A 84 -9.50 9.23 13.59
N SER A 85 -10.73 9.49 13.92
CA SER A 85 -11.03 10.56 14.92
C SER A 85 -11.72 9.94 16.14
N PHE A 86 -11.00 9.77 17.20
CA PHE A 86 -11.61 9.19 18.42
C PHE A 86 -11.43 10.15 19.60
N GLU A 87 -12.22 10.01 20.63
CA GLU A 87 -12.10 10.93 21.80
C GLU A 87 -11.22 10.27 22.87
N PHE A 88 -10.87 11.01 23.88
CA PHE A 88 -10.00 10.43 24.95
C PHE A 88 -10.70 10.60 26.31
N GLN A 89 -9.96 10.51 27.38
CA GLN A 89 -10.57 10.68 28.73
C GLN A 89 -10.34 12.11 29.21
N GLY A 90 -10.39 13.05 28.31
CA GLY A 90 -10.18 14.48 28.70
C GLY A 90 -10.00 15.33 27.44
N ARG A 91 -9.47 14.75 26.39
CA ARG A 91 -9.27 15.53 25.14
C ARG A 91 -9.68 14.67 23.94
N LYS A 92 -9.34 15.10 22.75
CA LYS A 92 -9.71 14.29 21.55
C LYS A 92 -8.47 14.05 20.69
N THR A 93 -8.29 12.85 20.20
CA THR A 93 -7.11 12.56 19.36
C THR A 93 -7.55 12.07 17.98
N VAL A 94 -6.71 12.20 16.99
CA VAL A 94 -7.07 11.75 15.61
C VAL A 94 -5.88 11.02 14.98
N VAL A 95 -6.10 10.29 13.93
CA VAL A 95 -4.96 9.56 13.28
C VAL A 95 -5.13 9.57 11.76
N ALA A 96 -4.05 9.45 11.04
CA ALA A 96 -4.15 9.45 9.54
C ALA A 96 -3.43 8.21 8.97
N PRO A 97 -4.07 7.09 9.13
CA PRO A 97 -3.50 5.81 8.64
C PRO A 97 -4.04 5.46 7.25
N ILE A 98 -3.54 4.39 6.68
CA ILE A 98 -4.00 3.95 5.34
C ILE A 98 -4.02 2.42 5.32
N ASP A 99 -4.87 1.83 4.52
CA ASP A 99 -4.94 0.35 4.48
C ASP A 99 -4.76 -0.15 3.04
N HIS A 100 -4.43 -1.40 2.89
CA HIS A 100 -4.26 -1.97 1.53
C HIS A 100 -5.43 -2.91 1.24
N PHE A 101 -5.48 -3.52 0.09
CA PHE A 101 -6.61 -4.41 -0.20
C PHE A 101 -6.17 -5.58 -1.08
N ARG A 102 -6.94 -6.64 -1.08
CA ARG A 102 -6.58 -7.82 -1.92
C ARG A 102 -7.88 -8.48 -2.41
N PHE A 103 -8.22 -8.29 -3.65
CA PHE A 103 -9.47 -8.89 -4.19
C PHE A 103 -9.18 -10.28 -4.77
N ASN A 104 -10.15 -10.86 -5.43
CA ASN A 104 -9.94 -12.21 -6.02
C ASN A 104 -10.58 -12.26 -7.42
N GLY A 105 -11.75 -12.85 -7.55
CA GLY A 105 -12.40 -12.92 -8.89
C GLY A 105 -13.42 -11.77 -9.02
N ALA A 106 -13.27 -10.74 -8.23
CA ALA A 106 -14.21 -9.59 -8.31
C ALA A 106 -15.52 -9.97 -7.60
N GLY A 107 -15.46 -10.14 -6.31
CA GLY A 107 -16.70 -10.51 -5.55
C GLY A 107 -16.52 -10.11 -4.08
N LYS A 108 -15.61 -10.74 -3.39
CA LYS A 108 -15.40 -10.42 -1.95
C LYS A 108 -13.92 -10.14 -1.70
N VAL A 109 -13.56 -9.87 -0.47
CA VAL A 109 -12.13 -9.60 -0.17
C VAL A 109 -11.45 -10.88 0.27
N VAL A 110 -10.22 -11.10 -0.12
CA VAL A 110 -9.52 -12.35 0.29
C VAL A 110 -8.23 -12.01 1.04
N SER A 111 -7.78 -10.78 0.96
CA SER A 111 -6.53 -10.42 1.68
C SER A 111 -6.48 -8.90 1.89
N MET A 112 -5.72 -8.46 2.86
CA MET A 112 -5.62 -6.99 3.11
C MET A 112 -4.30 -6.69 3.82
N ARG A 113 -3.86 -5.45 3.76
CA ARG A 113 -2.58 -5.09 4.44
C ARG A 113 -2.64 -3.64 4.91
N ALA A 114 -2.62 -3.42 6.19
CA ALA A 114 -2.68 -2.01 6.70
C ALA A 114 -1.25 -1.46 6.82
N LEU A 115 -1.04 -0.23 6.42
CA LEU A 115 0.32 0.36 6.52
C LEU A 115 0.23 1.77 7.11
N PHE A 116 1.21 2.12 7.90
CA PHE A 116 1.25 3.47 8.54
C PHE A 116 2.25 3.43 9.68
N GLY A 117 2.21 4.38 10.56
CA GLY A 117 3.18 4.36 11.70
C GLY A 117 2.88 5.52 12.66
N GLU A 118 3.66 5.63 13.71
CA GLU A 118 3.42 6.74 14.69
C GLU A 118 3.33 8.06 13.94
N LYS A 119 3.86 8.11 12.75
CA LYS A 119 3.81 9.35 11.94
C LYS A 119 2.39 9.53 11.44
N ASN A 120 1.66 8.46 11.38
CA ASN A 120 0.26 8.52 10.88
C ASN A 120 -0.69 8.82 12.05
N ILE A 121 -0.15 9.02 13.23
CA ILE A 121 -1.03 9.31 14.39
C ILE A 121 -1.19 10.82 14.55
N HIS A 122 -1.92 11.25 15.55
CA HIS A 122 -2.11 12.71 15.77
C HIS A 122 -2.35 12.97 17.26
N ALA A 123 -2.17 14.19 17.69
CA ALA A 123 -2.40 14.52 19.13
C ALA A 123 -2.73 16.00 19.27
N GLY A 124 -3.46 16.36 20.29
CA GLY A 124 -3.81 17.80 20.49
C GLY A 124 -5.18 18.08 19.87
N ALA A 125 -5.28 19.09 19.04
CA ALA A 125 -6.59 19.40 18.42
C ALA A 125 -6.38 19.71 16.93
N MET B 1 14.35 -1.32 17.04
CA MET B 1 14.51 0.12 16.69
C MET B 1 13.53 0.51 15.59
N ASN B 2 13.06 1.73 15.60
CA ASN B 2 12.10 2.17 14.56
C ASN B 2 12.68 3.37 13.80
N THR B 3 13.85 3.21 13.24
CA THR B 3 14.47 4.34 12.49
C THR B 3 14.05 4.26 11.01
N PRO B 4 13.25 5.21 10.61
CA PRO B 4 12.78 5.25 9.21
C PRO B 4 13.93 5.64 8.29
N GLU B 5 15.05 6.05 8.84
CA GLU B 5 16.20 6.44 8.00
C GLU B 5 16.72 5.21 7.25
N HIS B 6 16.86 4.11 7.94
CA HIS B 6 17.35 2.87 7.27
C HIS B 6 16.26 2.31 6.38
N MET B 7 15.09 2.06 6.93
CA MET B 7 13.99 1.52 6.12
C MET B 7 13.74 2.42 4.91
N THR B 8 13.79 3.71 5.10
CA THR B 8 13.57 4.64 3.96
C THR B 8 14.68 4.44 2.93
N ALA B 9 15.87 4.17 3.38
CA ALA B 9 16.99 3.95 2.42
C ALA B 9 16.55 2.94 1.37
N VAL B 10 15.92 1.88 1.79
CA VAL B 10 15.46 0.86 0.81
C VAL B 10 14.54 1.56 -0.20
N VAL B 11 13.93 2.64 0.19
CA VAL B 11 13.03 3.38 -0.74
C VAL B 11 13.85 4.39 -1.54
N GLN B 12 14.71 5.11 -0.88
CA GLN B 12 15.55 6.11 -1.58
C GLN B 12 16.36 5.38 -2.64
N ARG B 13 17.34 4.67 -2.19
CA ARG B 13 18.20 3.89 -3.11
C ARG B 13 17.31 3.21 -4.15
N TYR B 14 16.23 2.64 -3.70
CA TYR B 14 15.30 1.95 -4.62
C TYR B 14 14.94 2.91 -5.76
N VAL B 15 14.65 4.14 -5.45
CA VAL B 15 14.31 5.12 -6.52
C VAL B 15 15.60 5.77 -7.05
N ALA B 16 16.52 6.11 -6.19
CA ALA B 16 17.78 6.72 -6.68
C ALA B 16 18.29 5.85 -7.83
N ALA B 17 18.10 4.57 -7.74
CA ALA B 17 18.54 3.67 -8.83
C ALA B 17 17.54 3.81 -9.97
N LEU B 18 16.30 4.04 -9.64
CA LEU B 18 15.26 4.22 -10.69
C LEU B 18 15.63 5.47 -11.50
N ASN B 19 15.75 6.58 -10.84
CA ASN B 19 16.11 7.85 -11.51
C ASN B 19 17.39 7.65 -12.32
N ALA B 20 18.36 7.03 -11.74
CA ALA B 20 19.65 6.80 -12.47
C ALA B 20 19.58 5.48 -13.24
N GLY B 21 18.44 4.85 -13.28
CA GLY B 21 18.31 3.57 -14.01
C GLY B 21 19.41 2.61 -13.55
N ASP B 22 19.67 2.56 -12.26
CA ASP B 22 20.73 1.66 -11.76
C ASP B 22 20.11 0.36 -11.23
N LEU B 23 19.45 -0.37 -12.09
CA LEU B 23 18.82 -1.65 -11.65
C LEU B 23 19.84 -2.45 -10.85
N ASP B 24 21.04 -2.50 -11.33
CA ASP B 24 22.10 -3.26 -10.61
C ASP B 24 22.00 -2.94 -9.12
N GLY B 25 21.74 -1.71 -8.79
CA GLY B 25 21.61 -1.33 -7.36
C GLY B 25 20.21 -1.72 -6.88
N ILE B 26 19.26 -1.65 -7.76
CA ILE B 26 17.87 -2.02 -7.39
C ILE B 26 17.86 -3.49 -6.98
N VAL B 27 18.28 -4.35 -7.87
CA VAL B 27 18.33 -5.79 -7.54
C VAL B 27 19.17 -5.96 -6.28
N ALA B 28 20.23 -5.20 -6.17
CA ALA B 28 21.08 -5.29 -4.96
C ALA B 28 20.19 -5.02 -3.74
N LEU B 29 19.50 -3.91 -3.76
CA LEU B 29 18.60 -3.58 -2.62
C LEU B 29 17.51 -4.65 -2.53
N PHE B 30 17.25 -5.34 -3.61
CA PHE B 30 16.21 -6.39 -3.60
C PHE B 30 16.83 -7.74 -3.23
N ALA B 31 16.22 -8.44 -2.32
CA ALA B 31 16.77 -9.78 -1.91
C ALA B 31 17.04 -10.62 -3.16
N ASP B 32 17.46 -11.84 -2.98
CA ASP B 32 17.75 -12.72 -4.14
C ASP B 32 16.45 -13.22 -4.75
N ASP B 33 15.41 -13.26 -3.96
CA ASP B 33 14.11 -13.73 -4.48
C ASP B 33 12.99 -12.77 -4.05
N ALA B 34 13.26 -11.49 -4.08
CA ALA B 34 12.22 -10.51 -3.66
C ALA B 34 11.04 -10.60 -4.63
N THR B 35 9.84 -10.42 -4.14
CA THR B 35 8.65 -10.48 -5.03
C THR B 35 8.10 -9.08 -5.27
N VAL B 36 7.70 -8.78 -6.47
CA VAL B 36 7.15 -7.42 -6.77
C VAL B 36 5.85 -7.56 -7.55
N GLU B 37 4.76 -7.10 -7.01
CA GLU B 37 3.47 -7.19 -7.74
C GLU B 37 3.30 -5.95 -8.60
N ASP B 38 3.46 -6.09 -9.88
CA ASP B 38 3.33 -4.90 -10.77
C ASP B 38 3.56 -5.33 -12.23
N PRO B 39 2.81 -4.75 -13.14
CA PRO B 39 1.78 -3.73 -12.78
C PRO B 39 0.56 -4.39 -12.13
N VAL B 40 -0.33 -3.62 -11.57
CA VAL B 40 -1.53 -4.20 -10.92
C VAL B 40 -2.42 -4.84 -12.00
N GLY B 41 -2.56 -6.14 -11.97
CA GLY B 41 -3.41 -6.83 -12.98
C GLY B 41 -2.53 -7.69 -13.88
N SER B 42 -1.24 -7.67 -13.68
CA SER B 42 -0.33 -8.49 -14.51
C SER B 42 0.24 -9.63 -13.67
N GLU B 43 1.52 -9.63 -13.40
CA GLU B 43 2.10 -10.74 -12.58
C GLU B 43 3.49 -10.32 -12.08
N PRO B 44 3.69 -10.51 -10.80
CA PRO B 44 4.99 -10.16 -10.17
C PRO B 44 6.12 -11.04 -10.72
N ARG B 45 7.31 -10.87 -10.21
CA ARG B 45 8.46 -11.68 -10.68
C ARG B 45 9.45 -11.83 -9.53
N SER B 46 9.43 -12.96 -8.86
CA SER B 46 10.35 -13.17 -7.72
C SER B 46 11.67 -13.76 -8.22
N GLY B 47 12.69 -13.73 -7.41
CA GLY B 47 14.01 -14.28 -7.84
C GLY B 47 14.93 -13.14 -8.25
N THR B 48 16.20 -13.38 -8.31
CA THR B 48 17.14 -12.30 -8.70
C THR B 48 16.96 -11.97 -10.18
N ALA B 49 17.02 -12.95 -11.04
CA ALA B 49 16.84 -12.69 -12.49
C ALA B 49 15.47 -12.07 -12.73
N ALA B 50 14.46 -12.55 -12.05
CA ALA B 50 13.09 -11.99 -12.24
C ALA B 50 13.05 -10.56 -11.69
N ILE B 51 13.41 -10.37 -10.46
CA ILE B 51 13.38 -9.00 -9.87
C ILE B 51 14.04 -8.03 -10.84
N ARG B 52 15.07 -8.47 -11.51
CA ARG B 52 15.76 -7.58 -12.48
C ARG B 52 15.03 -7.66 -13.82
N GLU B 53 14.86 -8.84 -14.35
CA GLU B 53 14.13 -8.96 -15.65
C GLU B 53 12.84 -8.17 -15.55
N PHE B 54 12.33 -8.02 -14.36
CA PHE B 54 11.07 -7.27 -14.16
C PHE B 54 11.40 -5.79 -14.00
N PHE B 55 11.95 -5.44 -12.87
CA PHE B 55 12.32 -4.01 -12.64
C PHE B 55 13.09 -3.49 -13.85
N ALA B 56 13.75 -4.35 -14.56
CA ALA B 56 14.52 -3.91 -15.76
C ALA B 56 13.51 -3.52 -16.84
N ASN B 57 12.47 -4.29 -17.00
CA ASN B 57 11.44 -3.97 -18.02
C ASN B 57 10.87 -2.59 -17.71
N SER B 58 10.90 -2.20 -16.46
CA SER B 58 10.37 -0.86 -16.09
C SER B 58 11.41 0.20 -16.46
N LEU B 59 12.67 -0.13 -16.34
CA LEU B 59 13.73 0.84 -16.69
C LEU B 59 13.75 1.07 -18.20
N LYS B 60 13.31 0.10 -18.96
CA LYS B 60 13.29 0.26 -20.44
C LYS B 60 12.64 1.61 -20.80
N LEU B 61 11.70 2.04 -20.00
CA LEU B 61 11.02 3.33 -20.28
C LEU B 61 11.79 4.46 -19.59
N PRO B 62 12.36 5.33 -20.38
CA PRO B 62 13.14 6.47 -19.83
C PRO B 62 12.22 7.48 -19.15
N LEU B 63 12.26 7.56 -17.85
CA LEU B 63 11.38 8.53 -17.13
C LEU B 63 12.16 9.16 -15.98
N ALA B 64 11.72 10.29 -15.51
CA ALA B 64 12.42 10.95 -14.38
C ALA B 64 11.77 10.51 -13.07
N VAL B 65 12.54 10.04 -12.13
CA VAL B 65 11.94 9.59 -10.85
C VAL B 65 12.28 10.59 -9.74
N GLU B 66 11.29 11.26 -9.22
CA GLU B 66 11.55 12.24 -8.13
C GLU B 66 10.32 12.32 -7.23
N LEU B 67 10.31 11.59 -6.16
CA LEU B 67 9.13 11.62 -5.25
C LEU B 67 8.69 13.07 -5.03
N THR B 68 7.55 13.26 -4.43
CA THR B 68 7.07 14.65 -4.19
C THR B 68 6.69 14.82 -2.71
N GLN B 69 6.24 13.78 -2.09
CA GLN B 69 5.87 13.86 -0.65
C GLN B 69 6.91 13.11 0.19
N GLU B 70 6.52 12.60 1.31
CA GLU B 70 7.48 11.85 2.17
C GLU B 70 7.20 10.35 2.08
N VAL B 71 8.22 9.58 1.84
CA VAL B 71 8.03 8.11 1.74
C VAL B 71 7.48 7.57 3.06
N ARG B 72 6.73 6.51 3.02
CA ARG B 72 6.18 5.94 4.28
C ARG B 72 6.96 4.67 4.63
N ALA B 73 7.40 4.55 5.85
CA ALA B 73 8.17 3.34 6.24
C ALA B 73 7.90 3.00 7.70
N VAL B 74 7.50 1.78 7.97
CA VAL B 74 7.23 1.39 9.38
C VAL B 74 8.12 0.20 9.75
N ALA B 75 7.69 -0.58 10.70
CA ALA B 75 8.52 -1.75 11.13
C ALA B 75 8.25 -2.96 10.21
N ASN B 76 9.29 -3.52 9.66
CA ASN B 76 9.15 -4.72 8.78
C ASN B 76 8.46 -4.37 7.46
N GLU B 77 8.04 -3.14 7.26
CA GLU B 77 7.37 -2.81 5.97
C GLU B 77 7.62 -1.35 5.60
N ALA B 78 6.79 -0.82 4.74
CA ALA B 78 6.94 0.60 4.33
C ALA B 78 6.10 0.85 3.07
N ALA B 79 5.66 2.06 2.87
CA ALA B 79 4.84 2.37 1.67
C ALA B 79 5.29 3.71 1.10
N PHE B 80 5.43 3.83 -0.19
CA PHE B 80 5.87 5.13 -0.75
C PHE B 80 5.30 5.34 -2.15
N ALA B 81 5.40 6.54 -2.65
CA ALA B 81 4.86 6.83 -4.01
C ALA B 81 5.78 7.80 -4.73
N PHE B 82 5.30 8.45 -5.75
CA PHE B 82 6.15 9.42 -6.50
C PHE B 82 5.52 9.72 -7.86
N THR B 83 6.20 10.50 -8.66
CA THR B 83 5.64 10.83 -10.00
C THR B 83 6.68 10.53 -11.07
N VAL B 84 6.25 10.02 -12.19
CA VAL B 84 7.21 9.70 -13.29
C VAL B 84 6.96 10.66 -14.45
N SER B 85 7.90 11.52 -14.74
CA SER B 85 7.71 12.50 -15.85
C SER B 85 8.55 12.08 -17.06
N PHE B 86 8.05 11.19 -17.87
CA PHE B 86 8.82 10.76 -19.07
C PHE B 86 8.46 11.68 -20.24
N GLU B 87 9.08 11.49 -21.37
CA GLU B 87 8.78 12.36 -22.53
C GLU B 87 8.44 11.49 -23.75
N PHE B 88 7.65 12.02 -24.66
CA PHE B 88 7.28 11.22 -25.87
C PHE B 88 8.10 11.70 -27.06
N GLN B 89 7.53 12.55 -27.88
CA GLN B 89 8.27 13.05 -29.06
C GLN B 89 7.96 14.54 -29.26
N GLY B 90 8.03 15.31 -28.19
CA GLY B 90 7.74 16.76 -28.31
C GLY B 90 6.94 17.20 -27.07
N ARG B 91 5.99 16.40 -26.67
CA ARG B 91 5.18 16.75 -25.47
C ARG B 91 5.79 16.07 -24.25
N LYS B 92 5.08 16.04 -23.15
CA LYS B 92 5.63 15.38 -21.93
C LYS B 92 4.49 14.79 -21.11
N THR B 93 4.55 13.52 -20.83
CA THR B 93 3.48 12.87 -20.02
C THR B 93 4.04 12.47 -18.66
N VAL B 94 3.23 12.52 -17.63
CA VAL B 94 3.73 12.14 -16.28
C VAL B 94 2.81 11.08 -15.66
N VAL B 95 3.24 10.47 -14.60
CA VAL B 95 2.40 9.42 -13.94
C VAL B 95 2.51 9.58 -12.42
N ALA B 96 1.47 9.25 -11.70
CA ALA B 96 1.52 9.41 -10.21
C ALA B 96 1.00 8.14 -9.51
N PRO B 97 1.79 7.10 -9.59
CA PRO B 97 1.43 5.82 -8.94
C PRO B 97 2.04 5.73 -7.54
N ILE B 98 1.90 4.61 -6.90
CA ILE B 98 2.49 4.45 -5.54
C ILE B 98 3.09 3.05 -5.42
N ASP B 99 3.94 2.84 -4.45
CA ASP B 99 4.56 1.49 -4.30
C ASP B 99 4.50 1.05 -2.84
N HIS B 100 4.58 -0.23 -2.61
CA HIS B 100 4.54 -0.73 -1.20
C HIS B 100 5.91 -1.33 -0.87
N PHE B 101 6.17 -1.60 0.37
CA PHE B 101 7.49 -2.15 0.73
C PHE B 101 7.35 -3.28 1.76
N ARG B 102 8.32 -4.13 1.83
CA ARG B 102 8.27 -5.25 2.81
C ARG B 102 9.69 -5.62 3.23
N PHE B 103 10.09 -5.23 4.41
CA PHE B 103 11.48 -5.56 4.86
C PHE B 103 11.46 -6.91 5.59
N ASN B 104 12.33 -7.79 5.22
CA ASN B 104 12.39 -9.13 5.89
C ASN B 104 13.84 -9.51 6.15
N GLY B 105 14.74 -8.58 6.05
CA GLY B 105 16.17 -8.89 6.29
C GLY B 105 16.79 -7.80 7.17
N ALA B 106 16.00 -6.88 7.65
CA ALA B 106 16.54 -5.79 8.51
C ALA B 106 17.76 -5.15 7.82
N GLY B 107 17.83 -5.23 6.53
CA GLY B 107 18.99 -4.63 5.80
C GLY B 107 18.63 -4.44 4.33
N LYS B 108 18.00 -5.41 3.73
CA LYS B 108 17.63 -5.28 2.29
C LYS B 108 16.12 -5.47 2.13
N VAL B 109 15.65 -5.63 0.92
CA VAL B 109 14.19 -5.82 0.72
C VAL B 109 13.94 -7.25 0.23
N VAL B 110 12.92 -7.90 0.72
CA VAL B 110 12.65 -9.30 0.27
C VAL B 110 11.24 -9.38 -0.33
N SER B 111 10.48 -8.32 -0.24
CA SER B 111 9.11 -8.35 -0.81
C SER B 111 8.67 -6.92 -1.14
N MET B 112 7.80 -6.76 -2.09
CA MET B 112 7.35 -5.38 -2.45
C MET B 112 6.02 -5.45 -3.20
N ARG B 113 5.24 -4.40 -3.16
CA ARG B 113 3.93 -4.39 -3.87
C ARG B 113 3.74 -3.04 -4.56
N ALA B 114 2.83 -2.95 -5.49
CA ALA B 114 2.62 -1.65 -6.19
C ALA B 114 1.13 -1.45 -6.46
N LEU B 115 0.65 -0.24 -6.33
CA LEU B 115 -0.80 0.02 -6.58
C LEU B 115 -0.96 1.32 -7.36
N PHE B 116 -1.85 1.33 -8.31
CA PHE B 116 -2.08 2.57 -9.12
C PHE B 116 -3.05 2.24 -10.25
N GLY B 117 -3.03 3.02 -11.29
CA GLY B 117 -3.95 2.77 -12.43
C GLY B 117 -3.99 4.00 -13.34
N GLU B 118 -4.91 4.04 -14.26
CA GLU B 118 -5.01 5.21 -15.17
C GLU B 118 -5.53 6.42 -14.39
N LYS B 119 -5.88 6.23 -13.14
CA LYS B 119 -6.39 7.35 -12.32
C LYS B 119 -5.21 8.03 -11.64
N ASN B 120 -4.19 7.28 -11.39
CA ASN B 120 -2.98 7.84 -10.71
C ASN B 120 -2.02 8.39 -11.77
N ILE B 121 -2.41 8.38 -13.01
CA ILE B 121 -1.52 8.90 -14.08
C ILE B 121 -1.80 10.39 -14.27
N HIS B 122 -1.21 11.01 -15.26
CA HIS B 122 -1.47 12.46 -15.47
C HIS B 122 -1.31 12.80 -16.95
N ALA B 123 -1.20 14.06 -17.27
CA ALA B 123 -1.04 14.46 -18.69
C ALA B 123 -0.15 15.71 -18.77
N GLY B 124 0.02 16.26 -19.94
CA GLY B 124 0.88 17.47 -20.06
C GLY B 124 0.74 18.07 -21.46
N ALA B 125 0.98 19.34 -21.60
CA ALA B 125 0.85 19.98 -22.94
C ALA B 125 2.06 20.90 -23.19
N MET A 1 -10.20 -3.32 -17.96
CA MET A 1 -9.84 -4.32 -16.90
C MET A 1 -11.05 -4.59 -16.00
N ASN A 2 -10.84 -5.25 -14.89
CA ASN A 2 -11.97 -5.54 -13.97
C ASN A 2 -12.60 -4.22 -13.52
N THR A 3 -13.85 -4.23 -13.18
CA THR A 3 -14.53 -2.99 -12.73
C THR A 3 -14.21 -2.73 -11.26
N PRO A 4 -13.54 -1.63 -11.01
CA PRO A 4 -13.18 -1.26 -9.63
C PRO A 4 -14.43 -0.85 -8.85
N GLU A 5 -15.56 -0.80 -9.52
CA GLU A 5 -16.82 -0.40 -8.83
C GLU A 5 -17.06 -1.35 -7.65
N HIS A 6 -17.05 -2.64 -7.90
CA HIS A 6 -17.28 -3.61 -6.78
C HIS A 6 -16.07 -3.60 -5.85
N MET A 7 -14.88 -3.56 -6.39
CA MET A 7 -13.68 -3.54 -5.54
C MET A 7 -13.72 -2.32 -4.63
N THR A 8 -14.08 -1.18 -5.16
CA THR A 8 -14.14 0.05 -4.32
C THR A 8 -15.24 -0.11 -3.27
N ALA A 9 -16.35 -0.72 -3.63
CA ALA A 9 -17.44 -0.92 -2.64
C ALA A 9 -16.88 -1.65 -1.42
N VAL A 10 -16.16 -2.72 -1.64
CA VAL A 10 -15.58 -3.47 -0.50
C VAL A 10 -14.75 -2.49 0.34
N VAL A 11 -14.36 -1.39 -0.24
CA VAL A 11 -13.56 -0.38 0.51
C VAL A 11 -14.51 0.62 1.17
N GLN A 12 -15.50 1.06 0.44
CA GLN A 12 -16.47 2.03 1.01
C GLN A 12 -17.16 1.39 2.20
N ARG A 13 -18.03 0.48 1.90
CA ARG A 13 -18.76 -0.25 2.97
C ARG A 13 -17.77 -0.60 4.08
N TYR A 14 -16.62 -1.07 3.71
CA TYR A 14 -15.58 -1.41 4.71
C TYR A 14 -15.41 -0.24 5.67
N VAL A 15 -15.31 0.94 5.16
CA VAL A 15 -15.14 2.14 6.04
C VAL A 15 -16.53 2.63 6.48
N ALA A 16 -17.49 2.60 5.61
CA ALA A 16 -18.85 3.05 6.02
C ALA A 16 -19.20 2.33 7.31
N ALA A 17 -18.79 1.10 7.44
CA ALA A 17 -19.05 0.36 8.69
C ALA A 17 -18.11 0.89 9.77
N LEU A 18 -16.94 1.31 9.37
CA LEU A 18 -15.96 1.88 10.33
C LEU A 18 -16.55 3.18 10.89
N ASN A 19 -16.86 4.10 10.03
CA ASN A 19 -17.45 5.40 10.47
C ASN A 19 -18.67 5.11 11.33
N ALA A 20 -19.51 4.23 10.88
CA ALA A 20 -20.73 3.89 11.66
C ALA A 20 -20.42 2.76 12.64
N GLY A 21 -19.17 2.43 12.80
CA GLY A 21 -18.82 1.32 13.74
C GLY A 21 -19.75 0.14 13.52
N ASP A 22 -20.27 0.01 12.32
CA ASP A 22 -21.19 -1.13 12.04
C ASP A 22 -20.40 -2.35 11.57
N LEU A 23 -19.62 -2.93 12.43
CA LEU A 23 -18.83 -4.13 12.03
C LEU A 23 -19.73 -5.11 11.30
N ASP A 24 -20.93 -5.27 11.79
CA ASP A 24 -21.88 -6.22 11.15
C ASP A 24 -21.78 -6.08 9.63
N GLY A 25 -21.42 -4.91 9.17
CA GLY A 25 -21.30 -4.71 7.70
C GLY A 25 -19.88 -5.08 7.27
N ILE A 26 -18.93 -4.79 8.11
CA ILE A 26 -17.53 -5.14 7.77
C ILE A 26 -17.43 -6.65 7.57
N VAL A 27 -17.89 -7.40 8.54
CA VAL A 27 -17.86 -8.88 8.39
C VAL A 27 -18.69 -9.25 7.17
N ALA A 28 -19.84 -8.63 7.02
CA ALA A 28 -20.70 -8.91 5.84
C ALA A 28 -19.84 -8.73 4.59
N LEU A 29 -19.07 -7.68 4.56
CA LEU A 29 -18.19 -7.43 3.39
C LEU A 29 -17.02 -8.42 3.42
N PHE A 30 -16.64 -8.88 4.58
CA PHE A 30 -15.51 -9.83 4.68
C PHE A 30 -16.02 -11.26 4.46
N ALA A 31 -15.28 -12.05 3.73
CA ALA A 31 -15.72 -13.45 3.47
C ALA A 31 -16.05 -14.14 4.79
N ASP A 32 -16.36 -15.41 4.75
CA ASP A 32 -16.71 -16.14 6.00
C ASP A 32 -15.45 -16.32 6.86
N ASP A 33 -14.31 -16.27 6.23
CA ASP A 33 -13.04 -16.42 6.99
C ASP A 33 -11.95 -15.60 6.30
N ALA A 34 -12.28 -14.42 5.86
CA ALA A 34 -11.26 -13.58 5.18
C ALA A 34 -10.02 -13.44 6.05
N THR A 35 -8.87 -13.26 5.46
CA THR A 35 -7.63 -13.12 6.27
C THR A 35 -7.26 -11.64 6.39
N VAL A 36 -6.73 -11.25 7.51
CA VAL A 36 -6.35 -9.82 7.71
C VAL A 36 -4.86 -9.75 8.06
N GLU A 37 -4.30 -8.57 8.06
CA GLU A 37 -2.87 -8.41 8.41
C GLU A 37 -2.73 -7.11 9.20
N ASP A 38 -2.55 -7.19 10.50
CA ASP A 38 -2.44 -5.92 11.28
C ASP A 38 -2.29 -6.23 12.77
N PRO A 39 -1.49 -5.45 13.46
CA PRO A 39 -0.76 -4.32 12.83
C PRO A 39 0.43 -4.86 12.02
N VAL A 40 1.22 -3.98 11.47
CA VAL A 40 2.40 -4.44 10.67
C VAL A 40 3.53 -4.82 11.62
N GLY A 41 3.51 -6.02 12.14
CA GLY A 41 4.58 -6.46 13.08
C GLY A 41 4.00 -7.43 14.10
N SER A 42 2.71 -7.50 14.20
CA SER A 42 2.07 -8.43 15.18
C SER A 42 1.43 -9.60 14.42
N GLU A 43 0.37 -10.16 14.95
CA GLU A 43 -0.28 -11.31 14.25
C GLU A 43 -1.64 -10.89 13.67
N PRO A 44 -1.84 -11.29 12.44
CA PRO A 44 -3.11 -11.00 11.72
C PRO A 44 -4.31 -11.68 12.39
N ARG A 45 -5.39 -11.83 11.67
CA ARG A 45 -6.60 -12.46 12.22
C ARG A 45 -7.35 -13.15 11.08
N SER A 46 -7.60 -14.42 11.18
CA SER A 46 -8.30 -15.13 10.09
C SER A 46 -9.65 -15.68 10.60
N GLY A 47 -10.60 -15.83 9.71
CA GLY A 47 -11.93 -16.37 10.12
C GLY A 47 -12.88 -15.20 10.45
N THR A 48 -14.16 -15.47 10.48
CA THR A 48 -15.14 -14.39 10.81
C THR A 48 -15.03 -14.04 12.29
N ALA A 49 -15.22 -15.00 13.15
CA ALA A 49 -15.12 -14.73 14.61
C ALA A 49 -13.86 -13.92 14.89
N ALA A 50 -12.85 -14.11 14.09
CA ALA A 50 -11.58 -13.35 14.30
C ALA A 50 -11.63 -12.04 13.51
N ILE A 51 -11.74 -12.11 12.22
CA ILE A 51 -11.80 -10.88 11.40
C ILE A 51 -12.77 -9.89 12.05
N ARG A 52 -13.80 -10.39 12.67
CA ARG A 52 -14.78 -9.49 13.34
C ARG A 52 -14.29 -9.20 14.76
N GLU A 53 -14.18 -10.22 15.58
CA GLU A 53 -13.70 -9.99 16.97
C GLU A 53 -12.51 -9.04 16.92
N PHE A 54 -11.78 -9.06 15.85
CA PHE A 54 -10.62 -8.16 15.70
C PHE A 54 -11.11 -6.79 15.29
N PHE A 55 -11.58 -6.68 14.08
CA PHE A 55 -12.11 -5.38 13.59
C PHE A 55 -13.03 -4.80 14.66
N ALA A 56 -13.61 -5.66 15.46
CA ALA A 56 -14.53 -5.17 16.55
C ALA A 56 -13.67 -4.58 17.67
N ASN A 57 -12.76 -5.35 18.19
CA ASN A 57 -11.89 -4.85 19.29
C ASN A 57 -11.29 -3.51 18.85
N SER A 58 -11.07 -3.36 17.57
CA SER A 58 -10.51 -2.08 17.06
C SER A 58 -11.60 -1.01 17.06
N LEU A 59 -12.82 -1.40 16.81
CA LEU A 59 -13.94 -0.43 16.81
C LEU A 59 -14.17 0.05 18.23
N LYS A 60 -13.75 -0.72 19.20
CA LYS A 60 -13.94 -0.31 20.62
C LYS A 60 -13.35 1.09 20.83
N LEU A 61 -12.48 1.49 19.94
CA LEU A 61 -11.85 2.84 20.07
C LEU A 61 -12.72 3.87 19.34
N PRO A 62 -13.10 4.90 20.06
CA PRO A 62 -13.96 5.95 19.47
C PRO A 62 -13.16 6.80 18.47
N LEU A 63 -13.34 6.58 17.19
CA LEU A 63 -12.59 7.37 16.18
C LEU A 63 -13.52 7.80 15.04
N ALA A 64 -13.13 8.81 14.32
CA ALA A 64 -13.98 9.27 13.18
C ALA A 64 -13.42 8.69 11.88
N VAL A 65 -14.25 8.07 11.09
CA VAL A 65 -13.75 7.49 9.82
C VAL A 65 -14.33 8.26 8.63
N GLU A 66 -13.50 8.92 7.88
CA GLU A 66 -14.00 9.70 6.71
C GLU A 66 -12.92 9.76 5.63
N LEU A 67 -13.04 8.94 4.61
CA LEU A 67 -12.03 8.96 3.53
C LEU A 67 -11.80 10.40 3.06
N THR A 68 -10.94 10.59 2.10
CA THR A 68 -10.68 11.96 1.59
C THR A 68 -10.01 11.90 0.22
N GLN A 69 -9.14 10.95 0.04
CA GLN A 69 -8.44 10.81 -1.26
C GLN A 69 -9.20 9.83 -2.15
N GLU A 70 -8.51 9.09 -2.98
CA GLU A 70 -9.21 8.11 -3.86
C GLU A 70 -8.78 6.70 -3.50
N VAL A 71 -9.71 5.81 -3.31
CA VAL A 71 -9.36 4.41 -2.97
C VAL A 71 -8.60 3.77 -4.14
N ARG A 72 -7.79 2.79 -3.87
CA ARG A 72 -7.02 2.14 -4.97
C ARG A 72 -7.47 0.69 -5.12
N ALA A 73 -7.78 0.28 -6.32
CA ALA A 73 -8.22 -1.13 -6.53
C ALA A 73 -7.76 -1.59 -7.91
N VAL A 74 -7.10 -2.72 -7.98
CA VAL A 74 -6.61 -3.22 -9.31
C VAL A 74 -6.52 -4.73 -9.26
N ALA A 75 -6.51 -5.37 -10.40
CA ALA A 75 -6.40 -6.84 -10.43
C ALA A 75 -7.40 -7.44 -9.43
N ASN A 76 -7.05 -8.51 -8.78
CA ASN A 76 -7.99 -9.13 -7.80
C ASN A 76 -7.76 -8.54 -6.41
N GLU A 77 -6.73 -7.76 -6.25
CA GLU A 77 -6.44 -7.14 -4.92
C GLU A 77 -6.85 -5.67 -4.95
N ALA A 78 -6.37 -4.90 -4.01
CA ALA A 78 -6.73 -3.45 -3.97
C ALA A 78 -5.96 -2.77 -2.84
N ALA A 79 -5.98 -1.46 -2.81
CA ALA A 79 -5.26 -0.72 -1.74
C ALA A 79 -5.98 0.60 -1.47
N PHE A 80 -6.16 0.97 -0.23
CA PHE A 80 -6.85 2.26 0.05
C PHE A 80 -6.33 2.86 1.35
N ALA A 81 -6.66 4.09 1.60
CA ALA A 81 -6.20 4.75 2.86
C ALA A 81 -7.30 5.67 3.39
N PHE A 82 -7.15 6.14 4.59
CA PHE A 82 -8.18 7.04 5.17
C PHE A 82 -7.60 7.74 6.40
N THR A 83 -8.42 8.40 7.16
CA THR A 83 -7.93 9.10 8.37
C THR A 83 -8.80 8.74 9.57
N VAL A 84 -8.19 8.58 10.71
CA VAL A 84 -8.99 8.24 11.93
C VAL A 84 -8.83 9.36 12.95
N SER A 85 -9.90 10.07 13.24
CA SER A 85 -9.80 11.16 14.24
C SER A 85 -10.52 10.75 15.52
N PHE A 86 -9.78 10.29 16.49
CA PHE A 86 -10.42 9.87 17.77
C PHE A 86 -9.92 10.76 18.91
N GLU A 87 -10.42 10.57 20.10
CA GLU A 87 -9.97 11.40 21.24
C GLU A 87 -10.07 10.61 22.54
N PHE A 88 -9.24 10.92 23.50
CA PHE A 88 -9.29 10.19 24.79
C PHE A 88 -10.10 10.99 25.80
N GLN A 89 -9.70 11.01 27.04
CA GLN A 89 -10.46 11.79 28.06
C GLN A 89 -9.73 13.10 28.35
N GLY A 90 -9.29 13.78 27.33
CA GLY A 90 -8.56 15.07 27.55
C GLY A 90 -7.73 15.40 26.31
N ARG A 91 -7.06 14.43 25.75
CA ARG A 91 -6.23 14.70 24.54
C ARG A 91 -6.91 14.09 23.30
N LYS A 92 -6.49 14.49 22.14
CA LYS A 92 -7.11 13.93 20.90
C LYS A 92 -6.01 13.53 19.91
N THR A 93 -6.00 12.29 19.49
CA THR A 93 -4.95 11.83 18.53
C THR A 93 -5.61 11.38 17.22
N VAL A 94 -4.92 11.55 16.12
CA VAL A 94 -5.50 11.13 14.80
C VAL A 94 -4.60 10.03 14.20
N VAL A 95 -4.96 9.51 13.06
CA VAL A 95 -4.12 8.44 12.44
C VAL A 95 -4.25 8.50 10.91
N ALA A 96 -3.17 8.27 10.22
CA ALA A 96 -3.21 8.32 8.72
C ALA A 96 -2.57 7.04 8.15
N PRO A 97 -3.29 5.95 8.27
CA PRO A 97 -2.80 4.64 7.78
C PRO A 97 -3.31 4.35 6.36
N ILE A 98 -2.94 3.22 5.84
CA ILE A 98 -3.42 2.80 4.49
C ILE A 98 -3.69 1.30 4.53
N ASP A 99 -4.80 0.86 4.02
CA ASP A 99 -5.11 -0.59 4.07
C ASP A 99 -4.97 -1.21 2.68
N HIS A 100 -4.86 -2.49 2.62
CA HIS A 100 -4.75 -3.20 1.31
C HIS A 100 -5.99 -4.05 1.12
N PHE A 101 -6.15 -4.65 -0.03
CA PHE A 101 -7.37 -5.46 -0.25
C PHE A 101 -7.06 -6.68 -1.13
N ARG A 102 -7.73 -7.77 -0.88
CA ARG A 102 -7.48 -9.00 -1.70
C ARG A 102 -8.83 -9.66 -2.01
N PHE A 103 -9.33 -9.49 -3.20
CA PHE A 103 -10.63 -10.13 -3.57
C PHE A 103 -10.38 -11.52 -4.14
N ASN A 104 -11.42 -12.25 -4.40
CA ASN A 104 -11.24 -13.63 -4.98
C ASN A 104 -11.82 -13.65 -6.39
N GLY A 105 -12.59 -12.66 -6.74
CA GLY A 105 -13.19 -12.63 -8.11
C GLY A 105 -14.71 -12.74 -8.00
N ALA A 106 -15.37 -11.66 -7.68
CA ALA A 106 -16.85 -11.70 -7.56
C ALA A 106 -17.35 -10.49 -6.79
N GLY A 107 -16.50 -9.89 -6.00
CA GLY A 107 -16.92 -8.70 -5.22
C GLY A 107 -16.71 -8.94 -3.73
N LYS A 108 -16.91 -10.15 -3.28
CA LYS A 108 -16.72 -10.44 -1.83
C LYS A 108 -15.29 -10.14 -1.43
N VAL A 109 -14.97 -10.27 -0.17
CA VAL A 109 -13.57 -9.99 0.28
C VAL A 109 -12.94 -11.29 0.77
N VAL A 110 -11.66 -11.45 0.56
CA VAL A 110 -10.98 -12.70 1.01
C VAL A 110 -9.87 -12.35 1.99
N SER A 111 -8.78 -11.81 1.50
CA SER A 111 -7.66 -11.43 2.41
C SER A 111 -7.50 -9.91 2.41
N MET A 112 -6.75 -9.39 3.33
CA MET A 112 -6.55 -7.91 3.37
C MET A 112 -5.24 -7.58 4.07
N ARG A 113 -4.50 -6.64 3.53
CA ARG A 113 -3.20 -6.26 4.17
C ARG A 113 -3.33 -4.84 4.73
N ALA A 114 -2.45 -4.47 5.62
CA ALA A 114 -2.54 -3.10 6.20
C ALA A 114 -1.14 -2.54 6.43
N LEU A 115 -0.89 -1.33 6.02
CA LEU A 115 0.47 -0.74 6.22
C LEU A 115 0.33 0.57 7.00
N PHE A 116 1.20 0.78 7.94
CA PHE A 116 1.18 2.03 8.75
C PHE A 116 2.15 1.89 9.92
N GLY A 117 2.02 2.71 10.92
CA GLY A 117 2.93 2.62 12.08
C GLY A 117 2.78 3.85 12.98
N GLU A 118 3.48 3.87 14.09
CA GLU A 118 3.38 5.04 15.01
C GLU A 118 3.56 6.33 14.20
N LYS A 119 4.19 6.22 13.07
CA LYS A 119 4.41 7.40 12.21
C LYS A 119 3.08 7.79 11.56
N ASN A 120 2.21 6.85 11.47
CA ASN A 120 0.89 7.10 10.83
C ASN A 120 -0.11 7.61 11.90
N ILE A 121 0.32 7.75 13.11
CA ILE A 121 -0.61 8.23 14.16
C ILE A 121 -0.55 9.76 14.20
N HIS A 122 -0.96 10.37 15.28
CA HIS A 122 -0.91 11.85 15.37
C HIS A 122 -0.74 12.27 16.83
N ALA A 123 -0.91 13.54 17.11
CA ALA A 123 -0.76 14.01 18.52
C ALA A 123 -1.57 15.30 18.70
N GLY A 124 -2.10 15.51 19.88
CA GLY A 124 -2.89 16.75 20.12
C GLY A 124 -2.58 17.29 21.51
N ALA A 125 -2.06 18.49 21.59
CA ALA A 125 -1.72 19.07 22.92
C ALA A 125 -2.46 20.40 23.09
N MET B 1 8.99 -0.89 17.83
CA MET B 1 10.12 0.07 17.63
C MET B 1 11.01 -0.39 16.46
N ASN B 2 10.69 0.02 15.26
CA ASN B 2 11.50 -0.39 14.09
C ASN B 2 12.06 0.85 13.40
N THR B 3 13.27 1.22 13.70
CA THR B 3 13.87 2.42 13.05
C THR B 3 13.61 2.37 11.54
N PRO B 4 12.76 3.25 11.09
CA PRO B 4 12.42 3.31 9.65
C PRO B 4 13.59 3.90 8.86
N GLU B 5 14.63 4.29 9.53
CA GLU B 5 15.81 4.87 8.82
C GLU B 5 16.39 3.81 7.87
N HIS B 6 16.61 2.62 8.35
CA HIS B 6 17.17 1.55 7.48
C HIS B 6 16.17 1.21 6.38
N MET B 7 14.94 0.94 6.74
CA MET B 7 13.93 0.59 5.73
C MET B 7 13.74 1.76 4.76
N THR B 8 13.61 2.95 5.27
CA THR B 8 13.42 4.12 4.36
C THR B 8 14.60 4.20 3.39
N ALA B 9 15.78 3.91 3.83
CA ALA B 9 16.96 3.96 2.92
C ALA B 9 16.70 3.05 1.73
N VAL B 10 16.30 1.84 1.97
CA VAL B 10 16.01 0.91 0.85
C VAL B 10 15.06 1.60 -0.14
N VAL B 11 14.29 2.55 0.33
CA VAL B 11 13.35 3.26 -0.56
C VAL B 11 14.07 4.42 -1.26
N GLN B 12 14.86 5.16 -0.53
CA GLN B 12 15.60 6.29 -1.14
C GLN B 12 16.45 5.73 -2.26
N ARG B 13 17.49 5.07 -1.89
CA ARG B 13 18.39 4.46 -2.88
C ARG B 13 17.56 3.78 -3.96
N TYR B 14 16.55 3.07 -3.54
CA TYR B 14 15.66 2.38 -4.51
C TYR B 14 15.20 3.40 -5.56
N VAL B 15 14.78 4.56 -5.13
CA VAL B 15 14.32 5.58 -6.11
C VAL B 15 15.53 6.37 -6.62
N ALA B 16 16.48 6.66 -5.79
CA ALA B 16 17.67 7.41 -6.28
C ALA B 16 18.16 6.70 -7.54
N ALA B 17 18.06 5.40 -7.57
CA ALA B 17 18.48 4.65 -8.79
C ALA B 17 17.41 4.86 -9.85
N LEU B 18 16.18 5.02 -9.44
CA LEU B 18 15.08 5.26 -10.40
C LEU B 18 15.33 6.62 -11.06
N ASN B 19 15.41 7.64 -10.26
CA ASN B 19 15.66 9.01 -10.79
C ASN B 19 16.95 8.99 -11.63
N ALA B 20 17.97 8.38 -11.12
CA ALA B 20 19.26 8.32 -11.87
C ALA B 20 19.27 7.08 -12.77
N GLY B 21 18.15 6.44 -12.93
CA GLY B 21 18.11 5.22 -13.80
C GLY B 21 19.31 4.34 -13.48
N ASP B 22 19.73 4.34 -12.25
CA ASP B 22 20.90 3.51 -11.86
C ASP B 22 20.43 2.12 -11.42
N LEU B 23 19.82 1.38 -12.31
CA LEU B 23 19.35 0.01 -11.95
C LEU B 23 20.47 -0.73 -11.23
N ASP B 24 21.65 -0.63 -11.75
CA ASP B 24 22.81 -1.34 -11.12
C ASP B 24 22.72 -1.16 -9.60
N GLY B 25 22.18 -0.06 -9.16
CA GLY B 25 22.05 0.15 -7.69
C GLY B 25 20.76 -0.49 -7.19
N ILE B 26 19.76 -0.50 -8.03
CA ILE B 26 18.47 -1.12 -7.63
C ILE B 26 18.72 -2.60 -7.38
N VAL B 27 19.23 -3.30 -8.36
CA VAL B 27 19.52 -4.73 -8.18
C VAL B 27 20.43 -4.88 -6.97
N ALA B 28 21.32 -3.95 -6.78
CA ALA B 28 22.24 -4.01 -5.61
C ALA B 28 21.38 -3.98 -4.35
N LEU B 29 20.57 -2.98 -4.21
CA LEU B 29 19.68 -2.89 -3.02
C LEU B 29 18.77 -4.12 -2.98
N PHE B 30 18.51 -4.70 -4.12
CA PHE B 30 17.63 -5.89 -4.18
C PHE B 30 18.46 -7.16 -3.91
N ALA B 31 18.01 -7.99 -3.02
CA ALA B 31 18.76 -9.25 -2.73
C ALA B 31 19.23 -9.89 -4.04
N ASP B 32 20.13 -10.83 -3.95
CA ASP B 32 20.64 -11.49 -5.19
C ASP B 32 19.47 -11.99 -6.04
N ASP B 33 18.36 -12.22 -5.43
CA ASP B 33 17.18 -12.70 -6.20
C ASP B 33 15.90 -12.17 -5.53
N ALA B 34 15.81 -10.89 -5.34
CA ALA B 34 14.59 -10.32 -4.69
C ALA B 34 13.39 -10.49 -5.63
N THR B 35 12.20 -10.32 -5.12
CA THR B 35 10.99 -10.47 -5.98
C THR B 35 10.26 -9.13 -6.08
N VAL B 36 9.48 -8.95 -7.12
CA VAL B 36 8.74 -7.67 -7.28
C VAL B 36 7.37 -7.97 -7.90
N GLU B 37 6.30 -7.69 -7.19
CA GLU B 37 4.96 -7.97 -7.75
C GLU B 37 4.48 -6.74 -8.52
N ASP B 38 4.50 -6.82 -9.82
CA ASP B 38 4.07 -5.63 -10.62
C ASP B 38 4.18 -5.94 -12.12
N PRO B 39 3.24 -5.47 -12.89
CA PRO B 39 2.10 -4.67 -12.36
C PRO B 39 1.10 -5.58 -11.63
N VAL B 40 -0.01 -5.05 -11.21
CA VAL B 40 -1.02 -5.88 -10.51
C VAL B 40 -1.77 -6.72 -11.53
N GLY B 41 -1.97 -7.98 -11.25
CA GLY B 41 -2.70 -8.86 -12.21
C GLY B 41 -1.71 -9.49 -13.19
N SER B 42 -0.46 -9.13 -13.09
CA SER B 42 0.57 -9.72 -14.01
C SER B 42 1.43 -10.71 -13.23
N GLU B 43 2.73 -10.64 -13.37
CA GLU B 43 3.59 -11.60 -12.62
C GLU B 43 4.93 -10.94 -12.27
N PRO B 44 5.33 -11.11 -11.03
CA PRO B 44 6.61 -10.54 -10.54
C PRO B 44 7.81 -11.17 -11.25
N ARG B 45 8.99 -10.86 -10.80
CA ARG B 45 10.22 -11.42 -11.42
C ARG B 45 11.31 -11.52 -10.37
N SER B 46 11.60 -12.70 -9.91
CA SER B 46 12.63 -12.87 -8.86
C SER B 46 14.00 -13.15 -9.48
N GLY B 47 15.04 -12.95 -8.71
CA GLY B 47 16.43 -13.21 -9.24
C GLY B 47 17.04 -11.88 -9.68
N THR B 48 18.33 -11.82 -9.79
CA THR B 48 18.98 -10.56 -10.21
C THR B 48 18.76 -10.37 -11.72
N ALA B 49 18.93 -11.41 -12.49
CA ALA B 49 18.71 -11.28 -13.96
C ALA B 49 17.24 -10.97 -14.22
N ALA B 50 16.38 -11.32 -13.30
CA ALA B 50 14.93 -11.04 -13.49
C ALA B 50 14.61 -9.66 -12.90
N ILE B 51 14.85 -9.48 -11.64
CA ILE B 51 14.56 -8.17 -10.99
C ILE B 51 15.12 -7.05 -11.86
N ARG B 52 16.27 -7.25 -12.43
CA ARG B 52 16.87 -6.20 -13.29
C ARG B 52 16.15 -6.20 -14.65
N GLU B 53 16.13 -7.31 -15.33
CA GLU B 53 15.43 -7.35 -16.64
C GLU B 53 14.05 -6.69 -16.49
N PHE B 54 13.50 -6.76 -15.31
CA PHE B 54 12.18 -6.14 -15.06
C PHE B 54 12.38 -4.66 -14.74
N PHE B 55 12.89 -4.37 -13.58
CA PHE B 55 13.13 -2.95 -13.20
C PHE B 55 13.86 -2.24 -14.35
N ALA B 56 14.57 -2.98 -15.15
CA ALA B 56 15.29 -2.35 -16.30
C ALA B 56 14.28 -1.99 -17.38
N ASN B 57 13.38 -2.89 -17.68
CA ASN B 57 12.36 -2.60 -18.71
C ASN B 57 11.60 -1.33 -18.31
N SER B 58 11.40 -1.13 -17.04
CA SER B 58 10.69 0.08 -16.56
C SER B 58 11.60 1.30 -16.75
N LEU B 59 12.83 1.20 -16.34
CA LEU B 59 13.77 2.34 -16.48
C LEU B 59 13.85 2.74 -17.96
N LYS B 60 13.43 1.87 -18.84
CA LYS B 60 13.49 2.20 -20.29
C LYS B 60 12.53 3.37 -20.59
N LEU B 61 11.60 3.61 -19.72
CA LEU B 61 10.65 4.74 -19.94
C LEU B 61 11.25 6.01 -19.33
N PRO B 62 11.46 7.00 -20.15
CA PRO B 62 12.05 8.28 -19.67
C PRO B 62 11.06 9.04 -18.80
N LEU B 63 11.13 8.88 -17.51
CA LEU B 63 10.19 9.59 -16.61
C LEU B 63 10.97 10.22 -15.46
N ALA B 64 10.42 11.24 -14.85
CA ALA B 64 11.12 11.88 -13.70
C ALA B 64 10.64 11.21 -12.41
N VAL B 65 11.54 10.74 -11.60
CA VAL B 65 11.12 10.08 -10.33
C VAL B 65 11.43 10.98 -9.13
N GLU B 66 10.41 11.44 -8.47
CA GLU B 66 10.62 12.32 -7.29
C GLU B 66 9.49 12.11 -6.29
N LEU B 67 9.68 11.27 -5.31
CA LEU B 67 8.60 11.02 -4.32
C LEU B 67 7.96 12.34 -3.89
N THR B 68 6.86 12.26 -3.19
CA THR B 68 6.18 13.51 -2.73
C THR B 68 5.91 13.41 -1.23
N GLN B 69 4.91 12.68 -0.87
CA GLN B 69 4.58 12.52 0.57
C GLN B 69 5.77 11.91 1.32
N GLU B 70 5.52 11.15 2.35
CA GLU B 70 6.65 10.54 3.09
C GLU B 70 6.64 9.03 2.89
N VAL B 71 7.77 8.46 2.57
CA VAL B 71 7.83 6.99 2.35
C VAL B 71 7.25 6.27 3.57
N ARG B 72 6.58 5.18 3.37
CA ARG B 72 6.00 4.45 4.53
C ARG B 72 6.82 3.18 4.80
N ALA B 73 7.21 2.98 6.03
CA ALA B 73 8.01 1.76 6.36
C ALA B 73 7.67 1.30 7.78
N VAL B 74 7.51 0.01 7.97
CA VAL B 74 7.17 -0.50 9.32
C VAL B 74 7.64 -1.94 9.44
N ALA B 75 7.99 -2.37 10.62
CA ALA B 75 8.45 -3.78 10.80
C ALA B 75 9.52 -4.09 9.74
N ASN B 76 9.55 -5.29 9.24
CA ASN B 76 10.58 -5.66 8.22
C ASN B 76 10.09 -5.24 6.84
N GLU B 77 8.80 -5.05 6.67
CA GLU B 77 8.27 -4.64 5.35
C GLU B 77 8.25 -3.11 5.25
N ALA B 78 7.49 -2.59 4.33
CA ALA B 78 7.41 -1.11 4.18
C ALA B 78 6.65 -0.78 2.88
N ALA B 79 6.18 0.42 2.74
CA ALA B 79 5.44 0.78 1.49
C ALA B 79 5.62 2.28 1.21
N PHE B 80 5.77 2.66 -0.03
CA PHE B 80 5.95 4.11 -0.33
C PHE B 80 5.20 4.50 -1.60
N ALA B 81 4.85 5.75 -1.69
CA ALA B 81 4.10 6.24 -2.88
C ALA B 81 4.92 7.33 -3.59
N PHE B 82 4.53 7.71 -4.78
CA PHE B 82 5.28 8.78 -5.50
C PHE B 82 4.58 9.08 -6.83
N THR B 83 5.18 9.90 -7.65
CA THR B 83 4.55 10.24 -8.95
C THR B 83 5.58 10.19 -10.07
N VAL B 84 5.20 9.69 -11.21
CA VAL B 84 6.16 9.63 -12.36
C VAL B 84 5.75 10.66 -13.41
N SER B 85 6.68 11.41 -13.92
CA SER B 85 6.32 12.43 -14.95
C SER B 85 7.17 12.23 -16.21
N PHE B 86 6.59 11.63 -17.22
CA PHE B 86 7.35 11.41 -18.48
C PHE B 86 6.65 12.17 -19.61
N GLU B 87 7.02 11.94 -20.84
CA GLU B 87 6.37 12.67 -21.97
C GLU B 87 6.37 11.79 -23.22
N PHE B 88 5.49 12.08 -24.14
CA PHE B 88 5.43 11.27 -25.40
C PHE B 88 6.01 12.08 -26.56
N GLN B 89 5.82 11.64 -27.77
CA GLN B 89 6.36 12.39 -28.93
C GLN B 89 5.90 13.85 -28.86
N GLY B 90 4.85 14.11 -28.13
CA GLY B 90 4.34 15.51 -28.02
C GLY B 90 3.45 15.64 -26.78
N ARG B 91 2.56 14.70 -26.58
CA ARG B 91 1.65 14.76 -25.40
C ARG B 91 2.45 14.40 -24.14
N LYS B 92 2.16 15.05 -23.05
CA LYS B 92 2.89 14.73 -21.78
C LYS B 92 1.99 13.91 -20.87
N THR B 93 2.56 13.00 -20.14
CA THR B 93 1.75 12.15 -19.23
C THR B 93 2.44 12.02 -17.86
N VAL B 94 1.66 11.99 -16.82
CA VAL B 94 2.25 11.84 -15.45
C VAL B 94 1.66 10.58 -14.81
N VAL B 95 2.19 10.15 -13.70
CA VAL B 95 1.65 8.91 -13.07
C VAL B 95 1.51 9.10 -11.57
N ALA B 96 0.71 8.29 -10.95
CA ALA B 96 0.51 8.39 -9.48
C ALA B 96 0.42 6.98 -8.88
N PRO B 97 1.49 6.24 -9.02
CA PRO B 97 1.53 4.87 -8.49
C PRO B 97 2.21 4.78 -7.13
N ILE B 98 2.06 3.66 -6.49
CA ILE B 98 2.70 3.45 -5.16
C ILE B 98 3.47 2.14 -5.22
N ASP B 99 4.34 1.90 -4.27
CA ASP B 99 5.12 0.64 -4.28
C ASP B 99 5.15 0.04 -2.88
N HIS B 100 5.35 -1.25 -2.79
CA HIS B 100 5.41 -1.91 -1.46
C HIS B 100 6.86 -2.30 -1.17
N PHE B 101 7.12 -2.80 -0.01
CA PHE B 101 8.50 -3.18 0.33
C PHE B 101 8.51 -4.36 1.30
N ARG B 102 9.37 -5.32 1.09
CA ARG B 102 9.43 -6.49 2.00
C ARG B 102 10.90 -6.86 2.24
N PHE B 103 11.36 -6.70 3.45
CA PHE B 103 12.77 -7.03 3.75
C PHE B 103 12.86 -8.46 4.30
N ASN B 104 14.05 -8.93 4.59
CA ASN B 104 14.19 -10.31 5.13
C ASN B 104 14.65 -10.24 6.59
N GLY B 105 15.25 -9.14 6.98
CA GLY B 105 15.72 -9.01 8.39
C GLY B 105 17.21 -8.72 8.40
N ALA B 106 17.71 -8.02 7.42
CA ALA B 106 19.16 -7.71 7.38
C ALA B 106 19.38 -6.31 6.80
N GLY B 107 18.34 -5.56 6.60
CA GLY B 107 18.50 -4.18 6.04
C GLY B 107 18.48 -4.25 4.52
N LYS B 108 18.73 -5.40 3.95
CA LYS B 108 18.72 -5.51 2.46
C LYS B 108 17.28 -5.64 1.96
N VAL B 109 17.10 -5.80 0.67
CA VAL B 109 15.72 -5.92 0.13
C VAL B 109 15.52 -7.34 -0.41
N VAL B 110 14.40 -7.94 -0.13
CA VAL B 110 14.15 -9.33 -0.64
C VAL B 110 12.94 -9.34 -1.56
N SER B 111 11.78 -8.99 -1.06
CA SER B 111 10.57 -8.99 -1.93
C SER B 111 9.99 -7.58 -2.00
N MET B 112 9.15 -7.33 -2.97
CA MET B 112 8.55 -5.97 -3.11
C MET B 112 7.27 -6.06 -3.93
N ARG B 113 6.30 -5.24 -3.62
CA ARG B 113 5.02 -5.28 -4.39
C ARG B 113 4.71 -3.88 -4.93
N ALA B 114 3.71 -3.75 -5.74
CA ALA B 114 3.36 -2.41 -6.29
C ALA B 114 1.87 -2.33 -6.55
N LEU B 115 1.29 -1.15 -6.47
CA LEU B 115 -0.17 -1.02 -6.71
C LEU B 115 -0.44 0.20 -7.59
N PHE B 116 -1.39 0.08 -8.48
CA PHE B 116 -1.75 1.22 -9.37
C PHE B 116 -2.79 0.75 -10.39
N GLY B 117 -2.86 1.41 -11.50
CA GLY B 117 -3.84 1.00 -12.54
C GLY B 117 -4.09 2.16 -13.50
N GLU B 118 -5.04 2.03 -14.37
CA GLU B 118 -5.34 3.13 -15.33
C GLU B 118 -5.85 4.36 -14.58
N LYS B 119 -6.07 4.21 -13.30
CA LYS B 119 -6.58 5.35 -12.49
C LYS B 119 -5.44 5.99 -11.71
N ASN B 120 -4.36 5.27 -11.58
CA ASN B 120 -3.20 5.80 -10.81
C ASN B 120 -2.27 6.59 -11.74
N ILE B 121 -2.30 6.32 -13.00
CA ILE B 121 -1.42 7.05 -13.94
C ILE B 121 -2.12 8.34 -14.37
N HIS B 122 -1.74 8.93 -15.48
CA HIS B 122 -2.40 10.18 -15.92
C HIS B 122 -2.36 10.30 -17.44
N ALA B 123 -3.19 11.12 -18.01
CA ALA B 123 -3.20 11.29 -19.48
C ALA B 123 -3.77 12.67 -19.84
N GLY B 124 -2.94 13.55 -20.33
CA GLY B 124 -3.44 14.91 -20.70
C GLY B 124 -3.16 15.18 -22.18
N ALA B 125 -3.86 16.13 -22.75
CA ALA B 125 -3.63 16.45 -24.18
C ALA B 125 -3.09 17.86 -24.32
N MET A 1 -10.84 -2.15 -18.17
CA MET A 1 -11.74 -3.32 -17.98
C MET A 1 -11.91 -3.62 -16.48
N ASN A 2 -12.70 -2.83 -15.79
CA ASN A 2 -12.90 -3.07 -14.34
C ASN A 2 -13.55 -1.84 -13.71
N THR A 3 -14.80 -1.94 -13.36
CA THR A 3 -15.49 -0.76 -12.74
C THR A 3 -15.00 -0.59 -11.31
N PRO A 4 -14.29 0.49 -11.08
CA PRO A 4 -13.77 0.79 -9.73
C PRO A 4 -14.92 1.20 -8.80
N GLU A 5 -16.09 1.40 -9.36
CA GLU A 5 -17.25 1.81 -8.52
C GLU A 5 -17.54 0.70 -7.50
N HIS A 6 -17.84 -0.48 -7.96
CA HIS A 6 -18.13 -1.60 -7.02
C HIS A 6 -16.89 -1.86 -6.16
N MET A 7 -15.73 -1.90 -6.78
CA MET A 7 -14.49 -2.15 -6.00
C MET A 7 -14.34 -1.06 -4.94
N THR A 8 -14.85 0.11 -5.20
CA THR A 8 -14.74 1.21 -4.20
C THR A 8 -15.71 0.94 -3.05
N ALA A 9 -16.91 0.54 -3.36
CA ALA A 9 -17.89 0.26 -2.27
C ALA A 9 -17.21 -0.62 -1.23
N VAL A 10 -16.43 -1.57 -1.68
CA VAL A 10 -15.72 -2.46 -0.73
C VAL A 10 -14.95 -1.59 0.27
N VAL A 11 -14.57 -0.41 -0.15
CA VAL A 11 -13.82 0.51 0.76
C VAL A 11 -14.81 1.37 1.53
N GLN A 12 -15.82 1.86 0.88
CA GLN A 12 -16.84 2.70 1.58
C GLN A 12 -17.49 1.84 2.64
N ARG A 13 -18.33 0.96 2.20
CA ARG A 13 -19.02 0.04 3.13
C ARG A 13 -18.03 -0.43 4.18
N TYR A 14 -16.86 -0.78 3.74
CA TYR A 14 -15.80 -1.25 4.67
C TYR A 14 -15.62 -0.20 5.78
N VAL A 15 -15.55 1.05 5.42
CA VAL A 15 -15.37 2.11 6.45
C VAL A 15 -16.73 2.50 7.03
N ALA A 16 -17.75 2.57 6.22
CA ALA A 16 -19.09 2.92 6.77
C ALA A 16 -19.33 2.03 7.99
N ALA A 17 -18.87 0.82 7.94
CA ALA A 17 -19.03 -0.10 9.09
C ALA A 17 -18.03 0.33 10.17
N LEU A 18 -16.91 0.85 9.75
CA LEU A 18 -15.89 1.32 10.72
C LEU A 18 -16.47 2.52 11.47
N ASN A 19 -16.84 3.54 10.75
CA ASN A 19 -17.44 4.74 11.39
C ASN A 19 -18.60 4.30 12.29
N ALA A 20 -19.43 3.43 11.79
CA ALA A 20 -20.58 2.95 12.60
C ALA A 20 -20.16 1.73 13.41
N GLY A 21 -18.90 1.41 13.44
CA GLY A 21 -18.44 0.22 14.21
C GLY A 21 -19.36 -0.95 13.90
N ASP A 22 -19.90 -0.99 12.72
CA ASP A 22 -20.82 -2.10 12.35
C ASP A 22 -20.02 -3.26 11.74
N LEU A 23 -19.23 -3.92 12.55
CA LEU A 23 -18.44 -5.07 12.03
C LEU A 23 -19.35 -6.02 11.25
N ASP A 24 -20.52 -6.26 11.77
CA ASP A 24 -21.48 -7.16 11.08
C ASP A 24 -21.45 -6.87 9.57
N GLY A 25 -21.18 -5.64 9.21
CA GLY A 25 -21.13 -5.28 7.77
C GLY A 25 -19.71 -5.53 7.25
N ILE A 26 -18.74 -5.25 8.06
CA ILE A 26 -17.33 -5.47 7.63
C ILE A 26 -17.15 -6.96 7.30
N VAL A 27 -17.50 -7.81 8.22
CA VAL A 27 -17.39 -9.26 7.95
C VAL A 27 -18.23 -9.59 6.73
N ALA A 28 -19.35 -8.93 6.59
CA ALA A 28 -20.22 -9.16 5.41
C ALA A 28 -19.42 -8.81 4.15
N LEU A 29 -18.83 -7.65 4.14
CA LEU A 29 -18.02 -7.23 2.97
C LEU A 29 -16.80 -8.16 2.85
N PHE A 30 -16.42 -8.78 3.93
CA PHE A 30 -15.24 -9.68 3.91
C PHE A 30 -15.66 -11.06 3.41
N ALA A 31 -14.90 -11.66 2.53
CA ALA A 31 -15.25 -13.01 2.02
C ALA A 31 -15.45 -13.97 3.20
N ASP A 32 -15.68 -15.22 2.91
CA ASP A 32 -15.88 -16.21 4.01
C ASP A 32 -14.54 -16.54 4.65
N ASP A 33 -13.48 -16.35 3.92
CA ASP A 33 -12.13 -16.64 4.44
C ASP A 33 -11.16 -15.56 3.99
N ALA A 34 -11.60 -14.33 3.93
CA ALA A 34 -10.71 -13.23 3.49
C ALA A 34 -9.42 -13.27 4.30
N THR A 35 -8.55 -12.33 4.09
CA THR A 35 -7.26 -12.31 4.84
C THR A 35 -6.90 -10.85 5.17
N VAL A 36 -6.50 -10.60 6.38
CA VAL A 36 -6.12 -9.22 6.76
C VAL A 36 -4.73 -9.25 7.40
N GLU A 37 -3.84 -8.43 6.93
CA GLU A 37 -2.47 -8.40 7.52
C GLU A 37 -2.37 -7.20 8.44
N ASP A 38 -2.21 -7.42 9.72
CA ASP A 38 -2.15 -6.27 10.66
C ASP A 38 -1.95 -6.78 12.09
N PRO A 39 -1.16 -6.07 12.87
CA PRO A 39 -0.50 -4.83 12.40
C PRO A 39 0.66 -5.15 11.45
N VAL A 40 1.34 -4.15 10.97
CA VAL A 40 2.48 -4.39 10.06
C VAL A 40 3.61 -5.09 10.81
N GLY A 41 3.51 -6.39 10.96
CA GLY A 41 4.57 -7.14 11.68
C GLY A 41 4.33 -8.64 11.51
N SER A 42 3.74 -9.03 10.42
CA SER A 42 3.49 -10.48 10.18
C SER A 42 2.41 -10.99 11.13
N GLU A 43 1.32 -10.28 11.25
CA GLU A 43 0.24 -10.74 12.17
C GLU A 43 -1.11 -10.67 11.46
N PRO A 44 -1.19 -11.35 10.35
CA PRO A 44 -2.43 -11.37 9.55
C PRO A 44 -3.44 -12.36 10.15
N ARG A 45 -4.61 -12.44 9.58
CA ARG A 45 -5.64 -13.38 10.12
C ARG A 45 -6.56 -13.83 8.97
N SER A 46 -6.42 -15.05 8.54
CA SER A 46 -7.26 -15.54 7.42
C SER A 46 -8.56 -16.15 7.98
N GLY A 47 -9.59 -16.22 7.17
CA GLY A 47 -10.87 -16.82 7.65
C GLY A 47 -11.84 -15.70 8.01
N THR A 48 -13.10 -16.01 8.18
CA THR A 48 -14.09 -14.96 8.53
C THR A 48 -13.91 -14.58 10.01
N ALA A 49 -14.04 -15.53 10.90
CA ALA A 49 -13.87 -15.23 12.35
C ALA A 49 -12.51 -14.55 12.56
N ALA A 50 -11.48 -15.07 11.95
CA ALA A 50 -10.14 -14.46 12.11
C ALA A 50 -10.17 -13.02 11.63
N ILE A 51 -10.95 -12.73 10.62
CA ILE A 51 -11.03 -11.33 10.10
C ILE A 51 -11.95 -10.51 11.01
N ARG A 52 -12.99 -11.11 11.52
CA ARG A 52 -13.91 -10.36 12.42
C ARG A 52 -13.29 -10.26 13.80
N GLU A 53 -12.96 -11.38 14.41
CA GLU A 53 -12.34 -11.34 15.75
C GLU A 53 -11.24 -10.27 15.74
N PHE A 54 -10.67 -10.02 14.59
CA PHE A 54 -9.61 -8.99 14.48
C PHE A 54 -10.29 -7.64 14.34
N PHE A 55 -10.89 -7.40 13.21
CA PHE A 55 -11.59 -6.10 12.99
C PHE A 55 -12.46 -5.80 14.22
N ALA A 56 -12.84 -6.81 14.94
CA ALA A 56 -13.69 -6.59 16.15
C ALA A 56 -12.78 -6.13 17.30
N ASN A 57 -11.69 -6.80 17.50
CA ASN A 57 -10.75 -6.39 18.59
C ASN A 57 -10.18 -5.01 18.25
N SER A 58 -10.10 -4.69 16.99
CA SER A 58 -9.58 -3.36 16.60
C SER A 58 -10.68 -2.32 16.79
N LEU A 59 -11.89 -2.66 16.42
CA LEU A 59 -13.01 -1.71 16.59
C LEU A 59 -13.17 -1.40 18.09
N LYS A 60 -12.60 -2.22 18.93
CA LYS A 60 -12.71 -1.98 20.39
C LYS A 60 -12.19 -0.58 20.70
N LEU A 61 -11.43 0.00 19.80
CA LEU A 61 -10.91 1.37 20.03
C LEU A 61 -11.93 2.38 19.48
N PRO A 62 -12.45 3.19 20.36
CA PRO A 62 -13.46 4.20 19.96
C PRO A 62 -12.84 5.31 19.12
N LEU A 63 -13.14 5.36 17.85
CA LEU A 63 -12.55 6.43 17.00
C LEU A 63 -13.55 6.86 15.93
N ALA A 64 -13.19 7.83 15.15
CA ALA A 64 -14.11 8.30 14.06
C ALA A 64 -13.47 7.98 12.71
N VAL A 65 -14.16 7.30 11.86
CA VAL A 65 -13.58 6.95 10.53
C VAL A 65 -14.19 7.85 9.46
N GLU A 66 -13.38 8.63 8.80
CA GLU A 66 -13.90 9.53 7.74
C GLU A 66 -12.85 9.67 6.64
N LEU A 67 -13.05 9.03 5.52
CA LEU A 67 -12.06 9.12 4.41
C LEU A 67 -11.67 10.59 4.19
N THR A 68 -10.73 10.84 3.32
CA THR A 68 -10.32 12.24 3.06
C THR A 68 -9.70 12.35 1.67
N GLN A 69 -8.97 11.36 1.28
CA GLN A 69 -8.35 11.38 -0.07
C GLN A 69 -9.18 10.54 -1.03
N GLU A 70 -8.58 9.99 -2.04
CA GLU A 70 -9.36 9.16 -3.01
C GLU A 70 -8.97 7.68 -2.85
N VAL A 71 -9.95 6.82 -2.73
CA VAL A 71 -9.64 5.38 -2.59
C VAL A 71 -8.87 4.90 -3.81
N ARG A 72 -7.97 3.98 -3.63
CA ARG A 72 -7.18 3.48 -4.80
C ARG A 72 -7.66 2.09 -5.20
N ALA A 73 -7.86 1.85 -6.46
CA ALA A 73 -8.33 0.51 -6.92
C ALA A 73 -7.72 0.20 -8.29
N VAL A 74 -7.42 -1.04 -8.55
CA VAL A 74 -6.82 -1.40 -9.86
C VAL A 74 -7.49 -2.67 -10.41
N ALA A 75 -6.77 -3.43 -11.18
CA ALA A 75 -7.32 -4.68 -11.77
C ALA A 75 -8.30 -5.36 -10.80
N ASN A 76 -7.82 -6.23 -9.97
CA ASN A 76 -8.73 -6.93 -9.02
C ASN A 76 -8.41 -6.51 -7.58
N GLU A 77 -7.27 -5.92 -7.35
CA GLU A 77 -6.92 -5.50 -5.96
C GLU A 77 -6.99 -3.98 -5.87
N ALA A 78 -7.06 -3.46 -4.68
CA ALA A 78 -7.16 -1.98 -4.51
C ALA A 78 -6.36 -1.52 -3.30
N ALA A 79 -6.30 -0.24 -3.07
CA ALA A 79 -5.57 0.30 -1.89
C ALA A 79 -6.24 1.60 -1.45
N PHE A 80 -6.42 1.81 -0.18
CA PHE A 80 -7.09 3.06 0.27
C PHE A 80 -6.57 3.47 1.65
N ALA A 81 -6.93 4.64 2.10
CA ALA A 81 -6.46 5.10 3.43
C ALA A 81 -7.60 5.82 4.15
N PHE A 82 -7.30 6.53 5.20
CA PHE A 82 -8.34 7.26 5.95
C PHE A 82 -7.73 7.87 7.21
N THR A 83 -8.56 8.41 8.07
CA THR A 83 -8.02 9.01 9.31
C THR A 83 -8.82 8.51 10.52
N VAL A 84 -8.17 8.31 11.63
CA VAL A 84 -8.88 7.83 12.84
C VAL A 84 -8.78 8.90 13.93
N SER A 85 -9.88 9.47 14.31
CA SER A 85 -9.85 10.52 15.36
C SER A 85 -10.43 9.94 16.66
N PHE A 86 -9.58 9.61 17.59
CA PHE A 86 -10.08 9.04 18.88
C PHE A 86 -9.61 9.92 20.04
N GLU A 87 -10.01 9.59 21.24
CA GLU A 87 -9.60 10.42 22.42
C GLU A 87 -8.53 9.69 23.25
N PHE A 88 -8.09 10.31 24.30
CA PHE A 88 -7.04 9.67 25.16
C PHE A 88 -7.40 9.89 26.63
N GLN A 89 -8.64 9.72 26.99
CA GLN A 89 -9.06 9.90 28.41
C GLN A 89 -8.33 11.11 29.01
N GLY A 90 -8.75 12.30 28.67
CA GLY A 90 -8.07 13.51 29.21
C GLY A 90 -7.48 14.31 28.05
N ARG A 91 -6.89 13.65 27.10
CA ARG A 91 -6.30 14.36 25.94
C ARG A 91 -6.89 13.77 24.65
N LYS A 92 -6.49 14.28 23.51
CA LYS A 92 -7.03 13.75 22.23
C LYS A 92 -5.89 13.35 21.31
N THR A 93 -6.05 12.26 20.63
CA THR A 93 -4.99 11.78 19.70
C THR A 93 -5.64 11.31 18.40
N VAL A 94 -4.93 11.38 17.31
CA VAL A 94 -5.51 10.94 16.01
C VAL A 94 -4.58 9.90 15.37
N VAL A 95 -4.94 9.42 14.20
CA VAL A 95 -4.08 8.42 13.52
C VAL A 95 -4.23 8.57 12.01
N ALA A 96 -3.16 8.43 11.27
CA ALA A 96 -3.24 8.58 9.79
C ALA A 96 -2.59 7.38 9.08
N PRO A 97 -3.24 6.27 9.16
CA PRO A 97 -2.74 5.03 8.52
C PRO A 97 -3.37 4.83 7.14
N ILE A 98 -3.10 3.72 6.53
CA ILE A 98 -3.70 3.42 5.19
C ILE A 98 -4.07 1.94 5.13
N ASP A 99 -4.82 1.54 4.15
CA ASP A 99 -5.21 0.11 4.06
C ASP A 99 -5.05 -0.37 2.61
N HIS A 100 -4.96 -1.65 2.42
CA HIS A 100 -4.81 -2.20 1.04
C HIS A 100 -5.92 -3.20 0.79
N PHE A 101 -6.57 -3.12 -0.34
CA PHE A 101 -7.67 -4.06 -0.62
C PHE A 101 -7.25 -5.03 -1.73
N ARG A 102 -7.72 -6.23 -1.65
CA ARG A 102 -7.35 -7.24 -2.69
C ARG A 102 -8.56 -8.16 -2.91
N PHE A 103 -9.15 -8.12 -4.07
CA PHE A 103 -10.33 -8.99 -4.33
C PHE A 103 -9.87 -10.34 -4.89
N ASN A 104 -10.78 -11.11 -5.42
CA ASN A 104 -10.39 -12.44 -5.98
C ASN A 104 -11.01 -12.60 -7.37
N GLY A 105 -12.26 -12.23 -7.52
CA GLY A 105 -12.92 -12.36 -8.84
C GLY A 105 -13.84 -11.17 -9.08
N ALA A 106 -14.85 -11.01 -8.26
CA ALA A 106 -15.78 -9.86 -8.43
C ALA A 106 -17.05 -10.12 -7.62
N GLY A 107 -16.99 -9.93 -6.33
CA GLY A 107 -18.20 -10.15 -5.48
C GLY A 107 -17.97 -9.55 -4.09
N LYS A 108 -16.86 -9.85 -3.48
CA LYS A 108 -16.59 -9.28 -2.12
C LYS A 108 -15.08 -9.17 -1.91
N VAL A 109 -14.65 -9.03 -0.68
CA VAL A 109 -13.20 -8.91 -0.41
C VAL A 109 -12.65 -10.29 -0.01
N VAL A 110 -11.45 -10.60 -0.42
CA VAL A 110 -10.87 -11.92 -0.05
C VAL A 110 -9.51 -11.72 0.63
N SER A 111 -8.97 -10.53 0.58
CA SER A 111 -7.65 -10.28 1.22
C SER A 111 -7.50 -8.78 1.48
N MET A 112 -6.67 -8.41 2.43
CA MET A 112 -6.48 -6.97 2.73
C MET A 112 -5.17 -6.77 3.49
N ARG A 113 -4.54 -5.64 3.30
CA ARG A 113 -3.26 -5.36 4.02
C ARG A 113 -3.36 -3.99 4.69
N ALA A 114 -2.73 -3.82 5.83
CA ALA A 114 -2.81 -2.50 6.51
C ALA A 114 -1.40 -1.93 6.70
N LEU A 115 -1.21 -0.68 6.36
CA LEU A 115 0.13 -0.06 6.54
C LEU A 115 0.01 1.17 7.43
N PHE A 116 0.98 1.38 8.27
CA PHE A 116 0.96 2.55 9.19
C PHE A 116 2.15 2.46 10.13
N GLY A 117 2.03 3.02 11.30
CA GLY A 117 3.15 2.96 12.27
C GLY A 117 2.91 3.94 13.41
N GLU A 118 3.69 3.87 14.45
CA GLU A 118 3.52 4.80 15.59
C GLU A 118 3.93 6.21 15.16
N LYS A 119 4.45 6.34 13.97
CA LYS A 119 4.87 7.68 13.47
C LYS A 119 3.71 8.31 12.71
N ASN A 120 2.87 7.47 12.19
CA ASN A 120 1.70 7.98 11.41
C ASN A 120 0.52 8.21 12.36
N ILE A 121 0.78 8.21 13.65
CA ILE A 121 -0.31 8.44 14.62
C ILE A 121 -0.40 9.94 14.89
N HIS A 122 -0.83 10.34 16.07
CA HIS A 122 -0.91 11.80 16.36
C HIS A 122 -0.74 12.01 17.87
N ALA A 123 -0.67 13.25 18.29
CA ALA A 123 -0.52 13.52 19.76
C ALA A 123 -1.06 14.92 20.07
N GLY A 124 -2.33 15.01 20.36
CA GLY A 124 -2.92 16.34 20.67
C GLY A 124 -2.34 16.87 21.99
N ALA A 125 -1.94 18.11 22.00
CA ALA A 125 -1.36 18.68 23.26
C ALA A 125 -1.65 20.18 23.32
N MET B 1 12.70 3.09 18.55
CA MET B 1 11.74 2.01 18.20
C MET B 1 11.68 1.81 16.68
N ASN B 2 12.62 1.10 16.14
CA ASN B 2 12.63 0.87 14.67
C ASN B 2 12.77 2.21 13.94
N THR B 3 13.96 2.75 13.89
CA THR B 3 14.16 4.05 13.20
C THR B 3 13.82 3.91 11.72
N PRO B 4 12.83 4.64 11.30
CA PRO B 4 12.40 4.59 9.88
C PRO B 4 13.43 5.29 9.00
N GLU B 5 14.44 5.86 9.61
CA GLU B 5 15.49 6.56 8.81
C GLU B 5 16.14 5.57 7.85
N HIS B 6 16.79 4.57 8.36
CA HIS B 6 17.44 3.57 7.47
C HIS B 6 16.40 2.94 6.55
N MET B 7 15.26 2.60 7.08
CA MET B 7 14.19 1.99 6.25
C MET B 7 13.84 2.95 5.10
N THR B 8 14.00 4.21 5.31
CA THR B 8 13.67 5.20 4.24
C THR B 8 14.79 5.18 3.19
N ALA B 9 16.01 5.01 3.62
CA ALA B 9 17.13 4.98 2.64
C ALA B 9 16.83 3.94 1.57
N VAL B 10 16.38 2.78 1.97
CA VAL B 10 16.06 1.73 0.97
C VAL B 10 15.11 2.33 -0.08
N VAL B 11 14.36 3.32 0.30
CA VAL B 11 13.42 3.97 -0.66
C VAL B 11 14.17 5.01 -1.50
N GLN B 12 14.96 5.83 -0.88
CA GLN B 12 15.72 6.85 -1.63
C GLN B 12 16.56 6.16 -2.68
N ARG B 13 17.59 5.53 -2.23
CA ARG B 13 18.48 4.79 -3.16
C ARG B 13 17.62 4.03 -4.16
N TYR B 14 16.60 3.39 -3.67
CA TYR B 14 15.68 2.62 -4.56
C TYR B 14 15.24 3.52 -5.71
N VAL B 15 14.88 4.74 -5.43
CA VAL B 15 14.44 5.66 -6.52
C VAL B 15 15.65 6.40 -7.08
N ALA B 16 16.57 6.82 -6.24
CA ALA B 16 17.78 7.51 -6.77
C ALA B 16 18.32 6.67 -7.91
N ALA B 17 18.23 5.37 -7.80
CA ALA B 17 18.70 4.49 -8.89
C ALA B 17 17.68 4.55 -10.02
N LEU B 18 16.43 4.70 -9.67
CA LEU B 18 15.36 4.81 -10.69
C LEU B 18 15.61 6.07 -11.51
N ASN B 19 15.63 7.19 -10.84
CA ASN B 19 15.87 8.49 -11.53
C ASN B 19 17.15 8.40 -12.35
N ALA B 20 18.19 7.87 -11.76
CA ALA B 20 19.48 7.75 -12.50
C ALA B 20 19.53 6.42 -13.25
N GLY B 21 18.44 5.72 -13.29
CA GLY B 21 18.43 4.41 -14.01
C GLY B 21 19.63 3.57 -13.57
N ASP B 22 19.97 3.65 -12.32
CA ASP B 22 21.14 2.87 -11.82
C ASP B 22 20.65 1.57 -11.16
N LEU B 23 19.98 0.73 -11.89
CA LEU B 23 19.50 -0.55 -11.30
C LEU B 23 20.62 -1.19 -10.51
N ASP B 24 21.82 -1.12 -11.02
CA ASP B 24 22.98 -1.72 -10.31
C ASP B 24 22.85 -1.44 -8.82
N GLY B 25 22.26 -0.33 -8.48
CA GLY B 25 22.07 0.00 -7.04
C GLY B 25 20.75 -0.59 -6.57
N ILE B 26 19.77 -0.56 -7.42
CA ILE B 26 18.45 -1.14 -7.06
C ILE B 26 18.66 -2.61 -6.72
N VAL B 27 19.26 -3.35 -7.62
CA VAL B 27 19.52 -4.79 -7.33
C VAL B 27 20.37 -4.87 -6.07
N ALA B 28 21.34 -4.00 -5.96
CA ALA B 28 22.21 -4.00 -4.74
C ALA B 28 21.29 -3.88 -3.52
N LEU B 29 20.36 -2.96 -3.57
CA LEU B 29 19.42 -2.77 -2.43
C LEU B 29 18.48 -3.97 -2.37
N PHE B 30 18.20 -4.58 -3.49
CA PHE B 30 17.28 -5.74 -3.50
C PHE B 30 18.04 -7.00 -3.06
N ALA B 31 17.49 -7.72 -2.13
CA ALA B 31 18.16 -8.96 -1.66
C ALA B 31 18.59 -9.82 -2.87
N ASP B 32 19.21 -10.94 -2.62
CA ASP B 32 19.65 -11.81 -3.75
C ASP B 32 18.43 -12.38 -4.47
N ASP B 33 17.32 -12.44 -3.79
CA ASP B 33 16.09 -12.98 -4.42
C ASP B 33 14.87 -12.26 -3.86
N ALA B 34 14.86 -10.95 -3.90
CA ALA B 34 13.69 -10.20 -3.37
C ALA B 34 12.45 -10.53 -4.19
N THR B 35 11.29 -10.37 -3.62
CA THR B 35 10.04 -10.67 -4.37
C THR B 35 9.45 -9.37 -4.93
N VAL B 36 8.62 -9.47 -5.92
CA VAL B 36 8.02 -8.24 -6.52
C VAL B 36 6.54 -8.51 -6.82
N GLU B 37 5.81 -7.50 -7.22
CA GLU B 37 4.38 -7.69 -7.54
C GLU B 37 4.00 -6.68 -8.62
N ASP B 38 3.84 -7.11 -9.84
CA ASP B 38 3.51 -6.14 -10.92
C ASP B 38 3.32 -6.88 -12.24
N PRO B 39 2.33 -6.50 -13.01
CA PRO B 39 1.41 -5.39 -12.63
C PRO B 39 0.47 -5.85 -11.50
N VAL B 40 -0.48 -5.04 -11.15
CA VAL B 40 -1.43 -5.43 -10.06
C VAL B 40 -2.35 -6.54 -10.58
N GLY B 41 -1.88 -7.77 -10.57
CA GLY B 41 -2.72 -8.89 -11.05
C GLY B 41 -2.00 -10.22 -10.80
N SER B 42 -1.27 -10.31 -9.72
CA SER B 42 -0.53 -11.57 -9.42
C SER B 42 0.62 -11.75 -10.41
N GLU B 43 1.46 -10.76 -10.54
CA GLU B 43 2.61 -10.89 -11.48
C GLU B 43 3.91 -10.50 -10.76
N PRO B 44 4.20 -11.26 -9.74
CA PRO B 44 5.41 -11.02 -8.92
C PRO B 44 6.66 -11.54 -9.64
N ARG B 45 7.82 -11.21 -9.13
CA ARG B 45 9.08 -11.70 -9.75
C ARG B 45 10.15 -11.82 -8.66
N SER B 46 10.38 -13.01 -8.17
CA SER B 46 11.39 -13.19 -7.10
C SER B 46 12.76 -13.50 -7.70
N GLY B 47 13.79 -13.44 -6.90
CA GLY B 47 15.16 -13.75 -7.41
C GLY B 47 15.83 -12.45 -7.85
N THR B 48 17.13 -12.45 -8.00
CA THR B 48 17.84 -11.22 -8.45
C THR B 48 17.59 -11.02 -9.95
N ALA B 49 17.80 -12.05 -10.73
CA ALA B 49 17.57 -11.91 -12.19
C ALA B 49 16.13 -11.45 -12.44
N ALA B 50 15.19 -11.99 -11.73
CA ALA B 50 13.78 -11.58 -11.92
C ALA B 50 13.61 -10.13 -11.48
N ILE B 51 13.98 -9.81 -10.27
CA ILE B 51 13.84 -8.42 -9.77
C ILE B 51 14.54 -7.47 -10.74
N ARG B 52 15.73 -7.81 -11.16
CA ARG B 52 16.46 -6.93 -12.11
C ARG B 52 15.82 -7.03 -13.50
N GLU B 53 15.75 -8.22 -14.04
CA GLU B 53 15.13 -8.38 -15.38
C GLU B 53 13.82 -7.59 -15.41
N PHE B 54 13.20 -7.43 -14.28
CA PHE B 54 11.93 -6.67 -14.21
C PHE B 54 12.26 -5.20 -14.01
N PHE B 55 12.73 -4.85 -12.85
CA PHE B 55 13.09 -3.43 -12.58
C PHE B 55 13.94 -2.91 -13.74
N ALA B 56 14.60 -3.78 -14.43
CA ALA B 56 15.45 -3.34 -15.58
C ALA B 56 14.55 -3.09 -16.80
N ASN B 57 13.68 -4.03 -17.09
CA ASN B 57 12.77 -3.84 -18.25
C ASN B 57 11.92 -2.59 -18.02
N SER B 58 11.59 -2.33 -16.78
CA SER B 58 10.78 -1.12 -16.47
C SER B 58 11.64 0.12 -16.68
N LEU B 59 12.89 0.05 -16.31
CA LEU B 59 13.79 1.21 -16.48
C LEU B 59 13.90 1.54 -17.97
N LYS B 60 13.62 0.58 -18.81
CA LYS B 60 13.71 0.82 -20.28
C LYS B 60 12.66 1.88 -20.68
N LEU B 61 11.77 2.20 -19.78
CA LEU B 61 10.74 3.22 -20.09
C LEU B 61 11.29 4.60 -19.70
N PRO B 62 11.42 5.44 -20.69
CA PRO B 62 11.97 6.81 -20.44
C PRO B 62 10.99 7.65 -19.62
N LEU B 63 10.97 7.45 -18.33
CA LEU B 63 10.02 8.23 -17.48
C LEU B 63 10.83 9.07 -16.48
N ALA B 64 10.19 10.03 -15.86
CA ALA B 64 10.89 10.87 -14.86
C ALA B 64 10.52 10.40 -13.46
N VAL B 65 11.49 10.19 -12.62
CA VAL B 65 11.18 9.72 -11.23
C VAL B 65 11.62 10.76 -10.21
N GLU B 66 10.69 11.35 -9.51
CA GLU B 66 11.04 12.37 -8.49
C GLU B 66 9.99 12.34 -7.37
N LEU B 67 10.30 11.72 -6.27
CA LEU B 67 9.32 11.67 -5.15
C LEU B 67 8.77 13.07 -4.88
N THR B 68 7.85 13.18 -3.96
CA THR B 68 7.27 14.52 -3.63
C THR B 68 6.65 14.50 -2.24
N GLN B 69 6.03 13.41 -1.90
CA GLN B 69 5.40 13.30 -0.55
C GLN B 69 6.38 12.66 0.42
N GLU B 70 5.87 11.97 1.41
CA GLU B 70 6.79 11.32 2.40
C GLU B 70 6.70 9.79 2.25
N VAL B 71 7.83 9.14 2.16
CA VAL B 71 7.81 7.66 2.02
C VAL B 71 7.30 7.04 3.32
N ARG B 72 6.64 5.93 3.24
CA ARG B 72 6.10 5.29 4.48
C ARG B 72 6.99 4.09 4.86
N ALA B 73 7.27 3.94 6.13
CA ALA B 73 8.11 2.79 6.57
C ALA B 73 7.73 2.38 8.00
N VAL B 74 7.53 1.11 8.23
CA VAL B 74 7.16 0.66 9.59
C VAL B 74 8.13 -0.42 10.07
N ALA B 75 7.68 -1.28 10.94
CA ALA B 75 8.55 -2.36 11.49
C ALA B 75 9.51 -2.88 10.42
N ASN B 76 9.17 -3.95 9.74
CA ASN B 76 10.08 -4.50 8.71
C ASN B 76 9.49 -4.30 7.31
N GLU B 77 8.54 -3.43 7.18
CA GLU B 77 7.94 -3.19 5.84
C GLU B 77 8.02 -1.72 5.48
N ALA B 78 7.22 -1.28 4.56
CA ALA B 78 7.24 0.16 4.16
C ALA B 78 6.35 0.36 2.94
N ALA B 79 5.95 1.58 2.71
CA ALA B 79 5.08 1.87 1.53
C ALA B 79 5.35 3.30 1.06
N PHE B 80 5.52 3.51 -0.22
CA PHE B 80 5.79 4.89 -0.69
C PHE B 80 5.25 5.08 -2.10
N ALA B 81 5.20 6.30 -2.56
CA ALA B 81 4.67 6.58 -3.92
C ALA B 81 5.54 7.62 -4.62
N PHE B 82 5.05 8.18 -5.69
CA PHE B 82 5.82 9.19 -6.44
C PHE B 82 5.14 9.46 -7.78
N THR B 83 5.79 10.17 -8.64
CA THR B 83 5.17 10.45 -9.97
C THR B 83 6.11 9.99 -11.08
N VAL B 84 5.57 9.44 -12.13
CA VAL B 84 6.43 8.96 -13.24
C VAL B 84 5.97 9.62 -14.54
N SER B 85 6.79 10.47 -15.11
CA SER B 85 6.40 11.14 -16.38
C SER B 85 7.31 10.67 -17.51
N PHE B 86 6.76 10.04 -18.50
CA PHE B 86 7.60 9.55 -19.62
C PHE B 86 7.08 10.13 -20.95
N GLU B 87 7.75 9.87 -22.03
CA GLU B 87 7.30 10.41 -23.34
C GLU B 87 7.21 9.26 -24.37
N PHE B 88 6.34 9.39 -25.33
CA PHE B 88 6.20 8.32 -26.35
C PHE B 88 7.07 8.67 -27.57
N GLN B 89 6.46 9.06 -28.66
CA GLN B 89 7.26 9.41 -29.87
C GLN B 89 6.98 10.87 -30.26
N GLY B 90 5.90 11.42 -29.78
CA GLY B 90 5.57 12.83 -30.11
C GLY B 90 4.81 13.47 -28.95
N ARG B 91 3.91 12.74 -28.34
CA ARG B 91 3.14 13.30 -27.20
C ARG B 91 3.88 13.01 -25.90
N LYS B 92 3.31 13.37 -24.79
CA LYS B 92 3.98 13.12 -23.48
C LYS B 92 2.93 12.60 -22.47
N THR B 93 3.25 11.56 -21.75
CA THR B 93 2.28 11.01 -20.77
C THR B 93 2.86 11.09 -19.36
N VAL B 94 2.02 11.31 -18.38
CA VAL B 94 2.51 11.40 -16.97
C VAL B 94 1.89 10.26 -16.17
N VAL B 95 2.44 9.94 -15.01
CA VAL B 95 1.86 8.83 -14.20
C VAL B 95 1.84 9.20 -12.73
N ALA B 96 0.97 8.57 -12.00
CA ALA B 96 0.87 8.84 -10.53
C ALA B 96 0.59 7.54 -9.79
N PRO B 97 1.58 6.67 -9.79
CA PRO B 97 1.46 5.36 -9.14
C PRO B 97 2.05 5.37 -7.73
N ILE B 98 2.08 4.22 -7.10
CA ILE B 98 2.66 4.14 -5.73
C ILE B 98 3.45 2.83 -5.62
N ASP B 99 4.22 2.66 -4.58
CA ASP B 99 5.01 1.41 -4.45
C ASP B 99 4.97 0.91 -3.00
N HIS B 100 5.23 -0.35 -2.80
CA HIS B 100 5.22 -0.89 -1.41
C HIS B 100 6.63 -1.30 -1.03
N PHE B 101 6.85 -1.67 0.21
CA PHE B 101 8.22 -2.06 0.62
C PHE B 101 8.16 -3.20 1.65
N ARG B 102 9.13 -4.07 1.62
CA ARG B 102 9.16 -5.18 2.60
C ARG B 102 10.61 -5.47 2.99
N PHE B 103 11.00 -5.14 4.19
CA PHE B 103 12.40 -5.38 4.63
C PHE B 103 12.52 -6.77 5.25
N ASN B 104 13.69 -7.13 5.68
CA ASN B 104 13.88 -8.47 6.30
C ASN B 104 15.01 -8.40 7.33
N GLY B 105 15.36 -7.22 7.75
CA GLY B 105 16.46 -7.08 8.75
C GLY B 105 17.77 -6.74 8.03
N ALA B 106 18.68 -6.09 8.70
CA ALA B 106 19.98 -5.73 8.04
C ALA B 106 19.79 -4.48 7.17
N GLY B 107 18.58 -4.03 7.02
CA GLY B 107 18.33 -2.81 6.19
C GLY B 107 18.24 -3.21 4.71
N LYS B 108 18.57 -4.43 4.38
CA LYS B 108 18.50 -4.85 2.95
C LYS B 108 17.03 -4.92 2.52
N VAL B 109 16.79 -5.16 1.26
CA VAL B 109 15.38 -5.23 0.77
C VAL B 109 15.05 -6.69 0.42
N VAL B 110 13.81 -7.07 0.52
CA VAL B 110 13.46 -8.48 0.18
C VAL B 110 12.16 -8.52 -0.64
N SER B 111 11.10 -7.96 -0.13
CA SER B 111 9.83 -8.00 -0.91
C SER B 111 9.38 -6.57 -1.23
N MET B 112 8.52 -6.43 -2.21
CA MET B 112 8.04 -5.07 -2.58
C MET B 112 6.74 -5.20 -3.37
N ARG B 113 5.80 -4.32 -3.14
CA ARG B 113 4.51 -4.39 -3.88
C ARG B 113 4.34 -3.15 -4.74
N ALA B 114 3.53 -3.21 -5.75
CA ALA B 114 3.33 -2.02 -6.63
C ALA B 114 1.84 -1.69 -6.68
N LEU B 115 1.50 -0.43 -6.61
CA LEU B 115 0.07 -0.05 -6.66
C LEU B 115 -0.14 1.11 -7.63
N PHE B 116 -1.22 1.09 -8.35
CA PHE B 116 -1.52 2.17 -9.32
C PHE B 116 -2.73 1.75 -10.16
N GLY B 117 -2.87 2.30 -11.32
CA GLY B 117 -4.02 1.94 -12.18
C GLY B 117 -4.32 3.09 -13.15
N GLU B 118 -5.26 2.92 -14.03
CA GLU B 118 -5.60 4.01 -14.99
C GLU B 118 -5.93 5.28 -14.21
N LYS B 119 -6.22 5.14 -12.95
CA LYS B 119 -6.54 6.30 -12.09
C LYS B 119 -5.26 6.88 -11.53
N ASN B 120 -4.25 6.07 -11.43
CA ASN B 120 -2.96 6.54 -10.88
C ASN B 120 -2.10 7.07 -12.02
N ILE B 121 -2.18 6.48 -13.17
CA ILE B 121 -1.37 6.95 -14.32
C ILE B 121 -2.13 8.06 -15.03
N HIS B 122 -1.67 8.51 -16.17
CA HIS B 122 -2.38 9.61 -16.87
C HIS B 122 -2.15 9.50 -18.38
N ALA B 123 -2.82 10.30 -19.15
CA ALA B 123 -2.63 10.24 -20.63
C ALA B 123 -3.02 11.59 -21.25
N GLY B 124 -2.09 12.52 -21.29
CA GLY B 124 -2.40 13.85 -21.86
C GLY B 124 -1.95 13.89 -23.33
N ALA B 125 -2.41 14.85 -24.08
CA ALA B 125 -2.02 14.95 -25.51
C ALA B 125 -1.59 16.38 -25.84
N MET A 1 -10.33 1.79 -18.68
CA MET A 1 -11.52 0.89 -18.82
C MET A 1 -11.67 0.02 -17.56
N ASN A 2 -11.57 0.61 -16.41
CA ASN A 2 -11.72 -0.18 -15.15
C ASN A 2 -12.77 0.48 -14.25
N THR A 3 -13.76 -0.26 -13.83
CA THR A 3 -14.81 0.32 -12.96
C THR A 3 -14.41 0.16 -11.49
N PRO A 4 -14.07 1.27 -10.88
CA PRO A 4 -13.66 1.26 -9.45
C PRO A 4 -14.89 1.09 -8.55
N GLU A 5 -16.06 0.94 -9.13
CA GLU A 5 -17.29 0.77 -8.32
C GLU A 5 -17.16 -0.46 -7.42
N HIS A 6 -17.36 -1.63 -7.96
CA HIS A 6 -17.26 -2.86 -7.12
C HIS A 6 -16.00 -2.79 -6.26
N MET A 7 -14.97 -2.16 -6.75
CA MET A 7 -13.72 -2.05 -5.96
C MET A 7 -13.94 -1.08 -4.80
N THR A 8 -14.32 0.14 -5.08
CA THR A 8 -14.54 1.13 -3.99
C THR A 8 -15.60 0.59 -3.04
N ALA A 9 -16.61 -0.05 -3.56
CA ALA A 9 -17.68 -0.58 -2.67
C ALA A 9 -17.01 -1.38 -1.54
N VAL A 10 -16.02 -2.15 -1.86
CA VAL A 10 -15.32 -2.93 -0.80
C VAL A 10 -14.73 -1.95 0.21
N VAL A 11 -14.54 -0.73 -0.19
CA VAL A 11 -13.97 0.28 0.75
C VAL A 11 -15.09 0.98 1.52
N GLN A 12 -16.10 1.43 0.83
CA GLN A 12 -17.23 2.11 1.52
C GLN A 12 -17.82 1.17 2.55
N ARG A 13 -18.33 0.05 2.11
CA ARG A 13 -18.91 -0.93 3.06
C ARG A 13 -17.86 -1.27 4.11
N TYR A 14 -16.67 -1.52 3.67
CA TYR A 14 -15.56 -1.86 4.62
C TYR A 14 -15.54 -0.83 5.75
N VAL A 15 -15.70 0.42 5.43
CA VAL A 15 -15.68 1.46 6.48
C VAL A 15 -17.10 1.66 7.03
N ALA A 16 -18.10 1.61 6.19
CA ALA A 16 -19.49 1.76 6.70
C ALA A 16 -19.64 0.83 7.90
N ALA A 17 -19.04 -0.33 7.82
CA ALA A 17 -19.10 -1.29 8.95
C ALA A 17 -18.21 -0.75 10.06
N LEU A 18 -17.13 -0.09 9.69
CA LEU A 18 -16.22 0.49 10.69
C LEU A 18 -16.97 1.60 11.42
N ASN A 19 -17.41 2.59 10.69
CA ASN A 19 -18.16 3.71 11.31
C ASN A 19 -19.31 3.14 12.15
N ALA A 20 -19.96 2.13 11.65
CA ALA A 20 -21.09 1.52 12.41
C ALA A 20 -20.56 0.41 13.32
N GLY A 21 -19.27 0.20 13.33
CA GLY A 21 -18.69 -0.86 14.20
C GLY A 21 -19.43 -2.17 13.93
N ASP A 22 -19.69 -2.47 12.69
CA ASP A 22 -20.41 -3.73 12.36
C ASP A 22 -19.42 -4.75 11.77
N LEU A 23 -18.67 -5.42 12.61
CA LEU A 23 -17.71 -6.42 12.11
C LEU A 23 -18.42 -7.40 11.17
N ASP A 24 -19.72 -7.49 11.27
CA ASP A 24 -20.47 -8.42 10.38
C ASP A 24 -20.25 -8.02 8.92
N GLY A 25 -20.52 -6.79 8.58
CA GLY A 25 -20.32 -6.34 7.19
C GLY A 25 -18.84 -6.38 6.85
N ILE A 26 -18.01 -6.20 7.84
CA ILE A 26 -16.55 -6.26 7.60
C ILE A 26 -16.18 -7.68 7.21
N VAL A 27 -16.45 -8.63 8.07
CA VAL A 27 -16.14 -10.04 7.74
C VAL A 27 -16.97 -10.42 6.52
N ALA A 28 -18.20 -9.98 6.47
CA ALA A 28 -19.05 -10.28 5.29
C ALA A 28 -18.32 -9.81 4.04
N LEU A 29 -17.88 -8.57 4.05
CA LEU A 29 -17.14 -8.03 2.89
C LEU A 29 -15.82 -8.79 2.75
N PHE A 30 -15.33 -9.33 3.83
CA PHE A 30 -14.06 -10.08 3.78
C PHE A 30 -14.33 -11.55 3.44
N ALA A 31 -13.62 -12.08 2.49
CA ALA A 31 -13.83 -13.50 2.10
C ALA A 31 -13.93 -14.37 3.37
N ASP A 32 -14.30 -15.61 3.21
CA ASP A 32 -14.42 -16.50 4.40
C ASP A 32 -13.07 -16.65 5.08
N ASP A 33 -12.01 -16.43 4.34
CA ASP A 33 -10.66 -16.55 4.94
C ASP A 33 -9.75 -15.45 4.37
N ALA A 34 -10.19 -14.22 4.44
CA ALA A 34 -9.35 -13.10 3.92
C ALA A 34 -8.10 -12.95 4.77
N THR A 35 -7.15 -12.19 4.32
CA THR A 35 -5.90 -12.00 5.12
C THR A 35 -5.63 -10.51 5.29
N VAL A 36 -5.23 -10.10 6.46
CA VAL A 36 -4.95 -8.65 6.69
C VAL A 36 -3.62 -8.51 7.43
N GLU A 37 -2.70 -7.77 6.88
CA GLU A 37 -1.39 -7.58 7.55
C GLU A 37 -1.48 -6.37 8.48
N ASP A 38 -1.49 -6.61 9.75
CA ASP A 38 -1.61 -5.46 10.70
C ASP A 38 -1.56 -5.96 12.15
N PRO A 39 -0.91 -5.20 13.01
CA PRO A 39 -0.26 -3.92 12.61
C PRO A 39 1.01 -4.21 11.80
N VAL A 40 1.71 -3.18 11.39
CA VAL A 40 2.95 -3.39 10.59
C VAL A 40 4.06 -3.90 11.51
N GLY A 41 4.49 -5.12 11.32
CA GLY A 41 5.56 -5.68 12.18
C GLY A 41 4.96 -6.64 13.20
N SER A 42 3.73 -7.02 13.02
CA SER A 42 3.08 -7.96 13.99
C SER A 42 2.68 -9.23 13.26
N GLU A 43 1.41 -9.45 13.02
CA GLU A 43 0.98 -10.69 12.31
C GLU A 43 -0.47 -10.55 11.87
N PRO A 44 -0.70 -10.86 10.62
CA PRO A 44 -2.07 -10.78 10.04
C PRO A 44 -3.00 -11.84 10.66
N ARG A 45 -4.14 -12.04 10.08
CA ARG A 45 -5.10 -13.05 10.61
C ARG A 45 -5.93 -13.59 9.45
N SER A 46 -5.61 -14.78 8.99
CA SER A 46 -6.36 -15.36 7.86
C SER A 46 -7.55 -16.18 8.37
N GLY A 47 -8.59 -16.29 7.60
CA GLY A 47 -9.79 -17.07 8.04
C GLY A 47 -10.90 -16.10 8.45
N THR A 48 -12.06 -16.60 8.74
CA THR A 48 -13.18 -15.71 9.14
C THR A 48 -13.01 -15.29 10.60
N ALA A 49 -13.16 -16.21 11.52
CA ALA A 49 -12.99 -15.86 12.96
C ALA A 49 -11.71 -15.05 13.13
N ALA A 50 -10.72 -15.34 12.34
CA ALA A 50 -9.43 -14.58 12.44
C ALA A 50 -9.65 -13.15 11.93
N ILE A 51 -10.21 -13.01 10.75
CA ILE A 51 -10.45 -11.65 10.20
C ILE A 51 -11.34 -10.86 11.16
N ARG A 52 -12.37 -11.47 11.67
CA ARG A 52 -13.27 -10.74 12.62
C ARG A 52 -12.56 -10.59 13.96
N GLU A 53 -12.12 -11.68 14.55
CA GLU A 53 -11.41 -11.57 15.85
C GLU A 53 -10.39 -10.45 15.75
N PHE A 54 -9.91 -10.18 14.57
CA PHE A 54 -8.91 -9.09 14.38
C PHE A 54 -9.65 -7.78 14.14
N PHE A 55 -10.26 -7.66 13.01
CA PHE A 55 -11.00 -6.39 12.69
C PHE A 55 -11.98 -6.08 13.83
N ALA A 56 -12.32 -7.07 14.62
CA ALA A 56 -13.24 -6.82 15.76
C ALA A 56 -12.43 -6.24 16.92
N ASN A 57 -11.30 -6.82 17.20
CA ASN A 57 -10.45 -6.28 18.31
C ASN A 57 -10.16 -4.81 18.02
N SER A 58 -10.08 -4.46 16.77
CA SER A 58 -9.81 -3.04 16.41
C SER A 58 -11.02 -2.19 16.76
N LEU A 59 -12.20 -2.73 16.57
CA LEU A 59 -13.44 -1.99 16.89
C LEU A 59 -13.54 -1.79 18.40
N LYS A 60 -12.85 -2.58 19.17
CA LYS A 60 -12.92 -2.45 20.65
C LYS A 60 -12.54 -1.01 21.05
N LEU A 61 -11.78 -0.34 20.25
CA LEU A 61 -11.38 1.06 20.58
C LEU A 61 -12.43 2.02 20.01
N PRO A 62 -12.95 2.86 20.87
CA PRO A 62 -13.98 3.84 20.44
C PRO A 62 -13.35 4.94 19.57
N LEU A 63 -13.49 4.84 18.28
CA LEU A 63 -12.88 5.87 17.39
C LEU A 63 -13.87 6.23 16.29
N ALA A 64 -13.82 7.44 15.80
CA ALA A 64 -14.75 7.85 14.71
C ALA A 64 -14.10 7.54 13.37
N VAL A 65 -14.78 6.83 12.51
CA VAL A 65 -14.19 6.48 11.19
C VAL A 65 -14.88 7.28 10.08
N GLU A 66 -14.17 8.16 9.44
CA GLU A 66 -14.77 8.97 8.35
C GLU A 66 -13.70 9.33 7.33
N LEU A 67 -13.62 8.61 6.24
CA LEU A 67 -12.59 8.91 5.22
C LEU A 67 -12.54 10.41 4.96
N THR A 68 -11.56 10.87 4.22
CA THR A 68 -11.47 12.32 3.93
C THR A 68 -10.92 12.52 2.51
N GLN A 69 -9.99 11.71 2.13
CA GLN A 69 -9.41 11.84 0.75
C GLN A 69 -10.19 10.95 -0.21
N GLU A 70 -9.54 10.38 -1.18
CA GLU A 70 -10.26 9.51 -2.16
C GLU A 70 -9.74 8.08 -2.04
N VAL A 71 -10.63 7.11 -2.03
CA VAL A 71 -10.20 5.70 -1.91
C VAL A 71 -9.57 5.26 -3.24
N ARG A 72 -8.57 4.42 -3.18
CA ARG A 72 -7.91 3.96 -4.45
C ARG A 72 -8.29 2.50 -4.72
N ALA A 73 -8.63 2.19 -5.95
CA ALA A 73 -9.02 0.79 -6.28
C ALA A 73 -8.66 0.48 -7.74
N VAL A 74 -7.98 -0.61 -7.98
CA VAL A 74 -7.61 -0.95 -9.38
C VAL A 74 -7.81 -2.46 -9.62
N ALA A 75 -8.21 -2.82 -10.80
CA ALA A 75 -8.41 -4.26 -11.12
C ALA A 75 -9.10 -4.97 -9.94
N ASN A 76 -8.35 -5.68 -9.13
CA ASN A 76 -8.98 -6.39 -7.98
C ASN A 76 -8.35 -5.91 -6.67
N GLU A 77 -7.26 -5.19 -6.75
CA GLU A 77 -6.61 -4.69 -5.52
C GLU A 77 -7.20 -3.33 -5.15
N ALA A 78 -6.51 -2.58 -4.34
CA ALA A 78 -7.04 -1.24 -3.95
C ALA A 78 -6.22 -0.66 -2.80
N ALA A 79 -6.26 0.62 -2.62
CA ALA A 79 -5.50 1.27 -1.52
C ALA A 79 -6.25 2.52 -1.06
N PHE A 80 -6.42 2.69 0.22
CA PHE A 80 -7.17 3.89 0.70
C PHE A 80 -6.68 4.31 2.07
N ALA A 81 -7.07 5.47 2.51
CA ALA A 81 -6.64 5.97 3.84
C ALA A 81 -7.78 6.74 4.49
N PHE A 82 -7.73 6.94 5.78
CA PHE A 82 -8.81 7.69 6.47
C PHE A 82 -8.29 8.27 7.78
N THR A 83 -9.15 8.78 8.60
CA THR A 83 -8.69 9.35 9.89
C THR A 83 -9.46 8.70 11.04
N VAL A 84 -8.78 8.44 12.13
CA VAL A 84 -9.47 7.82 13.31
C VAL A 84 -9.50 8.84 14.44
N SER A 85 -10.67 9.29 14.82
CA SER A 85 -10.76 10.29 15.91
C SER A 85 -11.35 9.64 17.18
N PHE A 86 -10.51 9.24 18.09
CA PHE A 86 -11.01 8.63 19.34
C PHE A 86 -10.72 9.58 20.51
N GLU A 87 -11.02 9.20 21.71
CA GLU A 87 -10.76 10.10 22.86
C GLU A 87 -10.44 9.29 24.12
N PHE A 88 -9.64 9.84 24.99
CA PHE A 88 -9.30 9.11 26.24
C PHE A 88 -10.31 9.46 27.33
N GLN A 89 -9.90 10.10 28.39
CA GLN A 89 -10.86 10.46 29.46
C GLN A 89 -11.07 11.98 29.46
N GLY A 90 -10.43 12.68 28.56
CA GLY A 90 -10.59 14.16 28.51
C GLY A 90 -10.09 14.69 27.16
N ARG A 91 -8.84 14.46 26.86
CA ARG A 91 -8.28 14.95 25.57
C ARG A 91 -8.66 13.98 24.45
N LYS A 92 -8.65 14.43 23.22
CA LYS A 92 -9.01 13.53 22.09
C LYS A 92 -7.83 13.41 21.13
N THR A 93 -7.49 12.21 20.74
CA THR A 93 -6.36 12.02 19.80
C THR A 93 -6.88 11.45 18.48
N VAL A 94 -6.31 11.85 17.37
CA VAL A 94 -6.78 11.32 16.07
C VAL A 94 -5.63 10.54 15.39
N VAL A 95 -5.90 9.89 14.29
CA VAL A 95 -4.83 9.11 13.62
C VAL A 95 -5.04 9.17 12.09
N ALA A 96 -3.97 9.19 11.34
CA ALA A 96 -4.12 9.26 9.85
C ALA A 96 -3.32 8.14 9.18
N PRO A 97 -3.83 6.94 9.29
CA PRO A 97 -3.16 5.77 8.69
C PRO A 97 -3.69 5.52 7.27
N ILE A 98 -3.23 4.47 6.64
CA ILE A 98 -3.71 4.13 5.28
C ILE A 98 -3.87 2.62 5.17
N ASP A 99 -4.87 2.16 4.47
CA ASP A 99 -5.06 0.69 4.35
C ASP A 99 -4.91 0.25 2.90
N HIS A 100 -4.65 -1.01 2.68
CA HIS A 100 -4.50 -1.52 1.29
C HIS A 100 -5.66 -2.46 1.00
N PHE A 101 -5.74 -2.96 -0.21
CA PHE A 101 -6.86 -3.87 -0.54
C PHE A 101 -6.41 -4.89 -1.59
N ARG A 102 -6.79 -6.13 -1.42
CA ARG A 102 -6.37 -7.17 -2.41
C ARG A 102 -7.53 -8.14 -2.64
N PHE A 103 -8.22 -8.01 -3.74
CA PHE A 103 -9.36 -8.93 -4.02
C PHE A 103 -8.87 -10.13 -4.83
N ASN A 104 -9.77 -10.95 -5.30
CA ASN A 104 -9.35 -12.14 -6.09
C ASN A 104 -9.82 -11.97 -7.54
N GLY A 105 -10.86 -11.21 -7.77
CA GLY A 105 -11.35 -11.01 -9.15
C GLY A 105 -12.15 -9.71 -9.24
N ALA A 106 -13.30 -9.67 -8.62
CA ALA A 106 -14.13 -8.44 -8.67
C ALA A 106 -15.51 -8.72 -8.07
N GLY A 107 -15.59 -8.86 -6.77
CA GLY A 107 -16.90 -9.14 -6.13
C GLY A 107 -16.71 -9.23 -4.61
N LYS A 108 -15.80 -10.03 -4.16
CA LYS A 108 -15.57 -10.17 -2.69
C LYS A 108 -14.15 -9.71 -2.35
N VAL A 109 -13.82 -9.64 -1.09
CA VAL A 109 -12.45 -9.21 -0.69
C VAL A 109 -11.59 -10.44 -0.43
N VAL A 110 -10.30 -10.28 -0.30
CA VAL A 110 -9.43 -11.46 -0.03
C VAL A 110 -8.34 -11.09 0.97
N SER A 111 -7.37 -10.32 0.55
CA SER A 111 -6.27 -9.93 1.48
C SER A 111 -6.23 -8.41 1.65
N MET A 112 -5.56 -7.93 2.66
CA MET A 112 -5.48 -6.47 2.88
C MET A 112 -4.14 -6.12 3.54
N ARG A 113 -3.77 -4.86 3.51
CA ARG A 113 -2.48 -4.46 4.14
C ARG A 113 -2.64 -3.10 4.80
N ALA A 114 -2.35 -3.00 6.08
CA ALA A 114 -2.50 -1.70 6.78
C ALA A 114 -1.12 -1.09 7.01
N LEU A 115 -0.93 0.16 6.67
CA LEU A 115 0.39 0.80 6.88
C LEU A 115 0.20 2.09 7.68
N PHE A 116 1.18 2.43 8.48
CA PHE A 116 1.09 3.67 9.30
C PHE A 116 2.28 3.72 10.24
N GLY A 117 2.15 4.42 11.33
CA GLY A 117 3.28 4.50 12.30
C GLY A 117 3.00 5.59 13.32
N GLU A 118 3.90 5.81 14.24
CA GLU A 118 3.68 6.86 15.27
C GLU A 118 3.77 8.25 14.63
N LYS A 119 4.11 8.29 13.37
CA LYS A 119 4.23 9.60 12.67
C LYS A 119 2.88 9.95 12.05
N ASN A 120 2.14 8.96 11.70
CA ASN A 120 0.81 9.19 11.07
C ASN A 120 -0.27 9.28 12.15
N ILE A 121 0.14 9.41 13.39
CA ILE A 121 -0.86 9.51 14.49
C ILE A 121 -1.18 10.98 14.73
N HIS A 122 -1.77 11.32 15.85
CA HIS A 122 -2.10 12.74 16.14
C HIS A 122 -2.10 12.97 17.65
N ALA A 123 -2.00 14.19 18.08
CA ALA A 123 -2.00 14.49 19.53
C ALA A 123 -2.47 15.91 19.77
N GLY A 124 -3.62 16.07 20.39
CA GLY A 124 -4.14 17.44 20.66
C GLY A 124 -5.51 17.62 19.99
N ALA A 125 -5.62 18.56 19.09
CA ALA A 125 -6.92 18.77 18.40
C ALA A 125 -6.72 18.65 16.88
N MET B 1 11.40 7.88 17.45
CA MET B 1 10.13 7.68 16.70
C MET B 1 10.35 6.74 15.52
N ASN B 2 10.73 5.52 15.78
CA ASN B 2 10.96 4.55 14.67
C ASN B 2 11.76 5.24 13.56
N THR B 3 13.01 5.53 13.82
CA THR B 3 13.85 6.19 12.78
C THR B 3 13.79 5.39 11.48
N PRO B 4 13.10 5.94 10.51
CA PRO B 4 12.97 5.26 9.20
C PRO B 4 14.24 5.43 8.38
N GLU B 5 15.27 6.00 8.96
CA GLU B 5 16.54 6.21 8.21
C GLU B 5 16.86 4.97 7.36
N HIS B 6 17.26 3.89 7.98
CA HIS B 6 17.59 2.67 7.20
C HIS B 6 16.40 2.27 6.32
N MET B 7 15.20 2.47 6.78
CA MET B 7 14.01 2.11 5.98
C MET B 7 13.94 2.99 4.74
N THR B 8 13.92 4.28 4.92
CA THR B 8 13.84 5.20 3.75
C THR B 8 15.00 4.92 2.81
N ALA B 9 16.12 4.50 3.32
CA ALA B 9 17.28 4.22 2.43
C ALA B 9 16.85 3.21 1.37
N VAL B 10 16.27 2.12 1.78
CA VAL B 10 15.80 1.10 0.80
C VAL B 10 14.86 1.80 -0.20
N VAL B 11 14.32 2.92 0.19
CA VAL B 11 13.40 3.66 -0.71
C VAL B 11 14.21 4.65 -1.56
N GLN B 12 15.14 5.32 -0.94
CA GLN B 12 15.98 6.29 -1.69
C GLN B 12 16.73 5.53 -2.76
N ARG B 13 17.71 4.80 -2.35
CA ARG B 13 18.51 3.98 -3.30
C ARG B 13 17.57 3.33 -4.29
N TYR B 14 16.50 2.79 -3.80
CA TYR B 14 15.50 2.14 -4.68
C TYR B 14 15.16 3.09 -5.83
N VAL B 15 14.93 4.33 -5.52
CA VAL B 15 14.60 5.30 -6.60
C VAL B 15 15.91 5.90 -7.16
N ALA B 16 16.87 6.16 -6.31
CA ALA B 16 18.16 6.71 -6.84
C ALA B 16 18.59 5.82 -8.01
N ALA B 17 18.32 4.54 -7.91
CA ALA B 17 18.67 3.62 -9.02
C ALA B 17 17.66 3.82 -10.14
N LEU B 18 16.46 4.17 -9.78
CA LEU B 18 15.41 4.43 -10.79
C LEU B 18 15.82 5.65 -11.62
N ASN B 19 16.05 6.74 -10.95
CA ASN B 19 16.48 8.00 -11.63
C ASN B 19 17.69 7.70 -12.50
N ALA B 20 18.66 7.02 -11.95
CA ALA B 20 19.89 6.71 -12.73
C ALA B 20 19.70 5.38 -13.46
N GLY B 21 18.52 4.82 -13.43
CA GLY B 21 18.28 3.53 -14.14
C GLY B 21 19.36 2.53 -13.73
N ASP B 22 19.73 2.51 -12.47
CA ASP B 22 20.77 1.55 -12.02
C ASP B 22 20.11 0.30 -11.42
N LEU B 23 19.43 -0.46 -12.23
CA LEU B 23 18.77 -1.69 -11.71
C LEU B 23 19.76 -2.46 -10.86
N ASP B 24 20.97 -2.57 -11.32
CA ASP B 24 22.01 -3.30 -10.55
C ASP B 24 21.91 -2.91 -9.08
N GLY B 25 21.63 -1.66 -8.82
CA GLY B 25 21.51 -1.21 -7.41
C GLY B 25 20.12 -1.58 -6.89
N ILE B 26 19.16 -1.63 -7.77
CA ILE B 26 17.78 -1.99 -7.35
C ILE B 26 17.80 -3.44 -6.88
N VAL B 27 18.24 -4.34 -7.71
CA VAL B 27 18.31 -5.76 -7.31
C VAL B 27 19.23 -5.86 -6.09
N ALA B 28 20.26 -5.06 -6.06
CA ALA B 28 21.19 -5.08 -4.91
C ALA B 28 20.38 -4.72 -3.66
N LEU B 29 19.74 -3.58 -3.69
CA LEU B 29 18.91 -3.16 -2.52
C LEU B 29 17.84 -4.22 -2.28
N PHE B 30 17.51 -4.97 -3.29
CA PHE B 30 16.48 -6.02 -3.14
C PHE B 30 17.13 -7.33 -2.69
N ALA B 31 16.46 -8.07 -1.85
CA ALA B 31 17.05 -9.36 -1.37
C ALA B 31 17.45 -10.21 -2.58
N ASP B 32 17.81 -11.44 -2.35
CA ASP B 32 18.21 -12.32 -3.48
C ASP B 32 16.97 -12.77 -4.25
N ASP B 33 15.85 -12.77 -3.60
CA ASP B 33 14.60 -13.19 -4.27
C ASP B 33 13.43 -12.37 -3.73
N ALA B 34 13.61 -11.08 -3.60
CA ALA B 34 12.51 -10.22 -3.09
C ALA B 34 11.27 -10.41 -3.96
N THR B 35 10.14 -9.91 -3.53
CA THR B 35 8.90 -10.06 -4.33
C THR B 35 8.32 -8.68 -4.67
N VAL B 36 7.79 -8.51 -5.84
CA VAL B 36 7.21 -7.18 -6.22
C VAL B 36 5.82 -7.38 -6.81
N GLU B 37 4.82 -6.80 -6.22
CA GLU B 37 3.43 -6.93 -6.76
C GLU B 37 3.20 -5.84 -7.78
N ASP B 38 3.07 -6.19 -9.03
CA ASP B 38 2.89 -5.14 -10.05
C ASP B 38 2.66 -5.78 -11.44
N PRO B 39 1.84 -5.14 -12.26
CA PRO B 39 1.16 -3.86 -11.88
C PRO B 39 -0.07 -4.15 -10.99
N VAL B 40 -1.22 -4.29 -11.59
CA VAL B 40 -2.44 -4.55 -10.78
C VAL B 40 -3.28 -5.63 -11.50
N GLY B 41 -3.62 -6.67 -10.81
CA GLY B 41 -4.42 -7.76 -11.44
C GLY B 41 -3.47 -8.74 -12.14
N SER B 42 -2.21 -8.41 -12.21
CA SER B 42 -1.23 -9.33 -12.85
C SER B 42 -0.52 -10.15 -11.79
N GLU B 43 0.74 -10.46 -11.99
CA GLU B 43 1.46 -11.27 -10.96
C GLU B 43 2.86 -10.67 -10.71
N PRO B 44 3.25 -10.70 -9.47
CA PRO B 44 4.59 -10.18 -9.06
C PRO B 44 5.71 -11.02 -9.68
N ARG B 45 6.92 -10.81 -9.24
CA ARG B 45 8.06 -11.59 -9.80
C ARG B 45 9.12 -11.72 -8.71
N SER B 46 9.20 -12.86 -8.08
CA SER B 46 10.20 -13.04 -6.99
C SER B 46 11.51 -13.56 -7.58
N GLY B 47 12.57 -13.49 -6.81
CA GLY B 47 13.89 -13.97 -7.31
C GLY B 47 14.70 -12.78 -7.82
N THR B 48 15.99 -12.92 -7.93
CA THR B 48 16.83 -11.80 -8.42
C THR B 48 16.63 -11.64 -9.92
N ALA B 49 16.42 -12.71 -10.62
CA ALA B 49 16.21 -12.63 -12.09
C ALA B 49 14.83 -12.02 -12.38
N ALA B 50 13.82 -12.45 -11.67
CA ALA B 50 12.46 -11.90 -11.91
C ALA B 50 12.43 -10.43 -11.46
N ILE B 51 12.76 -10.17 -10.22
CA ILE B 51 12.74 -8.76 -9.73
C ILE B 51 13.47 -7.88 -10.74
N ARG B 52 14.56 -8.37 -11.29
CA ARG B 52 15.30 -7.57 -12.29
C ARG B 52 14.57 -7.65 -13.63
N GLU B 53 14.28 -8.83 -14.10
CA GLU B 53 13.57 -8.96 -15.39
C GLU B 53 12.33 -8.07 -15.35
N PHE B 54 11.82 -7.82 -14.17
CA PHE B 54 10.62 -6.97 -14.02
C PHE B 54 11.08 -5.52 -13.91
N PHE B 55 11.67 -5.17 -12.81
CA PHE B 55 12.14 -3.77 -12.63
C PHE B 55 12.95 -3.35 -13.86
N ALA B 56 13.64 -4.28 -14.47
CA ALA B 56 14.42 -3.94 -15.68
C ALA B 56 13.44 -3.51 -16.77
N ASN B 57 12.43 -4.29 -17.00
CA ASN B 57 11.42 -3.93 -18.03
C ASN B 57 10.89 -2.53 -17.71
N SER B 58 10.74 -2.23 -16.45
CA SER B 58 10.24 -0.89 -16.05
C SER B 58 11.28 0.16 -16.45
N LEU B 59 12.53 -0.17 -16.35
CA LEU B 59 13.60 0.80 -16.72
C LEU B 59 13.54 1.04 -18.23
N LYS B 60 12.98 0.13 -18.96
CA LYS B 60 12.89 0.31 -20.44
C LYS B 60 12.17 1.62 -20.74
N LEU B 61 11.42 2.12 -19.80
CA LEU B 61 10.70 3.41 -20.01
C LEU B 61 11.59 4.56 -19.52
N PRO B 62 12.12 5.30 -20.45
CA PRO B 62 13.03 6.42 -20.11
C PRO B 62 12.26 7.64 -19.55
N LEU B 63 12.38 7.88 -18.27
CA LEU B 63 11.69 9.06 -17.66
C LEU B 63 12.59 9.68 -16.60
N ALA B 64 12.01 10.49 -15.75
CA ALA B 64 12.79 11.12 -14.66
C ALA B 64 12.14 10.76 -13.33
N VAL B 65 12.88 10.21 -12.41
CA VAL B 65 12.29 9.82 -11.11
C VAL B 65 12.72 10.82 -10.03
N GLU B 66 11.78 11.49 -9.42
CA GLU B 66 12.14 12.46 -8.36
C GLU B 66 11.01 12.51 -7.32
N LEU B 67 11.25 11.96 -6.16
CA LEU B 67 10.20 11.97 -5.10
C LEU B 67 9.66 13.39 -4.94
N THR B 68 8.72 13.57 -4.04
CA THR B 68 8.14 14.92 -3.83
C THR B 68 7.56 15.03 -2.42
N GLN B 69 6.94 13.98 -1.98
CA GLN B 69 6.34 13.99 -0.62
C GLN B 69 7.29 13.30 0.36
N GLU B 70 6.77 12.65 1.36
CA GLU B 70 7.66 11.97 2.34
C GLU B 70 7.43 10.45 2.24
N VAL B 71 8.49 9.69 2.14
CA VAL B 71 8.35 8.22 2.04
C VAL B 71 7.75 7.69 3.35
N ARG B 72 7.00 6.63 3.28
CA ARG B 72 6.38 6.07 4.52
C ARG B 72 7.16 4.82 4.96
N ALA B 73 7.49 4.74 6.23
CA ALA B 73 8.23 3.55 6.72
C ALA B 73 7.86 3.28 8.18
N VAL B 74 7.65 2.05 8.54
CA VAL B 74 7.29 1.73 9.95
C VAL B 74 8.20 0.62 10.48
N ALA B 75 7.71 -0.14 11.41
CA ALA B 75 8.51 -1.26 12.01
C ALA B 75 9.45 -1.86 10.97
N ASN B 76 9.02 -2.87 10.28
CA ASN B 76 9.91 -3.51 9.26
C ASN B 76 9.37 -3.26 7.85
N GLU B 77 8.12 -2.90 7.73
CA GLU B 77 7.55 -2.65 6.38
C GLU B 77 7.74 -1.17 6.01
N ALA B 78 7.01 -0.72 5.03
CA ALA B 78 7.14 0.71 4.61
C ALA B 78 6.28 0.96 3.37
N ALA B 79 6.01 2.20 3.06
CA ALA B 79 5.19 2.51 1.85
C ALA B 79 5.61 3.87 1.31
N PHE B 80 5.73 4.03 0.02
CA PHE B 80 6.15 5.35 -0.51
C PHE B 80 5.54 5.58 -1.89
N ALA B 81 5.62 6.79 -2.37
CA ALA B 81 5.05 7.11 -3.71
C ALA B 81 5.95 8.13 -4.42
N PHE B 82 5.98 8.11 -5.71
CA PHE B 82 6.83 9.07 -6.46
C PHE B 82 6.13 9.47 -7.75
N THR B 83 6.81 10.14 -8.62
CA THR B 83 6.19 10.56 -9.90
C THR B 83 7.15 10.29 -11.06
N VAL B 84 6.62 9.88 -12.18
CA VAL B 84 7.48 9.60 -13.35
C VAL B 84 6.96 10.41 -14.54
N SER B 85 7.74 11.33 -15.04
CA SER B 85 7.28 12.15 -16.19
C SER B 85 8.23 11.96 -17.37
N PHE B 86 7.80 11.24 -18.37
CA PHE B 86 8.67 11.04 -19.56
C PHE B 86 8.02 11.70 -20.77
N GLU B 87 8.68 11.74 -21.89
CA GLU B 87 8.10 12.42 -23.08
C GLU B 87 7.45 11.40 -24.02
N PHE B 88 6.53 11.83 -24.83
CA PHE B 88 5.85 10.91 -25.79
C PHE B 88 6.16 11.37 -27.22
N GLN B 89 7.35 11.15 -27.69
CA GLN B 89 7.71 11.58 -29.08
C GLN B 89 7.18 12.99 -29.35
N GLY B 90 5.99 13.11 -29.87
CA GLY B 90 5.43 14.46 -30.16
C GLY B 90 4.44 14.88 -29.07
N ARG B 91 4.33 14.10 -28.03
CA ARG B 91 3.38 14.45 -26.94
C ARG B 91 4.07 14.33 -25.57
N LYS B 92 3.36 14.58 -24.51
CA LYS B 92 3.98 14.47 -23.16
C LYS B 92 3.18 13.47 -22.32
N THR B 93 3.84 12.71 -21.49
CA THR B 93 3.14 11.70 -20.66
C THR B 93 3.74 11.69 -19.24
N VAL B 94 3.03 11.19 -18.26
CA VAL B 94 3.59 11.19 -16.86
C VAL B 94 2.99 10.02 -16.06
N VAL B 95 3.33 9.88 -14.80
CA VAL B 95 2.76 8.77 -14.00
C VAL B 95 2.71 9.19 -12.53
N ALA B 96 1.75 8.69 -11.79
CA ALA B 96 1.65 9.07 -10.34
C ALA B 96 1.15 7.90 -9.52
N PRO B 97 1.97 6.89 -9.42
CA PRO B 97 1.63 5.67 -8.66
C PRO B 97 2.25 5.71 -7.26
N ILE B 98 2.10 4.65 -6.52
CA ILE B 98 2.69 4.58 -5.16
C ILE B 98 3.24 3.17 -4.95
N ASP B 99 4.30 3.02 -4.22
CA ASP B 99 4.86 1.67 -4.02
C ASP B 99 4.83 1.29 -2.54
N HIS B 100 4.87 0.03 -2.26
CA HIS B 100 4.85 -0.43 -0.84
C HIS B 100 6.22 -1.00 -0.49
N PHE B 101 6.45 -1.32 0.74
CA PHE B 101 7.76 -1.87 1.13
C PHE B 101 7.61 -2.87 2.26
N ARG B 102 8.25 -4.00 2.15
CA ARG B 102 8.16 -5.03 3.23
C ARG B 102 9.54 -5.65 3.43
N PHE B 103 10.15 -5.40 4.56
CA PHE B 103 11.50 -5.98 4.81
C PHE B 103 11.35 -7.32 5.52
N ASN B 104 12.44 -8.00 5.78
CA ASN B 104 12.35 -9.31 6.47
C ASN B 104 12.50 -9.09 7.98
N GLY B 105 13.22 -8.07 8.37
CA GLY B 105 13.40 -7.80 9.83
C GLY B 105 13.97 -6.38 10.01
N ALA B 106 15.03 -6.07 9.30
CA ALA B 106 15.63 -4.71 9.43
C ALA B 106 17.05 -4.73 8.86
N GLY B 107 17.17 -4.71 7.57
CA GLY B 107 18.53 -4.73 6.96
C GLY B 107 18.41 -4.64 5.44
N LYS B 108 17.82 -5.63 4.82
CA LYS B 108 17.68 -5.59 3.33
C LYS B 108 16.21 -5.47 2.95
N VAL B 109 15.88 -5.74 1.72
CA VAL B 109 14.46 -5.64 1.27
C VAL B 109 13.88 -7.05 1.10
N VAL B 110 12.59 -7.16 0.95
CA VAL B 110 11.98 -8.51 0.77
C VAL B 110 10.87 -8.45 -0.29
N SER B 111 9.75 -7.87 0.04
CA SER B 111 8.64 -7.79 -0.94
C SER B 111 8.20 -6.34 -1.13
N MET B 112 7.48 -6.07 -2.18
CA MET B 112 7.01 -4.67 -2.43
C MET B 112 5.60 -4.70 -3.04
N ARG B 113 4.97 -3.58 -3.17
CA ARG B 113 3.60 -3.55 -3.76
C ARG B 113 3.36 -2.21 -4.46
N ALA B 114 3.11 -2.23 -5.74
CA ALA B 114 2.87 -0.96 -6.48
C ALA B 114 1.37 -0.74 -6.69
N LEU B 115 0.90 0.45 -6.47
CA LEU B 115 -0.55 0.73 -6.66
C LEU B 115 -0.74 1.91 -7.62
N PHE B 116 -1.82 1.90 -8.36
CA PHE B 116 -2.10 3.00 -9.32
C PHE B 116 -3.24 2.57 -10.24
N GLY B 117 -3.50 3.30 -11.28
CA GLY B 117 -4.62 2.90 -12.20
C GLY B 117 -4.41 3.51 -13.58
N GLU B 118 -5.16 3.06 -14.55
CA GLU B 118 -5.01 3.61 -15.93
C GLU B 118 -5.38 5.09 -15.95
N LYS B 119 -5.95 5.57 -14.88
CA LYS B 119 -6.34 7.00 -14.83
C LYS B 119 -5.17 7.84 -14.33
N ASN B 120 -4.39 7.27 -13.48
CA ASN B 120 -3.21 8.00 -12.92
C ASN B 120 -1.95 7.60 -13.67
N ILE B 121 -2.07 7.23 -14.92
CA ILE B 121 -0.86 6.82 -15.68
C ILE B 121 -0.25 8.02 -16.40
N HIS B 122 -0.16 7.99 -17.70
CA HIS B 122 0.48 9.13 -18.40
C HIS B 122 -0.41 9.71 -19.50
N ALA B 123 -0.51 11.01 -19.54
CA ALA B 123 -1.31 11.66 -20.60
C ALA B 123 -0.88 13.12 -20.77
N GLY B 124 -0.46 13.51 -21.95
CA GLY B 124 -0.04 14.92 -22.18
C GLY B 124 0.77 15.41 -20.97
N ALA B 125 0.30 16.42 -20.30
CA ALA B 125 1.04 16.94 -19.12
C ALA B 125 0.39 16.43 -17.84
N MET A 1 -13.60 -5.32 -17.24
CA MET A 1 -12.22 -5.76 -16.93
C MET A 1 -11.62 -4.88 -15.83
N ASN A 2 -11.19 -5.47 -14.75
CA ASN A 2 -10.59 -4.66 -13.64
C ASN A 2 -11.60 -3.59 -13.21
N THR A 3 -12.84 -3.94 -13.09
CA THR A 3 -13.87 -2.94 -12.67
C THR A 3 -13.74 -2.68 -11.17
N PRO A 4 -13.33 -1.48 -10.84
CA PRO A 4 -13.17 -1.09 -9.42
C PRO A 4 -14.54 -0.87 -8.78
N GLU A 5 -15.59 -1.04 -9.53
CA GLU A 5 -16.96 -0.84 -8.97
C GLU A 5 -17.10 -1.65 -7.67
N HIS A 6 -17.59 -2.85 -7.77
CA HIS A 6 -17.75 -3.69 -6.54
C HIS A 6 -16.43 -3.73 -5.78
N MET A 7 -15.34 -3.86 -6.48
CA MET A 7 -14.02 -3.90 -5.81
C MET A 7 -13.86 -2.68 -4.91
N THR A 8 -14.32 -1.53 -5.35
CA THR A 8 -14.22 -0.31 -4.51
C THR A 8 -15.25 -0.40 -3.40
N ALA A 9 -16.40 -0.95 -3.70
CA ALA A 9 -17.45 -1.07 -2.64
C ALA A 9 -16.84 -1.75 -1.43
N VAL A 10 -16.07 -2.79 -1.64
CA VAL A 10 -15.43 -3.49 -0.49
C VAL A 10 -14.74 -2.43 0.38
N VAL A 11 -14.23 -1.39 -0.22
CA VAL A 11 -13.54 -0.32 0.56
C VAL A 11 -14.58 0.56 1.26
N GLN A 12 -15.61 0.95 0.55
CA GLN A 12 -16.66 1.80 1.16
C GLN A 12 -17.26 1.06 2.33
N ARG A 13 -18.05 0.07 2.02
CA ARG A 13 -18.69 -0.75 3.07
C ARG A 13 -17.66 -1.04 4.16
N TYR A 14 -16.49 -1.40 3.75
CA TYR A 14 -15.40 -1.70 4.73
C TYR A 14 -15.32 -0.54 5.74
N VAL A 15 -15.36 0.67 5.26
CA VAL A 15 -15.28 1.83 6.18
C VAL A 15 -16.70 2.21 6.62
N ALA A 16 -17.67 2.14 5.75
CA ALA A 16 -19.05 2.47 6.17
C ALA A 16 -19.33 1.71 7.46
N ALA A 17 -18.82 0.51 7.55
CA ALA A 17 -19.02 -0.30 8.77
C ALA A 17 -18.12 0.28 9.86
N LEU A 18 -16.99 0.80 9.47
CA LEU A 18 -16.06 1.42 10.43
C LEU A 18 -16.75 2.64 11.04
N ASN A 19 -17.11 3.57 10.20
CA ASN A 19 -17.81 4.80 10.67
C ASN A 19 -18.99 4.39 11.55
N ALA A 20 -19.75 3.44 11.10
CA ALA A 20 -20.92 2.99 11.90
C ALA A 20 -20.49 1.87 12.86
N GLY A 21 -19.22 1.63 12.97
CA GLY A 21 -18.74 0.55 13.88
C GLY A 21 -19.59 -0.70 13.65
N ASP A 22 -20.04 -0.89 12.44
CA ASP A 22 -20.87 -2.09 12.14
C ASP A 22 -19.98 -3.26 11.72
N LEU A 23 -19.17 -3.75 12.61
CA LEU A 23 -18.28 -4.89 12.27
C LEU A 23 -19.10 -5.97 11.56
N ASP A 24 -20.28 -6.22 12.06
CA ASP A 24 -21.15 -7.25 11.44
C ASP A 24 -21.07 -7.10 9.92
N GLY A 25 -20.91 -5.90 9.45
CA GLY A 25 -20.81 -5.69 7.98
C GLY A 25 -19.37 -5.90 7.54
N ILE A 26 -18.44 -5.49 8.36
CA ILE A 26 -17.01 -5.69 8.01
C ILE A 26 -16.75 -7.18 7.83
N VAL A 27 -17.10 -7.97 8.82
CA VAL A 27 -16.91 -9.42 8.69
C VAL A 27 -17.70 -9.90 7.47
N ALA A 28 -18.87 -9.38 7.28
CA ALA A 28 -19.67 -9.78 6.10
C ALA A 28 -18.82 -9.55 4.85
N LEU A 29 -18.29 -8.37 4.71
CA LEU A 29 -17.43 -8.07 3.55
C LEU A 29 -16.19 -8.99 3.59
N PHE A 30 -15.81 -9.41 4.76
CA PHE A 30 -14.62 -10.30 4.88
C PHE A 30 -15.01 -11.74 4.53
N ALA A 31 -14.29 -12.36 3.65
CA ALA A 31 -14.62 -13.76 3.26
C ALA A 31 -14.89 -14.59 4.52
N ASP A 32 -15.34 -15.80 4.35
CA ASP A 32 -15.63 -16.67 5.53
C ASP A 32 -14.36 -16.86 6.36
N ASP A 33 -13.24 -16.72 5.74
CA ASP A 33 -11.94 -16.90 6.45
C ASP A 33 -10.89 -15.99 5.85
N ALA A 34 -11.27 -14.79 5.47
CA ALA A 34 -10.29 -13.84 4.87
C ALA A 34 -9.10 -13.68 5.81
N THR A 35 -8.08 -12.98 5.37
CA THR A 35 -6.89 -12.77 6.24
C THR A 35 -6.77 -11.28 6.58
N VAL A 36 -6.41 -10.97 7.79
CA VAL A 36 -6.28 -9.54 8.18
C VAL A 36 -4.80 -9.25 8.47
N GLU A 37 -4.46 -8.00 8.67
CA GLU A 37 -3.04 -7.66 8.97
C GLU A 37 -3.01 -6.40 9.82
N ASP A 38 -2.44 -6.47 10.99
CA ASP A 38 -2.40 -5.25 11.85
C ASP A 38 -1.85 -5.62 13.23
N PRO A 39 -1.16 -4.68 13.85
CA PRO A 39 -0.93 -3.34 13.26
C PRO A 39 0.22 -3.39 12.26
N VAL A 40 1.43 -3.26 12.73
CA VAL A 40 2.61 -3.30 11.82
C VAL A 40 3.79 -3.94 12.54
N GLY A 41 3.75 -5.23 12.73
CA GLY A 41 4.88 -5.92 13.43
C GLY A 41 4.31 -6.93 14.42
N SER A 42 3.02 -6.96 14.59
CA SER A 42 2.41 -7.94 15.54
C SER A 42 1.93 -9.18 14.77
N GLU A 43 0.72 -9.61 14.98
CA GLU A 43 0.24 -10.82 14.25
C GLU A 43 -1.21 -10.61 13.79
N PRO A 44 -1.43 -10.85 12.51
CA PRO A 44 -2.79 -10.72 11.92
C PRO A 44 -3.76 -11.73 12.54
N ARG A 45 -4.96 -11.79 12.04
CA ARG A 45 -5.97 -12.74 12.59
C ARG A 45 -6.93 -13.11 11.47
N SER A 46 -6.74 -14.25 10.86
CA SER A 46 -7.62 -14.66 9.73
C SER A 46 -8.82 -15.44 10.25
N GLY A 47 -9.77 -15.72 9.39
CA GLY A 47 -10.98 -16.48 9.81
C GLY A 47 -12.10 -15.51 10.15
N THR A 48 -13.32 -15.95 10.04
CA THR A 48 -14.46 -15.05 10.37
C THR A 48 -14.42 -14.69 11.86
N ALA A 49 -14.03 -15.62 12.69
CA ALA A 49 -13.96 -15.33 14.15
C ALA A 49 -12.81 -14.38 14.42
N ALA A 50 -11.67 -14.62 13.83
CA ALA A 50 -10.50 -13.72 14.06
C ALA A 50 -10.71 -12.40 13.30
N ILE A 51 -10.91 -12.46 12.01
CA ILE A 51 -11.13 -11.23 11.22
C ILE A 51 -12.09 -10.31 11.99
N ARG A 52 -13.07 -10.89 12.63
CA ARG A 52 -14.04 -10.08 13.40
C ARG A 52 -13.43 -9.72 14.76
N GLU A 53 -13.16 -10.70 15.58
CA GLU A 53 -12.56 -10.41 16.92
C GLU A 53 -11.43 -9.40 16.74
N PHE A 54 -10.81 -9.41 15.60
CA PHE A 54 -9.70 -8.45 15.33
C PHE A 54 -10.31 -7.11 14.96
N PHE A 55 -10.89 -7.04 13.79
CA PHE A 55 -11.52 -5.75 13.37
C PHE A 55 -12.38 -5.23 14.52
N ALA A 56 -12.84 -6.10 15.38
CA ALA A 56 -13.67 -5.65 16.52
C ALA A 56 -12.76 -4.91 17.51
N ASN A 57 -11.62 -5.50 17.83
CA ASN A 57 -10.69 -4.84 18.78
C ASN A 57 -10.32 -3.46 18.23
N SER A 58 -10.31 -3.33 16.92
CA SER A 58 -9.96 -2.01 16.32
C SER A 58 -11.14 -1.06 16.53
N LEU A 59 -12.34 -1.53 16.37
CA LEU A 59 -13.52 -0.67 16.57
C LEU A 59 -13.59 -0.23 18.04
N LYS A 60 -12.97 -0.97 18.92
CA LYS A 60 -12.99 -0.60 20.36
C LYS A 60 -12.68 0.89 20.50
N LEU A 61 -11.94 1.43 19.57
CA LEU A 61 -11.61 2.88 19.64
C LEU A 61 -12.69 3.68 18.89
N PRO A 62 -13.50 4.37 19.64
CA PRO A 62 -14.60 5.16 19.04
C PRO A 62 -14.03 6.39 18.32
N LEU A 63 -14.21 6.45 17.02
CA LEU A 63 -13.68 7.61 16.26
C LEU A 63 -14.56 7.88 15.04
N ALA A 64 -14.13 8.76 14.18
CA ALA A 64 -14.91 9.05 12.95
C ALA A 64 -14.08 8.61 11.74
N VAL A 65 -14.65 7.81 10.88
CA VAL A 65 -13.89 7.34 9.69
C VAL A 65 -14.38 8.06 8.44
N GLU A 66 -13.49 8.72 7.74
CA GLU A 66 -13.89 9.44 6.50
C GLU A 66 -12.72 9.48 5.52
N LEU A 67 -12.71 8.60 4.57
CA LEU A 67 -11.59 8.56 3.58
C LEU A 67 -11.27 9.98 3.12
N THR A 68 -10.19 10.15 2.40
CA THR A 68 -9.81 11.50 1.91
C THR A 68 -9.55 11.44 0.41
N GLN A 69 -8.36 11.05 0.05
CA GLN A 69 -8.01 10.95 -1.40
C GLN A 69 -8.96 9.98 -2.09
N GLU A 70 -8.49 9.29 -3.09
CA GLU A 70 -9.37 8.31 -3.80
C GLU A 70 -8.93 6.88 -3.46
N VAL A 71 -9.86 6.03 -3.12
CA VAL A 71 -9.50 4.63 -2.79
C VAL A 71 -8.78 4.00 -3.98
N ARG A 72 -7.89 3.08 -3.75
CA ARG A 72 -7.16 2.44 -4.88
C ARG A 72 -7.54 0.96 -4.97
N ALA A 73 -7.85 0.50 -6.16
CA ALA A 73 -8.21 -0.94 -6.33
C ALA A 73 -7.81 -1.40 -7.74
N VAL A 74 -6.84 -2.27 -7.83
CA VAL A 74 -6.40 -2.75 -9.17
C VAL A 74 -6.30 -4.28 -9.15
N ALA A 75 -6.36 -4.88 -10.30
CA ALA A 75 -6.26 -6.37 -10.36
C ALA A 75 -7.22 -6.99 -9.35
N ASN A 76 -6.87 -8.11 -8.78
CA ASN A 76 -7.77 -8.77 -7.79
C ASN A 76 -7.57 -8.12 -6.42
N GLU A 77 -6.43 -7.54 -6.19
CA GLU A 77 -6.18 -6.90 -4.86
C GLU A 77 -6.64 -5.44 -4.91
N ALA A 78 -6.18 -4.65 -3.98
CA ALA A 78 -6.56 -3.21 -3.96
C ALA A 78 -5.87 -2.50 -2.80
N ALA A 79 -5.92 -1.20 -2.75
CA ALA A 79 -5.26 -0.47 -1.65
C ALA A 79 -6.02 0.84 -1.38
N PHE A 80 -6.25 1.18 -0.14
CA PHE A 80 -7.00 2.43 0.14
C PHE A 80 -6.55 3.01 1.47
N ALA A 81 -6.83 4.27 1.69
CA ALA A 81 -6.42 4.92 2.96
C ALA A 81 -7.55 5.77 3.51
N PHE A 82 -7.28 6.52 4.55
CA PHE A 82 -8.33 7.38 5.15
C PHE A 82 -7.74 8.07 6.38
N THR A 83 -8.56 8.71 7.16
CA THR A 83 -8.05 9.40 8.37
C THR A 83 -8.92 9.06 9.57
N VAL A 84 -8.32 8.87 10.71
CA VAL A 84 -9.11 8.56 11.93
C VAL A 84 -9.09 9.77 12.85
N SER A 85 -10.21 10.40 13.04
CA SER A 85 -10.24 11.60 13.93
C SER A 85 -10.95 11.27 15.24
N PHE A 86 -10.25 10.71 16.18
CA PHE A 86 -10.90 10.37 17.48
C PHE A 86 -10.69 11.53 18.46
N GLU A 87 -11.18 11.40 19.67
CA GLU A 87 -11.02 12.52 20.66
C GLU A 87 -10.06 12.10 21.76
N PHE A 88 -9.35 13.05 22.32
CA PHE A 88 -8.41 12.73 23.43
C PHE A 88 -8.90 13.40 24.71
N GLN A 89 -9.46 12.63 25.62
CA GLN A 89 -9.96 13.21 26.90
C GLN A 89 -10.66 14.54 26.62
N GLY A 90 -9.95 15.64 26.73
CA GLY A 90 -10.58 16.97 26.47
C GLY A 90 -10.18 17.46 25.08
N ARG A 91 -9.01 17.13 24.61
CA ARG A 91 -8.58 17.59 23.28
C ARG A 91 -9.00 16.57 22.22
N LYS A 92 -8.66 16.81 20.97
CA LYS A 92 -9.05 15.84 19.90
C LYS A 92 -7.81 15.45 19.09
N THR A 93 -7.71 14.21 18.71
CA THR A 93 -6.54 13.76 17.93
C THR A 93 -7.00 13.09 16.63
N VAL A 94 -6.14 13.00 15.65
CA VAL A 94 -6.55 12.36 14.36
C VAL A 94 -5.40 11.48 13.85
N VAL A 95 -5.61 10.76 12.78
CA VAL A 95 -4.52 9.88 12.24
C VAL A 95 -4.55 9.87 10.72
N ALA A 96 -3.48 9.45 10.11
CA ALA A 96 -3.44 9.41 8.61
C ALA A 96 -2.79 8.10 8.15
N PRO A 97 -3.49 7.03 8.34
CA PRO A 97 -2.99 5.69 7.97
C PRO A 97 -3.53 5.25 6.60
N ILE A 98 -3.13 4.08 6.16
CA ILE A 98 -3.63 3.56 4.86
C ILE A 98 -3.85 2.05 5.00
N ASP A 99 -4.68 1.48 4.19
CA ASP A 99 -4.94 0.02 4.30
C ASP A 99 -4.81 -0.63 2.93
N HIS A 100 -4.59 -1.92 2.90
CA HIS A 100 -4.47 -2.64 1.60
C HIS A 100 -5.70 -3.52 1.42
N PHE A 101 -5.87 -4.09 0.26
CA PHE A 101 -7.06 -4.94 0.02
C PHE A 101 -6.68 -6.16 -0.81
N ARG A 102 -7.16 -7.32 -0.45
CA ARG A 102 -6.82 -8.55 -1.23
C ARG A 102 -8.10 -9.34 -1.52
N PHE A 103 -8.53 -9.35 -2.76
CA PHE A 103 -9.77 -10.10 -3.11
C PHE A 103 -9.40 -11.35 -3.92
N ASN A 104 -10.37 -12.09 -4.36
CA ASN A 104 -10.07 -13.31 -5.15
C ASN A 104 -10.41 -13.07 -6.62
N GLY A 105 -10.78 -11.87 -6.97
CA GLY A 105 -11.12 -11.57 -8.39
C GLY A 105 -12.56 -11.06 -8.46
N ALA A 106 -13.40 -11.50 -7.58
CA ALA A 106 -14.81 -11.04 -7.60
C ALA A 106 -15.67 -11.98 -6.73
N GLY A 107 -15.12 -12.43 -5.63
CA GLY A 107 -15.89 -13.35 -4.74
C GLY A 107 -15.82 -12.85 -3.30
N LYS A 108 -16.06 -11.58 -3.12
CA LYS A 108 -16.00 -10.98 -1.75
C LYS A 108 -14.56 -10.61 -1.41
N VAL A 109 -14.27 -10.45 -0.15
CA VAL A 109 -12.88 -10.09 0.25
C VAL A 109 -12.08 -11.37 0.49
N VAL A 110 -10.78 -11.26 0.59
CA VAL A 110 -9.94 -12.47 0.83
C VAL A 110 -8.86 -12.14 1.85
N SER A 111 -8.02 -11.20 1.56
CA SER A 111 -6.93 -10.84 2.53
C SER A 111 -6.77 -9.32 2.57
N MET A 112 -6.12 -8.82 3.57
CA MET A 112 -5.92 -7.34 3.67
C MET A 112 -4.55 -7.04 4.29
N ARG A 113 -4.01 -5.88 4.02
CA ARG A 113 -2.69 -5.52 4.60
C ARG A 113 -2.70 -4.04 4.97
N ALA A 114 -2.74 -3.73 6.23
CA ALA A 114 -2.78 -2.30 6.66
C ALA A 114 -1.34 -1.78 6.85
N LEU A 115 -1.13 -0.52 6.58
CA LEU A 115 0.23 0.07 6.74
C LEU A 115 0.12 1.43 7.43
N PHE A 116 1.03 1.70 8.33
CA PHE A 116 1.02 3.01 9.05
C PHE A 116 2.07 2.98 10.16
N GLY A 117 1.91 3.82 11.13
CA GLY A 117 2.90 3.85 12.26
C GLY A 117 2.58 5.01 13.19
N GLU A 118 3.36 5.17 14.24
CA GLU A 118 3.10 6.28 15.19
C GLU A 118 3.49 7.61 14.54
N LYS A 119 4.04 7.56 13.35
CA LYS A 119 4.44 8.81 12.66
C LYS A 119 3.27 9.31 11.82
N ASN A 120 2.47 8.40 11.37
CA ASN A 120 1.30 8.79 10.52
C ASN A 120 0.10 9.09 11.42
N ILE A 121 0.33 9.29 12.68
CA ILE A 121 -0.80 9.60 13.60
C ILE A 121 -0.96 11.12 13.63
N HIS A 122 -1.63 11.67 14.61
CA HIS A 122 -1.79 13.15 14.66
C HIS A 122 -1.94 13.61 16.11
N ALA A 123 -1.58 14.83 16.39
CA ALA A 123 -1.70 15.35 17.78
C ALA A 123 -1.79 16.88 17.73
N GLY A 124 -2.81 17.45 18.32
CA GLY A 124 -2.96 18.93 18.31
C GLY A 124 -4.42 19.31 18.49
N ALA A 125 -4.77 20.54 18.21
CA ALA A 125 -6.18 20.97 18.37
C ALA A 125 -6.87 20.97 17.01
N MET B 1 11.91 1.74 19.35
CA MET B 1 12.96 2.06 18.35
C MET B 1 12.34 2.16 16.94
N ASN B 2 12.05 1.03 16.35
CA ASN B 2 11.45 1.06 14.98
C ASN B 2 12.20 2.08 14.11
N THR B 3 13.39 1.77 13.69
CA THR B 3 14.16 2.72 12.85
C THR B 3 13.81 2.50 11.38
N PRO B 4 13.11 3.46 10.82
CA PRO B 4 12.70 3.36 9.39
C PRO B 4 13.92 3.60 8.48
N GLU B 5 15.06 3.86 9.07
CA GLU B 5 16.28 4.11 8.23
C GLU B 5 16.50 2.92 7.30
N HIS B 6 16.47 1.72 7.82
CA HIS B 6 16.69 0.53 6.97
C HIS B 6 15.53 0.39 5.98
N MET B 7 14.32 0.35 6.47
CA MET B 7 13.15 0.22 5.58
C MET B 7 13.13 1.37 4.58
N THR B 8 13.37 2.57 5.04
CA THR B 8 13.35 3.74 4.11
C THR B 8 14.57 3.67 3.19
N ALA B 9 15.71 3.33 3.71
CA ALA B 9 16.92 3.24 2.85
C ALA B 9 16.61 2.36 1.65
N VAL B 10 15.98 1.24 1.88
CA VAL B 10 15.63 0.34 0.75
C VAL B 10 14.77 1.12 -0.24
N VAL B 11 14.17 2.19 0.20
CA VAL B 11 13.33 3.01 -0.71
C VAL B 11 14.20 4.09 -1.38
N GLN B 12 15.06 4.70 -0.62
CA GLN B 12 15.94 5.74 -1.19
C GLN B 12 16.77 5.10 -2.29
N ARG B 13 17.74 4.35 -1.87
CA ARG B 13 18.61 3.65 -2.84
C ARG B 13 17.76 3.08 -3.96
N TYR B 14 16.65 2.51 -3.60
CA TYR B 14 15.72 1.93 -4.60
C TYR B 14 15.33 3.00 -5.62
N VAL B 15 14.93 4.15 -5.16
CA VAL B 15 14.54 5.24 -6.12
C VAL B 15 15.80 5.98 -6.59
N ALA B 16 16.71 6.27 -5.72
CA ALA B 16 17.95 6.98 -6.16
C ALA B 16 18.46 6.26 -7.41
N ALA B 17 18.34 4.96 -7.45
CA ALA B 17 18.80 4.20 -8.63
C ALA B 17 17.77 4.42 -9.75
N LEU B 18 16.53 4.56 -9.38
CA LEU B 18 15.46 4.81 -10.38
C LEU B 18 15.76 6.14 -11.08
N ASN B 19 15.88 7.18 -10.30
CA ASN B 19 16.18 8.52 -10.87
C ASN B 19 17.42 8.44 -11.75
N ALA B 20 18.45 7.84 -11.25
CA ALA B 20 19.71 7.73 -12.03
C ALA B 20 19.68 6.45 -12.89
N GLY B 21 18.55 5.80 -12.96
CA GLY B 21 18.47 4.56 -13.78
C GLY B 21 19.61 3.62 -13.41
N ASP B 22 19.96 3.57 -12.15
CA ASP B 22 21.08 2.68 -11.74
C ASP B 22 20.52 1.32 -11.30
N LEU B 23 19.88 0.62 -12.20
CA LEU B 23 19.33 -0.71 -11.84
C LEU B 23 20.40 -1.49 -11.10
N ASP B 24 21.60 -1.42 -11.56
CA ASP B 24 22.71 -2.16 -10.89
C ASP B 24 22.59 -1.97 -9.38
N GLY B 25 22.19 -0.80 -8.96
CA GLY B 25 22.04 -0.55 -7.50
C GLY B 25 20.69 -1.09 -7.06
N ILE B 26 19.72 -1.01 -7.91
CA ILE B 26 18.37 -1.54 -7.57
C ILE B 26 18.49 -3.03 -7.29
N VAL B 27 19.02 -3.77 -8.23
CA VAL B 27 19.19 -5.23 -8.01
C VAL B 27 20.05 -5.43 -6.77
N ALA B 28 21.02 -4.57 -6.57
CA ALA B 28 21.88 -4.68 -5.36
C ALA B 28 20.99 -4.59 -4.14
N LEU B 29 20.23 -3.53 -4.05
CA LEU B 29 19.31 -3.37 -2.89
C LEU B 29 18.32 -4.54 -2.88
N PHE B 30 18.11 -5.13 -4.02
CA PHE B 30 17.16 -6.29 -4.10
C PHE B 30 17.89 -7.56 -3.68
N ALA B 31 17.26 -8.38 -2.89
CA ALA B 31 17.91 -9.64 -2.45
C ALA B 31 18.42 -10.41 -3.68
N ASP B 32 18.92 -11.59 -3.49
CA ASP B 32 19.43 -12.37 -4.65
C ASP B 32 18.26 -12.81 -5.53
N ASP B 33 17.10 -12.94 -4.94
CA ASP B 33 15.91 -13.36 -5.72
C ASP B 33 14.66 -12.78 -5.08
N ALA B 34 14.60 -11.49 -4.90
CA ALA B 34 13.39 -10.89 -4.28
C ALA B 34 12.18 -11.18 -5.16
N THR B 35 11.08 -10.50 -4.91
CA THR B 35 9.86 -10.75 -5.72
C THR B 35 9.30 -9.39 -6.19
N VAL B 36 8.95 -9.29 -7.44
CA VAL B 36 8.40 -8.01 -7.95
C VAL B 36 6.93 -8.20 -8.32
N GLU B 37 6.22 -7.14 -8.56
CA GLU B 37 4.78 -7.25 -8.92
C GLU B 37 4.41 -6.06 -9.80
N ASP B 38 4.05 -6.30 -11.03
CA ASP B 38 3.72 -5.14 -11.89
C ASP B 38 3.25 -5.62 -13.27
N PRO B 39 2.36 -4.87 -13.88
CA PRO B 39 1.82 -3.63 -13.27
C PRO B 39 0.85 -3.96 -12.13
N VAL B 40 -0.17 -4.74 -12.39
CA VAL B 40 -1.14 -5.08 -11.32
C VAL B 40 -1.73 -6.47 -11.58
N GLY B 41 -1.41 -7.43 -10.77
CA GLY B 41 -1.97 -8.81 -10.98
C GLY B 41 -1.68 -9.25 -12.41
N SER B 42 -0.49 -9.01 -12.89
CA SER B 42 -0.15 -9.41 -14.27
C SER B 42 0.93 -10.49 -14.26
N GLU B 43 2.17 -10.10 -14.41
CA GLU B 43 3.26 -11.11 -14.41
C GLU B 43 4.51 -10.55 -13.72
N PRO B 44 4.57 -10.77 -12.44
CA PRO B 44 5.73 -10.32 -11.63
C PRO B 44 7.01 -11.04 -12.08
N ARG B 45 8.13 -10.74 -11.47
CA ARG B 45 9.40 -11.40 -11.87
C ARG B 45 10.33 -11.50 -10.67
N SER B 46 10.40 -12.64 -10.04
CA SER B 46 11.28 -12.80 -8.86
C SER B 46 12.68 -13.25 -9.32
N GLY B 47 13.65 -13.19 -8.44
CA GLY B 47 15.03 -13.61 -8.83
C GLY B 47 15.85 -12.38 -9.20
N THR B 48 17.14 -12.48 -9.17
CA THR B 48 17.98 -11.30 -9.53
C THR B 48 17.85 -11.03 -11.03
N ALA B 49 17.79 -12.06 -11.82
CA ALA B 49 17.66 -11.85 -13.30
C ALA B 49 16.27 -11.29 -13.61
N ALA B 50 15.26 -11.80 -12.96
CA ALA B 50 13.88 -11.29 -13.23
C ALA B 50 13.71 -9.91 -12.61
N ILE B 51 13.94 -9.79 -11.33
CA ILE B 51 13.81 -8.45 -10.68
C ILE B 51 14.51 -7.41 -11.53
N ARG B 52 15.67 -7.74 -12.03
CA ARG B 52 16.42 -6.77 -12.88
C ARG B 52 15.81 -6.79 -14.29
N GLU B 53 15.67 -7.96 -14.86
CA GLU B 53 15.06 -8.03 -16.22
C GLU B 53 13.76 -7.24 -16.22
N PHE B 54 13.10 -7.22 -15.09
CA PHE B 54 11.82 -6.48 -14.98
C PHE B 54 12.14 -5.01 -14.70
N PHE B 55 12.60 -4.72 -13.51
CA PHE B 55 12.94 -3.31 -13.18
C PHE B 55 13.75 -2.71 -14.33
N ALA B 56 14.43 -3.55 -15.07
CA ALA B 56 15.22 -3.03 -16.22
C ALA B 56 14.25 -2.59 -17.31
N ASN B 57 13.29 -3.42 -17.62
CA ASN B 57 12.29 -3.05 -18.66
C ASN B 57 11.53 -1.82 -18.16
N SER B 58 11.37 -1.70 -16.87
CA SER B 58 10.68 -0.52 -16.32
C SER B 58 11.58 0.70 -16.48
N LEU B 59 12.86 0.50 -16.41
CA LEU B 59 13.81 1.62 -16.58
C LEU B 59 13.71 2.14 -18.02
N LYS B 60 13.25 1.30 -18.91
CA LYS B 60 13.10 1.74 -20.33
C LYS B 60 12.13 2.92 -20.39
N LEU B 61 11.41 3.15 -19.32
CA LEU B 61 10.44 4.28 -19.28
C LEU B 61 11.21 5.51 -18.78
N PRO B 62 11.40 6.46 -19.68
CA PRO B 62 12.15 7.69 -19.33
C PRO B 62 11.28 8.71 -18.59
N LEU B 63 11.28 8.67 -17.28
CA LEU B 63 10.48 9.68 -16.51
C LEU B 63 11.31 10.13 -15.31
N ALA B 64 10.94 11.22 -14.69
CA ALA B 64 11.70 11.69 -13.51
C ALA B 64 11.11 11.07 -12.25
N VAL B 65 11.92 10.46 -11.44
CA VAL B 65 11.40 9.82 -10.20
C VAL B 65 11.78 10.69 -9.00
N GLU B 66 10.81 11.28 -8.36
CA GLU B 66 11.11 12.13 -7.18
C GLU B 66 9.94 12.04 -6.19
N LEU B 67 10.06 11.22 -5.20
CA LEU B 67 8.96 11.08 -4.21
C LEU B 67 8.42 12.45 -3.82
N THR B 68 7.31 12.48 -3.14
CA THR B 68 6.73 13.79 -2.71
C THR B 68 6.60 13.81 -1.19
N GLN B 69 5.55 13.24 -0.70
CA GLN B 69 5.35 13.20 0.77
C GLN B 69 6.51 12.41 1.42
N GLU B 70 6.25 11.61 2.41
CA GLU B 70 7.35 10.84 3.05
C GLU B 70 7.12 9.34 2.86
N VAL B 71 8.12 8.64 2.42
CA VAL B 71 7.98 7.16 2.23
C VAL B 71 7.36 6.56 3.49
N ARG B 72 6.61 5.50 3.35
CA ARG B 72 5.99 4.88 4.56
C ARG B 72 6.69 3.56 4.88
N ALA B 73 7.10 3.39 6.10
CA ALA B 73 7.79 2.12 6.48
C ALA B 73 7.39 1.74 7.91
N VAL B 74 7.25 0.47 8.19
CA VAL B 74 6.87 0.04 9.56
C VAL B 74 7.10 -1.46 9.70
N ALA B 75 7.46 -1.91 10.87
CA ALA B 75 7.69 -3.37 11.04
C ALA B 75 8.77 -3.84 10.06
N ASN B 76 8.61 -4.98 9.46
CA ASN B 76 9.64 -5.46 8.50
C ASN B 76 9.29 -5.00 7.09
N GLU B 77 8.02 -4.86 6.78
CA GLU B 77 7.62 -4.41 5.42
C GLU B 77 7.34 -2.91 5.44
N ALA B 78 7.50 -2.29 4.31
CA ALA B 78 7.26 -0.82 4.23
C ALA B 78 6.46 -0.49 2.95
N ALA B 79 5.99 0.71 2.83
CA ALA B 79 5.22 1.10 1.62
C ALA B 79 5.58 2.54 1.23
N PHE B 80 5.68 2.82 -0.04
CA PHE B 80 6.03 4.22 -0.44
C PHE B 80 5.42 4.54 -1.80
N ALA B 81 5.26 5.80 -2.07
CA ALA B 81 4.66 6.22 -3.37
C ALA B 81 5.42 7.40 -3.96
N PHE B 82 4.89 8.00 -4.97
CA PHE B 82 5.57 9.17 -5.60
C PHE B 82 4.88 9.50 -6.92
N THR B 83 5.47 10.33 -7.71
CA THR B 83 4.86 10.69 -9.01
C THR B 83 5.90 10.55 -10.12
N VAL B 84 5.50 10.05 -11.26
CA VAL B 84 6.48 9.91 -12.38
C VAL B 84 6.28 11.06 -13.37
N SER B 85 7.29 11.86 -13.56
CA SER B 85 7.14 13.02 -14.50
C SER B 85 7.95 12.75 -15.76
N PHE B 86 7.31 12.68 -16.89
CA PHE B 86 8.05 12.44 -18.16
C PHE B 86 7.46 13.29 -19.28
N GLU B 87 8.24 13.63 -20.27
CA GLU B 87 7.72 14.47 -21.38
C GLU B 87 7.31 13.57 -22.54
N PHE B 88 6.54 14.09 -23.47
CA PHE B 88 6.10 13.25 -24.62
C PHE B 88 6.70 13.81 -25.91
N GLN B 89 6.31 13.27 -27.03
CA GLN B 89 6.85 13.76 -28.33
C GLN B 89 6.90 15.29 -28.32
N GLY B 90 6.00 15.92 -27.62
CA GLY B 90 6.00 17.41 -27.58
C GLY B 90 5.43 17.88 -26.24
N ARG B 91 4.34 17.31 -25.80
CA ARG B 91 3.75 17.71 -24.50
C ARG B 91 4.45 16.98 -23.37
N LYS B 92 3.86 16.99 -22.20
CA LYS B 92 4.51 16.29 -21.04
C LYS B 92 3.42 15.79 -20.09
N THR B 93 3.61 14.65 -19.49
CA THR B 93 2.58 14.12 -18.56
C THR B 93 3.23 13.72 -17.24
N VAL B 94 2.45 13.16 -16.36
CA VAL B 94 2.98 12.72 -15.05
C VAL B 94 2.11 11.56 -14.54
N VAL B 95 2.52 10.90 -13.49
CA VAL B 95 1.69 9.76 -12.97
C VAL B 95 1.75 9.74 -11.45
N ALA B 96 0.76 9.16 -10.83
CA ALA B 96 0.75 9.11 -9.33
C ALA B 96 0.56 7.67 -8.85
N PRO B 97 1.60 6.88 -9.00
CA PRO B 97 1.56 5.47 -8.59
C PRO B 97 2.16 5.30 -7.19
N ILE B 98 2.11 4.09 -6.68
CA ILE B 98 2.68 3.83 -5.33
C ILE B 98 3.36 2.46 -5.34
N ASP B 99 4.26 2.21 -4.43
CA ASP B 99 4.94 0.89 -4.40
C ASP B 99 4.92 0.32 -2.97
N HIS B 100 5.27 -0.93 -2.82
CA HIS B 100 5.28 -1.54 -1.47
C HIS B 100 6.60 -2.27 -1.27
N PHE B 101 7.18 -2.15 -0.10
CA PHE B 101 8.48 -2.82 0.15
C PHE B 101 8.30 -3.94 1.17
N ARG B 102 9.11 -4.97 1.08
CA ARG B 102 9.00 -6.09 2.05
C ARG B 102 10.39 -6.58 2.44
N PHE B 103 10.59 -6.96 3.67
CA PHE B 103 11.91 -7.45 4.11
C PHE B 103 11.74 -8.79 4.83
N ASN B 104 12.81 -9.42 5.21
CA ASN B 104 12.70 -10.72 5.95
C ASN B 104 13.90 -10.87 6.87
N GLY B 105 14.56 -9.79 7.17
CA GLY B 105 15.75 -9.86 8.08
C GLY B 105 16.03 -8.47 8.64
N ALA B 106 16.83 -7.70 7.94
CA ALA B 106 17.14 -6.32 8.42
C ALA B 106 18.38 -5.80 7.71
N GLY B 107 18.30 -5.63 6.41
CA GLY B 107 19.49 -5.11 5.67
C GLY B 107 19.28 -5.31 4.17
N LYS B 108 18.49 -6.27 3.77
CA LYS B 108 18.27 -6.51 2.32
C LYS B 108 16.77 -6.59 2.03
N VAL B 109 16.40 -6.47 0.78
CA VAL B 109 14.97 -6.54 0.41
C VAL B 109 14.68 -7.91 -0.21
N VAL B 110 13.46 -8.36 -0.19
CA VAL B 110 13.17 -9.69 -0.80
C VAL B 110 11.80 -9.66 -1.48
N SER B 111 10.85 -8.94 -0.96
CA SER B 111 9.52 -8.90 -1.62
C SER B 111 9.11 -7.45 -1.88
N MET B 112 8.33 -7.24 -2.89
CA MET B 112 7.88 -5.85 -3.21
C MET B 112 6.57 -5.90 -3.99
N ARG B 113 5.74 -4.90 -3.84
CA ARG B 113 4.44 -4.91 -4.57
C ARG B 113 4.10 -3.49 -5.03
N ALA B 114 3.88 -3.31 -6.30
CA ALA B 114 3.55 -1.95 -6.82
C ALA B 114 2.04 -1.82 -6.98
N LEU B 115 1.46 -0.76 -6.48
CA LEU B 115 -0.02 -0.60 -6.61
C LEU B 115 -0.32 0.66 -7.41
N PHE B 116 -1.25 0.55 -8.32
CA PHE B 116 -1.65 1.72 -9.16
C PHE B 116 -2.58 1.22 -10.27
N GLY B 117 -2.63 1.95 -11.35
CA GLY B 117 -3.51 1.52 -12.46
C GLY B 117 -3.60 2.64 -13.50
N GLU B 118 -4.43 2.49 -14.49
CA GLU B 118 -4.56 3.55 -15.53
C GLU B 118 -5.32 4.74 -14.92
N LYS B 119 -5.75 4.62 -13.70
CA LYS B 119 -6.50 5.72 -13.05
C LYS B 119 -5.52 6.61 -12.30
N ASN B 120 -4.43 6.03 -11.89
CA ASN B 120 -3.40 6.81 -11.14
C ASN B 120 -2.40 7.43 -12.13
N ILE B 121 -2.77 7.50 -13.38
CA ILE B 121 -1.86 8.11 -14.38
C ILE B 121 -2.17 9.61 -14.45
N HIS B 122 -1.45 10.36 -15.25
CA HIS B 122 -1.74 11.82 -15.32
C HIS B 122 -1.35 12.37 -16.70
N ALA B 123 -2.01 11.92 -17.74
CA ALA B 123 -1.66 12.43 -19.10
C ALA B 123 -2.52 13.65 -19.42
N GLY B 124 -1.90 14.79 -19.63
CA GLY B 124 -2.67 16.02 -19.95
C GLY B 124 -1.72 17.19 -20.14
N ALA B 125 -1.89 18.24 -19.39
CA ALA B 125 -0.98 19.42 -19.51
C ALA B 125 0.02 19.42 -18.36
N MET A 1 -12.77 1.39 -18.18
CA MET A 1 -12.76 0.22 -17.25
C MET A 1 -12.16 0.63 -15.90
N ASN A 2 -12.27 1.87 -15.55
CA ASN A 2 -11.70 2.33 -14.25
C ASN A 2 -12.82 2.84 -13.34
N THR A 3 -13.87 2.07 -13.20
CA THR A 3 -15.00 2.52 -12.33
C THR A 3 -14.76 2.04 -10.89
N PRO A 4 -14.45 2.98 -10.03
CA PRO A 4 -14.20 2.64 -8.61
C PRO A 4 -15.51 2.30 -7.91
N GLU A 5 -16.62 2.51 -8.57
CA GLU A 5 -17.94 2.21 -7.94
C GLU A 5 -17.87 0.83 -7.26
N HIS A 6 -17.17 -0.10 -7.85
CA HIS A 6 -17.07 -1.45 -7.24
C HIS A 6 -15.87 -1.51 -6.31
N MET A 7 -14.69 -1.27 -6.82
CA MET A 7 -13.48 -1.32 -5.97
C MET A 7 -13.64 -0.38 -4.78
N THR A 8 -14.51 0.60 -4.89
CA THR A 8 -14.69 1.55 -3.76
C THR A 8 -15.68 0.95 -2.76
N ALA A 9 -16.72 0.31 -3.23
CA ALA A 9 -17.69 -0.30 -2.28
C ALA A 9 -16.94 -1.14 -1.25
N VAL A 10 -15.92 -1.83 -1.68
CA VAL A 10 -15.13 -2.65 -0.72
C VAL A 10 -14.62 -1.74 0.40
N VAL A 11 -14.46 -0.48 0.10
CA VAL A 11 -13.96 0.47 1.14
C VAL A 11 -15.12 0.91 2.03
N GLN A 12 -16.27 1.13 1.44
CA GLN A 12 -17.45 1.55 2.24
C GLN A 12 -17.79 0.44 3.22
N ARG A 13 -18.36 -0.60 2.70
CA ARG A 13 -18.73 -1.75 3.56
C ARG A 13 -17.58 -2.03 4.52
N TYR A 14 -16.38 -2.01 4.00
CA TYR A 14 -15.19 -2.26 4.86
C TYR A 14 -15.26 -1.35 6.09
N VAL A 15 -15.59 -0.11 5.89
CA VAL A 15 -15.68 0.82 7.06
C VAL A 15 -17.09 0.79 7.63
N ALA A 16 -18.10 0.74 6.79
CA ALA A 16 -19.48 0.68 7.34
C ALA A 16 -19.51 -0.41 8.40
N ALA A 17 -18.74 -1.44 8.21
CA ALA A 17 -18.67 -2.53 9.21
C ALA A 17 -17.80 -2.06 10.37
N LEU A 18 -16.84 -1.24 10.07
CA LEU A 18 -15.97 -0.69 11.13
C LEU A 18 -16.81 0.18 12.05
N ASN A 19 -17.48 1.16 11.49
CA ASN A 19 -18.35 2.05 12.29
C ASN A 19 -19.34 1.21 13.08
N ALA A 20 -20.00 0.30 12.43
CA ALA A 20 -20.99 -0.56 13.13
C ALA A 20 -20.30 -1.79 13.72
N GLY A 21 -18.99 -1.80 13.72
CA GLY A 21 -18.26 -2.98 14.28
C GLY A 21 -18.86 -4.25 13.72
N ASP A 22 -19.29 -4.23 12.49
CA ASP A 22 -19.88 -5.45 11.87
C ASP A 22 -18.78 -6.28 11.21
N LEU A 23 -17.84 -6.75 11.97
CA LEU A 23 -16.74 -7.57 11.39
C LEU A 23 -17.34 -8.61 10.46
N ASP A 24 -18.40 -9.22 10.89
CA ASP A 24 -19.06 -10.26 10.06
C ASP A 24 -19.14 -9.77 8.62
N GLY A 25 -19.28 -8.48 8.43
CA GLY A 25 -19.33 -7.94 7.05
C GLY A 25 -17.91 -7.72 6.56
N ILE A 26 -17.05 -7.30 7.42
CA ILE A 26 -15.63 -7.08 7.02
C ILE A 26 -15.09 -8.40 6.49
N VAL A 27 -15.17 -9.43 7.29
CA VAL A 27 -14.68 -10.76 6.84
C VAL A 27 -15.43 -11.11 5.55
N ALA A 28 -16.70 -10.83 5.51
CA ALA A 28 -17.49 -11.12 4.29
C ALA A 28 -16.83 -10.40 3.11
N LEU A 29 -16.61 -9.13 3.25
CA LEU A 29 -15.95 -8.35 2.17
C LEU A 29 -14.50 -8.83 2.02
N PHE A 30 -13.99 -9.46 3.03
CA PHE A 30 -12.59 -9.96 2.99
C PHE A 30 -12.57 -11.37 2.40
N ALA A 31 -11.70 -11.61 1.45
CA ALA A 31 -11.63 -12.97 0.83
C ALA A 31 -11.59 -14.04 1.93
N ASP A 32 -11.60 -15.29 1.55
CA ASP A 32 -11.57 -16.38 2.56
C ASP A 32 -10.22 -16.36 3.28
N ASP A 33 -9.22 -15.84 2.65
CA ASP A 33 -7.88 -15.78 3.29
C ASP A 33 -7.18 -14.50 2.87
N ALA A 34 -7.82 -13.37 3.08
CA ALA A 34 -7.19 -12.07 2.70
C ALA A 34 -6.05 -11.75 3.68
N THR A 35 -5.10 -10.96 3.25
CA THR A 35 -3.97 -10.61 4.15
C THR A 35 -4.20 -9.19 4.70
N VAL A 36 -3.46 -8.81 5.70
CA VAL A 36 -3.63 -7.44 6.27
C VAL A 36 -2.38 -7.07 7.09
N GLU A 37 -1.58 -6.16 6.59
CA GLU A 37 -0.37 -5.74 7.35
C GLU A 37 -0.77 -4.59 8.27
N ASP A 38 -0.93 -4.86 9.53
CA ASP A 38 -1.39 -3.78 10.45
C ASP A 38 -1.34 -4.29 11.90
N PRO A 39 -0.97 -3.42 12.81
CA PRO A 39 -0.61 -2.01 12.47
C PRO A 39 0.77 -1.94 11.79
N VAL A 40 1.15 -0.77 11.35
CA VAL A 40 2.49 -0.62 10.69
C VAL A 40 3.58 -0.94 11.70
N GLY A 41 4.20 -2.08 11.57
CA GLY A 41 5.28 -2.47 12.52
C GLY A 41 4.92 -3.78 13.20
N SER A 42 3.73 -4.26 12.98
CA SER A 42 3.31 -5.54 13.60
C SER A 42 3.33 -6.64 12.55
N GLU A 43 2.57 -7.69 12.74
CA GLU A 43 2.55 -8.79 11.73
C GLU A 43 1.12 -9.05 11.26
N PRO A 44 0.95 -9.07 9.96
CA PRO A 44 -0.38 -9.32 9.35
C PRO A 44 -0.89 -10.72 9.71
N ARG A 45 -2.06 -11.04 9.24
CA ARG A 45 -2.64 -12.38 9.52
C ARG A 45 -3.54 -12.76 8.35
N SER A 46 -3.10 -13.67 7.52
CA SER A 46 -3.91 -14.07 6.35
C SER A 46 -4.85 -15.21 6.72
N GLY A 47 -5.92 -15.37 5.99
CA GLY A 47 -6.90 -16.45 6.30
C GLY A 47 -8.18 -15.82 6.83
N THR A 48 -9.26 -16.53 6.83
CA THR A 48 -10.53 -15.96 7.35
C THR A 48 -10.40 -15.73 8.85
N ALA A 49 -10.13 -16.77 9.60
CA ALA A 49 -9.99 -16.60 11.07
C ALA A 49 -8.94 -15.55 11.36
N ALA A 50 -7.88 -15.51 10.60
CA ALA A 50 -6.81 -14.49 10.84
C ALA A 50 -7.34 -13.10 10.49
N ILE A 51 -7.90 -12.93 9.33
CA ILE A 51 -8.44 -11.59 8.95
C ILE A 51 -9.45 -11.13 9.99
N ARG A 52 -10.35 -11.99 10.38
CA ARG A 52 -11.35 -11.59 11.41
C ARG A 52 -10.65 -11.55 12.78
N GLU A 53 -9.98 -12.60 13.14
CA GLU A 53 -9.27 -12.60 14.46
C GLU A 53 -8.47 -11.30 14.57
N PHE A 54 -8.01 -10.78 13.46
CA PHE A 54 -7.25 -9.52 13.49
C PHE A 54 -8.21 -8.35 13.50
N PHE A 55 -8.86 -8.12 12.40
CA PHE A 55 -9.82 -6.99 12.33
C PHE A 55 -10.75 -7.05 13.55
N ALA A 56 -10.90 -8.21 14.12
CA ALA A 56 -11.77 -8.33 15.33
C ALA A 56 -11.02 -7.73 16.52
N ASN A 57 -9.78 -8.10 16.70
CA ASN A 57 -8.99 -7.54 17.82
C ASN A 57 -8.97 -6.02 17.69
N SER A 58 -8.90 -5.53 16.48
CA SER A 58 -8.90 -4.06 16.28
C SER A 58 -10.27 -3.51 16.66
N LEU A 59 -11.31 -4.25 16.39
CA LEU A 59 -12.68 -3.79 16.74
C LEU A 59 -12.81 -3.75 18.27
N LYS A 60 -12.09 -4.59 18.96
CA LYS A 60 -12.17 -4.60 20.45
C LYS A 60 -12.06 -3.15 20.95
N LEU A 61 -11.36 -2.32 20.23
CA LEU A 61 -11.22 -0.91 20.65
C LEU A 61 -12.36 -0.10 20.04
N PRO A 62 -13.26 0.34 20.88
CA PRO A 62 -14.43 1.12 20.40
C PRO A 62 -14.01 2.50 19.92
N LEU A 63 -14.10 2.74 18.63
CA LEU A 63 -13.72 4.08 18.10
C LEU A 63 -14.74 4.54 17.08
N ALA A 64 -14.75 5.80 16.76
CA ALA A 64 -15.70 6.32 15.75
C ALA A 64 -15.00 6.27 14.39
N VAL A 65 -15.61 5.69 13.40
CA VAL A 65 -14.96 5.61 12.07
C VAL A 65 -15.78 6.41 11.05
N GLU A 66 -15.18 7.39 10.45
CA GLU A 66 -15.90 8.22 9.44
C GLU A 66 -14.89 8.74 8.43
N LEU A 67 -14.90 8.20 7.24
CA LEU A 67 -13.93 8.65 6.20
C LEU A 67 -13.94 10.18 6.13
N THR A 68 -13.09 10.74 5.30
CA THR A 68 -13.04 12.23 5.17
C THR A 68 -12.74 12.60 3.73
N GLN A 69 -11.49 12.56 3.37
CA GLN A 69 -11.10 12.90 1.98
C GLN A 69 -11.80 11.95 1.00
N GLU A 70 -11.14 11.60 -0.07
CA GLU A 70 -11.77 10.67 -1.05
C GLU A 70 -11.01 9.35 -1.09
N VAL A 71 -11.73 8.25 -1.01
CA VAL A 71 -11.05 6.92 -1.05
C VAL A 71 -10.34 6.76 -2.39
N ARG A 72 -9.40 5.86 -2.47
CA ARG A 72 -8.66 5.66 -3.75
C ARG A 72 -8.80 4.21 -4.20
N ALA A 73 -9.09 4.00 -5.47
CA ALA A 73 -9.24 2.61 -5.98
C ALA A 73 -8.76 2.56 -7.44
N VAL A 74 -8.46 1.41 -7.94
CA VAL A 74 -7.99 1.32 -9.36
C VAL A 74 -8.18 -0.11 -9.87
N ALA A 75 -7.47 -0.46 -10.91
CA ALA A 75 -7.59 -1.83 -11.51
C ALA A 75 -7.96 -2.87 -10.45
N ASN A 76 -7.01 -3.42 -9.76
CA ASN A 76 -7.34 -4.45 -8.74
C ASN A 76 -6.79 -4.06 -7.36
N GLU A 77 -6.51 -2.80 -7.15
CA GLU A 77 -5.98 -2.38 -5.82
C GLU A 77 -6.80 -1.21 -5.29
N ALA A 78 -6.25 -0.47 -4.36
CA ALA A 78 -6.99 0.69 -3.81
C ALA A 78 -6.28 1.24 -2.58
N ALA A 79 -6.35 2.52 -2.35
CA ALA A 79 -5.68 3.11 -1.16
C ALA A 79 -6.64 4.12 -0.53
N PHE A 80 -6.84 4.05 0.76
CA PHE A 80 -7.79 5.01 1.40
C PHE A 80 -7.36 5.33 2.82
N ALA A 81 -7.97 6.30 3.43
CA ALA A 81 -7.59 6.68 4.82
C ALA A 81 -8.83 7.09 5.61
N PHE A 82 -8.64 7.71 6.75
CA PHE A 82 -9.80 8.14 7.57
C PHE A 82 -9.30 8.58 8.94
N THR A 83 -10.19 8.76 9.87
CA THR A 83 -9.78 9.17 11.23
C THR A 83 -10.45 8.28 12.27
N VAL A 84 -9.76 7.98 13.34
CA VAL A 84 -10.38 7.11 14.39
C VAL A 84 -10.60 7.94 15.66
N SER A 85 -11.81 8.02 16.13
CA SER A 85 -12.09 8.81 17.36
C SER A 85 -12.63 7.88 18.44
N PHE A 86 -11.84 7.58 19.43
CA PHE A 86 -12.31 6.66 20.50
C PHE A 86 -12.05 7.27 21.88
N GLU A 87 -12.86 6.91 22.85
CA GLU A 87 -12.68 7.47 24.22
C GLU A 87 -12.62 6.30 25.21
N PHE A 88 -12.08 6.52 26.38
CA PHE A 88 -12.01 5.41 27.38
C PHE A 88 -12.04 5.98 28.80
N GLN A 89 -10.91 6.09 29.43
CA GLN A 89 -10.88 6.62 30.83
C GLN A 89 -11.70 7.92 30.92
N GLY A 90 -11.05 9.05 30.90
CA GLY A 90 -11.81 10.34 30.98
C GLY A 90 -11.46 11.20 29.77
N ARG A 91 -10.29 11.05 29.23
CA ARG A 91 -9.89 11.86 28.05
C ARG A 91 -10.14 11.07 26.77
N LYS A 92 -10.44 11.73 25.68
CA LYS A 92 -10.69 11.00 24.41
C LYS A 92 -9.58 11.33 23.42
N THR A 93 -9.23 10.39 22.59
CA THR A 93 -8.14 10.61 21.61
C THR A 93 -8.62 10.22 20.22
N VAL A 94 -8.18 10.91 19.20
CA VAL A 94 -8.59 10.58 17.82
C VAL A 94 -7.34 10.25 16.99
N VAL A 95 -7.51 9.67 15.83
CA VAL A 95 -6.32 9.32 15.01
C VAL A 95 -6.60 9.58 13.53
N ALA A 96 -5.57 9.72 12.74
CA ALA A 96 -5.76 9.97 11.28
C ALA A 96 -4.76 9.14 10.48
N PRO A 97 -5.02 7.87 10.39
CA PRO A 97 -4.14 6.93 9.67
C PRO A 97 -4.64 6.69 8.24
N ILE A 98 -3.98 5.81 7.53
CA ILE A 98 -4.43 5.49 6.14
C ILE A 98 -4.41 3.97 5.95
N ASP A 99 -5.16 3.47 5.02
CA ASP A 99 -5.18 2.00 4.80
C ASP A 99 -4.95 1.70 3.31
N HIS A 100 -4.59 0.48 3.01
CA HIS A 100 -4.35 0.11 1.59
C HIS A 100 -5.40 -0.90 1.15
N PHE A 101 -5.43 -1.25 -0.10
CA PHE A 101 -6.47 -2.20 -0.56
C PHE A 101 -5.94 -3.06 -1.71
N ARG A 102 -6.33 -4.30 -1.76
CA ARG A 102 -5.87 -5.19 -2.86
C ARG A 102 -7.04 -6.07 -3.32
N PHE A 103 -7.59 -5.78 -4.47
CA PHE A 103 -8.74 -6.58 -4.97
C PHE A 103 -8.21 -7.73 -5.84
N ASN A 104 -9.10 -8.43 -6.50
CA ASN A 104 -8.65 -9.56 -7.37
C ASN A 104 -9.22 -9.36 -8.78
N GLY A 105 -10.49 -9.07 -8.88
CA GLY A 105 -11.11 -8.87 -10.22
C GLY A 105 -12.46 -8.16 -10.07
N ALA A 106 -12.63 -7.40 -9.02
CA ALA A 106 -13.92 -6.69 -8.82
C ALA A 106 -14.96 -7.66 -8.29
N GLY A 107 -14.78 -8.14 -7.08
CA GLY A 107 -15.76 -9.10 -6.50
C GLY A 107 -15.68 -9.05 -4.98
N LYS A 108 -14.49 -8.92 -4.45
CA LYS A 108 -14.35 -8.87 -2.96
C LYS A 108 -12.94 -8.37 -2.62
N VAL A 109 -12.51 -8.58 -1.41
CA VAL A 109 -11.15 -8.12 -1.01
C VAL A 109 -10.22 -9.34 -0.91
N VAL A 110 -8.98 -9.19 -1.28
CA VAL A 110 -8.03 -10.34 -1.19
C VAL A 110 -6.80 -9.95 -0.38
N SER A 111 -6.44 -8.70 -0.39
CA SER A 111 -5.24 -8.26 0.38
C SER A 111 -5.43 -6.82 0.85
N MET A 112 -4.77 -6.43 1.90
CA MET A 112 -4.92 -5.04 2.40
C MET A 112 -3.69 -4.64 3.21
N ARG A 113 -3.35 -3.38 3.19
CA ARG A 113 -2.16 -2.92 3.96
C ARG A 113 -2.55 -1.69 4.78
N ALA A 114 -1.68 -1.22 5.62
CA ALA A 114 -2.01 -0.03 6.45
C ALA A 114 -0.76 0.84 6.64
N LEU A 115 -0.92 2.13 6.63
CA LEU A 115 0.26 3.03 6.80
C LEU A 115 -0.10 4.19 7.72
N PHE A 116 0.81 4.56 8.58
CA PHE A 116 0.57 5.69 9.53
C PHE A 116 1.69 5.73 10.56
N GLY A 117 1.47 6.40 11.65
CA GLY A 117 2.53 6.47 12.70
C GLY A 117 2.08 7.42 13.82
N GLU A 118 3.00 7.83 14.66
CA GLU A 118 2.62 8.75 15.76
C GLU A 118 2.37 10.14 15.19
N LYS A 119 2.58 10.32 13.92
CA LYS A 119 2.36 11.64 13.29
C LYS A 119 0.92 11.72 12.78
N ASN A 120 0.39 10.61 12.39
CA ASN A 120 -1.00 10.58 11.88
C ASN A 120 -1.97 10.34 13.03
N ILE A 121 -1.49 10.38 14.24
CA ILE A 121 -2.39 10.17 15.41
C ILE A 121 -2.90 11.52 15.88
N HIS A 122 -3.57 11.57 17.01
CA HIS A 122 -4.10 12.87 17.51
C HIS A 122 -4.17 12.83 19.04
N ALA A 123 -4.22 13.98 19.67
CA ALA A 123 -4.29 14.00 21.16
C ALA A 123 -4.94 15.31 21.62
N GLY A 124 -5.88 15.23 22.53
CA GLY A 124 -6.54 16.47 23.02
C GLY A 124 -8.05 16.25 23.08
N ALA A 125 -8.82 17.07 22.41
CA ALA A 125 -10.30 16.92 22.43
C ALA A 125 -10.80 16.70 21.00
N MET B 1 11.42 9.12 17.87
CA MET B 1 12.57 8.19 17.70
C MET B 1 12.40 7.36 16.42
N ASN B 2 11.76 7.91 15.43
CA ASN B 2 11.57 7.15 14.16
C ASN B 2 12.36 7.82 13.04
N THR B 3 13.51 7.29 12.71
CA THR B 3 14.32 7.89 11.62
C THR B 3 13.95 7.25 10.28
N PRO B 4 13.28 8.02 9.46
CA PRO B 4 12.86 7.52 8.13
C PRO B 4 14.06 7.39 7.20
N GLU B 5 15.23 7.77 7.66
CA GLU B 5 16.44 7.69 6.80
C GLU B 5 16.70 6.22 6.44
N HIS B 6 16.67 5.34 7.41
CA HIS B 6 16.92 3.90 7.11
C HIS B 6 15.81 3.37 6.21
N MET B 7 14.58 3.52 6.61
CA MET B 7 13.45 3.05 5.78
C MET B 7 13.45 3.78 4.45
N THR B 8 13.71 5.06 4.46
CA THR B 8 13.72 5.84 3.20
C THR B 8 14.87 5.33 2.32
N ALA B 9 15.96 4.95 2.90
CA ALA B 9 17.10 4.45 2.09
C ALA B 9 16.57 3.38 1.14
N VAL B 10 15.72 2.52 1.62
CA VAL B 10 15.15 1.45 0.74
C VAL B 10 14.39 2.14 -0.41
N VAL B 11 14.03 3.38 -0.23
CA VAL B 11 13.30 4.11 -1.31
C VAL B 11 14.34 4.77 -2.23
N GLN B 12 15.36 5.32 -1.67
CA GLN B 12 16.41 5.98 -2.50
C GLN B 12 17.02 4.93 -3.40
N ARG B 13 17.82 4.10 -2.83
CA ARG B 13 18.47 3.01 -3.60
C ARG B 13 17.43 2.39 -4.52
N TYR B 14 16.27 2.12 -3.99
CA TYR B 14 15.18 1.52 -4.81
C TYR B 14 15.03 2.33 -6.10
N VAL B 15 15.07 3.62 -6.00
CA VAL B 15 14.93 4.46 -7.23
C VAL B 15 16.32 4.71 -7.83
N ALA B 16 17.31 4.90 -7.01
CA ALA B 16 18.68 5.11 -7.58
C ALA B 16 18.93 3.99 -8.59
N ALA B 17 18.42 2.82 -8.31
CA ALA B 17 18.58 1.69 -9.26
C ALA B 17 17.63 1.91 -10.42
N LEU B 18 16.51 2.56 -10.15
CA LEU B 18 15.53 2.86 -11.22
C LEU B 18 16.17 3.86 -12.18
N ASN B 19 16.56 5.00 -11.66
CA ASN B 19 17.20 6.05 -12.49
C ASN B 19 18.34 5.42 -13.30
N ALA B 20 19.14 4.62 -12.66
CA ALA B 20 20.28 3.98 -13.37
C ALA B 20 19.83 2.65 -13.98
N GLY B 21 18.58 2.30 -13.81
CA GLY B 21 18.07 1.02 -14.37
C GLY B 21 18.96 -0.14 -13.90
N ASP B 22 19.29 -0.14 -12.64
CA ASP B 22 20.17 -1.24 -12.11
C ASP B 22 19.31 -2.24 -11.33
N LEU B 23 18.70 -3.17 -12.01
CA LEU B 23 17.88 -4.18 -11.33
C LEU B 23 18.67 -4.86 -10.21
N ASP B 24 19.98 -4.76 -10.25
CA ASP B 24 20.80 -5.39 -9.20
C ASP B 24 20.50 -4.74 -7.85
N GLY B 25 20.67 -3.44 -7.75
CA GLY B 25 20.39 -2.76 -6.46
C GLY B 25 18.92 -2.90 -6.10
N ILE B 26 18.08 -3.05 -7.10
CA ILE B 26 16.63 -3.21 -6.82
C ILE B 26 16.43 -4.57 -6.15
N VAL B 27 16.77 -5.63 -6.82
CA VAL B 27 16.62 -6.97 -6.20
C VAL B 27 17.47 -7.00 -4.93
N ALA B 28 18.64 -6.42 -4.98
CA ALA B 28 19.51 -6.37 -3.78
C ALA B 28 18.70 -5.75 -2.65
N LEU B 29 18.15 -4.59 -2.89
CA LEU B 29 17.33 -3.91 -1.86
C LEU B 29 16.11 -4.78 -1.54
N PHE B 30 15.75 -5.64 -2.45
CA PHE B 30 14.57 -6.50 -2.23
C PHE B 30 15.00 -7.83 -1.61
N ALA B 31 14.24 -8.32 -0.66
CA ALA B 31 14.61 -9.61 -0.01
C ALA B 31 14.89 -10.67 -1.07
N ASP B 32 15.15 -11.88 -0.66
CA ASP B 32 15.43 -12.97 -1.64
C ASP B 32 14.17 -13.30 -2.42
N ASP B 33 13.03 -13.04 -1.85
CA ASP B 33 11.75 -13.33 -2.53
C ASP B 33 10.74 -12.25 -2.18
N ALA B 34 11.10 -11.01 -2.36
CA ALA B 34 10.16 -9.90 -2.03
C ALA B 34 8.95 -9.96 -2.97
N THR B 35 7.86 -9.38 -2.57
CA THR B 35 6.64 -9.39 -3.43
C THR B 35 6.43 -8.00 -4.03
N VAL B 36 5.91 -7.92 -5.22
CA VAL B 36 5.68 -6.60 -5.85
C VAL B 36 4.36 -6.61 -6.62
N GLU B 37 3.38 -5.88 -6.15
CA GLU B 37 2.07 -5.84 -6.86
C GLU B 37 2.12 -4.69 -7.85
N ASP B 38 2.25 -5.00 -9.12
CA ASP B 38 2.34 -3.91 -10.12
C ASP B 38 2.53 -4.53 -11.52
N PRO B 39 1.92 -3.92 -12.52
CA PRO B 39 1.10 -2.71 -12.33
C PRO B 39 -0.24 -3.04 -11.66
N VAL B 40 -1.01 -2.05 -11.32
CA VAL B 40 -2.33 -2.31 -10.68
C VAL B 40 -3.27 -2.94 -11.71
N GLY B 41 -3.62 -4.17 -11.53
CA GLY B 41 -4.54 -4.84 -12.51
C GLY B 41 -3.79 -5.99 -13.20
N SER B 42 -2.54 -6.17 -12.89
CA SER B 42 -1.75 -7.26 -13.52
C SER B 42 -1.40 -8.30 -12.45
N GLU B 43 -0.18 -8.76 -12.42
CA GLU B 43 0.20 -9.76 -11.39
C GLU B 43 1.62 -9.49 -10.88
N PRO B 44 1.77 -9.52 -9.59
CA PRO B 44 3.09 -9.28 -8.96
C PRO B 44 4.10 -10.36 -9.36
N ARG B 45 5.25 -10.35 -8.73
CA ARG B 45 6.29 -11.37 -9.03
C ARG B 45 7.11 -11.59 -7.76
N SER B 46 6.80 -12.61 -7.01
CA SER B 46 7.54 -12.86 -5.75
C SER B 46 8.75 -13.74 -6.03
N GLY B 47 9.80 -13.60 -5.26
CA GLY B 47 11.02 -14.42 -5.47
C GLY B 47 12.11 -13.54 -6.07
N THR B 48 13.35 -13.97 -6.01
CA THR B 48 14.45 -13.16 -6.57
C THR B 48 14.34 -13.14 -8.11
N ALA B 49 14.42 -14.28 -8.72
CA ALA B 49 14.31 -14.33 -10.21
C ALA B 49 13.00 -13.67 -10.64
N ALA B 50 12.04 -13.61 -9.76
CA ALA B 50 10.74 -12.98 -10.12
C ALA B 50 10.80 -11.48 -9.82
N ILE B 51 11.25 -11.11 -8.65
CA ILE B 51 11.34 -9.67 -8.30
C ILE B 51 12.13 -8.95 -9.38
N ARG B 52 13.23 -9.52 -9.82
CA ARG B 52 14.04 -8.87 -10.88
C ARG B 52 13.33 -9.03 -12.22
N GLU B 53 12.98 -10.24 -12.58
CA GLU B 53 12.29 -10.44 -13.88
C GLU B 53 11.13 -9.44 -13.97
N PHE B 54 10.62 -9.04 -12.84
CA PHE B 54 9.51 -8.07 -12.81
C PHE B 54 10.09 -6.65 -12.85
N PHE B 55 10.68 -6.24 -11.78
CA PHE B 55 11.27 -4.87 -11.74
C PHE B 55 12.20 -4.69 -12.94
N ALA B 56 12.67 -5.77 -13.50
CA ALA B 56 13.56 -5.67 -14.69
C ALA B 56 12.69 -5.44 -15.93
N ASN B 57 11.64 -6.21 -16.06
CA ASN B 57 10.73 -6.02 -17.23
C ASN B 57 10.22 -4.59 -17.20
N SER B 58 10.07 -4.03 -16.02
CA SER B 58 9.59 -2.64 -15.91
C SER B 58 10.70 -1.70 -16.40
N LEU B 59 11.93 -2.10 -16.21
CA LEU B 59 13.06 -1.27 -16.67
C LEU B 59 13.12 -1.31 -18.20
N LYS B 60 12.66 -2.37 -18.80
CA LYS B 60 12.67 -2.47 -20.28
C LYS B 60 12.19 -1.14 -20.86
N LEU B 61 11.37 -0.44 -20.12
CA LEU B 61 10.86 0.86 -20.60
C LEU B 61 11.82 1.95 -20.10
N PRO B 62 12.48 2.59 -21.03
CA PRO B 62 13.46 3.65 -20.67
C PRO B 62 12.73 4.91 -20.18
N LEU B 63 12.81 5.18 -18.89
CA LEU B 63 12.13 6.41 -18.36
C LEU B 63 13.04 7.10 -17.35
N ALA B 64 12.76 8.34 -17.07
CA ALA B 64 13.59 9.07 -16.07
C ALA B 64 12.89 8.99 -14.72
N VAL B 65 13.58 8.50 -13.73
CA VAL B 65 12.95 8.39 -12.38
C VAL B 65 13.50 9.47 -11.46
N GLU B 66 12.67 10.36 -11.01
CA GLU B 66 13.15 11.44 -10.10
C GLU B 66 12.03 11.80 -9.11
N LEU B 67 12.17 11.38 -7.88
CA LEU B 67 11.11 11.69 -6.88
C LEU B 67 10.75 13.18 -6.96
N THR B 68 9.76 13.60 -6.23
CA THR B 68 9.36 15.03 -6.27
C THR B 68 8.86 15.47 -4.89
N GLN B 69 8.13 14.63 -4.24
CA GLN B 69 7.60 14.96 -2.89
C GLN B 69 8.43 14.24 -1.83
N GLU B 70 7.84 13.95 -0.71
CA GLU B 70 8.60 13.25 0.37
C GLU B 70 8.14 11.79 0.45
N VAL B 71 9.06 10.87 0.46
CA VAL B 71 8.67 9.44 0.56
C VAL B 71 8.05 9.17 1.92
N ARG B 72 7.11 8.26 1.99
CA ARG B 72 6.47 7.96 3.31
C ARG B 72 7.03 6.65 3.87
N ALA B 73 7.34 6.64 5.14
CA ALA B 73 7.89 5.39 5.76
C ALA B 73 7.48 5.33 7.23
N VAL B 74 7.25 4.16 7.76
CA VAL B 74 6.85 4.05 9.19
C VAL B 74 7.07 2.62 9.70
N ALA B 75 7.42 2.50 10.94
CA ALA B 75 7.63 1.15 11.54
C ALA B 75 8.32 0.21 10.54
N ASN B 76 7.58 -0.61 9.85
CA ASN B 76 8.21 -1.54 8.86
C ASN B 76 7.50 -1.47 7.52
N GLU B 77 7.01 -0.32 7.14
CA GLU B 77 6.31 -0.19 5.84
C GLU B 77 6.72 1.13 5.19
N ALA B 78 5.92 1.62 4.30
CA ALA B 78 6.27 2.91 3.64
C ALA B 78 5.41 3.14 2.40
N ALA B 79 5.15 4.38 2.09
CA ALA B 79 4.33 4.71 0.88
C ALA B 79 5.02 5.88 0.17
N PHE B 80 5.24 5.78 -1.11
CA PHE B 80 5.93 6.90 -1.81
C PHE B 80 5.47 7.00 -3.26
N ALA B 81 5.93 8.01 -3.96
CA ALA B 81 5.52 8.18 -5.38
C ALA B 81 6.66 8.87 -6.14
N PHE B 82 6.47 9.12 -7.40
CA PHE B 82 7.54 9.79 -8.20
C PHE B 82 7.01 10.12 -9.59
N THR B 83 7.90 10.37 -10.51
CA THR B 83 7.45 10.71 -11.89
C THR B 83 8.27 9.92 -12.91
N VAL B 84 7.67 9.56 -14.01
CA VAL B 84 8.42 8.78 -15.04
C VAL B 84 8.37 9.54 -16.38
N SER B 85 9.50 9.97 -16.87
CA SER B 85 9.53 10.69 -18.17
C SER B 85 10.23 9.82 -19.22
N PHE B 86 9.52 9.39 -20.22
CA PHE B 86 10.15 8.53 -21.26
C PHE B 86 9.58 8.87 -22.64
N GLU B 87 10.22 8.39 -23.68
CA GLU B 87 9.72 8.67 -25.06
C GLU B 87 9.95 7.44 -25.93
N PHE B 88 9.16 7.27 -26.95
CA PHE B 88 9.33 6.09 -27.84
C PHE B 88 9.22 6.53 -29.30
N GLN B 89 9.09 7.80 -29.55
CA GLN B 89 8.97 8.29 -30.95
C GLN B 89 9.08 9.82 -30.96
N GLY B 90 8.42 10.46 -31.89
CA GLY B 90 8.48 11.94 -31.95
C GLY B 90 7.62 12.54 -30.83
N ARG B 91 6.83 11.73 -30.20
CA ARG B 91 5.97 12.23 -29.09
C ARG B 91 6.41 11.62 -27.77
N LYS B 92 6.42 12.38 -26.71
CA LYS B 92 6.85 11.81 -25.40
C LYS B 92 5.76 12.06 -24.35
N THR B 93 5.92 11.50 -23.19
CA THR B 93 4.91 11.68 -22.13
C THR B 93 5.57 11.45 -20.77
N VAL B 94 4.87 11.73 -19.71
CA VAL B 94 5.45 11.50 -18.35
C VAL B 94 4.39 10.80 -17.48
N VAL B 95 4.78 10.26 -16.37
CA VAL B 95 3.79 9.56 -15.50
C VAL B 95 4.02 9.94 -14.03
N ALA B 96 2.96 10.02 -13.26
CA ALA B 96 3.11 10.39 -11.83
C ALA B 96 2.30 9.43 -10.95
N PRO B 97 2.81 8.23 -10.82
CA PRO B 97 2.13 7.20 -10.02
C PRO B 97 2.67 7.19 -8.58
N ILE B 98 2.19 6.27 -7.77
CA ILE B 98 2.67 6.18 -6.37
C ILE B 98 2.95 4.71 -6.06
N ASP B 99 3.96 4.45 -5.27
CA ASP B 99 4.28 3.03 -4.94
C ASP B 99 4.12 2.81 -3.44
N HIS B 100 4.12 1.57 -3.02
CA HIS B 100 3.97 1.27 -1.57
C HIS B 100 5.23 0.56 -1.09
N PHE B 101 5.34 0.32 0.20
CA PHE B 101 6.56 -0.34 0.70
C PHE B 101 6.23 -1.25 1.89
N ARG B 102 6.92 -2.35 2.00
CA ARG B 102 6.66 -3.28 3.13
C ARG B 102 8.01 -3.76 3.70
N PHE B 103 8.45 -3.17 4.77
CA PHE B 103 9.75 -3.60 5.37
C PHE B 103 9.51 -4.71 6.39
N ASN B 104 10.56 -5.25 6.96
CA ASN B 104 10.39 -6.33 7.97
C ASN B 104 10.96 -5.85 9.31
N GLY B 105 11.92 -4.96 9.27
CA GLY B 105 12.53 -4.46 10.54
C GLY B 105 13.20 -3.12 10.29
N ALA B 106 14.22 -3.10 9.47
CA ALA B 106 14.93 -1.82 9.19
C ALA B 106 16.28 -2.11 8.55
N GLY B 107 16.30 -2.48 7.29
CA GLY B 107 17.60 -2.77 6.62
C GLY B 107 17.33 -3.27 5.20
N LYS B 108 16.57 -4.32 5.06
CA LYS B 108 16.28 -4.85 3.70
C LYS B 108 14.80 -4.62 3.37
N VAL B 109 14.34 -5.15 2.27
CA VAL B 109 12.90 -4.96 1.90
C VAL B 109 12.22 -6.32 1.82
N VAL B 110 10.92 -6.36 1.81
CA VAL B 110 10.22 -7.67 1.73
C VAL B 110 9.08 -7.60 0.71
N SER B 111 8.01 -6.92 1.04
CA SER B 111 6.88 -6.83 0.08
C SER B 111 6.74 -5.39 -0.42
N MET B 112 6.05 -5.22 -1.52
CA MET B 112 5.87 -3.84 -2.06
C MET B 112 4.66 -3.81 -2.99
N ARG B 113 3.86 -2.78 -2.92
CA ARG B 113 2.66 -2.70 -3.80
C ARG B 113 2.69 -1.38 -4.56
N ALA B 114 2.00 -1.27 -5.65
CA ALA B 114 2.02 0.00 -6.42
C ALA B 114 0.59 0.51 -6.62
N LEU B 115 0.41 1.79 -6.71
CA LEU B 115 -0.95 2.35 -6.92
C LEU B 115 -0.90 3.53 -7.88
N PHE B 116 -1.87 3.64 -8.75
CA PHE B 116 -1.90 4.77 -9.73
C PHE B 116 -3.04 4.54 -10.72
N GLY B 117 -2.99 5.18 -11.84
CA GLY B 117 -4.08 5.00 -12.85
C GLY B 117 -3.88 5.98 -14.00
N GLU B 118 -4.83 6.06 -14.89
CA GLU B 118 -4.70 7.00 -16.05
C GLU B 118 -4.77 8.45 -15.54
N LYS B 119 -5.07 8.63 -14.29
CA LYS B 119 -5.16 10.00 -13.73
C LYS B 119 -3.77 10.44 -13.28
N ASN B 120 -3.00 9.50 -12.84
CA ASN B 120 -1.62 9.81 -12.37
C ASN B 120 -0.64 9.74 -13.54
N ILE B 121 -1.13 9.71 -14.74
CA ILE B 121 -0.22 9.65 -15.92
C ILE B 121 -0.09 11.05 -16.52
N HIS B 122 0.45 11.15 -17.71
CA HIS B 122 0.60 12.49 -18.34
C HIS B 122 0.56 12.36 -19.87
N ALA B 123 0.83 13.42 -20.58
CA ALA B 123 0.82 13.34 -22.07
C ALA B 123 1.71 14.44 -22.64
N GLY B 124 2.61 14.08 -23.52
CA GLY B 124 3.51 15.10 -24.13
C GLY B 124 3.36 15.08 -25.64
N ALA B 125 3.26 16.24 -26.25
CA ALA B 125 3.11 16.28 -27.73
C ALA B 125 4.19 17.18 -28.33
#